data_1FI6
#
_entry.id   1FI6
#
_cell.length_a   ?
_cell.length_b   ?
_cell.length_c   ?
_cell.angle_alpha   ?
_cell.angle_beta   ?
_cell.angle_gamma   ?
#
loop_
_entity.id
_entity.type
_entity.pdbx_description
1 polymer 'EH DOMAIN PROTEIN REPS1'
2 non-polymer 'CALCIUM ION'
#
_entity_poly.entity_id   1
_entity_poly.type   'polypeptide(L)'
_entity_poly.pdbx_seq_one_letter_code
;WKITDEQRQYYVNQFKTIQPDLNGFIPGSAAKEFFTKSKLPILELSHIWELSDFDKDGALTLDEFCAAFHLVVARKNGYD
LPEKLPESLMPK
;
_entity_poly.pdbx_strand_id   A
#
# COMPACT_ATOMS: atom_id res chain seq x y z
N TRP A 1 8.28 13.48 -4.67
CA TRP A 1 7.21 12.84 -3.87
C TRP A 1 6.38 13.88 -3.11
N LYS A 2 5.08 13.65 -3.01
CA LYS A 2 4.18 14.57 -2.31
C LYS A 2 2.78 13.97 -2.15
N ILE A 3 2.05 14.43 -1.12
CA ILE A 3 0.70 13.94 -0.85
C ILE A 3 -0.24 15.09 -0.52
N THR A 4 -1.49 15.01 -1.01
CA THR A 4 -2.46 16.07 -0.75
C THR A 4 -3.54 15.59 0.22
N ASP A 5 -3.73 16.33 1.30
CA ASP A 5 -4.72 15.99 2.31
C ASP A 5 -6.07 15.65 1.65
N GLU A 6 -6.37 16.35 0.56
CA GLU A 6 -7.61 16.14 -0.18
C GLU A 6 -7.70 14.70 -0.69
N GLN A 7 -6.55 14.13 -1.04
CA GLN A 7 -6.48 12.78 -1.54
C GLN A 7 -6.55 11.75 -0.40
N ARG A 8 -5.76 11.97 0.65
CA ARG A 8 -5.73 11.05 1.79
C ARG A 8 -7.13 10.67 2.23
N GLN A 9 -8.04 11.63 2.21
CA GLN A 9 -9.43 11.36 2.60
C GLN A 9 -10.09 10.41 1.61
N TYR A 10 -9.80 10.58 0.33
CA TYR A 10 -10.38 9.75 -0.72
C TYR A 10 -10.26 8.27 -0.37
N TYR A 11 -9.06 7.84 -0.03
CA TYR A 11 -8.81 6.46 0.32
C TYR A 11 -9.63 6.04 1.54
N VAL A 12 -9.49 6.81 2.61
CA VAL A 12 -10.19 6.55 3.86
C VAL A 12 -11.70 6.46 3.64
N ASN A 13 -12.25 7.37 2.87
CA ASN A 13 -13.68 7.38 2.62
C ASN A 13 -14.19 5.96 2.38
N GLN A 14 -13.44 5.17 1.62
CA GLN A 14 -13.82 3.80 1.35
C GLN A 14 -13.09 2.82 2.26
N PHE A 15 -11.77 2.91 2.29
CA PHE A 15 -10.97 2.02 3.14
C PHE A 15 -11.48 2.05 4.57
N LYS A 16 -12.12 3.13 4.95
CA LYS A 16 -12.69 3.28 6.29
C LYS A 16 -13.45 2.01 6.66
N THR A 17 -13.94 1.31 5.64
CA THR A 17 -14.69 0.07 5.87
C THR A 17 -13.82 -0.93 6.63
N ILE A 18 -12.53 -0.89 6.35
CA ILE A 18 -11.57 -1.77 7.00
C ILE A 18 -10.59 -0.97 7.87
N GLN A 19 -10.02 0.09 7.29
CA GLN A 19 -9.07 0.94 7.99
C GLN A 19 -9.68 2.31 8.28
N PRO A 20 -10.35 2.46 9.42
CA PRO A 20 -11.00 3.71 9.81
C PRO A 20 -10.04 4.85 10.16
N ASP A 21 -9.02 4.55 10.97
CA ASP A 21 -8.06 5.56 11.39
C ASP A 21 -6.67 4.95 11.58
N LEU A 22 -5.72 5.76 12.03
CA LEU A 22 -4.35 5.31 12.27
C LEU A 22 -4.27 4.32 13.45
N ASN A 23 -5.37 3.64 13.70
CA ASN A 23 -5.46 2.65 14.76
C ASN A 23 -6.01 1.35 14.18
N GLY A 24 -5.66 1.11 12.93
CA GLY A 24 -6.13 -0.08 12.24
C GLY A 24 -5.01 -0.83 11.52
N PHE A 25 -5.19 -2.13 11.36
CA PHE A 25 -4.18 -2.96 10.71
C PHE A 25 -4.83 -3.94 9.72
N ILE A 26 -4.41 -3.86 8.46
CA ILE A 26 -4.95 -4.75 7.43
C ILE A 26 -3.97 -5.87 7.09
N PRO A 27 -4.44 -7.11 7.12
CA PRO A 27 -3.62 -8.28 6.79
C PRO A 27 -3.24 -8.28 5.31
N GLY A 28 -2.01 -8.68 5.01
CA GLY A 28 -1.58 -8.71 3.62
C GLY A 28 -2.62 -9.31 2.69
N SER A 29 -3.40 -10.24 3.20
CA SER A 29 -4.44 -10.87 2.41
C SER A 29 -5.47 -9.83 1.93
N ALA A 30 -5.90 -8.96 2.84
CA ALA A 30 -6.86 -7.93 2.49
C ALA A 30 -6.27 -6.95 1.49
N ALA A 31 -5.05 -6.51 1.74
CA ALA A 31 -4.39 -5.59 0.83
C ALA A 31 -4.24 -6.21 -0.56
N LYS A 32 -3.69 -7.42 -0.61
CA LYS A 32 -3.51 -8.12 -1.86
C LYS A 32 -4.82 -8.09 -2.66
N GLU A 33 -5.88 -8.58 -2.04
CA GLU A 33 -7.18 -8.62 -2.70
C GLU A 33 -7.72 -7.22 -3.02
N PHE A 34 -7.82 -6.37 -2.01
CA PHE A 34 -8.32 -5.03 -2.19
C PHE A 34 -7.62 -4.34 -3.34
N PHE A 35 -6.30 -4.32 -3.30
CA PHE A 35 -5.52 -3.70 -4.35
C PHE A 35 -5.67 -4.46 -5.66
N THR A 36 -5.51 -5.78 -5.61
CA THR A 36 -5.67 -6.59 -6.82
C THR A 36 -6.97 -6.20 -7.52
N LYS A 37 -8.01 -6.04 -6.73
CA LYS A 37 -9.33 -5.62 -7.23
C LYS A 37 -9.21 -4.44 -8.21
N SER A 38 -8.22 -3.58 -7.96
CA SER A 38 -8.02 -2.40 -8.79
C SER A 38 -7.61 -2.76 -10.23
N LYS A 39 -6.63 -3.66 -10.37
CA LYS A 39 -6.14 -4.05 -11.70
C LYS A 39 -4.79 -4.76 -11.61
N LEU A 40 -3.83 -4.09 -10.98
CA LEU A 40 -2.50 -4.64 -10.82
C LEU A 40 -2.53 -6.05 -10.23
N PRO A 41 -1.81 -6.99 -10.86
CA PRO A 41 -1.75 -8.38 -10.42
C PRO A 41 -0.97 -8.55 -9.11
N ILE A 42 -1.43 -9.48 -8.29
CA ILE A 42 -0.78 -9.78 -7.01
C ILE A 42 0.75 -9.71 -7.14
N LEU A 43 1.25 -10.17 -8.27
CA LEU A 43 2.69 -10.17 -8.52
C LEU A 43 3.28 -8.79 -8.21
N GLU A 44 2.66 -7.75 -8.78
CA GLU A 44 3.09 -6.38 -8.54
C GLU A 44 2.75 -5.96 -7.12
N LEU A 45 1.55 -6.34 -6.67
CA LEU A 45 1.09 -6.00 -5.34
C LEU A 45 2.16 -6.33 -4.28
N SER A 46 2.96 -7.36 -4.55
CA SER A 46 4.02 -7.74 -3.62
C SER A 46 4.94 -6.54 -3.34
N HIS A 47 5.47 -5.97 -4.42
CA HIS A 47 6.37 -4.82 -4.31
C HIS A 47 5.71 -3.67 -3.54
N ILE A 48 4.45 -3.39 -3.83
CA ILE A 48 3.75 -2.33 -3.13
C ILE A 48 3.75 -2.60 -1.63
N TRP A 49 3.38 -3.81 -1.25
CA TRP A 49 3.35 -4.17 0.16
C TRP A 49 4.71 -3.98 0.81
N GLU A 50 5.74 -4.61 0.27
CA GLU A 50 7.07 -4.48 0.85
C GLU A 50 7.43 -3.02 1.08
N LEU A 51 7.29 -2.21 0.03
CA LEU A 51 7.59 -0.77 0.14
C LEU A 51 6.70 -0.10 1.20
N SER A 52 5.41 -0.37 1.15
CA SER A 52 4.46 0.21 2.11
C SER A 52 4.58 -0.39 3.51
N ASP A 53 5.08 -1.62 3.59
CA ASP A 53 5.21 -2.32 4.87
C ASP A 53 6.62 -2.22 5.46
N PHE A 54 7.06 -0.99 5.72
CA PHE A 54 8.38 -0.71 6.28
C PHE A 54 8.70 -1.57 7.52
N ASP A 55 7.68 -2.14 8.14
CA ASP A 55 7.89 -2.96 9.33
C ASP A 55 7.92 -4.46 8.99
N LYS A 56 7.25 -4.83 7.90
CA LYS A 56 7.21 -6.23 7.49
C LYS A 56 6.50 -7.10 8.54
N ASP A 57 5.39 -6.61 9.07
CA ASP A 57 4.64 -7.34 10.08
C ASP A 57 3.45 -8.06 9.44
N GLY A 58 3.44 -8.12 8.12
CA GLY A 58 2.35 -8.76 7.42
C GLY A 58 1.03 -8.04 7.66
N ALA A 59 1.11 -6.87 8.29
CA ALA A 59 -0.06 -6.07 8.59
C ALA A 59 0.14 -4.61 8.19
N LEU A 60 -0.80 -4.07 7.44
CA LEU A 60 -0.70 -2.70 6.99
C LEU A 60 -1.54 -1.75 7.86
N THR A 61 -0.85 -0.83 8.49
CA THR A 61 -1.51 0.17 9.32
C THR A 61 -2.00 1.32 8.45
N LEU A 62 -2.93 2.10 8.97
CA LEU A 62 -3.49 3.20 8.19
C LEU A 62 -2.38 3.92 7.42
N ASP A 63 -1.22 4.09 8.05
CA ASP A 63 -0.09 4.74 7.39
C ASP A 63 0.37 3.91 6.21
N GLU A 64 0.67 2.65 6.46
CA GLU A 64 1.10 1.75 5.41
C GLU A 64 0.07 1.84 4.27
N PHE A 65 -1.19 1.97 4.68
CA PHE A 65 -2.31 2.10 3.75
C PHE A 65 -2.17 3.39 2.93
N CYS A 66 -2.06 4.52 3.61
CA CYS A 66 -1.92 5.81 2.95
C CYS A 66 -0.83 5.77 1.88
N ALA A 67 0.36 5.39 2.29
CA ALA A 67 1.47 5.32 1.36
C ALA A 67 1.21 4.28 0.27
N ALA A 68 0.64 3.14 0.65
CA ALA A 68 0.35 2.08 -0.30
C ALA A 68 -0.58 2.58 -1.41
N PHE A 69 -1.73 3.12 -1.03
CA PHE A 69 -2.68 3.62 -2.01
C PHE A 69 -2.03 4.69 -2.89
N HIS A 70 -1.41 5.68 -2.25
CA HIS A 70 -0.76 6.76 -2.97
C HIS A 70 0.30 6.20 -3.92
N LEU A 71 1.18 5.38 -3.38
CA LEU A 71 2.24 4.77 -4.16
C LEU A 71 1.63 3.95 -5.32
N VAL A 72 0.61 3.16 -5.01
CA VAL A 72 -0.06 2.36 -6.03
C VAL A 72 -0.58 3.24 -7.15
N VAL A 73 -1.24 4.32 -6.77
CA VAL A 73 -1.75 5.26 -7.76
C VAL A 73 -0.64 5.67 -8.73
N ALA A 74 0.52 6.00 -8.19
CA ALA A 74 1.66 6.40 -8.99
C ALA A 74 2.12 5.26 -9.90
N ARG A 75 2.29 4.09 -9.34
CA ARG A 75 2.70 2.92 -10.12
C ARG A 75 1.78 2.78 -11.33
N LYS A 76 0.54 3.20 -11.15
CA LYS A 76 -0.47 3.14 -12.21
C LYS A 76 -0.44 4.38 -13.12
N ASN A 77 -0.10 5.52 -12.55
CA ASN A 77 -0.07 6.76 -13.33
C ASN A 77 1.11 7.64 -12.93
N GLY A 78 2.30 7.05 -12.92
CA GLY A 78 3.49 7.81 -12.57
C GLY A 78 4.73 7.32 -13.30
N TYR A 79 5.84 7.25 -12.58
CA TYR A 79 7.11 6.81 -13.17
C TYR A 79 7.57 5.50 -12.52
N ASP A 80 8.52 4.85 -13.15
CA ASP A 80 9.03 3.59 -12.63
C ASP A 80 9.75 3.81 -11.30
N LEU A 81 9.43 2.98 -10.32
CA LEU A 81 10.04 3.06 -8.99
C LEU A 81 11.23 2.11 -8.84
N PRO A 82 12.10 2.38 -7.87
CA PRO A 82 13.29 1.56 -7.60
C PRO A 82 12.94 0.20 -6.98
N GLU A 83 13.83 -0.28 -6.10
CA GLU A 83 13.61 -1.57 -5.44
C GLU A 83 14.69 -1.85 -4.39
N LYS A 84 14.55 -1.23 -3.22
CA LYS A 84 15.52 -1.44 -2.14
C LYS A 84 15.39 -2.80 -1.47
N LEU A 85 14.18 -3.35 -1.46
CA LEU A 85 13.92 -4.64 -0.83
C LEU A 85 14.62 -5.79 -1.57
N PRO A 86 15.69 -6.35 -0.98
CA PRO A 86 16.43 -7.47 -1.58
C PRO A 86 15.63 -8.76 -1.57
N GLU A 87 15.75 -9.53 -2.64
CA GLU A 87 15.03 -10.80 -2.76
C GLU A 87 15.14 -11.64 -1.49
N SER A 88 16.36 -11.94 -1.07
CA SER A 88 16.58 -12.74 0.13
C SER A 88 17.78 -12.24 0.92
N LEU A 89 17.98 -10.92 0.94
CA LEU A 89 19.11 -10.32 1.65
C LEU A 89 18.74 -9.01 2.33
N MET A 90 17.63 -9.00 3.08
CA MET A 90 17.19 -7.79 3.75
C MET A 90 18.20 -7.32 4.81
N PRO A 91 18.45 -6.01 4.86
CA PRO A 91 19.38 -5.40 5.81
C PRO A 91 18.99 -5.62 7.28
N LYS A 92 19.05 -6.87 7.73
CA LYS A 92 18.70 -7.21 9.11
C LYS A 92 19.73 -8.16 9.72
N TRP A 1 6.42 11.27 2.53
CA TRP A 1 6.42 11.14 1.05
C TRP A 1 5.52 12.21 0.44
N LYS A 2 5.19 12.07 -0.84
CA LYS A 2 4.32 13.06 -1.49
C LYS A 2 2.85 12.64 -1.45
N ILE A 3 2.15 13.10 -0.42
CA ILE A 3 0.74 12.79 -0.23
C ILE A 3 -0.07 14.05 0.05
N THR A 4 -1.18 14.23 -0.66
CA THR A 4 -2.02 15.40 -0.48
C THR A 4 -3.35 15.04 0.19
N ASP A 5 -3.77 15.87 1.14
CA ASP A 5 -5.02 15.63 1.85
C ASP A 5 -6.12 15.25 0.85
N GLU A 6 -6.09 15.85 -0.32
CA GLU A 6 -7.06 15.56 -1.36
C GLU A 6 -7.17 14.05 -1.58
N GLN A 7 -6.02 13.41 -1.81
CA GLN A 7 -5.97 11.98 -2.02
C GLN A 7 -6.10 11.25 -0.69
N ARG A 8 -5.52 11.84 0.35
CA ARG A 8 -5.57 11.26 1.67
C ARG A 8 -7.02 11.08 2.11
N GLN A 9 -7.79 12.15 2.08
CA GLN A 9 -9.19 12.12 2.42
C GLN A 9 -9.95 11.30 1.40
N TYR A 10 -9.62 11.51 0.13
CA TYR A 10 -10.25 10.77 -0.95
C TYR A 10 -10.19 9.27 -0.65
N TYR A 11 -9.03 8.82 -0.23
CA TYR A 11 -8.81 7.41 0.10
C TYR A 11 -9.54 7.02 1.39
N VAL A 12 -9.37 7.82 2.43
CA VAL A 12 -10.00 7.55 3.73
C VAL A 12 -11.50 7.28 3.61
N ASN A 13 -12.22 8.16 2.93
CA ASN A 13 -13.66 8.01 2.78
C ASN A 13 -14.06 6.57 2.49
N GLN A 14 -13.39 5.91 1.57
CA GLN A 14 -13.74 4.53 1.24
C GLN A 14 -12.84 3.54 1.98
N PHE A 15 -11.55 3.79 1.97
CA PHE A 15 -10.60 2.91 2.65
C PHE A 15 -11.05 2.64 4.09
N LYS A 16 -11.66 3.63 4.71
CA LYS A 16 -12.13 3.47 6.07
C LYS A 16 -12.95 2.18 6.21
N THR A 17 -13.54 1.74 5.11
CA THR A 17 -14.34 0.52 5.10
C THR A 17 -13.54 -0.65 5.67
N ILE A 18 -12.23 -0.62 5.51
CA ILE A 18 -11.38 -1.69 6.03
C ILE A 18 -10.74 -1.28 7.36
N GLN A 19 -10.64 0.01 7.59
CA GLN A 19 -10.01 0.52 8.81
C GLN A 19 -10.82 1.69 9.40
N PRO A 20 -11.27 1.57 10.67
CA PRO A 20 -12.05 2.61 11.35
C PRO A 20 -11.22 3.81 11.84
N ASP A 21 -10.03 3.53 12.34
CA ASP A 21 -9.15 4.57 12.86
C ASP A 21 -7.68 4.14 12.68
N LEU A 22 -6.75 4.92 13.19
CA LEU A 22 -5.33 4.59 13.08
C LEU A 22 -4.97 3.41 14.00
N ASN A 23 -5.98 2.94 14.72
CA ASN A 23 -5.80 1.81 15.64
C ASN A 23 -6.24 0.52 14.96
N GLY A 24 -5.88 0.39 13.70
CA GLY A 24 -6.24 -0.78 12.93
C GLY A 24 -5.11 -1.23 12.02
N PHE A 25 -5.08 -2.52 11.68
CA PHE A 25 -4.03 -3.04 10.84
C PHE A 25 -4.59 -4.01 9.80
N ILE A 26 -4.17 -3.84 8.55
CA ILE A 26 -4.65 -4.71 7.47
C ILE A 26 -3.58 -5.72 7.03
N PRO A 27 -3.87 -7.01 7.17
CA PRO A 27 -2.95 -8.08 6.78
C PRO A 27 -2.84 -8.19 5.27
N GLY A 28 -1.74 -8.75 4.79
CA GLY A 28 -1.54 -8.89 3.36
C GLY A 28 -2.76 -9.45 2.64
N SER A 29 -3.54 -10.27 3.33
CA SER A 29 -4.74 -10.86 2.73
C SER A 29 -5.69 -9.79 2.20
N ALA A 30 -6.07 -8.83 3.06
CA ALA A 30 -6.97 -7.77 2.64
C ALA A 30 -6.32 -6.92 1.54
N ALA A 31 -5.06 -6.54 1.76
CA ALA A 31 -4.34 -5.73 0.79
C ALA A 31 -4.29 -6.43 -0.57
N LYS A 32 -3.86 -7.69 -0.56
CA LYS A 32 -3.77 -8.47 -1.79
C LYS A 32 -5.12 -8.54 -2.50
N GLU A 33 -6.14 -9.01 -1.79
CA GLU A 33 -7.47 -9.13 -2.36
C GLU A 33 -7.97 -7.78 -2.85
N PHE A 34 -7.84 -6.76 -2.01
CA PHE A 34 -8.26 -5.42 -2.37
C PHE A 34 -7.59 -4.98 -3.66
N PHE A 35 -6.26 -5.08 -3.67
CA PHE A 35 -5.48 -4.70 -4.83
C PHE A 35 -5.79 -5.58 -6.05
N THR A 36 -6.10 -6.85 -5.81
CA THR A 36 -6.40 -7.79 -6.89
C THR A 36 -7.28 -7.15 -7.96
N LYS A 37 -8.30 -6.41 -7.55
CA LYS A 37 -9.20 -5.77 -8.51
C LYS A 37 -8.42 -4.93 -9.52
N SER A 38 -7.30 -4.36 -9.10
CA SER A 38 -6.49 -3.52 -9.98
C SER A 38 -5.89 -4.35 -11.12
N LYS A 39 -6.12 -5.66 -11.08
CA LYS A 39 -5.62 -6.57 -12.11
C LYS A 39 -4.10 -6.47 -12.27
N LEU A 40 -3.43 -6.05 -11.22
CA LEU A 40 -1.97 -5.93 -11.24
C LEU A 40 -1.29 -7.24 -10.82
N PRO A 41 -0.19 -7.61 -11.49
CA PRO A 41 0.55 -8.83 -11.17
C PRO A 41 1.22 -8.78 -9.79
N ILE A 42 1.38 -9.96 -9.18
CA ILE A 42 2.00 -10.07 -7.87
C ILE A 42 3.32 -9.30 -7.83
N LEU A 43 3.98 -9.22 -8.98
CA LEU A 43 5.25 -8.49 -9.06
C LEU A 43 5.09 -7.09 -8.49
N GLU A 44 4.21 -6.32 -9.09
CA GLU A 44 3.95 -4.96 -8.63
C GLU A 44 3.45 -4.96 -7.20
N LEU A 45 2.44 -5.78 -6.94
CA LEU A 45 1.85 -5.88 -5.61
C LEU A 45 2.91 -6.10 -4.54
N SER A 46 3.82 -7.04 -4.78
CA SER A 46 4.88 -7.33 -3.82
C SER A 46 5.64 -6.06 -3.48
N HIS A 47 6.09 -5.34 -4.51
CA HIS A 47 6.82 -4.10 -4.31
C HIS A 47 6.00 -3.12 -3.48
N ILE A 48 4.72 -3.00 -3.79
CA ILE A 48 3.83 -2.09 -3.07
C ILE A 48 3.79 -2.46 -1.59
N TRP A 49 3.46 -3.71 -1.29
CA TRP A 49 3.41 -4.14 0.11
C TRP A 49 4.74 -3.87 0.78
N GLU A 50 5.82 -4.31 0.15
CA GLU A 50 7.16 -4.10 0.70
C GLU A 50 7.39 -2.64 1.02
N LEU A 51 7.20 -1.78 0.03
CA LEU A 51 7.36 -0.35 0.26
C LEU A 51 6.37 0.13 1.32
N SER A 52 5.21 -0.52 1.36
CA SER A 52 4.17 -0.17 2.34
C SER A 52 4.48 -0.74 3.73
N ASP A 53 5.20 -1.86 3.79
CA ASP A 53 5.52 -2.48 5.07
C ASP A 53 6.92 -2.11 5.54
N PHE A 54 7.14 -0.83 5.76
CA PHE A 54 8.43 -0.32 6.22
C PHE A 54 8.90 -0.98 7.52
N ASP A 55 8.01 -1.69 8.18
CA ASP A 55 8.35 -2.34 9.44
C ASP A 55 8.73 -3.80 9.23
N LYS A 56 8.05 -4.46 8.28
CA LYS A 56 8.32 -5.86 7.99
C LYS A 56 7.61 -6.79 8.95
N ASP A 57 6.36 -6.47 9.26
CA ASP A 57 5.58 -7.30 10.17
C ASP A 57 4.67 -8.28 9.41
N GLY A 58 4.09 -7.84 8.32
CA GLY A 58 3.18 -8.68 7.55
C GLY A 58 1.78 -8.10 7.58
N ALA A 59 1.66 -6.99 8.28
CA ALA A 59 0.41 -6.27 8.41
C ALA A 59 0.62 -4.77 8.12
N LEU A 60 -0.34 -4.16 7.46
CA LEU A 60 -0.27 -2.76 7.12
C LEU A 60 -1.05 -1.88 8.09
N THR A 61 -0.35 -0.97 8.76
CA THR A 61 -0.99 -0.05 9.68
C THR A 61 -1.65 1.05 8.86
N LEU A 62 -2.60 1.77 9.43
CA LEU A 62 -3.28 2.82 8.69
C LEU A 62 -2.26 3.59 7.83
N ASP A 63 -1.04 3.77 8.34
CA ASP A 63 -0.02 4.47 7.57
C ASP A 63 0.35 3.64 6.33
N GLU A 64 0.55 2.35 6.54
CA GLU A 64 0.86 1.45 5.42
C GLU A 64 -0.37 1.34 4.52
N PHE A 65 -1.52 1.08 5.15
CA PHE A 65 -2.81 0.98 4.47
C PHE A 65 -3.05 2.19 3.56
N CYS A 66 -2.99 3.38 4.15
CA CYS A 66 -3.22 4.61 3.39
C CYS A 66 -2.15 4.83 2.33
N ALA A 67 -0.88 4.76 2.74
CA ALA A 67 0.22 4.97 1.80
C ALA A 67 0.15 4.01 0.61
N ALA A 68 -0.34 2.81 0.86
CA ALA A 68 -0.44 1.80 -0.20
C ALA A 68 -1.17 2.35 -1.44
N PHE A 69 -2.32 2.97 -1.25
CA PHE A 69 -3.11 3.51 -2.36
C PHE A 69 -2.33 4.56 -3.16
N HIS A 70 -1.70 5.49 -2.46
CA HIS A 70 -0.94 6.56 -3.11
C HIS A 70 0.12 5.99 -4.05
N LEU A 71 0.97 5.13 -3.52
CA LEU A 71 2.02 4.53 -4.31
C LEU A 71 1.42 3.80 -5.52
N VAL A 72 0.45 2.93 -5.26
CA VAL A 72 -0.21 2.19 -6.32
C VAL A 72 -0.68 3.11 -7.43
N VAL A 73 -1.37 4.17 -7.05
CA VAL A 73 -1.87 5.13 -8.02
C VAL A 73 -0.78 5.56 -9.00
N ALA A 74 0.33 6.04 -8.47
CA ALA A 74 1.45 6.48 -9.29
C ALA A 74 2.09 5.31 -10.03
N ARG A 75 2.25 4.20 -9.34
CA ARG A 75 2.85 3.02 -9.94
C ARG A 75 1.98 2.45 -11.06
N LYS A 76 0.67 2.59 -10.89
CA LYS A 76 -0.30 2.08 -11.86
C LYS A 76 -0.04 2.61 -13.27
N ASN A 77 0.68 3.72 -13.36
CA ASN A 77 1.00 4.31 -14.66
C ASN A 77 1.69 5.68 -14.51
N GLY A 78 2.69 5.73 -13.64
CA GLY A 78 3.43 6.97 -13.44
C GLY A 78 4.92 6.79 -13.62
N TYR A 79 5.71 7.60 -12.92
CA TYR A 79 7.16 7.52 -13.00
C TYR A 79 7.71 6.46 -12.03
N ASP A 80 8.77 5.79 -12.45
CA ASP A 80 9.39 4.75 -11.62
C ASP A 80 9.54 5.22 -10.17
N LEU A 81 9.56 4.26 -9.27
CA LEU A 81 9.69 4.55 -7.85
C LEU A 81 11.06 4.18 -7.32
N PRO A 82 11.76 5.12 -6.68
CA PRO A 82 13.08 4.85 -6.13
C PRO A 82 12.99 3.87 -4.95
N GLU A 83 13.60 2.70 -5.11
CA GLU A 83 13.56 1.71 -4.05
C GLU A 83 14.23 2.24 -2.79
N LYS A 84 13.62 1.99 -1.66
CA LYS A 84 14.15 2.44 -0.38
C LYS A 84 13.98 1.35 0.67
N LEU A 85 14.16 0.10 0.25
CA LEU A 85 14.03 -1.04 1.14
C LEU A 85 15.24 -1.12 2.08
N PRO A 86 15.01 -1.56 3.33
CA PRO A 86 16.07 -1.65 4.34
C PRO A 86 17.11 -2.75 4.08
N GLU A 87 16.64 -3.98 3.86
CA GLU A 87 17.56 -5.09 3.63
C GLU A 87 17.74 -5.43 2.15
N SER A 88 17.77 -6.72 1.82
CA SER A 88 17.96 -7.16 0.44
C SER A 88 16.95 -8.23 0.03
N LEU A 89 15.68 -7.86 0.00
CA LEU A 89 14.63 -8.80 -0.38
C LEU A 89 14.20 -8.60 -1.85
N MET A 90 14.13 -7.35 -2.28
CA MET A 90 13.75 -7.02 -3.66
C MET A 90 14.75 -7.60 -4.67
N PRO A 91 16.05 -7.40 -4.44
CA PRO A 91 17.11 -7.89 -5.33
C PRO A 91 17.42 -9.38 -5.11
N LYS A 92 17.95 -10.03 -6.14
CA LYS A 92 18.31 -11.45 -6.03
C LYS A 92 19.81 -11.62 -5.76
N TRP A 1 8.86 12.21 -2.63
CA TRP A 1 7.39 12.22 -2.85
C TRP A 1 6.69 13.21 -1.93
N LYS A 2 5.37 13.18 -1.93
CA LYS A 2 4.56 14.06 -1.09
C LYS A 2 3.09 13.65 -1.13
N ILE A 3 2.48 13.49 0.03
CA ILE A 3 1.08 13.09 0.13
C ILE A 3 0.16 14.27 0.47
N THR A 4 -1.07 14.24 -0.02
CA THR A 4 -2.03 15.31 0.28
C THR A 4 -3.21 14.77 1.08
N ASP A 5 -3.52 15.42 2.20
CA ASP A 5 -4.62 14.98 3.06
C ASP A 5 -5.89 14.76 2.23
N GLU A 6 -6.04 15.51 1.14
CA GLU A 6 -7.19 15.35 0.28
C GLU A 6 -7.33 13.88 -0.14
N GLN A 7 -6.18 13.29 -0.45
CA GLN A 7 -6.09 11.90 -0.86
C GLN A 7 -6.27 10.97 0.33
N ARG A 8 -5.58 11.30 1.41
CA ARG A 8 -5.64 10.51 2.63
C ARG A 8 -7.08 10.09 2.94
N GLN A 9 -7.96 11.07 3.01
CA GLN A 9 -9.36 10.82 3.29
C GLN A 9 -10.05 10.21 2.07
N TYR A 10 -9.77 10.77 0.89
CA TYR A 10 -10.36 10.25 -0.33
C TYR A 10 -10.26 8.73 -0.34
N TYR A 11 -9.10 8.22 0.05
CA TYR A 11 -8.86 6.78 0.10
C TYR A 11 -9.60 6.16 1.28
N VAL A 12 -9.45 6.75 2.46
CA VAL A 12 -10.11 6.24 3.65
C VAL A 12 -11.62 6.13 3.42
N ASN A 13 -12.17 7.02 2.60
CA ASN A 13 -13.60 6.99 2.32
C ASN A 13 -14.08 5.57 2.07
N GLN A 14 -13.32 4.83 1.28
CA GLN A 14 -13.67 3.44 0.98
C GLN A 14 -12.87 2.48 1.86
N PHE A 15 -11.57 2.69 1.94
CA PHE A 15 -10.72 1.82 2.76
C PHE A 15 -11.17 1.78 4.21
N LYS A 16 -11.86 2.83 4.65
CA LYS A 16 -12.35 2.89 6.02
C LYS A 16 -13.09 1.61 6.36
N THR A 17 -13.61 0.94 5.34
CA THR A 17 -14.34 -0.31 5.52
C THR A 17 -13.51 -1.27 6.36
N ILE A 18 -12.19 -1.10 6.27
CA ILE A 18 -11.26 -1.93 7.01
C ILE A 18 -10.32 -1.06 7.85
N GLN A 19 -9.88 0.06 7.29
CA GLN A 19 -8.98 0.96 7.98
C GLN A 19 -9.64 2.31 8.26
N PRO A 20 -10.57 2.36 9.20
CA PRO A 20 -11.28 3.59 9.55
C PRO A 20 -10.33 4.69 10.04
N ASP A 21 -9.40 4.34 10.90
CA ASP A 21 -8.45 5.28 11.45
C ASP A 21 -7.15 4.58 11.84
N LEU A 22 -6.21 5.34 12.34
CA LEU A 22 -4.91 4.81 12.77
C LEU A 22 -5.07 3.57 13.66
N ASN A 23 -6.25 3.36 14.19
CA ASN A 23 -6.49 2.21 15.05
C ASN A 23 -7.07 1.06 14.23
N GLY A 24 -6.55 0.91 13.02
CA GLY A 24 -6.98 -0.14 12.13
C GLY A 24 -5.81 -0.73 11.36
N PHE A 25 -5.77 -2.06 11.24
CA PHE A 25 -4.67 -2.72 10.52
C PHE A 25 -5.21 -3.67 9.46
N ILE A 26 -4.55 -3.69 8.30
CA ILE A 26 -4.96 -4.53 7.19
C ILE A 26 -3.95 -5.63 6.90
N PRO A 27 -4.36 -6.89 7.04
CA PRO A 27 -3.48 -8.02 6.77
C PRO A 27 -3.17 -8.16 5.28
N GLY A 28 -2.05 -8.79 4.96
CA GLY A 28 -1.70 -8.95 3.56
C GLY A 28 -2.90 -9.43 2.74
N SER A 29 -3.71 -10.29 3.35
CA SER A 29 -4.90 -10.81 2.70
C SER A 29 -5.83 -9.67 2.28
N ALA A 30 -6.26 -8.87 3.25
CA ALA A 30 -7.14 -7.74 2.98
C ALA A 30 -6.55 -6.86 1.89
N ALA A 31 -5.28 -6.52 2.04
CA ALA A 31 -4.61 -5.70 1.04
C ALA A 31 -4.64 -6.40 -0.31
N LYS A 32 -4.40 -7.70 -0.29
CA LYS A 32 -4.40 -8.52 -1.49
C LYS A 32 -5.74 -8.40 -2.22
N GLU A 33 -6.84 -8.68 -1.51
CA GLU A 33 -8.16 -8.61 -2.11
C GLU A 33 -8.48 -7.18 -2.57
N PHE A 34 -8.28 -6.22 -1.68
CA PHE A 34 -8.56 -4.83 -2.00
C PHE A 34 -7.81 -4.41 -3.27
N PHE A 35 -6.52 -4.64 -3.28
CA PHE A 35 -5.69 -4.28 -4.41
C PHE A 35 -5.97 -5.17 -5.64
N THR A 36 -6.46 -6.38 -5.43
CA THR A 36 -6.74 -7.28 -6.55
C THR A 36 -7.39 -6.55 -7.72
N LYS A 37 -8.39 -5.72 -7.43
CA LYS A 37 -9.08 -4.97 -8.47
C LYS A 37 -8.09 -4.35 -9.46
N SER A 38 -6.90 -4.02 -8.98
CA SER A 38 -5.85 -3.41 -9.80
C SER A 38 -5.56 -4.23 -11.05
N LYS A 39 -5.72 -5.54 -10.96
CA LYS A 39 -5.44 -6.41 -12.09
C LYS A 39 -3.93 -6.40 -12.36
N LEU A 40 -3.17 -5.97 -11.37
CA LEU A 40 -1.71 -5.89 -11.47
C LEU A 40 -1.03 -7.22 -11.16
N PRO A 41 0.17 -7.45 -11.73
CA PRO A 41 0.92 -8.68 -11.50
C PRO A 41 1.44 -8.79 -10.05
N ILE A 42 1.39 -10.01 -9.50
CA ILE A 42 1.86 -10.23 -8.14
C ILE A 42 3.21 -9.56 -7.89
N LEU A 43 4.05 -9.51 -8.91
CA LEU A 43 5.36 -8.90 -8.79
C LEU A 43 5.24 -7.45 -8.27
N GLU A 44 4.53 -6.61 -9.01
CA GLU A 44 4.34 -5.22 -8.61
C GLU A 44 3.53 -5.16 -7.31
N LEU A 45 2.41 -5.85 -7.29
CA LEU A 45 1.55 -5.89 -6.10
C LEU A 45 2.35 -6.34 -4.88
N SER A 46 3.23 -7.31 -5.07
CA SER A 46 4.07 -7.82 -4.00
C SER A 46 5.11 -6.78 -3.62
N HIS A 47 5.86 -6.33 -4.62
CA HIS A 47 6.87 -5.31 -4.39
C HIS A 47 6.30 -4.18 -3.56
N ILE A 48 5.06 -3.82 -3.87
CA ILE A 48 4.38 -2.75 -3.15
C ILE A 48 4.35 -3.00 -1.64
N TRP A 49 3.91 -4.18 -1.22
CA TRP A 49 3.86 -4.47 0.21
C TRP A 49 5.22 -4.22 0.85
N GLU A 50 6.26 -4.86 0.32
CA GLU A 50 7.60 -4.69 0.87
C GLU A 50 7.88 -3.22 1.15
N LEU A 51 7.72 -2.41 0.11
CA LEU A 51 7.96 -0.97 0.23
C LEU A 51 6.97 -0.30 1.20
N SER A 52 5.75 -0.79 1.23
CA SER A 52 4.71 -0.22 2.09
C SER A 52 4.75 -0.80 3.51
N ASP A 53 5.37 -1.94 3.68
CA ASP A 53 5.42 -2.61 4.99
C ASP A 53 6.76 -2.33 5.69
N PHE A 54 7.07 -1.04 5.80
CA PHE A 54 8.32 -0.57 6.44
C PHE A 54 8.64 -1.32 7.74
N ASP A 55 7.63 -1.92 8.35
CA ASP A 55 7.83 -2.64 9.61
C ASP A 55 8.01 -4.15 9.38
N LYS A 56 7.41 -4.66 8.31
CA LYS A 56 7.49 -6.08 7.99
C LYS A 56 6.76 -6.91 9.04
N ASP A 57 5.56 -6.50 9.36
CA ASP A 57 4.73 -7.19 10.35
C ASP A 57 3.75 -8.15 9.68
N GLY A 58 3.37 -7.80 8.46
CA GLY A 58 2.40 -8.59 7.71
C GLY A 58 1.03 -7.96 7.80
N ALA A 59 1.03 -6.71 8.25
CA ALA A 59 -0.20 -5.93 8.40
C ALA A 59 0.06 -4.47 8.03
N LEU A 60 -0.87 -3.87 7.32
CA LEU A 60 -0.76 -2.49 6.90
C LEU A 60 -1.56 -1.57 7.81
N THR A 61 -0.88 -0.58 8.38
CA THR A 61 -1.52 0.38 9.25
C THR A 61 -2.04 1.54 8.42
N LEU A 62 -3.02 2.27 8.95
CA LEU A 62 -3.58 3.39 8.21
C LEU A 62 -2.47 4.19 7.52
N ASP A 63 -1.34 4.36 8.21
CA ASP A 63 -0.21 5.07 7.63
C ASP A 63 0.31 4.31 6.41
N GLU A 64 0.65 3.04 6.61
CA GLU A 64 1.13 2.21 5.52
C GLU A 64 0.13 2.29 4.38
N PHE A 65 -1.15 2.30 4.75
CA PHE A 65 -2.23 2.40 3.79
C PHE A 65 -2.11 3.71 3.01
N CYS A 66 -2.07 4.82 3.74
CA CYS A 66 -1.95 6.14 3.14
C CYS A 66 -0.81 6.17 2.14
N ALA A 67 0.37 5.81 2.60
CA ALA A 67 1.56 5.80 1.74
C ALA A 67 1.43 4.75 0.64
N ALA A 68 0.88 3.59 1.00
CA ALA A 68 0.72 2.49 0.05
C ALA A 68 -0.20 2.86 -1.11
N PHE A 69 -1.41 3.31 -0.80
CA PHE A 69 -2.35 3.70 -1.84
C PHE A 69 -1.74 4.76 -2.74
N HIS A 70 -1.06 5.71 -2.13
CA HIS A 70 -0.42 6.79 -2.87
C HIS A 70 0.52 6.23 -3.95
N LEU A 71 1.44 5.38 -3.54
CA LEU A 71 2.39 4.80 -4.47
C LEU A 71 1.66 4.08 -5.60
N VAL A 72 0.67 3.26 -5.26
CA VAL A 72 -0.10 2.53 -6.27
C VAL A 72 -0.70 3.49 -7.30
N VAL A 73 -1.33 4.56 -6.80
CA VAL A 73 -1.95 5.56 -7.65
C VAL A 73 -1.07 5.93 -8.84
N ALA A 74 0.17 6.29 -8.55
CA ALA A 74 1.12 6.68 -9.59
C ALA A 74 1.13 5.71 -10.76
N ARG A 75 1.32 4.42 -10.45
CA ARG A 75 1.35 3.39 -11.47
C ARG A 75 0.09 3.45 -12.33
N LYS A 76 -1.04 3.68 -11.68
CA LYS A 76 -2.33 3.77 -12.37
C LYS A 76 -2.26 4.73 -13.55
N ASN A 77 -1.46 5.78 -13.40
CA ASN A 77 -1.32 6.77 -14.45
C ASN A 77 0.14 6.98 -14.84
N GLY A 78 0.89 5.88 -14.94
CA GLY A 78 2.29 5.98 -15.30
C GLY A 78 3.20 5.78 -14.12
N TYR A 79 4.00 6.80 -13.83
CA TYR A 79 4.95 6.79 -12.71
C TYR A 79 5.63 5.41 -12.55
N ASP A 80 6.91 5.35 -12.82
CA ASP A 80 7.62 4.09 -12.69
C ASP A 80 7.76 3.68 -11.23
N LEU A 81 8.02 2.39 -11.01
CA LEU A 81 8.16 1.85 -9.66
C LEU A 81 9.44 2.37 -9.00
N PRO A 82 9.33 2.87 -7.77
CA PRO A 82 10.48 3.39 -7.03
C PRO A 82 11.42 2.31 -6.49
N GLU A 83 11.91 2.52 -5.28
CA GLU A 83 12.83 1.58 -4.63
C GLU A 83 13.01 1.98 -3.16
N LYS A 84 13.32 1.01 -2.31
CA LYS A 84 13.52 1.28 -0.88
C LYS A 84 14.20 0.14 -0.15
N LEU A 85 13.77 -1.09 -0.43
CA LEU A 85 14.36 -2.25 0.21
C LEU A 85 15.86 -2.35 -0.10
N PRO A 86 16.70 -2.29 0.93
CA PRO A 86 18.14 -2.37 0.76
C PRO A 86 18.64 -3.82 0.74
N GLU A 87 19.34 -4.18 -0.33
CA GLU A 87 19.89 -5.53 -0.48
C GLU A 87 20.73 -5.95 0.73
N SER A 88 20.83 -5.06 1.70
CA SER A 88 21.61 -5.32 2.91
C SER A 88 20.72 -5.79 4.07
N LEU A 89 19.44 -5.44 4.00
CA LEU A 89 18.50 -5.81 5.05
C LEU A 89 17.13 -6.21 4.51
N MET A 90 17.12 -7.15 3.57
CA MET A 90 15.88 -7.62 2.98
C MET A 90 15.13 -8.53 3.97
N PRO A 91 13.81 -8.33 4.11
CA PRO A 91 13.00 -9.14 5.02
C PRO A 91 12.92 -10.63 4.64
N LYS A 92 12.16 -11.40 5.41
CA LYS A 92 12.00 -12.83 5.15
C LYS A 92 10.58 -13.29 5.43
N TRP A 1 6.48 12.57 1.68
CA TRP A 1 6.17 11.89 0.39
C TRP A 1 5.09 12.66 -0.38
N LYS A 2 5.08 12.52 -1.69
CA LYS A 2 4.08 13.21 -2.51
C LYS A 2 2.68 12.70 -2.20
N ILE A 3 1.97 13.43 -1.35
CA ILE A 3 0.62 13.05 -0.95
C ILE A 3 -0.22 14.27 -0.57
N THR A 4 -1.46 14.31 -1.03
CA THR A 4 -2.35 15.43 -0.69
C THR A 4 -3.43 14.99 0.28
N ASP A 5 -3.75 15.85 1.22
CA ASP A 5 -4.77 15.54 2.22
C ASP A 5 -6.00 14.94 1.55
N GLU A 6 -6.35 15.46 0.39
CA GLU A 6 -7.49 14.99 -0.37
C GLU A 6 -7.42 13.48 -0.58
N GLN A 7 -6.33 13.02 -1.16
CA GLN A 7 -6.17 11.60 -1.37
C GLN A 7 -6.28 10.87 -0.03
N ARG A 8 -5.69 11.45 1.00
CA ARG A 8 -5.72 10.86 2.33
C ARG A 8 -7.14 10.45 2.71
N GLN A 9 -8.08 11.38 2.65
CA GLN A 9 -9.46 11.08 2.98
C GLN A 9 -10.14 10.31 1.85
N TYR A 10 -9.81 10.65 0.62
CA TYR A 10 -10.40 10.01 -0.54
C TYR A 10 -10.36 8.49 -0.40
N TYR A 11 -9.22 7.96 0.02
CA TYR A 11 -9.07 6.52 0.18
C TYR A 11 -9.85 6.05 1.41
N VAL A 12 -9.53 6.63 2.55
CA VAL A 12 -10.19 6.28 3.80
C VAL A 12 -11.72 6.33 3.63
N ASN A 13 -12.18 7.22 2.78
CA ASN A 13 -13.62 7.35 2.53
C ASN A 13 -14.27 5.97 2.39
N GLN A 14 -13.65 5.11 1.59
CA GLN A 14 -14.16 3.76 1.39
C GLN A 14 -13.48 2.77 2.34
N PHE A 15 -12.14 2.81 2.34
CA PHE A 15 -11.35 1.93 3.19
C PHE A 15 -11.75 2.04 4.66
N LYS A 16 -12.33 3.16 5.04
CA LYS A 16 -12.74 3.36 6.44
C LYS A 16 -13.44 2.10 6.95
N THR A 17 -14.09 1.39 6.03
CA THR A 17 -14.80 0.16 6.37
C THR A 17 -13.86 -0.82 7.07
N ILE A 18 -12.61 -0.87 6.58
CA ILE A 18 -11.60 -1.74 7.16
C ILE A 18 -10.68 -0.97 8.11
N GLN A 19 -10.29 0.24 7.71
CA GLN A 19 -9.40 1.06 8.55
C GLN A 19 -10.15 2.21 9.24
N PRO A 20 -11.23 1.90 9.98
CA PRO A 20 -12.02 2.92 10.69
C PRO A 20 -11.29 3.47 11.92
N ASP A 21 -10.15 2.88 12.24
CA ASP A 21 -9.37 3.30 13.38
C ASP A 21 -7.90 3.51 12.99
N LEU A 22 -7.36 4.65 13.34
CA LEU A 22 -5.97 4.98 13.03
C LEU A 22 -5.02 3.99 13.69
N ASN A 23 -5.49 3.33 14.73
CA ASN A 23 -4.67 2.36 15.44
C ASN A 23 -5.00 0.97 14.93
N GLY A 24 -5.45 0.91 13.69
CA GLY A 24 -5.78 -0.35 13.05
C GLY A 24 -4.70 -0.81 12.09
N PHE A 25 -4.71 -2.10 11.78
CA PHE A 25 -3.74 -2.67 10.86
C PHE A 25 -4.38 -3.75 9.98
N ILE A 26 -4.29 -3.58 8.67
CA ILE A 26 -4.86 -4.56 7.74
C ILE A 26 -3.84 -5.62 7.38
N PRO A 27 -4.02 -6.84 7.88
CA PRO A 27 -3.10 -7.93 7.58
C PRO A 27 -3.04 -8.19 6.08
N GLY A 28 -1.98 -8.84 5.63
CA GLY A 28 -1.84 -9.13 4.21
C GLY A 28 -2.89 -10.12 3.71
N SER A 29 -4.11 -10.00 4.21
CA SER A 29 -5.21 -10.89 3.83
C SER A 29 -6.03 -10.31 2.67
N ALA A 30 -6.86 -9.32 2.96
CA ALA A 30 -7.71 -8.71 1.93
C ALA A 30 -6.95 -7.68 1.09
N ALA A 31 -5.98 -7.02 1.70
CA ALA A 31 -5.20 -5.99 1.02
C ALA A 31 -4.81 -6.40 -0.41
N LYS A 32 -4.25 -7.58 -0.56
CA LYS A 32 -3.85 -8.07 -1.87
C LYS A 32 -5.02 -8.16 -2.83
N GLU A 33 -6.11 -8.77 -2.37
CA GLU A 33 -7.31 -8.93 -3.19
C GLU A 33 -7.93 -7.57 -3.52
N PHE A 34 -8.12 -6.76 -2.48
CA PHE A 34 -8.71 -5.44 -2.63
C PHE A 34 -7.95 -4.67 -3.70
N PHE A 35 -6.64 -4.57 -3.51
CA PHE A 35 -5.79 -3.87 -4.46
C PHE A 35 -5.80 -4.57 -5.83
N THR A 36 -5.54 -5.88 -5.82
CA THR A 36 -5.51 -6.66 -7.06
C THR A 36 -6.69 -6.31 -7.97
N LYS A 37 -7.90 -6.34 -7.41
CA LYS A 37 -9.09 -6.02 -8.21
C LYS A 37 -8.88 -4.73 -9.01
N SER A 38 -8.05 -3.85 -8.48
CA SER A 38 -7.78 -2.58 -9.15
C SER A 38 -7.46 -2.80 -10.62
N LYS A 39 -6.59 -3.78 -10.89
CA LYS A 39 -6.18 -4.12 -12.25
C LYS A 39 -4.76 -4.70 -12.26
N LEU A 40 -3.89 -4.12 -11.46
CA LEU A 40 -2.50 -4.59 -11.37
C LEU A 40 -2.43 -6.00 -10.78
N PRO A 41 -1.61 -6.86 -11.40
CA PRO A 41 -1.44 -8.25 -10.96
C PRO A 41 -0.71 -8.38 -9.63
N ILE A 42 -1.15 -9.32 -8.80
CA ILE A 42 -0.53 -9.54 -7.49
C ILE A 42 0.98 -9.39 -7.59
N LEU A 43 1.53 -9.76 -8.73
CA LEU A 43 2.97 -9.67 -8.93
C LEU A 43 3.49 -8.32 -8.48
N GLU A 44 3.04 -7.24 -9.12
CA GLU A 44 3.48 -5.92 -8.72
C GLU A 44 3.03 -5.61 -7.30
N LEU A 45 1.81 -6.00 -6.96
CA LEU A 45 1.27 -5.77 -5.62
C LEU A 45 2.30 -6.14 -4.55
N SER A 46 2.88 -7.33 -4.68
CA SER A 46 3.88 -7.80 -3.71
C SER A 46 4.88 -6.70 -3.39
N HIS A 47 5.51 -6.19 -4.44
CA HIS A 47 6.50 -5.12 -4.31
C HIS A 47 5.95 -3.96 -3.50
N ILE A 48 4.69 -3.63 -3.73
CA ILE A 48 4.05 -2.54 -3.01
C ILE A 48 4.00 -2.83 -1.52
N TRP A 49 3.67 -4.07 -1.17
CA TRP A 49 3.59 -4.45 0.24
C TRP A 49 4.88 -4.14 0.98
N GLU A 50 6.00 -4.64 0.48
CA GLU A 50 7.29 -4.41 1.13
C GLU A 50 7.53 -2.92 1.35
N LEU A 51 7.33 -2.13 0.30
CA LEU A 51 7.52 -0.69 0.36
C LEU A 51 6.61 -0.06 1.42
N SER A 52 5.34 -0.42 1.41
CA SER A 52 4.38 0.11 2.39
C SER A 52 4.59 -0.54 3.76
N ASP A 53 5.14 -1.73 3.76
CA ASP A 53 5.38 -2.47 5.01
C ASP A 53 6.80 -2.27 5.51
N PHE A 54 7.21 -1.01 5.59
CA PHE A 54 8.56 -0.66 6.05
C PHE A 54 8.88 -1.28 7.41
N ASP A 55 7.87 -1.86 8.05
CA ASP A 55 8.05 -2.48 9.37
C ASP A 55 8.26 -3.98 9.24
N LYS A 56 7.58 -4.59 8.29
CA LYS A 56 7.70 -6.03 8.06
C LYS A 56 7.04 -6.83 9.17
N ASP A 57 5.81 -6.49 9.49
CA ASP A 57 5.07 -7.19 10.54
C ASP A 57 4.12 -8.22 9.94
N GLY A 58 3.34 -7.78 8.96
CA GLY A 58 2.36 -8.64 8.33
C GLY A 58 1.08 -7.89 8.06
N ALA A 59 0.87 -6.84 8.84
CA ALA A 59 -0.32 -6.01 8.72
C ALA A 59 0.05 -4.59 8.28
N LEU A 60 -0.82 -4.00 7.47
CA LEU A 60 -0.61 -2.66 6.99
C LEU A 60 -1.38 -1.65 7.83
N THR A 61 -0.64 -0.73 8.44
CA THR A 61 -1.26 0.30 9.25
C THR A 61 -1.79 1.41 8.37
N LEU A 62 -2.76 2.15 8.86
CA LEU A 62 -3.34 3.23 8.07
C LEU A 62 -2.25 4.00 7.33
N ASP A 63 -1.11 4.20 7.98
CA ASP A 63 0.00 4.89 7.35
C ASP A 63 0.49 4.12 6.12
N GLU A 64 0.70 2.83 6.30
CA GLU A 64 1.11 1.96 5.19
C GLU A 64 0.03 2.00 4.12
N PHE A 65 -1.22 1.99 4.57
CA PHE A 65 -2.38 2.04 3.68
C PHE A 65 -2.35 3.30 2.81
N CYS A 66 -2.26 4.45 3.46
CA CYS A 66 -2.21 5.73 2.76
C CYS A 66 -1.05 5.78 1.77
N ALA A 67 0.15 5.48 2.25
CA ALA A 67 1.32 5.48 1.38
C ALA A 67 1.16 4.45 0.27
N ALA A 68 0.56 3.31 0.62
CA ALA A 68 0.34 2.22 -0.33
C ALA A 68 -0.54 2.66 -1.50
N PHE A 69 -1.73 3.18 -1.20
CA PHE A 69 -2.65 3.60 -2.26
C PHE A 69 -2.03 4.71 -3.10
N HIS A 70 -1.43 5.71 -2.45
CA HIS A 70 -0.80 6.80 -3.17
C HIS A 70 0.31 6.28 -4.07
N LEU A 71 1.24 5.55 -3.47
CA LEU A 71 2.35 4.97 -4.21
C LEU A 71 1.83 4.26 -5.46
N VAL A 72 0.84 3.38 -5.27
CA VAL A 72 0.26 2.65 -6.38
C VAL A 72 -0.13 3.60 -7.51
N VAL A 73 -0.77 4.69 -7.13
CA VAL A 73 -1.20 5.68 -8.12
C VAL A 73 -0.08 6.02 -9.10
N ALA A 74 1.12 6.22 -8.59
CA ALA A 74 2.27 6.56 -9.43
C ALA A 74 2.34 5.63 -10.66
N ARG A 75 2.14 4.34 -10.45
CA ARG A 75 2.18 3.36 -11.52
C ARG A 75 1.27 3.75 -12.69
N LYS A 76 0.25 4.54 -12.41
CA LYS A 76 -0.69 4.97 -13.44
C LYS A 76 -0.17 6.16 -14.24
N ASN A 77 0.80 6.87 -13.70
CA ASN A 77 1.37 8.03 -14.39
C ASN A 77 2.65 8.51 -13.72
N GLY A 78 3.62 7.62 -13.61
CA GLY A 78 4.88 7.99 -13.00
C GLY A 78 5.95 6.95 -13.25
N TYR A 79 6.91 6.85 -12.34
CA TYR A 79 7.98 5.88 -12.47
C TYR A 79 7.56 4.50 -11.98
N ASP A 80 7.86 3.48 -12.79
CA ASP A 80 7.55 2.11 -12.42
C ASP A 80 8.46 1.66 -11.28
N LEU A 81 8.06 0.62 -10.57
CA LEU A 81 8.86 0.12 -9.46
C LEU A 81 9.51 -1.22 -9.82
N PRO A 82 10.79 -1.21 -10.22
CA PRO A 82 11.51 -2.44 -10.57
C PRO A 82 11.66 -3.39 -9.38
N GLU A 83 12.47 -2.99 -8.38
CA GLU A 83 12.71 -3.79 -7.18
C GLU A 83 14.04 -3.40 -6.52
N LYS A 84 14.10 -2.18 -5.95
CA LYS A 84 15.32 -1.66 -5.30
C LYS A 84 15.13 -1.45 -3.80
N LEU A 85 14.18 -2.14 -3.21
CA LEU A 85 13.91 -2.00 -1.79
C LEU A 85 14.96 -2.69 -0.90
N PRO A 86 15.26 -3.97 -1.20
CA PRO A 86 16.23 -4.76 -0.44
C PRO A 86 17.68 -4.53 -0.88
N GLU A 87 18.62 -4.98 -0.06
CA GLU A 87 20.04 -4.84 -0.36
C GLU A 87 20.36 -5.42 -1.73
N SER A 88 19.60 -6.43 -2.10
CA SER A 88 19.77 -7.11 -3.39
C SER A 88 18.42 -7.40 -4.04
N LEU A 89 18.08 -8.67 -4.20
CA LEU A 89 16.80 -9.05 -4.80
C LEU A 89 15.99 -9.93 -3.86
N MET A 90 15.73 -9.40 -2.69
CA MET A 90 14.97 -10.10 -1.65
C MET A 90 13.93 -11.05 -2.27
N PRO A 91 14.27 -12.35 -2.37
CA PRO A 91 13.36 -13.37 -2.93
C PRO A 91 12.16 -13.66 -2.04
N LYS A 92 11.38 -12.62 -1.74
CA LYS A 92 10.18 -12.78 -0.91
C LYS A 92 8.90 -12.58 -1.72
N TRP A 1 3.00 14.80 -6.12
CA TRP A 1 3.13 13.96 -4.91
C TRP A 1 2.53 14.63 -3.68
N LYS A 2 2.78 14.05 -2.51
CA LYS A 2 2.27 14.59 -1.25
C LYS A 2 0.76 14.39 -1.17
N ILE A 3 0.29 13.78 -0.09
CA ILE A 3 -1.13 13.53 0.09
C ILE A 3 -1.92 14.81 0.32
N THR A 4 -3.07 14.93 -0.33
CA THR A 4 -3.90 16.12 -0.16
C THR A 4 -5.04 15.84 0.82
N ASP A 5 -5.14 16.70 1.83
CA ASP A 5 -6.20 16.54 2.83
C ASP A 5 -7.53 16.18 2.16
N GLU A 6 -7.82 16.85 1.06
CA GLU A 6 -9.06 16.57 0.31
C GLU A 6 -9.04 15.13 -0.17
N GLN A 7 -7.87 14.73 -0.66
CA GLN A 7 -7.64 13.39 -1.14
C GLN A 7 -7.74 12.40 0.02
N ARG A 8 -7.26 12.83 1.18
CA ARG A 8 -7.29 12.01 2.38
C ARG A 8 -8.63 11.29 2.51
N GLN A 9 -9.73 12.02 2.33
CA GLN A 9 -11.06 11.41 2.41
C GLN A 9 -11.35 10.50 1.22
N TYR A 10 -10.68 10.80 0.10
CA TYR A 10 -10.88 10.03 -1.13
C TYR A 10 -10.66 8.53 -0.89
N TYR A 11 -9.48 8.19 -0.35
CA TYR A 11 -9.16 6.80 -0.08
C TYR A 11 -9.99 6.24 1.08
N VAL A 12 -10.09 7.02 2.15
CA VAL A 12 -10.86 6.61 3.31
C VAL A 12 -12.21 6.08 2.88
N ASN A 13 -12.84 6.77 1.95
CA ASN A 13 -14.14 6.38 1.44
C ASN A 13 -14.19 4.87 1.15
N GLN A 14 -13.09 4.32 0.63
CA GLN A 14 -13.05 2.89 0.31
C GLN A 14 -12.47 2.05 1.45
N PHE A 15 -11.26 2.39 1.88
CA PHE A 15 -10.60 1.65 2.95
C PHE A 15 -11.37 1.76 4.27
N LYS A 16 -12.16 2.81 4.42
CA LYS A 16 -12.95 3.01 5.64
C LYS A 16 -13.59 1.70 6.08
N THR A 17 -13.92 0.85 5.13
CA THR A 17 -14.53 -0.45 5.42
C THR A 17 -13.71 -1.22 6.46
N ILE A 18 -12.40 -1.04 6.39
CA ILE A 18 -11.47 -1.72 7.30
C ILE A 18 -10.58 -0.73 8.05
N GLN A 19 -10.00 0.20 7.31
CA GLN A 19 -9.11 1.20 7.92
C GLN A 19 -9.32 2.57 7.26
N PRO A 20 -10.12 3.43 7.89
CA PRO A 20 -10.39 4.77 7.35
C PRO A 20 -9.22 5.75 7.52
N ASP A 21 -8.92 6.11 8.75
CA ASP A 21 -7.85 7.05 9.04
C ASP A 21 -7.40 6.92 10.49
N LEU A 22 -7.54 5.72 11.05
CA LEU A 22 -7.15 5.45 12.44
C LEU A 22 -5.70 5.00 12.54
N ASN A 23 -5.45 4.02 13.40
CA ASN A 23 -4.09 3.50 13.58
C ASN A 23 -4.11 1.96 13.64
N GLY A 24 -4.92 1.36 12.80
CA GLY A 24 -5.04 -0.10 12.78
C GLY A 24 -4.22 -0.77 11.67
N PHE A 25 -3.83 -2.01 11.91
CA PHE A 25 -3.05 -2.79 10.96
C PHE A 25 -3.93 -3.76 10.17
N ILE A 26 -3.72 -3.79 8.86
CA ILE A 26 -4.49 -4.66 7.97
C ILE A 26 -3.65 -5.86 7.50
N PRO A 27 -4.24 -7.06 7.49
CA PRO A 27 -3.55 -8.26 7.04
C PRO A 27 -3.25 -8.21 5.53
N GLY A 28 -2.12 -8.75 5.12
CA GLY A 28 -1.78 -8.73 3.71
C GLY A 28 -2.93 -9.17 2.84
N SER A 29 -3.78 -10.04 3.38
CA SER A 29 -4.95 -10.55 2.66
C SER A 29 -5.88 -9.40 2.24
N ALA A 30 -6.34 -8.62 3.22
CA ALA A 30 -7.22 -7.50 2.92
C ALA A 30 -6.60 -6.61 1.86
N ALA A 31 -5.30 -6.38 1.98
CA ALA A 31 -4.59 -5.56 1.02
C ALA A 31 -4.65 -6.16 -0.37
N LYS A 32 -4.26 -7.43 -0.48
CA LYS A 32 -4.28 -8.12 -1.76
C LYS A 32 -5.68 -8.08 -2.37
N GLU A 33 -6.66 -8.56 -1.63
CA GLU A 33 -8.03 -8.56 -2.12
C GLU A 33 -8.46 -7.16 -2.52
N PHE A 34 -8.19 -6.18 -1.67
CA PHE A 34 -8.56 -4.80 -1.94
C PHE A 34 -7.85 -4.28 -3.20
N PHE A 35 -6.53 -4.36 -3.19
CA PHE A 35 -5.74 -3.89 -4.33
C PHE A 35 -6.09 -4.64 -5.60
N THR A 36 -6.06 -5.97 -5.55
CA THR A 36 -6.38 -6.77 -6.72
C THR A 36 -7.68 -6.28 -7.36
N LYS A 37 -8.68 -6.02 -6.52
CA LYS A 37 -9.95 -5.51 -7.01
C LYS A 37 -9.75 -4.16 -7.71
N SER A 38 -8.71 -3.44 -7.29
CA SER A 38 -8.42 -2.13 -7.87
C SER A 38 -8.19 -2.26 -9.38
N LYS A 39 -7.34 -3.19 -9.78
CA LYS A 39 -7.05 -3.41 -11.20
C LYS A 39 -5.80 -4.28 -11.40
N LEU A 40 -4.69 -3.86 -10.79
CA LEU A 40 -3.43 -4.61 -10.91
C LEU A 40 -3.50 -5.98 -10.26
N PRO A 41 -2.94 -7.01 -10.93
CA PRO A 41 -2.92 -8.38 -10.41
C PRO A 41 -2.01 -8.55 -9.19
N ILE A 42 -2.35 -9.50 -8.33
CA ILE A 42 -1.58 -9.77 -7.11
C ILE A 42 -0.08 -9.74 -7.39
N LEU A 43 0.30 -10.10 -8.60
CA LEU A 43 1.71 -10.14 -8.99
C LEU A 43 2.44 -8.87 -8.53
N GLU A 44 2.22 -7.77 -9.22
CA GLU A 44 2.86 -6.51 -8.84
C GLU A 44 2.52 -6.14 -7.40
N LEU A 45 1.26 -6.38 -7.02
CA LEU A 45 0.83 -6.09 -5.65
C LEU A 45 1.86 -6.60 -4.65
N SER A 46 2.41 -7.78 -4.90
CA SER A 46 3.42 -8.36 -4.03
C SER A 46 4.60 -7.41 -3.84
N HIS A 47 4.98 -6.73 -4.91
CA HIS A 47 6.09 -5.80 -4.86
C HIS A 47 5.78 -4.63 -3.93
N ILE A 48 4.58 -4.09 -4.09
CA ILE A 48 4.13 -2.98 -3.28
C ILE A 48 4.08 -3.31 -1.79
N TRP A 49 3.51 -4.46 -1.43
CA TRP A 49 3.43 -4.82 -0.02
C TRP A 49 4.80 -4.74 0.64
N GLU A 50 5.79 -5.44 0.10
CA GLU A 50 7.14 -5.41 0.67
C GLU A 50 7.55 -3.97 0.97
N LEU A 51 7.46 -3.13 -0.06
CA LEU A 51 7.81 -1.72 0.08
C LEU A 51 6.87 -1.04 1.07
N SER A 52 5.64 -1.54 1.13
CA SER A 52 4.62 -1.00 2.02
C SER A 52 4.85 -1.42 3.47
N ASP A 53 5.40 -2.60 3.68
CA ASP A 53 5.63 -3.10 5.04
C ASP A 53 7.07 -2.89 5.50
N PHE A 54 7.58 -1.67 5.31
CA PHE A 54 8.94 -1.34 5.71
C PHE A 54 9.20 -1.71 7.17
N ASP A 55 8.17 -2.17 7.87
CA ASP A 55 8.29 -2.54 9.27
C ASP A 55 8.46 -4.06 9.42
N LYS A 56 7.95 -4.83 8.46
CA LYS A 56 8.06 -6.29 8.52
C LYS A 56 7.22 -6.88 9.64
N ASP A 57 5.95 -6.48 9.71
CA ASP A 57 5.04 -6.99 10.75
C ASP A 57 4.09 -8.03 10.15
N GLY A 58 3.71 -7.82 8.89
CA GLY A 58 2.79 -8.74 8.24
C GLY A 58 1.42 -8.10 8.05
N ALA A 59 1.32 -6.85 8.44
CA ALA A 59 0.08 -6.10 8.32
C ALA A 59 0.35 -4.63 7.96
N LEU A 60 -0.53 -4.05 7.16
CA LEU A 60 -0.39 -2.66 6.77
C LEU A 60 -1.23 -1.74 7.65
N THR A 61 -0.56 -0.85 8.33
CA THR A 61 -1.23 0.10 9.21
C THR A 61 -1.74 1.29 8.41
N LEU A 62 -2.76 1.94 8.93
CA LEU A 62 -3.30 3.10 8.24
C LEU A 62 -2.17 3.97 7.69
N ASP A 63 -1.10 4.12 8.45
CA ASP A 63 0.04 4.92 8.02
C ASP A 63 0.64 4.32 6.75
N GLU A 64 0.95 3.02 6.81
CA GLU A 64 1.49 2.33 5.64
C GLU A 64 0.49 2.48 4.49
N PHE A 65 -0.77 2.22 4.80
CA PHE A 65 -1.86 2.32 3.85
C PHE A 65 -1.87 3.70 3.16
N CYS A 66 -1.87 4.73 3.97
CA CYS A 66 -1.87 6.11 3.48
C CYS A 66 -0.73 6.35 2.49
N ALA A 67 0.46 5.88 2.84
CA ALA A 67 1.63 6.05 1.97
C ALA A 67 1.54 5.15 0.75
N ALA A 68 1.32 3.86 0.99
CA ALA A 68 1.22 2.88 -0.08
C ALA A 68 0.12 3.23 -1.08
N PHE A 69 -1.08 3.50 -0.56
CA PHE A 69 -2.19 3.84 -1.41
C PHE A 69 -1.84 5.00 -2.35
N HIS A 70 -1.28 6.06 -1.79
CA HIS A 70 -0.90 7.22 -2.60
C HIS A 70 0.20 6.83 -3.60
N LEU A 71 1.29 6.28 -3.08
CA LEU A 71 2.39 5.86 -3.92
C LEU A 71 1.89 4.98 -5.06
N VAL A 72 1.15 3.93 -4.72
CA VAL A 72 0.60 3.02 -5.72
C VAL A 72 -0.03 3.81 -6.86
N VAL A 73 -0.72 4.87 -6.51
CA VAL A 73 -1.37 5.73 -7.48
C VAL A 73 -0.39 6.08 -8.60
N ALA A 74 0.81 6.51 -8.22
CA ALA A 74 1.84 6.85 -9.19
C ALA A 74 2.09 5.67 -10.12
N ARG A 75 2.17 4.49 -9.52
CA ARG A 75 2.38 3.26 -10.28
C ARG A 75 1.39 3.19 -11.43
N LYS A 76 0.27 3.88 -11.28
CA LYS A 76 -0.74 3.89 -12.32
C LYS A 76 -0.09 4.05 -13.69
N ASN A 77 1.04 4.76 -13.73
CA ASN A 77 1.75 4.96 -15.00
C ASN A 77 2.18 3.63 -15.63
N GLY A 78 2.60 2.69 -14.80
CA GLY A 78 3.04 1.40 -15.29
C GLY A 78 4.48 1.40 -15.78
N TYR A 79 5.34 2.10 -15.05
CA TYR A 79 6.76 2.18 -15.42
C TYR A 79 7.64 2.53 -14.23
N ASP A 80 7.15 3.37 -13.33
CA ASP A 80 7.95 3.78 -12.18
C ASP A 80 8.19 2.62 -11.20
N LEU A 81 9.27 2.75 -10.43
CA LEU A 81 9.66 1.74 -9.44
C LEU A 81 10.14 0.43 -10.10
N PRO A 82 11.46 0.19 -10.10
CA PRO A 82 12.04 -1.03 -10.69
C PRO A 82 11.68 -2.29 -9.89
N GLU A 83 11.45 -3.38 -10.61
CA GLU A 83 11.08 -4.65 -10.00
C GLU A 83 12.18 -5.27 -9.13
N LYS A 84 12.62 -4.55 -8.11
CA LYS A 84 13.65 -5.05 -7.19
C LYS A 84 13.45 -4.50 -5.78
N LEU A 85 13.39 -5.40 -4.80
CA LEU A 85 13.19 -5.00 -3.41
C LEU A 85 14.45 -4.35 -2.84
N PRO A 86 14.29 -3.41 -1.89
CA PRO A 86 15.43 -2.72 -1.28
C PRO A 86 16.34 -3.64 -0.47
N GLU A 87 15.83 -4.17 0.63
CA GLU A 87 16.62 -5.07 1.48
C GLU A 87 16.32 -6.55 1.23
N SER A 88 16.58 -7.38 2.23
CA SER A 88 16.35 -8.82 2.12
C SER A 88 15.17 -9.30 2.95
N LEU A 89 13.95 -9.00 2.50
CA LEU A 89 12.76 -9.43 3.23
C LEU A 89 12.17 -10.70 2.61
N MET A 90 11.76 -10.62 1.34
CA MET A 90 11.20 -11.78 0.65
C MET A 90 12.25 -12.89 0.47
N PRO A 91 12.08 -14.02 1.18
CA PRO A 91 13.00 -15.16 1.08
C PRO A 91 12.75 -16.05 -0.13
N LYS A 92 13.80 -16.38 -0.87
CA LYS A 92 13.68 -17.24 -2.05
C LYS A 92 14.89 -18.17 -2.17
N TRP A 1 8.49 12.37 -1.39
CA TRP A 1 7.12 11.79 -1.32
C TRP A 1 6.26 12.48 -0.25
N LYS A 2 5.02 12.79 -0.60
CA LYS A 2 4.07 13.42 0.32
C LYS A 2 2.66 13.47 -0.31
N ILE A 3 1.64 13.42 0.54
CA ILE A 3 0.24 13.43 0.09
C ILE A 3 -0.56 14.60 0.69
N THR A 4 -1.53 15.13 -0.07
CA THR A 4 -2.36 16.23 0.42
C THR A 4 -3.49 15.68 1.29
N ASP A 5 -3.65 16.21 2.50
CA ASP A 5 -4.70 15.72 3.39
C ASP A 5 -6.02 15.55 2.62
N GLU A 6 -6.27 16.41 1.64
CA GLU A 6 -7.46 16.30 0.83
C GLU A 6 -7.58 14.88 0.24
N GLN A 7 -6.45 14.35 -0.23
CA GLN A 7 -6.39 12.99 -0.78
C GLN A 7 -6.48 11.94 0.34
N ARG A 8 -6.22 12.38 1.57
CA ARG A 8 -6.25 11.48 2.72
C ARG A 8 -7.61 10.78 2.85
N GLN A 9 -8.67 11.57 2.93
CA GLN A 9 -10.02 11.03 3.05
C GLN A 9 -10.44 10.28 1.80
N TYR A 10 -10.01 10.76 0.66
CA TYR A 10 -10.36 10.15 -0.61
C TYR A 10 -10.20 8.62 -0.55
N TYR A 11 -9.05 8.16 -0.07
CA TYR A 11 -8.78 6.72 0.04
C TYR A 11 -9.55 6.10 1.22
N VAL A 12 -9.37 6.69 2.38
CA VAL A 12 -10.02 6.23 3.60
C VAL A 12 -11.53 6.07 3.43
N ASN A 13 -12.11 6.97 2.65
CA ASN A 13 -13.55 6.94 2.38
C ASN A 13 -14.06 5.53 2.15
N GLN A 14 -13.33 4.75 1.36
CA GLN A 14 -13.73 3.36 1.09
C GLN A 14 -13.03 2.38 2.03
N PHE A 15 -11.71 2.50 2.12
CA PHE A 15 -10.92 1.61 2.97
C PHE A 15 -11.42 1.61 4.42
N LYS A 16 -12.05 2.69 4.84
CA LYS A 16 -12.56 2.76 6.20
C LYS A 16 -13.26 1.48 6.60
N THR A 17 -13.88 0.82 5.63
CA THR A 17 -14.58 -0.44 5.90
C THR A 17 -13.70 -1.35 6.74
N ILE A 18 -12.40 -1.24 6.52
CA ILE A 18 -11.42 -2.03 7.26
C ILE A 18 -10.44 -1.12 8.01
N GLN A 19 -9.95 -0.09 7.32
CA GLN A 19 -9.00 0.85 7.92
C GLN A 19 -9.66 2.19 8.26
N PRO A 20 -10.25 2.30 9.46
CA PRO A 20 -10.92 3.53 9.90
C PRO A 20 -9.96 4.65 10.31
N ASP A 21 -9.05 4.36 11.23
CA ASP A 21 -8.10 5.35 11.72
C ASP A 21 -6.67 4.77 11.78
N LEU A 22 -5.81 5.36 12.60
CA LEU A 22 -4.44 4.89 12.75
C LEU A 22 -4.39 3.64 13.62
N ASN A 23 -5.49 3.35 14.29
CA ASN A 23 -5.56 2.18 15.15
C ASN A 23 -6.20 1.02 14.40
N GLY A 24 -5.85 0.90 13.13
CA GLY A 24 -6.37 -0.16 12.28
C GLY A 24 -5.26 -0.92 11.56
N PHE A 25 -5.50 -2.17 11.24
CA PHE A 25 -4.49 -2.98 10.56
C PHE A 25 -5.11 -3.90 9.52
N ILE A 26 -4.47 -3.99 8.36
CA ILE A 26 -4.96 -4.83 7.28
C ILE A 26 -3.99 -5.96 6.95
N PRO A 27 -4.39 -7.21 7.20
CA PRO A 27 -3.55 -8.37 6.91
C PRO A 27 -3.22 -8.45 5.42
N GLY A 28 -2.08 -9.02 5.08
CA GLY A 28 -1.71 -9.12 3.68
C GLY A 28 -2.87 -9.58 2.81
N SER A 29 -3.67 -10.48 3.34
CA SER A 29 -4.84 -10.97 2.61
C SER A 29 -5.81 -9.83 2.33
N ALA A 30 -6.08 -9.02 3.34
CA ALA A 30 -6.99 -7.89 3.18
C ALA A 30 -6.41 -6.86 2.23
N ALA A 31 -5.13 -6.56 2.38
CA ALA A 31 -4.47 -5.59 1.51
C ALA A 31 -4.44 -6.12 0.07
N LYS A 32 -3.93 -7.32 -0.10
CA LYS A 32 -3.87 -7.93 -1.43
C LYS A 32 -5.27 -8.03 -2.04
N GLU A 33 -6.23 -8.50 -1.24
CA GLU A 33 -7.60 -8.62 -1.71
C GLU A 33 -8.17 -7.27 -2.10
N PHE A 34 -8.11 -6.31 -1.18
CA PHE A 34 -8.60 -4.98 -1.45
C PHE A 34 -7.96 -4.42 -2.70
N PHE A 35 -6.65 -4.41 -2.72
CA PHE A 35 -5.89 -3.92 -3.86
C PHE A 35 -6.29 -4.61 -5.16
N THR A 36 -6.76 -5.85 -5.05
CA THR A 36 -7.17 -6.61 -6.24
C THR A 36 -7.96 -5.71 -7.19
N LYS A 37 -8.81 -4.87 -6.62
CA LYS A 37 -9.63 -3.94 -7.41
C LYS A 37 -8.79 -3.23 -8.48
N SER A 38 -7.55 -2.91 -8.13
CA SER A 38 -6.63 -2.22 -9.03
C SER A 38 -6.58 -2.84 -10.43
N LYS A 39 -6.98 -4.10 -10.56
CA LYS A 39 -6.93 -4.76 -11.85
C LYS A 39 -5.48 -5.00 -12.26
N LEU A 40 -4.57 -4.79 -11.31
CA LEU A 40 -3.13 -4.96 -11.54
C LEU A 40 -2.67 -6.40 -11.32
N PRO A 41 -1.49 -6.73 -11.84
CA PRO A 41 -0.90 -8.07 -11.69
C PRO A 41 -0.38 -8.34 -10.28
N ILE A 42 -0.75 -9.48 -9.72
CA ILE A 42 -0.32 -9.85 -8.37
C ILE A 42 1.18 -9.60 -8.14
N LEU A 43 1.97 -9.77 -9.19
CA LEU A 43 3.43 -9.57 -9.11
C LEU A 43 3.78 -8.26 -8.38
N GLU A 44 3.74 -7.15 -9.11
CA GLU A 44 4.05 -5.86 -8.52
C GLU A 44 3.22 -5.63 -7.26
N LEU A 45 1.96 -6.06 -7.31
CA LEU A 45 1.09 -5.92 -6.14
C LEU A 45 1.83 -6.30 -4.88
N SER A 46 2.67 -7.33 -4.98
CA SER A 46 3.45 -7.78 -3.84
C SER A 46 4.58 -6.78 -3.54
N HIS A 47 5.37 -6.48 -4.57
CA HIS A 47 6.46 -5.52 -4.43
C HIS A 47 5.98 -4.31 -3.63
N ILE A 48 4.75 -3.90 -3.92
CA ILE A 48 4.15 -2.77 -3.22
C ILE A 48 4.13 -3.00 -1.71
N TRP A 49 3.88 -4.24 -1.28
CA TRP A 49 3.86 -4.54 0.15
C TRP A 49 5.22 -4.30 0.78
N GLU A 50 6.25 -4.94 0.25
CA GLU A 50 7.60 -4.78 0.79
C GLU A 50 7.85 -3.30 1.11
N LEU A 51 7.56 -2.46 0.13
CA LEU A 51 7.74 -1.01 0.27
C LEU A 51 6.78 -0.38 1.28
N SER A 52 5.48 -0.62 1.10
CA SER A 52 4.46 -0.05 1.98
C SER A 52 4.50 -0.66 3.38
N ASP A 53 5.07 -1.84 3.50
CA ASP A 53 5.15 -2.56 4.78
C ASP A 53 6.52 -2.36 5.44
N PHE A 54 6.91 -1.10 5.62
CA PHE A 54 8.20 -0.75 6.23
C PHE A 54 8.53 -1.55 7.49
N ASP A 55 7.54 -2.22 8.07
CA ASP A 55 7.79 -2.98 9.28
C ASP A 55 7.99 -4.47 8.99
N LYS A 56 7.24 -4.99 8.03
CA LYS A 56 7.31 -6.41 7.69
C LYS A 56 6.61 -7.23 8.77
N ASP A 57 5.46 -6.72 9.18
CA ASP A 57 4.66 -7.36 10.21
C ASP A 57 3.55 -8.20 9.59
N GLY A 58 3.40 -8.10 8.28
CA GLY A 58 2.37 -8.84 7.59
C GLY A 58 1.02 -8.15 7.74
N ALA A 59 1.04 -6.93 8.24
CA ALA A 59 -0.17 -6.16 8.42
C ALA A 59 0.03 -4.71 7.98
N LEU A 60 -0.94 -4.19 7.25
CA LEU A 60 -0.85 -2.82 6.77
C LEU A 60 -1.66 -1.87 7.66
N THR A 61 -0.95 -0.93 8.25
CA THR A 61 -1.57 0.08 9.10
C THR A 61 -2.09 1.21 8.24
N LEU A 62 -3.15 1.87 8.68
CA LEU A 62 -3.72 2.95 7.88
C LEU A 62 -2.60 3.81 7.27
N ASP A 63 -1.56 4.10 8.04
CA ASP A 63 -0.44 4.89 7.53
C ASP A 63 0.19 4.20 6.33
N GLU A 64 0.60 2.95 6.50
CA GLU A 64 1.16 2.19 5.39
C GLU A 64 0.19 2.25 4.21
N PHE A 65 -1.09 2.13 4.55
CA PHE A 65 -2.18 2.16 3.57
C PHE A 65 -2.19 3.47 2.79
N CYS A 66 -2.27 4.58 3.51
CA CYS A 66 -2.29 5.90 2.87
C CYS A 66 -1.06 6.08 1.99
N ALA A 67 0.09 5.77 2.53
CA ALA A 67 1.34 5.88 1.78
C ALA A 67 1.32 4.96 0.56
N ALA A 68 0.86 3.73 0.78
CA ALA A 68 0.80 2.73 -0.29
C ALA A 68 -0.13 3.15 -1.43
N PHE A 69 -1.37 3.47 -1.09
CA PHE A 69 -2.35 3.85 -2.12
C PHE A 69 -1.80 4.95 -3.04
N HIS A 70 -1.30 6.03 -2.46
CA HIS A 70 -0.76 7.13 -3.27
C HIS A 70 0.37 6.64 -4.16
N LEU A 71 1.36 6.02 -3.53
CA LEU A 71 2.50 5.50 -4.27
C LEU A 71 2.03 4.67 -5.47
N VAL A 72 1.17 3.71 -5.21
CA VAL A 72 0.64 2.86 -6.27
C VAL A 72 0.09 3.69 -7.43
N VAL A 73 -0.63 4.75 -7.10
CA VAL A 73 -1.20 5.63 -8.12
C VAL A 73 -0.18 5.93 -9.22
N ALA A 74 1.03 6.29 -8.81
CA ALA A 74 2.11 6.61 -9.74
C ALA A 74 2.33 5.49 -10.77
N ARG A 75 2.46 4.26 -10.28
CA ARG A 75 2.68 3.11 -11.14
C ARG A 75 1.43 2.76 -11.93
N LYS A 76 0.27 3.08 -11.37
CA LYS A 76 -1.00 2.77 -12.03
C LYS A 76 -0.85 2.92 -13.55
N ASN A 77 -0.16 3.98 -13.97
CA ASN A 77 0.07 4.19 -15.40
C ASN A 77 1.32 3.45 -15.87
N GLY A 78 2.43 3.64 -15.17
CA GLY A 78 3.67 2.97 -15.52
C GLY A 78 4.91 3.83 -15.33
N TYR A 79 5.80 3.39 -14.45
CA TYR A 79 7.05 4.12 -14.18
C TYR A 79 8.12 3.16 -13.64
N ASP A 80 9.35 3.62 -13.54
CA ASP A 80 10.46 2.79 -13.05
C ASP A 80 10.15 2.20 -11.67
N LEU A 81 10.57 0.96 -11.45
CA LEU A 81 10.36 0.30 -10.16
C LEU A 81 11.61 0.30 -9.29
N PRO A 82 11.53 0.94 -8.11
CA PRO A 82 12.65 1.04 -7.17
C PRO A 82 12.84 -0.23 -6.31
N GLU A 83 14.04 -0.42 -5.77
CA GLU A 83 14.34 -1.58 -4.94
C GLU A 83 15.30 -1.24 -3.79
N LYS A 84 14.74 -0.93 -2.64
CA LYS A 84 15.54 -0.60 -1.45
C LYS A 84 15.57 -1.77 -0.47
N LEU A 85 14.45 -2.47 -0.35
CA LEU A 85 14.37 -3.61 0.55
C LEU A 85 15.33 -4.70 0.10
N PRO A 86 15.96 -5.38 1.05
CA PRO A 86 16.90 -6.46 0.73
C PRO A 86 16.21 -7.63 0.02
N GLU A 87 15.73 -7.39 -1.20
CA GLU A 87 15.06 -8.42 -2.00
C GLU A 87 15.86 -9.72 -2.01
N SER A 88 17.15 -9.62 -1.73
CA SER A 88 18.05 -10.78 -1.75
C SER A 88 18.23 -11.37 -0.35
N LEU A 89 17.78 -10.63 0.65
CA LEU A 89 17.86 -11.08 2.04
C LEU A 89 16.48 -11.52 2.52
N MET A 90 15.46 -10.73 2.21
CA MET A 90 14.08 -11.05 2.59
C MET A 90 13.41 -11.96 1.56
N PRO A 91 12.71 -13.01 2.02
CA PRO A 91 12.02 -13.93 1.12
C PRO A 91 10.83 -13.26 0.42
N LYS A 92 10.13 -14.00 -0.44
CA LYS A 92 8.97 -13.45 -1.15
C LYS A 92 7.65 -13.87 -0.48
N TRP A 1 6.55 12.01 0.22
CA TRP A 1 5.34 11.99 -0.66
C TRP A 1 4.24 12.92 -0.15
N LYS A 2 4.25 14.15 -0.62
CA LYS A 2 3.24 15.12 -0.21
C LYS A 2 1.84 14.65 -0.59
N ILE A 3 1.04 14.31 0.41
CA ILE A 3 -0.32 13.82 0.16
C ILE A 3 -1.34 14.96 0.10
N THR A 4 -2.16 14.97 -0.94
CA THR A 4 -3.20 15.99 -1.07
C THR A 4 -4.41 15.60 -0.25
N ASP A 5 -4.90 16.52 0.56
CA ASP A 5 -6.06 16.23 1.40
C ASP A 5 -7.16 15.51 0.61
N GLU A 6 -7.40 15.97 -0.61
CA GLU A 6 -8.42 15.35 -1.46
C GLU A 6 -8.21 13.84 -1.50
N GLN A 7 -6.99 13.44 -1.78
CA GLN A 7 -6.64 12.05 -1.82
C GLN A 7 -6.70 11.46 -0.41
N ARG A 8 -6.27 12.26 0.56
CA ARG A 8 -6.31 11.84 1.95
C ARG A 8 -7.72 11.39 2.29
N GLN A 9 -8.69 12.22 1.96
CA GLN A 9 -10.09 11.91 2.19
C GLN A 9 -10.57 10.84 1.21
N TYR A 10 -10.09 10.95 -0.03
CA TYR A 10 -10.46 10.02 -1.09
C TYR A 10 -10.31 8.57 -0.64
N TYR A 11 -9.12 8.22 -0.16
CA TYR A 11 -8.85 6.86 0.28
C TYR A 11 -9.63 6.51 1.54
N VAL A 12 -9.63 7.43 2.51
CA VAL A 12 -10.33 7.22 3.77
C VAL A 12 -11.78 6.82 3.57
N ASN A 13 -12.50 7.61 2.80
CA ASN A 13 -13.91 7.35 2.55
C ASN A 13 -14.17 5.91 2.08
N GLN A 14 -13.18 5.32 1.40
CA GLN A 14 -13.34 3.94 0.91
C GLN A 14 -12.77 2.90 1.87
N PHE A 15 -11.49 3.06 2.22
CA PHE A 15 -10.83 2.12 3.12
C PHE A 15 -11.37 2.19 4.53
N LYS A 16 -11.94 3.32 4.91
CA LYS A 16 -12.50 3.51 6.25
C LYS A 16 -13.23 2.25 6.68
N THR A 17 -13.93 1.63 5.75
CA THR A 17 -14.67 0.40 6.04
C THR A 17 -13.80 -0.59 6.80
N ILE A 18 -12.53 -0.67 6.39
CA ILE A 18 -11.55 -1.56 7.01
C ILE A 18 -10.56 -0.80 7.89
N GLN A 19 -9.99 0.27 7.35
CA GLN A 19 -9.01 1.07 8.08
C GLN A 19 -9.46 2.54 8.14
N PRO A 20 -10.38 2.85 9.08
CA PRO A 20 -10.93 4.20 9.26
C PRO A 20 -9.92 5.22 9.80
N ASP A 21 -9.15 4.82 10.80
CA ASP A 21 -8.17 5.72 11.40
C ASP A 21 -6.88 4.96 11.75
N LEU A 22 -6.14 5.45 12.74
CA LEU A 22 -4.90 4.82 13.16
C LEU A 22 -5.17 3.54 13.96
N ASN A 23 -6.43 3.32 14.33
CA ASN A 23 -6.77 2.14 15.12
C ASN A 23 -7.29 1.02 14.22
N GLY A 24 -6.62 0.87 13.09
CA GLY A 24 -6.97 -0.16 12.12
C GLY A 24 -5.73 -0.77 11.50
N PHE A 25 -5.81 -2.04 11.17
CA PHE A 25 -4.69 -2.74 10.57
C PHE A 25 -5.21 -3.72 9.52
N ILE A 26 -4.44 -3.92 8.46
CA ILE A 26 -4.85 -4.80 7.38
C ILE A 26 -3.78 -5.83 7.02
N PRO A 27 -4.16 -7.11 7.04
CA PRO A 27 -3.25 -8.19 6.68
C PRO A 27 -3.04 -8.25 5.17
N GLY A 28 -1.83 -8.58 4.75
CA GLY A 28 -1.56 -8.66 3.33
C GLY A 28 -2.64 -9.41 2.57
N SER A 29 -3.30 -10.33 3.26
CA SER A 29 -4.37 -11.09 2.64
C SER A 29 -5.47 -10.15 2.13
N ALA A 30 -5.89 -9.22 2.99
CA ALA A 30 -6.91 -8.25 2.61
C ALA A 30 -6.36 -7.27 1.59
N ALA A 31 -5.18 -6.73 1.88
CA ALA A 31 -4.55 -5.76 0.99
C ALA A 31 -4.33 -6.33 -0.42
N LYS A 32 -3.64 -7.46 -0.52
CA LYS A 32 -3.39 -8.07 -1.81
C LYS A 32 -4.71 -8.35 -2.53
N GLU A 33 -5.66 -8.93 -1.81
CA GLU A 33 -6.97 -9.22 -2.37
C GLU A 33 -7.68 -7.94 -2.82
N PHE A 34 -7.61 -6.93 -1.98
CA PHE A 34 -8.24 -5.65 -2.26
C PHE A 34 -7.60 -4.97 -3.46
N PHE A 35 -6.29 -4.77 -3.37
CA PHE A 35 -5.56 -4.13 -4.46
C PHE A 35 -5.91 -4.79 -5.78
N THR A 36 -5.95 -6.11 -5.78
CA THR A 36 -6.29 -6.86 -7.00
C THR A 36 -7.44 -6.20 -7.76
N LYS A 37 -8.40 -5.65 -7.03
CA LYS A 37 -9.55 -4.97 -7.66
C LYS A 37 -9.13 -3.85 -8.59
N SER A 38 -8.08 -3.14 -8.23
CA SER A 38 -7.59 -2.02 -9.04
C SER A 38 -6.99 -2.50 -10.36
N LYS A 39 -7.52 -3.60 -10.87
CA LYS A 39 -7.04 -4.16 -12.13
C LYS A 39 -5.52 -4.23 -12.18
N LEU A 40 -4.88 -4.18 -11.03
CA LEU A 40 -3.42 -4.26 -10.95
C LEU A 40 -2.94 -5.70 -10.97
N PRO A 41 -1.86 -5.98 -11.70
CA PRO A 41 -1.29 -7.32 -11.78
C PRO A 41 -0.64 -7.74 -10.47
N ILE A 42 -1.11 -8.86 -9.93
CA ILE A 42 -0.56 -9.38 -8.67
C ILE A 42 0.95 -9.18 -8.60
N LEU A 43 1.62 -9.34 -9.74
CA LEU A 43 3.07 -9.16 -9.80
C LEU A 43 3.49 -7.87 -9.11
N GLU A 44 2.94 -6.74 -9.57
CA GLU A 44 3.25 -5.45 -8.99
C GLU A 44 2.79 -5.40 -7.54
N LEU A 45 1.60 -5.94 -7.30
CA LEU A 45 1.04 -5.99 -5.95
C LEU A 45 2.07 -6.49 -4.93
N SER A 46 2.87 -7.48 -5.32
CA SER A 46 3.88 -8.03 -4.41
C SER A 46 4.90 -6.96 -3.99
N HIS A 47 5.52 -6.32 -4.97
CA HIS A 47 6.53 -5.29 -4.69
C HIS A 47 5.97 -4.21 -3.75
N ILE A 48 4.78 -3.72 -4.07
CA ILE A 48 4.13 -2.68 -3.26
C ILE A 48 4.16 -3.02 -1.76
N TRP A 49 3.76 -4.23 -1.42
CA TRP A 49 3.72 -4.65 -0.02
C TRP A 49 5.05 -4.37 0.68
N GLU A 50 6.13 -4.89 0.13
CA GLU A 50 7.45 -4.68 0.73
C GLU A 50 7.69 -3.21 1.02
N LEU A 51 7.37 -2.38 0.02
CA LEU A 51 7.53 -0.94 0.15
C LEU A 51 6.54 -0.37 1.17
N SER A 52 5.35 -0.93 1.20
CA SER A 52 4.30 -0.49 2.12
C SER A 52 4.59 -0.90 3.57
N ASP A 53 5.20 -2.06 3.75
CA ASP A 53 5.51 -2.55 5.10
C ASP A 53 6.94 -2.18 5.50
N PHE A 54 7.21 -0.89 5.47
CA PHE A 54 8.52 -0.34 5.83
C PHE A 54 9.03 -0.87 7.16
N ASP A 55 8.13 -1.46 7.92
CA ASP A 55 8.46 -1.98 9.24
C ASP A 55 8.74 -3.47 9.17
N LYS A 56 8.03 -4.16 8.31
CA LYS A 56 8.19 -5.59 8.17
C LYS A 56 7.64 -6.30 9.40
N ASP A 57 6.37 -6.02 9.69
CA ASP A 57 5.67 -6.61 10.82
C ASP A 57 4.74 -7.74 10.33
N GLY A 58 4.29 -7.60 9.09
CA GLY A 58 3.39 -8.56 8.51
C GLY A 58 1.97 -8.02 8.44
N ALA A 59 1.80 -6.76 8.84
CA ALA A 59 0.49 -6.13 8.82
C ALA A 59 0.57 -4.67 8.38
N LEU A 60 -0.46 -4.23 7.65
CA LEU A 60 -0.52 -2.86 7.16
C LEU A 60 -1.37 -1.96 8.04
N THR A 61 -0.75 -0.92 8.57
CA THR A 61 -1.45 0.04 9.40
C THR A 61 -1.91 1.22 8.54
N LEU A 62 -2.93 1.94 8.99
CA LEU A 62 -3.43 3.07 8.23
C LEU A 62 -2.26 3.88 7.67
N ASP A 63 -1.22 4.03 8.48
CA ASP A 63 -0.02 4.75 8.07
C ASP A 63 0.49 4.21 6.72
N GLU A 64 0.74 2.91 6.71
CA GLU A 64 1.21 2.24 5.51
C GLU A 64 0.17 2.32 4.41
N PHE A 65 -1.09 2.09 4.77
CA PHE A 65 -2.17 2.17 3.81
C PHE A 65 -2.09 3.49 3.03
N CYS A 66 -1.90 4.57 3.78
CA CYS A 66 -1.79 5.89 3.18
C CYS A 66 -0.70 5.95 2.11
N ALA A 67 0.51 5.55 2.48
CA ALA A 67 1.63 5.54 1.55
C ALA A 67 1.42 4.51 0.43
N ALA A 68 0.96 3.34 0.81
CA ALA A 68 0.70 2.27 -0.14
C ALA A 68 -0.32 2.71 -1.18
N PHE A 69 -1.47 3.17 -0.71
CA PHE A 69 -2.51 3.65 -1.60
C PHE A 69 -1.95 4.77 -2.49
N HIS A 70 -1.36 5.77 -1.85
CA HIS A 70 -0.78 6.90 -2.57
C HIS A 70 0.23 6.42 -3.60
N LEU A 71 1.21 5.65 -3.13
CA LEU A 71 2.24 5.12 -3.99
C LEU A 71 1.62 4.31 -5.12
N VAL A 72 0.73 3.40 -4.77
CA VAL A 72 0.05 2.57 -5.77
C VAL A 72 -0.59 3.43 -6.84
N VAL A 73 -1.32 4.44 -6.41
CA VAL A 73 -2.00 5.34 -7.34
C VAL A 73 -1.10 5.71 -8.52
N ALA A 74 0.14 6.08 -8.23
CA ALA A 74 1.11 6.45 -9.26
C ALA A 74 1.15 5.42 -10.40
N ARG A 75 1.07 4.16 -10.04
CA ARG A 75 1.11 3.07 -11.03
C ARG A 75 -0.03 3.22 -12.04
N LYS A 76 -1.24 3.41 -11.54
CA LYS A 76 -2.40 3.53 -12.41
C LYS A 76 -2.16 4.53 -13.53
N ASN A 77 -1.55 5.67 -13.21
CA ASN A 77 -1.29 6.71 -14.20
C ASN A 77 -0.04 6.42 -15.03
N GLY A 78 1.11 6.26 -14.38
CA GLY A 78 2.34 6.00 -15.13
C GLY A 78 3.62 6.16 -14.32
N TYR A 79 3.67 5.57 -13.13
CA TYR A 79 4.88 5.64 -12.31
C TYR A 79 5.44 4.25 -12.03
N ASP A 80 6.52 3.88 -12.72
CA ASP A 80 7.13 2.57 -12.52
C ASP A 80 7.84 2.51 -11.16
N LEU A 81 8.29 1.34 -10.76
CA LEU A 81 8.96 1.20 -9.47
C LEU A 81 10.39 0.68 -9.60
N PRO A 82 11.29 1.18 -8.76
CA PRO A 82 12.70 0.78 -8.75
C PRO A 82 12.88 -0.65 -8.21
N GLU A 83 13.97 -1.32 -8.63
CA GLU A 83 14.24 -2.69 -8.21
C GLU A 83 14.53 -2.81 -6.70
N LYS A 84 13.68 -2.23 -5.87
CA LYS A 84 13.86 -2.30 -4.43
C LYS A 84 13.48 -3.69 -3.92
N LEU A 85 13.07 -3.79 -2.66
CA LEU A 85 12.70 -5.09 -2.11
C LEU A 85 11.59 -5.73 -2.95
N PRO A 86 11.95 -6.71 -3.79
CA PRO A 86 10.99 -7.39 -4.65
C PRO A 86 10.20 -8.47 -3.92
N GLU A 87 10.88 -9.53 -3.49
CA GLU A 87 10.23 -10.61 -2.78
C GLU A 87 10.36 -10.47 -1.26
N SER A 88 10.08 -11.57 -0.57
CA SER A 88 10.16 -11.60 0.90
C SER A 88 11.48 -12.23 1.34
N LEU A 89 12.57 -11.69 0.82
CA LEU A 89 13.90 -12.18 1.14
C LEU A 89 14.57 -11.33 2.22
N MET A 90 13.79 -10.95 3.23
CA MET A 90 14.29 -10.15 4.33
C MET A 90 13.36 -10.23 5.55
N PRO A 91 12.97 -11.44 5.92
CA PRO A 91 12.08 -11.70 7.06
C PRO A 91 12.76 -11.44 8.41
N LYS A 92 12.10 -10.66 9.26
CA LYS A 92 12.62 -10.36 10.59
C LYS A 92 11.89 -11.18 11.66
N TRP A 1 7.29 11.98 -1.80
CA TRP A 1 5.91 12.21 -2.30
C TRP A 1 5.13 13.13 -1.36
N LYS A 2 4.40 14.09 -1.94
CA LYS A 2 3.63 15.03 -1.14
C LYS A 2 2.16 14.60 -1.04
N ILE A 3 1.69 14.36 0.18
CA ILE A 3 0.30 13.93 0.39
C ILE A 3 -0.55 15.07 0.96
N THR A 4 -1.65 15.38 0.29
CA THR A 4 -2.53 16.45 0.75
C THR A 4 -3.59 15.91 1.71
N ASP A 5 -3.73 16.55 2.87
CA ASP A 5 -4.72 16.15 3.85
C ASP A 5 -6.05 15.89 3.14
N GLU A 6 -6.37 16.75 2.18
CA GLU A 6 -7.60 16.63 1.40
C GLU A 6 -7.70 15.25 0.75
N GLN A 7 -6.56 14.77 0.26
CA GLN A 7 -6.49 13.48 -0.40
C GLN A 7 -6.53 12.33 0.59
N ARG A 8 -5.85 12.51 1.70
CA ARG A 8 -5.80 11.48 2.73
C ARG A 8 -7.20 10.92 3.03
N GLN A 9 -8.19 11.79 3.10
CA GLN A 9 -9.56 11.37 3.39
C GLN A 9 -10.20 10.66 2.21
N TYR A 10 -9.90 11.13 1.01
CA TYR A 10 -10.46 10.55 -0.21
C TYR A 10 -10.38 9.02 -0.17
N TYR A 11 -9.19 8.51 0.12
CA TYR A 11 -8.98 7.06 0.19
C TYR A 11 -9.78 6.47 1.35
N VAL A 12 -9.56 7.02 2.53
CA VAL A 12 -10.24 6.57 3.73
C VAL A 12 -11.75 6.47 3.50
N ASN A 13 -12.30 7.41 2.75
CA ASN A 13 -13.74 7.39 2.47
C ASN A 13 -14.19 5.97 2.13
N GLN A 14 -13.38 5.27 1.33
CA GLN A 14 -13.71 3.89 0.94
C GLN A 14 -13.04 2.88 1.87
N PHE A 15 -11.72 2.99 2.01
CA PHE A 15 -10.96 2.06 2.85
C PHE A 15 -11.38 2.12 4.32
N LYS A 16 -11.94 3.24 4.74
CA LYS A 16 -12.37 3.39 6.13
C LYS A 16 -13.19 2.17 6.55
N THR A 17 -13.84 1.55 5.58
CA THR A 17 -14.62 0.34 5.84
C THR A 17 -13.77 -0.66 6.62
N ILE A 18 -12.49 -0.68 6.30
CA ILE A 18 -11.53 -1.56 6.95
C ILE A 18 -10.54 -0.76 7.81
N GLN A 19 -9.99 0.30 7.23
CA GLN A 19 -9.03 1.16 7.93
C GLN A 19 -9.70 2.42 8.48
N PRO A 20 -10.33 2.33 9.66
CA PRO A 20 -11.04 3.46 10.27
C PRO A 20 -10.10 4.55 10.80
N ASP A 21 -9.14 4.17 11.62
CA ASP A 21 -8.21 5.13 12.20
C ASP A 21 -6.85 4.48 12.46
N LEU A 22 -5.85 5.32 12.71
CA LEU A 22 -4.49 4.86 12.98
C LEU A 22 -4.44 3.69 13.95
N ASN A 23 -5.57 3.37 14.59
CA ASN A 23 -5.60 2.25 15.54
C ASN A 23 -6.16 1.00 14.85
N GLY A 24 -6.12 1.00 13.53
CA GLY A 24 -6.60 -0.13 12.75
C GLY A 24 -5.52 -0.66 11.82
N PHE A 25 -5.47 -1.98 11.61
CA PHE A 25 -4.44 -2.57 10.75
C PHE A 25 -4.99 -3.68 9.85
N ILE A 26 -4.59 -3.65 8.59
CA ILE A 26 -5.01 -4.64 7.60
C ILE A 26 -3.96 -5.74 7.44
N PRO A 27 -4.26 -6.96 7.89
CA PRO A 27 -3.34 -8.08 7.75
C PRO A 27 -3.09 -8.41 6.28
N GLY A 28 -1.95 -8.99 5.96
CA GLY A 28 -1.64 -9.31 4.58
C GLY A 28 -2.54 -10.36 3.96
N SER A 29 -3.82 -10.35 4.31
CA SER A 29 -4.78 -11.33 3.77
C SER A 29 -5.64 -10.70 2.67
N ALA A 30 -6.50 -9.76 3.04
CA ALA A 30 -7.38 -9.10 2.08
C ALA A 30 -6.64 -8.08 1.24
N ALA A 31 -5.67 -7.41 1.83
CA ALA A 31 -4.90 -6.39 1.12
C ALA A 31 -4.56 -6.83 -0.31
N LYS A 32 -4.12 -8.08 -0.45
CA LYS A 32 -3.77 -8.61 -1.76
C LYS A 32 -4.97 -8.64 -2.70
N GLU A 33 -6.05 -9.29 -2.26
CA GLU A 33 -7.25 -9.38 -3.08
C GLU A 33 -7.84 -8.00 -3.35
N PHE A 34 -7.89 -7.18 -2.31
CA PHE A 34 -8.41 -5.83 -2.42
C PHE A 34 -7.72 -5.10 -3.55
N PHE A 35 -6.39 -5.07 -3.50
CA PHE A 35 -5.63 -4.42 -4.55
C PHE A 35 -5.80 -5.16 -5.87
N THR A 36 -5.80 -6.49 -5.80
CA THR A 36 -5.97 -7.30 -7.01
C THR A 36 -7.10 -6.75 -7.88
N LYS A 37 -8.24 -6.47 -7.26
CA LYS A 37 -9.38 -5.92 -7.99
C LYS A 37 -9.06 -4.51 -8.51
N SER A 38 -8.10 -3.84 -7.88
CA SER A 38 -7.70 -2.50 -8.32
C SER A 38 -7.33 -2.51 -9.79
N LYS A 39 -6.45 -3.43 -10.18
CA LYS A 39 -6.04 -3.54 -11.58
C LYS A 39 -4.77 -4.39 -11.74
N LEU A 40 -3.69 -3.99 -11.07
CA LEU A 40 -2.42 -4.72 -11.16
C LEU A 40 -2.47 -6.08 -10.46
N PRO A 41 -1.78 -7.06 -11.05
CA PRO A 41 -1.72 -8.43 -10.51
C PRO A 41 -0.97 -8.53 -9.16
N ILE A 42 -1.47 -9.39 -8.29
CA ILE A 42 -0.87 -9.60 -6.97
C ILE A 42 0.65 -9.65 -7.03
N LEU A 43 1.18 -10.26 -8.09
CA LEU A 43 2.62 -10.40 -8.26
C LEU A 43 3.33 -9.08 -7.93
N GLU A 44 3.10 -8.06 -8.76
CA GLU A 44 3.69 -6.75 -8.53
C GLU A 44 3.32 -6.24 -7.13
N LEU A 45 2.07 -6.48 -6.75
CA LEU A 45 1.59 -6.08 -5.43
C LEU A 45 2.57 -6.55 -4.37
N SER A 46 3.14 -7.73 -4.56
CA SER A 46 4.10 -8.26 -3.61
C SER A 46 5.15 -7.20 -3.30
N HIS A 47 5.66 -6.57 -4.35
CA HIS A 47 6.66 -5.52 -4.20
C HIS A 47 6.09 -4.34 -3.43
N ILE A 48 4.93 -3.87 -3.86
CA ILE A 48 4.27 -2.76 -3.18
C ILE A 48 4.18 -3.04 -1.69
N TRP A 49 3.66 -4.21 -1.34
CA TRP A 49 3.54 -4.58 0.06
C TRP A 49 4.86 -4.36 0.79
N GLU A 50 5.94 -4.97 0.28
CA GLU A 50 7.24 -4.80 0.90
C GLU A 50 7.56 -3.33 1.10
N LEU A 51 7.51 -2.55 0.02
CA LEU A 51 7.76 -1.11 0.13
C LEU A 51 6.75 -0.44 1.05
N SER A 52 5.59 -1.07 1.17
CA SER A 52 4.52 -0.56 2.02
C SER A 52 4.71 -0.98 3.47
N ASP A 53 5.37 -2.12 3.70
CA ASP A 53 5.58 -2.63 5.04
C ASP A 53 6.96 -2.27 5.59
N PHE A 54 7.22 -0.97 5.75
CA PHE A 54 8.51 -0.52 6.26
C PHE A 54 8.92 -1.29 7.52
N ASP A 55 7.95 -1.93 8.15
CA ASP A 55 8.20 -2.71 9.35
C ASP A 55 8.40 -4.18 9.00
N LYS A 56 7.76 -4.62 7.92
CA LYS A 56 7.85 -6.00 7.48
C LYS A 56 7.32 -6.95 8.55
N ASP A 57 6.13 -6.65 9.04
CA ASP A 57 5.50 -7.44 10.09
C ASP A 57 4.47 -8.41 9.53
N GLY A 58 3.63 -7.90 8.66
CA GLY A 58 2.57 -8.72 8.08
C GLY A 58 1.25 -7.97 8.06
N ALA A 59 1.14 -6.99 8.95
CA ALA A 59 -0.05 -6.17 9.07
C ALA A 59 0.18 -4.77 8.49
N LEU A 60 -0.82 -4.25 7.79
CA LEU A 60 -0.73 -2.94 7.18
C LEU A 60 -1.43 -1.89 8.03
N THR A 61 -0.69 -0.85 8.40
CA THR A 61 -1.27 0.24 9.18
C THR A 61 -1.88 1.28 8.27
N LEU A 62 -2.95 1.89 8.73
CA LEU A 62 -3.65 2.90 7.95
C LEU A 62 -2.63 3.79 7.22
N ASP A 63 -1.61 4.27 7.92
CA ASP A 63 -0.61 5.10 7.26
C ASP A 63 0.09 4.34 6.16
N GLU A 64 0.50 3.11 6.45
CA GLU A 64 1.13 2.30 5.43
C GLU A 64 0.21 2.33 4.22
N PHE A 65 -1.08 2.20 4.50
CA PHE A 65 -2.14 2.25 3.49
C PHE A 65 -2.13 3.58 2.74
N CYS A 66 -2.21 4.66 3.50
CA CYS A 66 -2.20 6.00 2.92
C CYS A 66 -0.98 6.20 2.03
N ALA A 67 0.17 5.85 2.56
CA ALA A 67 1.42 6.00 1.83
C ALA A 67 1.46 5.09 0.60
N ALA A 68 1.20 3.80 0.80
CA ALA A 68 1.22 2.83 -0.29
C ALA A 68 0.21 3.16 -1.39
N PHE A 69 -1.03 3.44 -1.00
CA PHE A 69 -2.06 3.76 -1.97
C PHE A 69 -1.64 4.92 -2.87
N HIS A 70 -1.13 5.98 -2.23
CA HIS A 70 -0.67 7.15 -2.97
C HIS A 70 0.30 6.74 -4.06
N LEU A 71 1.33 6.01 -3.67
CA LEU A 71 2.33 5.55 -4.62
C LEU A 71 1.69 4.76 -5.75
N VAL A 72 0.88 3.78 -5.39
CA VAL A 72 0.20 2.95 -6.38
C VAL A 72 -0.55 3.81 -7.40
N VAL A 73 -1.20 4.85 -6.91
CA VAL A 73 -1.95 5.76 -7.77
C VAL A 73 -1.14 6.14 -9.01
N ALA A 74 0.12 6.50 -8.80
CA ALA A 74 0.99 6.88 -9.90
C ALA A 74 0.91 5.87 -11.05
N ARG A 75 0.75 4.61 -10.67
CA ARG A 75 0.65 3.52 -11.63
C ARG A 75 -0.35 3.84 -12.73
N LYS A 76 -1.36 4.64 -12.39
CA LYS A 76 -2.39 5.03 -13.35
C LYS A 76 -1.77 5.52 -14.65
N ASN A 77 -0.64 6.21 -14.54
CA ASN A 77 0.04 6.76 -15.71
C ASN A 77 1.14 5.81 -16.22
N GLY A 78 2.05 5.43 -15.33
CA GLY A 78 3.13 4.54 -15.71
C GLY A 78 4.48 5.05 -15.23
N TYR A 79 5.20 4.21 -14.47
CA TYR A 79 6.50 4.60 -13.95
C TYR A 79 7.33 3.38 -13.54
N ASP A 80 8.65 3.49 -13.69
CA ASP A 80 9.56 2.40 -13.36
C ASP A 80 9.44 2.00 -11.88
N LEU A 81 10.36 1.16 -11.42
CA LEU A 81 10.33 0.69 -10.04
C LEU A 81 11.72 0.67 -9.39
N PRO A 82 12.08 1.76 -8.68
CA PRO A 82 13.36 1.89 -7.99
C PRO A 82 13.36 1.14 -6.64
N GLU A 83 14.38 0.33 -6.40
CA GLU A 83 14.47 -0.43 -5.15
C GLU A 83 14.44 0.47 -3.91
N LYS A 84 13.45 0.23 -3.04
CA LYS A 84 13.27 1.00 -1.81
C LYS A 84 13.83 0.29 -0.58
N LEU A 85 13.62 -1.01 -0.50
CA LEU A 85 14.06 -1.80 0.64
C LEU A 85 15.58 -1.89 0.80
N PRO A 86 16.09 -1.53 1.97
CA PRO A 86 17.52 -1.58 2.27
C PRO A 86 18.00 -3.00 2.58
N GLU A 87 18.06 -3.85 1.55
CA GLU A 87 18.49 -5.25 1.72
C GLU A 87 19.94 -5.35 2.21
N SER A 88 20.16 -4.86 3.41
CA SER A 88 21.48 -4.88 4.05
C SER A 88 21.30 -5.16 5.54
N LEU A 89 20.20 -4.65 6.06
CA LEU A 89 19.85 -4.82 7.47
C LEU A 89 18.85 -5.98 7.62
N MET A 90 17.82 -5.96 6.78
CA MET A 90 16.81 -7.02 6.80
C MET A 90 17.18 -8.14 5.84
N PRO A 91 17.42 -9.34 6.37
CA PRO A 91 17.78 -10.50 5.57
C PRO A 91 16.56 -11.22 4.98
N LYS A 92 16.66 -11.62 3.72
CA LYS A 92 15.56 -12.34 3.05
C LYS A 92 16.11 -13.50 2.21
N TRP A 1 6.05 11.67 1.17
CA TRP A 1 4.85 11.55 0.30
C TRP A 1 3.66 12.33 0.86
N LYS A 2 3.80 13.64 0.93
CA LYS A 2 2.73 14.47 1.44
C LYS A 2 1.44 14.21 0.65
N ILE A 3 0.32 14.12 1.35
CA ILE A 3 -0.96 13.81 0.71
C ILE A 3 -1.93 14.99 0.74
N THR A 4 -2.62 15.22 -0.37
CA THR A 4 -3.61 16.30 -0.43
C THR A 4 -4.85 15.89 0.34
N ASP A 5 -5.30 16.75 1.22
CA ASP A 5 -6.48 16.45 2.01
C ASP A 5 -7.59 15.87 1.13
N GLU A 6 -7.77 16.45 -0.06
CA GLU A 6 -8.78 15.97 -1.01
C GLU A 6 -8.59 14.50 -1.33
N GLN A 7 -7.37 14.13 -1.69
CA GLN A 7 -7.06 12.76 -2.02
C GLN A 7 -7.14 11.87 -0.79
N ARG A 8 -6.83 12.43 0.36
CA ARG A 8 -6.89 11.67 1.59
C ARG A 8 -8.28 11.08 1.81
N GLN A 9 -9.32 11.90 1.65
CA GLN A 9 -10.68 11.40 1.80
C GLN A 9 -10.97 10.33 0.76
N TYR A 10 -10.39 10.48 -0.42
CA TYR A 10 -10.56 9.51 -1.49
C TYR A 10 -10.09 8.13 -1.07
N TYR A 11 -8.86 8.07 -0.59
CA TYR A 11 -8.28 6.80 -0.15
C TYR A 11 -9.04 6.22 1.04
N VAL A 12 -9.34 7.06 2.02
CA VAL A 12 -10.07 6.62 3.20
C VAL A 12 -11.52 6.29 2.88
N ASN A 13 -12.09 7.00 1.90
CA ASN A 13 -13.48 6.77 1.51
C ASN A 13 -13.80 5.28 1.40
N GLN A 14 -12.96 4.56 0.67
CA GLN A 14 -13.15 3.13 0.47
C GLN A 14 -12.62 2.31 1.66
N PHE A 15 -11.36 2.53 2.00
CA PHE A 15 -10.74 1.81 3.11
C PHE A 15 -11.49 2.00 4.42
N LYS A 16 -12.19 3.11 4.55
CA LYS A 16 -12.94 3.40 5.76
C LYS A 16 -13.66 2.15 6.26
N THR A 17 -14.10 1.31 5.34
CA THR A 17 -14.80 0.08 5.71
C THR A 17 -13.94 -0.77 6.63
N ILE A 18 -12.64 -0.81 6.36
CA ILE A 18 -11.70 -1.57 7.18
C ILE A 18 -10.91 -0.67 8.10
N GLN A 19 -10.35 0.42 7.56
CA GLN A 19 -9.55 1.34 8.35
C GLN A 19 -9.76 2.80 7.94
N PRO A 20 -10.76 3.49 8.52
CA PRO A 20 -11.03 4.89 8.20
C PRO A 20 -9.86 5.80 8.59
N ASP A 21 -9.65 5.94 9.90
CA ASP A 21 -8.59 6.78 10.44
C ASP A 21 -8.33 6.38 11.89
N LEU A 22 -8.50 5.09 12.18
CA LEU A 22 -8.31 4.56 13.54
C LEU A 22 -6.86 4.12 13.80
N ASN A 23 -6.71 2.93 14.38
CA ASN A 23 -5.39 2.39 14.69
C ASN A 23 -5.38 0.87 14.44
N GLY A 24 -6.07 0.47 13.38
CA GLY A 24 -6.14 -0.95 13.03
C GLY A 24 -5.19 -1.33 11.91
N PHE A 25 -4.68 -2.55 11.98
CA PHE A 25 -3.75 -3.05 10.97
C PHE A 25 -4.43 -4.02 10.01
N ILE A 26 -4.10 -3.89 8.72
CA ILE A 26 -4.66 -4.74 7.69
C ILE A 26 -3.69 -5.83 7.24
N PRO A 27 -4.12 -7.08 7.26
CA PRO A 27 -3.30 -8.20 6.83
C PRO A 27 -3.10 -8.21 5.32
N GLY A 28 -1.95 -8.70 4.87
CA GLY A 28 -1.69 -8.75 3.44
C GLY A 28 -2.88 -9.30 2.66
N SER A 29 -3.65 -10.15 3.31
CA SER A 29 -4.83 -10.74 2.68
C SER A 29 -5.80 -9.64 2.24
N ALA A 30 -6.28 -8.86 3.19
CA ALA A 30 -7.20 -7.77 2.89
C ALA A 30 -6.59 -6.85 1.86
N ALA A 31 -5.31 -6.51 2.07
CA ALA A 31 -4.62 -5.62 1.13
C ALA A 31 -4.68 -6.18 -0.28
N LYS A 32 -4.24 -7.42 -0.45
CA LYS A 32 -4.28 -8.06 -1.75
C LYS A 32 -5.70 -8.06 -2.30
N GLU A 33 -6.64 -8.54 -1.51
CA GLU A 33 -8.04 -8.55 -1.95
C GLU A 33 -8.50 -7.15 -2.35
N PHE A 34 -8.16 -6.18 -1.52
CA PHE A 34 -8.55 -4.80 -1.78
C PHE A 34 -7.90 -4.28 -3.05
N PHE A 35 -6.58 -4.37 -3.10
CA PHE A 35 -5.84 -3.92 -4.27
C PHE A 35 -6.34 -4.64 -5.52
N THR A 36 -6.44 -5.97 -5.45
CA THR A 36 -6.94 -6.74 -6.57
C THR A 36 -8.23 -6.13 -7.10
N LYS A 37 -9.10 -5.72 -6.18
CA LYS A 37 -10.37 -5.11 -6.56
C LYS A 37 -10.16 -3.80 -7.32
N SER A 38 -9.09 -3.09 -6.99
CA SER A 38 -8.80 -1.82 -7.68
C SER A 38 -8.72 -2.04 -9.19
N LYS A 39 -7.85 -2.95 -9.61
CA LYS A 39 -7.67 -3.28 -11.02
C LYS A 39 -6.30 -3.88 -11.28
N LEU A 40 -5.26 -3.20 -10.83
CA LEU A 40 -3.90 -3.67 -11.03
C LEU A 40 -3.75 -5.13 -10.60
N PRO A 41 -3.03 -5.92 -11.41
CA PRO A 41 -2.81 -7.34 -11.12
C PRO A 41 -2.03 -7.57 -9.83
N ILE A 42 -2.43 -8.59 -9.08
CA ILE A 42 -1.76 -8.91 -7.82
C ILE A 42 -0.24 -8.93 -7.97
N LEU A 43 0.22 -9.12 -9.20
CA LEU A 43 1.65 -9.15 -9.50
C LEU A 43 2.38 -7.97 -8.85
N GLU A 44 2.14 -6.77 -9.38
CA GLU A 44 2.76 -5.57 -8.85
C GLU A 44 2.43 -5.43 -7.35
N LEU A 45 1.21 -5.82 -6.98
CA LEU A 45 0.74 -5.75 -5.60
C LEU A 45 1.78 -6.23 -4.60
N SER A 46 2.40 -7.37 -4.87
CA SER A 46 3.42 -7.91 -3.97
C SER A 46 4.54 -6.89 -3.76
N HIS A 47 5.04 -6.33 -4.84
CA HIS A 47 6.09 -5.32 -4.78
C HIS A 47 5.68 -4.19 -3.83
N ILE A 48 4.49 -3.67 -4.06
CA ILE A 48 3.93 -2.60 -3.24
C ILE A 48 3.97 -2.95 -1.76
N TRP A 49 3.56 -4.16 -1.42
CA TRP A 49 3.54 -4.56 -0.02
C TRP A 49 4.90 -4.29 0.63
N GLU A 50 5.96 -4.83 0.03
CA GLU A 50 7.31 -4.65 0.56
C GLU A 50 7.61 -3.18 0.78
N LEU A 51 7.46 -2.38 -0.27
CA LEU A 51 7.69 -0.94 -0.19
C LEU A 51 6.76 -0.30 0.82
N SER A 52 5.60 -0.93 1.00
CA SER A 52 4.59 -0.45 1.94
C SER A 52 4.82 -1.00 3.36
N ASP A 53 5.49 -2.13 3.44
CA ASP A 53 5.75 -2.79 4.72
C ASP A 53 7.16 -2.50 5.25
N PHE A 54 7.52 -1.21 5.34
CA PHE A 54 8.85 -0.80 5.80
C PHE A 54 9.12 -1.20 7.26
N ASP A 55 8.17 -1.83 7.90
CA ASP A 55 8.34 -2.25 9.30
C ASP A 55 8.71 -3.73 9.38
N LYS A 56 8.17 -4.52 8.48
CA LYS A 56 8.41 -5.96 8.48
C LYS A 56 7.66 -6.64 9.61
N ASP A 57 6.41 -6.25 9.79
CA ASP A 57 5.58 -6.83 10.85
C ASP A 57 4.68 -7.93 10.27
N GLY A 58 4.37 -7.78 8.99
CA GLY A 58 3.49 -8.71 8.32
C GLY A 58 2.07 -8.19 8.27
N ALA A 59 1.91 -6.92 8.63
CA ALA A 59 0.62 -6.26 8.65
C ALA A 59 0.74 -4.81 8.17
N LEU A 60 -0.33 -4.29 7.58
CA LEU A 60 -0.33 -2.93 7.08
C LEU A 60 -1.01 -1.97 8.06
N THR A 61 -0.30 -0.93 8.46
CA THR A 61 -0.87 0.05 9.37
C THR A 61 -1.53 1.18 8.59
N LEU A 62 -2.54 1.81 9.15
CA LEU A 62 -3.23 2.89 8.47
C LEU A 62 -2.21 3.80 7.75
N ASP A 63 -1.08 4.06 8.41
CA ASP A 63 -0.02 4.86 7.80
C ASP A 63 0.47 4.16 6.54
N GLU A 64 0.81 2.89 6.68
CA GLU A 64 1.25 2.08 5.55
C GLU A 64 0.16 2.12 4.48
N PHE A 65 -1.08 2.12 4.92
CA PHE A 65 -2.23 2.19 4.03
C PHE A 65 -2.22 3.51 3.25
N CYS A 66 -2.14 4.60 3.99
CA CYS A 66 -2.09 5.93 3.40
C CYS A 66 -0.94 6.05 2.41
N ALA A 67 0.25 5.65 2.84
CA ALA A 67 1.42 5.70 1.97
C ALA A 67 1.28 4.74 0.79
N ALA A 68 0.95 3.49 1.09
CA ALA A 68 0.78 2.47 0.06
C ALA A 68 -0.15 2.97 -1.05
N PHE A 69 -1.35 3.39 -0.67
CA PHE A 69 -2.29 3.88 -1.65
C PHE A 69 -1.65 4.95 -2.53
N HIS A 70 -0.95 5.90 -1.91
CA HIS A 70 -0.29 6.95 -2.64
C HIS A 70 0.71 6.37 -3.63
N LEU A 71 1.63 5.55 -3.11
CA LEU A 71 2.64 4.94 -3.94
C LEU A 71 1.99 4.22 -5.13
N VAL A 72 0.98 3.43 -4.86
CA VAL A 72 0.29 2.70 -5.91
C VAL A 72 -0.34 3.68 -6.92
N VAL A 73 -1.09 4.64 -6.43
CA VAL A 73 -1.75 5.63 -7.29
C VAL A 73 -0.79 6.14 -8.37
N ALA A 74 0.39 6.57 -7.94
CA ALA A 74 1.39 7.09 -8.87
C ALA A 74 1.56 6.17 -10.08
N ARG A 75 1.44 4.87 -9.85
CA ARG A 75 1.59 3.90 -10.93
C ARG A 75 0.72 4.26 -12.13
N LYS A 76 -0.45 4.83 -11.85
CA LYS A 76 -1.39 5.22 -12.91
C LYS A 76 -0.74 6.21 -13.88
N ASN A 77 -0.15 7.26 -13.33
CA ASN A 77 0.50 8.28 -14.16
C ASN A 77 1.82 7.75 -14.72
N GLY A 78 2.57 7.01 -13.91
CA GLY A 78 3.84 6.47 -14.37
C GLY A 78 4.89 6.40 -13.26
N TYR A 79 5.98 7.14 -13.44
CA TYR A 79 7.06 7.20 -12.47
C TYR A 79 7.61 5.82 -12.11
N ASP A 80 8.82 5.53 -12.56
CA ASP A 80 9.46 4.25 -12.26
C ASP A 80 9.83 4.16 -10.78
N LEU A 81 9.66 2.98 -10.19
CA LEU A 81 10.01 2.77 -8.79
C LEU A 81 11.23 1.85 -8.65
N PRO A 82 12.40 2.41 -8.31
CA PRO A 82 13.63 1.63 -8.14
C PRO A 82 13.56 0.65 -6.96
N GLU A 83 13.71 -0.64 -7.23
CA GLU A 83 13.66 -1.67 -6.20
C GLU A 83 14.92 -1.68 -5.34
N LYS A 84 14.96 -0.84 -4.33
CA LYS A 84 16.11 -0.77 -3.43
C LYS A 84 16.16 -1.94 -2.44
N LEU A 85 15.01 -2.30 -1.89
CA LEU A 85 14.94 -3.39 -0.92
C LEU A 85 15.82 -4.57 -1.36
N PRO A 86 15.57 -5.12 -2.56
CA PRO A 86 16.35 -6.23 -3.10
C PRO A 86 17.72 -5.74 -3.57
N GLU A 87 17.83 -4.43 -3.72
CA GLU A 87 19.06 -3.79 -4.17
C GLU A 87 20.22 -4.11 -3.24
N SER A 88 20.06 -3.83 -1.95
CA SER A 88 21.12 -4.11 -0.99
C SER A 88 20.59 -4.56 0.37
N LEU A 89 19.33 -4.94 0.44
CA LEU A 89 18.73 -5.36 1.71
C LEU A 89 18.38 -6.85 1.69
N MET A 90 17.60 -7.26 0.70
CA MET A 90 17.20 -8.67 0.58
C MET A 90 17.93 -9.38 -0.56
N PRO A 91 19.28 -9.37 -0.54
CA PRO A 91 20.08 -10.04 -1.56
C PRO A 91 20.09 -11.56 -1.37
N LYS A 92 21.20 -12.20 -1.74
CA LYS A 92 21.33 -13.66 -1.60
C LYS A 92 22.71 -14.04 -1.07
N TRP A 1 3.27 12.42 -8.12
CA TRP A 1 3.53 12.19 -6.67
C TRP A 1 2.99 13.33 -5.83
N LYS A 2 3.53 13.51 -4.62
CA LYS A 2 3.08 14.57 -3.73
C LYS A 2 1.66 14.31 -3.22
N ILE A 3 1.57 13.83 -1.99
CA ILE A 3 0.29 13.51 -1.36
C ILE A 3 -0.52 14.75 -1.00
N THR A 4 -1.84 14.63 -1.11
CA THR A 4 -2.74 15.73 -0.78
C THR A 4 -3.95 15.19 -0.01
N ASP A 5 -4.43 15.94 1.00
CA ASP A 5 -5.56 15.49 1.81
C ASP A 5 -6.71 14.99 0.95
N GLU A 6 -6.93 15.69 -0.15
CA GLU A 6 -7.98 15.35 -1.09
C GLU A 6 -7.88 13.87 -1.44
N GLN A 7 -6.65 13.41 -1.63
CA GLN A 7 -6.40 12.02 -1.94
C GLN A 7 -6.52 11.18 -0.66
N ARG A 8 -5.96 11.69 0.43
CA ARG A 8 -6.05 10.98 1.72
C ARG A 8 -7.47 10.54 2.00
N GLN A 9 -8.37 11.52 1.97
CA GLN A 9 -9.77 11.28 2.22
C GLN A 9 -10.37 10.29 1.22
N TYR A 10 -10.09 10.51 -0.06
CA TYR A 10 -10.60 9.63 -1.10
C TYR A 10 -10.42 8.16 -0.74
N TYR A 11 -9.19 7.79 -0.41
CA TYR A 11 -8.88 6.41 -0.03
C TYR A 11 -9.67 6.00 1.20
N VAL A 12 -9.58 6.82 2.24
CA VAL A 12 -10.29 6.54 3.49
C VAL A 12 -11.79 6.33 3.24
N ASN A 13 -12.36 7.15 2.37
CA ASN A 13 -13.78 7.04 2.05
C ASN A 13 -14.15 5.57 1.80
N GLN A 14 -13.21 4.84 1.20
CA GLN A 14 -13.43 3.43 0.91
C GLN A 14 -12.83 2.54 2.01
N PHE A 15 -11.54 2.74 2.28
CA PHE A 15 -10.87 1.95 3.31
C PHE A 15 -11.57 2.06 4.67
N LYS A 16 -12.31 3.14 4.87
CA LYS A 16 -13.02 3.36 6.14
C LYS A 16 -13.68 2.09 6.67
N THR A 17 -14.21 1.26 5.77
CA THR A 17 -14.87 0.00 6.18
C THR A 17 -13.90 -0.92 6.90
N ILE A 18 -12.64 -0.53 6.91
CA ILE A 18 -11.60 -1.32 7.55
C ILE A 18 -10.61 -0.43 8.31
N GLN A 19 -10.04 0.57 7.64
CA GLN A 19 -9.08 1.46 8.28
C GLN A 19 -9.23 2.92 7.83
N PRO A 20 -10.13 3.69 8.47
CA PRO A 20 -10.33 5.10 8.12
C PRO A 20 -9.11 5.98 8.44
N ASP A 21 -8.77 6.08 9.73
CA ASP A 21 -7.64 6.89 10.17
C ASP A 21 -7.19 6.44 11.57
N LEU A 22 -7.46 5.19 11.90
CA LEU A 22 -7.10 4.64 13.21
C LEU A 22 -5.70 4.02 13.21
N ASN A 23 -5.32 3.46 14.35
CA ASN A 23 -4.02 2.82 14.47
C ASN A 23 -4.16 1.32 14.26
N GLY A 24 -4.98 0.96 13.28
CA GLY A 24 -5.22 -0.43 12.97
C GLY A 24 -4.39 -0.91 11.79
N PHE A 25 -4.14 -2.21 11.73
CA PHE A 25 -3.34 -2.78 10.65
C PHE A 25 -4.15 -3.80 9.85
N ILE A 26 -4.15 -3.63 8.54
CA ILE A 26 -4.87 -4.53 7.65
C ILE A 26 -3.97 -5.68 7.22
N PRO A 27 -4.51 -6.91 7.24
CA PRO A 27 -3.76 -8.09 6.84
C PRO A 27 -3.50 -8.10 5.34
N GLY A 28 -2.33 -8.59 4.93
CA GLY A 28 -2.02 -8.64 3.52
C GLY A 28 -3.17 -9.21 2.72
N SER A 29 -3.95 -10.06 3.38
CA SER A 29 -5.11 -10.70 2.74
C SER A 29 -6.05 -9.66 2.13
N ALA A 30 -6.55 -8.73 2.94
CA ALA A 30 -7.45 -7.70 2.46
C ALA A 30 -6.76 -6.83 1.41
N ALA A 31 -5.57 -6.33 1.77
CA ALA A 31 -4.81 -5.49 0.88
C ALA A 31 -4.60 -6.16 -0.47
N LYS A 32 -4.27 -7.44 -0.44
CA LYS A 32 -4.05 -8.22 -1.64
C LYS A 32 -5.24 -8.14 -2.57
N GLU A 33 -6.40 -8.50 -2.05
CA GLU A 33 -7.63 -8.49 -2.79
C GLU A 33 -8.09 -7.07 -3.11
N PHE A 34 -8.20 -6.24 -2.08
CA PHE A 34 -8.62 -4.87 -2.24
C PHE A 34 -7.84 -4.19 -3.36
N PHE A 35 -6.51 -4.24 -3.25
CA PHE A 35 -5.65 -3.64 -4.27
C PHE A 35 -5.80 -4.37 -5.61
N THR A 36 -5.59 -5.69 -5.58
CA THR A 36 -5.72 -6.49 -6.80
C THR A 36 -6.95 -6.07 -7.60
N LYS A 37 -8.04 -5.85 -6.88
CA LYS A 37 -9.29 -5.44 -7.48
C LYS A 37 -9.12 -4.22 -8.39
N SER A 38 -8.22 -3.31 -8.00
CA SER A 38 -7.98 -2.12 -8.79
C SER A 38 -7.76 -2.47 -10.26
N LYS A 39 -6.87 -3.42 -10.51
CA LYS A 39 -6.57 -3.87 -11.87
C LYS A 39 -5.19 -4.52 -11.95
N LEU A 40 -4.19 -3.84 -11.38
CA LEU A 40 -2.82 -4.37 -11.40
C LEU A 40 -2.76 -5.80 -10.88
N PRO A 41 -2.00 -6.66 -11.57
CA PRO A 41 -1.84 -8.06 -11.20
C PRO A 41 -1.11 -8.23 -9.86
N ILE A 42 -1.77 -8.91 -8.92
CA ILE A 42 -1.19 -9.14 -7.60
C ILE A 42 0.31 -9.41 -7.68
N LEU A 43 0.73 -10.07 -8.75
CA LEU A 43 2.14 -10.38 -8.94
C LEU A 43 2.97 -9.12 -8.68
N GLU A 44 2.55 -8.01 -9.28
CA GLU A 44 3.22 -6.73 -9.07
C GLU A 44 3.00 -6.25 -7.64
N LEU A 45 1.73 -6.22 -7.24
CA LEU A 45 1.35 -5.79 -5.90
C LEU A 45 2.28 -6.35 -4.82
N SER A 46 2.62 -7.62 -4.91
CA SER A 46 3.50 -8.25 -3.92
C SER A 46 4.66 -7.31 -3.58
N HIS A 47 5.20 -6.66 -4.59
CA HIS A 47 6.32 -5.74 -4.40
C HIS A 47 5.90 -4.49 -3.59
N ILE A 48 4.69 -4.00 -3.85
CA ILE A 48 4.17 -2.81 -3.16
C ILE A 48 4.13 -2.99 -1.64
N TRP A 49 3.60 -4.13 -1.18
CA TRP A 49 3.50 -4.38 0.25
C TRP A 49 4.78 -4.00 0.96
N GLU A 50 5.89 -4.58 0.50
CA GLU A 50 7.18 -4.29 1.11
C GLU A 50 7.38 -2.79 1.25
N LEU A 51 7.21 -2.06 0.16
CA LEU A 51 7.35 -0.60 0.18
C LEU A 51 6.53 0.01 1.31
N SER A 52 5.36 -0.55 1.57
CA SER A 52 4.49 -0.06 2.64
C SER A 52 4.77 -0.74 3.96
N ASP A 53 5.42 -1.89 3.91
CA ASP A 53 5.68 -2.67 5.11
C ASP A 53 7.08 -2.44 5.66
N PHE A 54 7.53 -1.18 5.72
CA PHE A 54 8.87 -0.89 6.25
C PHE A 54 9.06 -1.47 7.65
N ASP A 55 8.00 -2.04 8.21
CA ASP A 55 8.08 -2.63 9.54
C ASP A 55 8.29 -4.14 9.43
N LYS A 56 7.79 -4.72 8.34
CA LYS A 56 7.92 -6.14 8.11
C LYS A 56 7.16 -6.93 9.18
N ASP A 57 5.96 -6.47 9.49
CA ASP A 57 5.12 -7.13 10.49
C ASP A 57 4.11 -8.05 9.82
N GLY A 58 3.97 -7.89 8.52
CA GLY A 58 3.01 -8.70 7.79
C GLY A 58 1.62 -8.11 7.89
N ALA A 59 1.55 -6.87 8.33
CA ALA A 59 0.28 -6.16 8.48
C ALA A 59 0.44 -4.70 8.04
N LEU A 60 -0.56 -4.16 7.36
CA LEU A 60 -0.48 -2.79 6.89
C LEU A 60 -1.17 -1.82 7.84
N THR A 61 -0.40 -0.90 8.38
CA THR A 61 -0.96 0.10 9.28
C THR A 61 -1.58 1.24 8.49
N LEU A 62 -2.52 1.95 9.09
CA LEU A 62 -3.17 3.06 8.40
C LEU A 62 -2.11 3.87 7.64
N ASP A 63 -0.95 4.06 8.27
CA ASP A 63 0.15 4.77 7.66
C ASP A 63 0.56 4.09 6.36
N GLU A 64 0.87 2.80 6.48
CA GLU A 64 1.25 1.99 5.35
C GLU A 64 0.14 2.00 4.30
N PHE A 65 -1.09 2.08 4.78
CA PHE A 65 -2.26 2.14 3.91
C PHE A 65 -2.24 3.42 3.07
N CYS A 66 -2.16 4.55 3.77
CA CYS A 66 -2.11 5.86 3.14
C CYS A 66 -0.99 5.91 2.09
N ALA A 67 0.20 5.54 2.53
CA ALA A 67 1.35 5.54 1.62
C ALA A 67 1.14 4.51 0.51
N ALA A 68 0.60 3.34 0.88
CA ALA A 68 0.37 2.27 -0.08
C ALA A 68 -0.59 2.70 -1.20
N PHE A 69 -1.76 3.17 -0.83
CA PHE A 69 -2.75 3.59 -1.83
C PHE A 69 -2.20 4.70 -2.70
N HIS A 70 -1.71 5.77 -2.06
CA HIS A 70 -1.15 6.88 -2.80
C HIS A 70 -0.04 6.40 -3.72
N LEU A 71 0.93 5.70 -3.14
CA LEU A 71 2.05 5.17 -3.91
C LEU A 71 1.53 4.40 -5.12
N VAL A 72 0.67 3.42 -4.88
CA VAL A 72 0.11 2.63 -5.96
C VAL A 72 -0.40 3.54 -7.07
N VAL A 73 -1.09 4.60 -6.69
CA VAL A 73 -1.60 5.56 -7.66
C VAL A 73 -0.51 6.01 -8.61
N ALA A 74 0.67 6.25 -8.06
CA ALA A 74 1.82 6.69 -8.85
C ALA A 74 2.21 5.68 -9.93
N ARG A 75 2.06 4.41 -9.60
CA ARG A 75 2.41 3.36 -10.54
C ARG A 75 1.85 3.66 -11.93
N LYS A 76 0.59 4.12 -11.96
CA LYS A 76 -0.07 4.47 -13.22
C LYS A 76 0.89 5.20 -14.16
N ASN A 77 1.80 6.00 -13.59
CA ASN A 77 2.77 6.73 -14.38
C ASN A 77 4.15 6.65 -13.74
N GLY A 78 4.53 5.44 -13.34
CA GLY A 78 5.82 5.25 -12.71
C GLY A 78 6.22 3.79 -12.59
N TYR A 79 6.33 3.12 -13.72
CA TYR A 79 6.72 1.72 -13.71
C TYR A 79 8.04 1.56 -12.96
N ASP A 80 8.99 2.46 -13.26
CA ASP A 80 10.30 2.45 -12.61
C ASP A 80 10.18 2.84 -11.14
N LEU A 81 10.90 2.13 -10.28
CA LEU A 81 10.89 2.41 -8.85
C LEU A 81 12.09 1.77 -8.15
N PRO A 82 12.91 2.58 -7.49
CA PRO A 82 14.09 2.10 -6.76
C PRO A 82 13.72 1.45 -5.42
N GLU A 83 14.16 0.21 -5.22
CA GLU A 83 13.86 -0.53 -4.00
C GLU A 83 14.57 0.05 -2.78
N LYS A 84 13.83 0.25 -1.69
CA LYS A 84 14.41 0.80 -0.47
C LYS A 84 14.55 -0.24 0.65
N LEU A 85 13.65 -1.21 0.69
CA LEU A 85 13.69 -2.25 1.73
C LEU A 85 15.04 -2.97 1.72
N PRO A 86 15.82 -2.83 2.80
CA PRO A 86 17.14 -3.45 2.92
C PRO A 86 17.10 -4.94 3.34
N GLU A 87 17.49 -5.81 2.42
CA GLU A 87 17.50 -7.26 2.68
C GLU A 87 18.13 -7.60 4.03
N SER A 88 19.02 -6.74 4.51
CA SER A 88 19.71 -6.97 5.77
C SER A 88 19.04 -6.24 6.94
N LEU A 89 18.38 -5.13 6.65
CA LEU A 89 17.71 -4.37 7.71
C LEU A 89 16.20 -4.40 7.57
N MET A 90 15.65 -5.57 7.27
CA MET A 90 14.20 -5.71 7.14
C MET A 90 13.52 -5.72 8.51
N PRO A 91 13.93 -6.63 9.42
CA PRO A 91 13.35 -6.73 10.75
C PRO A 91 13.80 -5.61 11.69
N LYS A 92 13.11 -5.45 12.82
CA LYS A 92 13.45 -4.42 13.79
C LYS A 92 13.53 -4.98 15.21
N TRP A 1 5.72 11.59 2.31
CA TRP A 1 5.52 11.78 0.85
C TRP A 1 4.59 12.95 0.58
N LYS A 2 4.45 13.32 -0.69
CA LYS A 2 3.58 14.43 -1.10
C LYS A 2 2.10 14.09 -0.88
N ILE A 3 1.75 13.71 0.33
CA ILE A 3 0.37 13.36 0.65
C ILE A 3 -0.47 14.59 0.99
N THR A 4 -1.68 14.64 0.46
CA THR A 4 -2.59 15.75 0.75
C THR A 4 -3.83 15.25 1.47
N ASP A 5 -4.24 15.96 2.52
CA ASP A 5 -5.41 15.55 3.30
C ASP A 5 -6.56 15.15 2.37
N GLU A 6 -6.73 15.88 1.28
CA GLU A 6 -7.79 15.57 0.33
C GLU A 6 -7.70 14.13 -0.13
N GLN A 7 -6.54 13.75 -0.66
CA GLN A 7 -6.34 12.39 -1.12
C GLN A 7 -6.40 11.42 0.05
N ARG A 8 -5.71 11.76 1.13
CA ARG A 8 -5.71 10.92 2.32
C ARG A 8 -7.14 10.53 2.65
N GLN A 9 -8.01 11.53 2.76
CA GLN A 9 -9.40 11.31 3.04
C GLN A 9 -10.07 10.59 1.87
N TYR A 10 -9.73 11.01 0.67
CA TYR A 10 -10.29 10.41 -0.54
C TYR A 10 -10.29 8.90 -0.43
N TYR A 11 -9.13 8.33 -0.12
CA TYR A 11 -9.01 6.88 0.01
C TYR A 11 -9.67 6.37 1.28
N VAL A 12 -9.39 7.02 2.40
CA VAL A 12 -9.97 6.62 3.68
C VAL A 12 -11.47 6.41 3.54
N ASN A 13 -12.11 7.27 2.76
CA ASN A 13 -13.54 7.17 2.53
C ASN A 13 -13.97 5.75 2.17
N GLN A 14 -13.17 5.07 1.36
CA GLN A 14 -13.50 3.70 0.95
C GLN A 14 -12.86 2.67 1.88
N PHE A 15 -11.58 2.85 2.17
CA PHE A 15 -10.86 1.92 3.03
C PHE A 15 -11.36 1.95 4.47
N LYS A 16 -11.94 3.06 4.89
CA LYS A 16 -12.43 3.21 6.26
C LYS A 16 -13.14 1.95 6.76
N THR A 17 -13.97 1.34 5.92
CA THR A 17 -14.68 0.13 6.33
C THR A 17 -13.72 -0.81 7.05
N ILE A 18 -12.47 -0.81 6.61
CA ILE A 18 -11.43 -1.63 7.23
C ILE A 18 -10.43 -0.77 8.00
N GLN A 19 -9.91 0.27 7.35
CA GLN A 19 -8.94 1.17 7.97
C GLN A 19 -9.57 2.54 8.24
N PRO A 20 -10.31 2.66 9.35
CA PRO A 20 -10.97 3.91 9.72
C PRO A 20 -10.00 4.99 10.22
N ASP A 21 -9.18 4.63 11.20
CA ASP A 21 -8.21 5.55 11.77
C ASP A 21 -6.98 4.77 12.28
N LEU A 22 -6.15 5.39 13.10
CA LEU A 22 -4.98 4.72 13.64
C LEU A 22 -5.37 3.69 14.72
N ASN A 23 -6.43 2.94 14.43
CA ASN A 23 -6.93 1.93 15.33
C ASN A 23 -7.32 0.68 14.55
N GLY A 24 -6.86 0.63 13.30
CA GLY A 24 -7.13 -0.51 12.43
C GLY A 24 -5.94 -0.86 11.58
N PHE A 25 -5.70 -2.15 11.35
CA PHE A 25 -4.57 -2.59 10.55
C PHE A 25 -4.98 -3.72 9.60
N ILE A 26 -4.54 -3.63 8.35
CA ILE A 26 -4.86 -4.64 7.35
C ILE A 26 -3.75 -5.69 7.20
N PRO A 27 -4.04 -6.95 7.56
CA PRO A 27 -3.07 -8.03 7.45
C PRO A 27 -2.77 -8.35 5.98
N GLY A 28 -1.58 -8.88 5.71
CA GLY A 28 -1.20 -9.19 4.33
C GLY A 28 -2.06 -10.27 3.67
N SER A 29 -3.34 -10.33 4.03
CA SER A 29 -4.25 -11.32 3.44
C SER A 29 -5.26 -10.66 2.50
N ALA A 30 -6.04 -9.72 3.03
CA ALA A 30 -7.04 -9.04 2.24
C ALA A 30 -6.41 -7.97 1.34
N ALA A 31 -5.31 -7.38 1.78
CA ALA A 31 -4.64 -6.33 1.01
C ALA A 31 -4.55 -6.70 -0.48
N LYS A 32 -3.99 -7.87 -0.77
CA LYS A 32 -3.85 -8.31 -2.14
C LYS A 32 -5.23 -8.48 -2.81
N GLU A 33 -6.15 -9.11 -2.10
CA GLU A 33 -7.50 -9.30 -2.62
C GLU A 33 -8.13 -7.95 -2.96
N PHE A 34 -8.10 -7.05 -1.98
CA PHE A 34 -8.65 -5.72 -2.15
C PHE A 34 -8.03 -5.04 -3.36
N PHE A 35 -6.69 -4.97 -3.37
CA PHE A 35 -5.98 -4.36 -4.48
C PHE A 35 -6.31 -5.05 -5.81
N THR A 36 -6.65 -6.33 -5.72
CA THR A 36 -6.99 -7.10 -6.91
C THR A 36 -7.90 -6.32 -7.86
N LYS A 37 -8.78 -5.51 -7.30
CA LYS A 37 -9.71 -4.71 -8.11
C LYS A 37 -8.97 -3.98 -9.22
N SER A 38 -7.78 -3.50 -8.90
CA SER A 38 -6.94 -2.76 -9.84
C SER A 38 -6.61 -3.58 -11.08
N LYS A 39 -6.72 -4.90 -10.98
CA LYS A 39 -6.39 -5.78 -12.09
C LYS A 39 -4.89 -5.67 -12.40
N LEU A 40 -4.15 -5.17 -11.42
CA LEU A 40 -2.70 -5.00 -11.53
C LEU A 40 -1.95 -6.33 -11.38
N PRO A 41 -0.70 -6.39 -11.87
CA PRO A 41 0.13 -7.60 -11.80
C PRO A 41 0.65 -7.89 -10.38
N ILE A 42 0.56 -9.16 -9.98
CA ILE A 42 1.03 -9.60 -8.66
C ILE A 42 2.43 -9.06 -8.37
N LEU A 43 3.29 -9.08 -9.38
CA LEU A 43 4.66 -8.59 -9.22
C LEU A 43 4.64 -7.23 -8.51
N GLU A 44 3.85 -6.32 -9.08
CA GLU A 44 3.71 -4.99 -8.52
C GLU A 44 3.03 -5.07 -7.15
N LEU A 45 1.91 -5.79 -7.09
CA LEU A 45 1.16 -5.96 -5.84
C LEU A 45 2.07 -6.41 -4.69
N SER A 46 2.96 -7.37 -4.96
CA SER A 46 3.87 -7.89 -3.95
C SER A 46 4.87 -6.82 -3.51
N HIS A 47 5.60 -6.26 -4.47
CA HIS A 47 6.59 -5.22 -4.15
C HIS A 47 5.97 -4.13 -3.29
N ILE A 48 4.75 -3.74 -3.63
CA ILE A 48 4.05 -2.71 -2.87
C ILE A 48 4.03 -3.04 -1.38
N TRP A 49 3.60 -4.26 -1.04
CA TRP A 49 3.53 -4.66 0.35
C TRP A 49 4.86 -4.46 1.07
N GLU A 50 5.93 -5.04 0.54
CA GLU A 50 7.24 -4.90 1.17
C GLU A 50 7.54 -3.44 1.44
N LEU A 51 7.46 -2.62 0.40
CA LEU A 51 7.68 -1.19 0.57
C LEU A 51 6.68 -0.63 1.57
N SER A 52 5.52 -1.26 1.63
CA SER A 52 4.45 -0.83 2.53
C SER A 52 4.72 -1.23 3.98
N ASP A 53 5.38 -2.37 4.19
CA ASP A 53 5.66 -2.85 5.55
C ASP A 53 7.08 -2.50 6.01
N PHE A 54 7.38 -1.20 6.08
CA PHE A 54 8.70 -0.74 6.53
C PHE A 54 9.04 -1.31 7.90
N ASP A 55 8.04 -1.88 8.54
CA ASP A 55 8.20 -2.47 9.86
C ASP A 55 8.42 -3.99 9.74
N LYS A 56 7.80 -4.59 8.73
CA LYS A 56 7.91 -6.02 8.49
C LYS A 56 7.16 -6.83 9.55
N ASP A 57 5.94 -6.41 9.83
CA ASP A 57 5.10 -7.10 10.79
C ASP A 57 4.09 -8.00 10.08
N GLY A 58 3.71 -7.61 8.87
CA GLY A 58 2.73 -8.38 8.13
C GLY A 58 1.37 -7.69 8.13
N ALA A 59 1.29 -6.60 8.88
CA ALA A 59 0.05 -5.83 8.98
C ALA A 59 0.27 -4.40 8.45
N LEU A 60 -0.68 -3.94 7.66
CA LEU A 60 -0.61 -2.61 7.09
C LEU A 60 -1.44 -1.61 7.88
N THR A 61 -0.77 -0.60 8.40
CA THR A 61 -1.42 0.44 9.16
C THR A 61 -1.91 1.53 8.22
N LEU A 62 -2.96 2.23 8.62
CA LEU A 62 -3.51 3.29 7.76
C LEU A 62 -2.37 4.11 7.14
N ASP A 63 -1.30 4.31 7.88
CA ASP A 63 -0.16 5.06 7.36
C ASP A 63 0.43 4.34 6.14
N GLU A 64 0.69 3.05 6.29
CA GLU A 64 1.21 2.25 5.21
C GLU A 64 0.18 2.20 4.09
N PHE A 65 -1.10 2.17 4.46
CA PHE A 65 -2.20 2.15 3.50
C PHE A 65 -2.18 3.41 2.62
N CYS A 66 -2.18 4.56 3.26
CA CYS A 66 -2.16 5.83 2.54
C CYS A 66 -0.84 6.00 1.79
N ALA A 67 0.27 5.82 2.49
CA ALA A 67 1.59 5.95 1.90
C ALA A 67 1.74 5.02 0.70
N ALA A 68 1.35 3.76 0.86
CA ALA A 68 1.45 2.79 -0.21
C ALA A 68 0.48 3.12 -1.35
N PHE A 69 -0.80 3.26 -1.01
CA PHE A 69 -1.82 3.57 -2.01
C PHE A 69 -1.47 4.84 -2.77
N HIS A 70 -1.01 5.86 -2.06
CA HIS A 70 -0.64 7.13 -2.66
C HIS A 70 0.28 6.90 -3.86
N LEU A 71 1.37 6.21 -3.62
CA LEU A 71 2.32 5.91 -4.68
C LEU A 71 1.66 5.05 -5.76
N VAL A 72 1.04 3.96 -5.33
CA VAL A 72 0.37 3.06 -6.26
C VAL A 72 -0.53 3.85 -7.21
N VAL A 73 -1.21 4.83 -6.67
CA VAL A 73 -2.09 5.67 -7.46
C VAL A 73 -1.42 6.14 -8.75
N ALA A 74 -0.14 6.46 -8.67
CA ALA A 74 0.61 6.91 -9.83
C ALA A 74 0.62 5.86 -10.95
N ARG A 75 0.51 4.60 -10.55
CA ARG A 75 0.51 3.50 -11.48
C ARG A 75 -0.60 3.59 -12.52
N LYS A 76 -1.64 4.40 -12.23
CA LYS A 76 -2.75 4.56 -13.17
C LYS A 76 -2.27 4.63 -14.61
N ASN A 77 -1.21 5.39 -14.85
CA ASN A 77 -0.66 5.49 -16.19
C ASN A 77 0.35 4.37 -16.40
N GLY A 78 1.22 4.19 -15.40
CA GLY A 78 2.24 3.17 -15.45
C GLY A 78 3.63 3.74 -15.26
N TYR A 79 3.74 4.79 -14.45
CA TYR A 79 5.03 5.41 -14.20
C TYR A 79 6.00 4.42 -13.53
N ASP A 80 7.27 4.53 -13.88
CA ASP A 80 8.30 3.65 -13.34
C ASP A 80 8.40 3.76 -11.81
N LEU A 81 8.78 2.66 -11.16
CA LEU A 81 8.91 2.62 -9.69
C LEU A 81 10.37 2.38 -9.26
N PRO A 82 10.87 3.22 -8.33
CA PRO A 82 12.24 3.10 -7.81
C PRO A 82 12.51 1.79 -7.05
N GLU A 83 12.38 0.65 -7.73
CA GLU A 83 12.64 -0.64 -7.11
C GLU A 83 13.91 -0.59 -6.26
N LYS A 84 13.91 -1.28 -5.13
CA LYS A 84 15.08 -1.29 -4.26
C LYS A 84 15.06 -2.43 -3.26
N LEU A 85 13.97 -2.57 -2.51
CA LEU A 85 13.88 -3.62 -1.51
C LEU A 85 13.99 -5.01 -2.14
N PRO A 86 14.94 -5.83 -1.66
CA PRO A 86 15.17 -7.18 -2.18
C PRO A 86 14.01 -8.14 -1.88
N GLU A 87 13.73 -9.04 -2.82
CA GLU A 87 12.64 -10.01 -2.64
C GLU A 87 12.70 -10.66 -1.26
N SER A 88 13.82 -11.27 -0.94
CA SER A 88 14.00 -11.92 0.35
C SER A 88 15.42 -11.73 0.87
N LEU A 89 15.94 -10.51 0.73
CA LEU A 89 17.29 -10.21 1.17
C LEU A 89 17.37 -8.86 1.89
N MET A 90 16.33 -8.53 2.65
CA MET A 90 16.31 -7.28 3.40
C MET A 90 17.28 -7.34 4.59
N PRO A 91 17.11 -8.33 5.48
CA PRO A 91 17.97 -8.52 6.65
C PRO A 91 19.31 -9.17 6.31
N LYS A 92 20.36 -8.77 7.02
CA LYS A 92 21.69 -9.32 6.77
C LYS A 92 22.47 -9.49 8.07
N TRP A 1 5.78 11.46 1.77
CA TRP A 1 4.87 11.84 0.67
C TRP A 1 3.77 12.76 1.15
N LYS A 2 3.44 13.79 0.37
CA LYS A 2 2.39 14.72 0.75
C LYS A 2 1.05 14.35 0.11
N ILE A 3 -0.02 14.37 0.91
CA ILE A 3 -1.35 14.03 0.42
C ILE A 3 -2.28 15.24 0.45
N THR A 4 -2.93 15.52 -0.68
CA THR A 4 -3.88 16.64 -0.73
C THR A 4 -5.09 16.34 0.14
N ASP A 5 -5.50 17.32 0.94
CA ASP A 5 -6.64 17.11 1.82
C ASP A 5 -7.76 16.34 1.11
N GLU A 6 -8.03 16.70 -0.14
CA GLU A 6 -9.06 16.03 -0.91
C GLU A 6 -8.78 14.54 -1.06
N GLN A 7 -7.55 14.22 -1.46
CA GLN A 7 -7.14 12.85 -1.64
C GLN A 7 -7.17 12.10 -0.32
N ARG A 8 -6.78 12.80 0.74
CA ARG A 8 -6.73 12.20 2.07
C ARG A 8 -8.04 11.50 2.43
N GLN A 9 -9.15 12.23 2.36
CA GLN A 9 -10.45 11.66 2.70
C GLN A 9 -10.93 10.71 1.59
N TYR A 10 -10.43 10.96 0.38
CA TYR A 10 -10.81 10.15 -0.77
C TYR A 10 -10.55 8.66 -0.52
N TYR A 11 -9.33 8.31 -0.16
CA TYR A 11 -9.01 6.90 0.08
C TYR A 11 -9.75 6.37 1.32
N VAL A 12 -9.85 7.22 2.34
CA VAL A 12 -10.52 6.85 3.58
C VAL A 12 -11.97 6.43 3.32
N ASN A 13 -12.68 7.19 2.50
CA ASN A 13 -14.06 6.88 2.19
C ASN A 13 -14.26 5.40 1.88
N GLN A 14 -13.30 4.80 1.19
CA GLN A 14 -13.39 3.38 0.84
C GLN A 14 -12.74 2.47 1.89
N PHE A 15 -11.47 2.73 2.21
CA PHE A 15 -10.74 1.91 3.17
C PHE A 15 -11.29 2.04 4.59
N LYS A 16 -11.93 3.17 4.88
CA LYS A 16 -12.49 3.40 6.21
C LYS A 16 -13.17 2.15 6.74
N THR A 17 -13.72 1.37 5.82
CA THR A 17 -14.41 0.13 6.16
C THR A 17 -13.48 -0.80 6.95
N ILE A 18 -12.22 -0.84 6.54
CA ILE A 18 -11.22 -1.69 7.20
C ILE A 18 -10.22 -0.87 8.03
N GLN A 19 -9.83 0.30 7.54
CA GLN A 19 -8.86 1.13 8.26
C GLN A 19 -9.44 2.50 8.66
N PRO A 20 -10.34 2.51 9.66
CA PRO A 20 -10.97 3.74 10.16
C PRO A 20 -10.02 4.68 10.91
N ASP A 21 -9.30 4.14 11.90
CA ASP A 21 -8.37 4.94 12.69
C ASP A 21 -7.04 4.20 12.89
N LEU A 22 -6.23 4.69 13.82
CA LEU A 22 -4.94 4.07 14.13
C LEU A 22 -5.12 2.89 15.07
N ASN A 23 -6.24 2.20 14.91
CA ASN A 23 -6.56 1.03 15.70
C ASN A 23 -6.99 -0.10 14.77
N GLY A 24 -6.51 -0.01 13.54
CA GLY A 24 -6.83 -1.00 12.54
C GLY A 24 -5.62 -1.33 11.68
N PHE A 25 -5.41 -2.60 11.40
CA PHE A 25 -4.27 -3.03 10.61
C PHE A 25 -4.69 -4.07 9.56
N ILE A 26 -4.41 -3.78 8.30
CA ILE A 26 -4.77 -4.67 7.21
C ILE A 26 -3.69 -5.70 6.88
N PRO A 27 -4.06 -6.99 6.94
CA PRO A 27 -3.15 -8.09 6.62
C PRO A 27 -2.92 -8.19 5.10
N GLY A 28 -1.72 -8.59 4.69
CA GLY A 28 -1.43 -8.70 3.27
C GLY A 28 -2.55 -9.38 2.50
N SER A 29 -3.10 -10.44 3.08
CA SER A 29 -4.19 -11.17 2.44
C SER A 29 -5.36 -10.25 2.10
N ALA A 30 -5.63 -9.29 2.98
CA ALA A 30 -6.72 -8.35 2.75
C ALA A 30 -6.31 -7.33 1.70
N ALA A 31 -5.14 -6.75 1.88
CA ALA A 31 -4.63 -5.76 0.94
C ALA A 31 -4.62 -6.30 -0.48
N LYS A 32 -4.04 -7.48 -0.69
CA LYS A 32 -4.00 -8.06 -2.01
C LYS A 32 -5.40 -8.25 -2.58
N GLU A 33 -6.28 -8.87 -1.81
CA GLU A 33 -7.64 -9.07 -2.27
C GLU A 33 -8.33 -7.74 -2.56
N PHE A 34 -8.24 -6.82 -1.62
CA PHE A 34 -8.84 -5.51 -1.76
C PHE A 34 -8.30 -4.80 -3.01
N PHE A 35 -6.98 -4.68 -3.06
CA PHE A 35 -6.32 -4.03 -4.19
C PHE A 35 -6.72 -4.66 -5.52
N THR A 36 -7.01 -5.95 -5.49
CA THR A 36 -7.42 -6.68 -6.70
C THR A 36 -8.40 -5.85 -7.53
N LYS A 37 -9.28 -5.12 -6.85
CA LYS A 37 -10.27 -4.28 -7.53
C LYS A 37 -9.62 -3.43 -8.64
N SER A 38 -8.42 -2.94 -8.38
CA SER A 38 -7.70 -2.09 -9.34
C SER A 38 -7.27 -2.87 -10.59
N LYS A 39 -7.65 -4.12 -10.69
CA LYS A 39 -7.27 -4.95 -11.84
C LYS A 39 -5.77 -4.84 -12.10
N LEU A 40 -5.02 -4.63 -11.04
CA LEU A 40 -3.57 -4.53 -11.11
C LEU A 40 -2.91 -5.90 -10.92
N PRO A 41 -1.84 -6.18 -11.68
CA PRO A 41 -1.14 -7.46 -11.57
C PRO A 41 -0.54 -7.69 -10.19
N ILE A 42 -1.14 -8.60 -9.44
CA ILE A 42 -0.67 -8.92 -8.10
C ILE A 42 0.86 -9.01 -8.07
N LEU A 43 1.42 -9.44 -9.20
CA LEU A 43 2.86 -9.58 -9.33
C LEU A 43 3.55 -8.30 -8.82
N GLU A 44 2.96 -7.16 -9.14
CA GLU A 44 3.46 -5.87 -8.70
C GLU A 44 3.01 -5.60 -7.26
N LEU A 45 1.73 -5.89 -6.98
CA LEU A 45 1.18 -5.70 -5.65
C LEU A 45 2.18 -6.13 -4.60
N SER A 46 2.82 -7.26 -4.84
CA SER A 46 3.82 -7.79 -3.92
C SER A 46 4.82 -6.69 -3.53
N HIS A 47 5.29 -5.96 -4.52
CA HIS A 47 6.26 -4.88 -4.29
C HIS A 47 5.64 -3.80 -3.40
N ILE A 48 4.45 -3.34 -3.77
CA ILE A 48 3.74 -2.32 -3.02
C ILE A 48 3.73 -2.64 -1.52
N TRP A 49 3.45 -3.88 -1.18
CA TRP A 49 3.44 -4.28 0.22
C TRP A 49 4.83 -4.20 0.83
N GLU A 50 5.81 -4.84 0.20
CA GLU A 50 7.16 -4.81 0.76
C GLU A 50 7.60 -3.37 0.99
N LEU A 51 7.36 -2.50 0.02
CA LEU A 51 7.72 -1.09 0.15
C LEU A 51 6.96 -0.45 1.31
N SER A 52 5.66 -0.69 1.37
CA SER A 52 4.83 -0.12 2.42
C SER A 52 5.04 -0.83 3.77
N ASP A 53 5.51 -2.08 3.72
CA ASP A 53 5.71 -2.86 4.94
C ASP A 53 7.18 -2.91 5.40
N PHE A 54 7.79 -1.73 5.59
CA PHE A 54 9.19 -1.66 6.02
C PHE A 54 9.44 -2.49 7.29
N ASP A 55 8.40 -2.93 7.96
CA ASP A 55 8.56 -3.69 9.20
C ASP A 55 8.52 -5.20 8.97
N LYS A 56 7.97 -5.63 7.85
CA LYS A 56 7.90 -7.05 7.53
C LYS A 56 7.09 -7.81 8.57
N ASP A 57 5.93 -7.29 8.91
CA ASP A 57 5.06 -7.93 9.89
C ASP A 57 3.93 -8.71 9.21
N GLY A 58 3.50 -8.22 8.06
CA GLY A 58 2.41 -8.86 7.34
C GLY A 58 1.11 -8.11 7.58
N ALA A 59 1.24 -6.98 8.23
CA ALA A 59 0.10 -6.12 8.54
C ALA A 59 0.40 -4.66 8.19
N LEU A 60 -0.60 -4.01 7.58
CA LEU A 60 -0.48 -2.61 7.18
C LEU A 60 -1.38 -1.73 8.02
N THR A 61 -0.83 -0.61 8.45
CA THR A 61 -1.55 0.36 9.26
C THR A 61 -2.01 1.54 8.41
N LEU A 62 -2.92 2.33 8.93
CA LEU A 62 -3.42 3.48 8.19
C LEU A 62 -2.25 4.23 7.52
N ASP A 63 -1.10 4.25 8.19
CA ASP A 63 0.09 4.92 7.64
C ASP A 63 0.63 4.16 6.43
N GLU A 64 0.89 2.88 6.61
CA GLU A 64 1.37 2.05 5.51
C GLU A 64 0.35 2.09 4.38
N PHE A 65 -0.91 2.09 4.78
CA PHE A 65 -2.02 2.16 3.83
C PHE A 65 -1.88 3.38 2.94
N CYS A 66 -1.72 4.54 3.56
CA CYS A 66 -1.57 5.79 2.81
C CYS A 66 -0.36 5.71 1.88
N ALA A 67 0.78 5.36 2.44
CA ALA A 67 2.00 5.25 1.66
C ALA A 67 1.80 4.33 0.47
N ALA A 68 1.23 3.17 0.71
CA ALA A 68 0.97 2.20 -0.34
C ALA A 68 -0.05 2.75 -1.34
N PHE A 69 -1.18 3.23 -0.82
CA PHE A 69 -2.24 3.77 -1.67
C PHE A 69 -1.70 4.84 -2.61
N HIS A 70 -1.02 5.85 -2.06
CA HIS A 70 -0.47 6.92 -2.88
C HIS A 70 0.53 6.38 -3.89
N LEU A 71 1.54 5.67 -3.40
CA LEU A 71 2.55 5.10 -4.26
C LEU A 71 1.91 4.32 -5.40
N VAL A 72 0.95 3.47 -5.07
CA VAL A 72 0.26 2.68 -6.08
C VAL A 72 -0.28 3.59 -7.18
N VAL A 73 -0.83 4.72 -6.78
CA VAL A 73 -1.38 5.68 -7.74
C VAL A 73 -0.43 5.95 -8.91
N ALA A 74 0.87 6.03 -8.61
CA ALA A 74 1.89 6.28 -9.64
C ALA A 74 1.95 5.17 -10.70
N ARG A 75 1.90 3.93 -10.26
CA ARG A 75 1.97 2.79 -11.17
C ARG A 75 0.96 2.93 -12.30
N LYS A 76 -0.11 3.68 -12.04
CA LYS A 76 -1.15 3.88 -13.03
C LYS A 76 -0.64 4.74 -14.19
N ASN A 77 0.35 5.58 -13.93
CA ASN A 77 0.92 6.45 -14.97
C ASN A 77 2.33 6.03 -15.40
N GLY A 78 3.08 5.39 -14.50
CA GLY A 78 4.44 4.98 -14.85
C GLY A 78 4.90 3.76 -14.08
N TYR A 79 6.20 3.62 -13.91
CA TYR A 79 6.75 2.47 -13.20
C TYR A 79 8.07 2.82 -12.50
N ASP A 80 8.10 3.96 -11.83
CA ASP A 80 9.30 4.37 -11.11
C ASP A 80 9.48 3.50 -9.85
N LEU A 81 10.21 3.98 -8.85
CA LEU A 81 10.40 3.22 -7.62
C LEU A 81 10.70 1.75 -7.93
N PRO A 82 11.83 1.49 -8.60
CA PRO A 82 12.24 0.13 -8.98
C PRO A 82 12.63 -0.75 -7.78
N GLU A 83 13.46 -1.75 -8.05
CA GLU A 83 13.92 -2.68 -7.03
C GLU A 83 14.87 -2.05 -6.02
N LYS A 84 14.50 -0.92 -5.45
CA LYS A 84 15.36 -0.25 -4.48
C LYS A 84 15.03 -0.66 -3.05
N LEU A 85 14.57 -1.90 -2.88
CA LEU A 85 14.23 -2.42 -1.56
C LEU A 85 15.49 -2.73 -0.75
N PRO A 86 15.79 -1.91 0.27
CA PRO A 86 16.97 -2.10 1.11
C PRO A 86 16.77 -3.19 2.18
N GLU A 87 15.68 -3.09 2.92
CA GLU A 87 15.40 -4.05 4.00
C GLU A 87 15.46 -5.49 3.49
N SER A 88 14.97 -5.72 2.28
CA SER A 88 14.98 -7.06 1.70
C SER A 88 15.28 -7.02 0.20
N LEU A 89 16.21 -7.85 -0.23
CA LEU A 89 16.59 -7.90 -1.63
C LEU A 89 15.93 -9.10 -2.30
N MET A 90 14.64 -9.25 -2.04
CA MET A 90 13.85 -10.36 -2.60
C MET A 90 14.04 -10.50 -4.11
N PRO A 91 14.20 -11.73 -4.58
CA PRO A 91 14.37 -12.02 -6.01
C PRO A 91 13.15 -11.63 -6.84
N LYS A 92 13.00 -10.34 -7.11
CA LYS A 92 11.88 -9.86 -7.90
C LYS A 92 12.25 -9.65 -9.38
N TRP A 1 4.79 14.35 -6.28
CA TRP A 1 3.39 13.94 -5.99
C TRP A 1 3.16 13.71 -4.49
N LYS A 2 3.27 14.77 -3.69
CA LYS A 2 3.08 14.67 -2.24
C LYS A 2 1.61 14.43 -1.88
N ILE A 3 1.38 13.51 -0.95
CA ILE A 3 0.02 13.19 -0.51
C ILE A 3 -0.70 14.43 0.02
N THR A 4 -1.98 14.57 -0.36
CA THR A 4 -2.78 15.70 0.09
C THR A 4 -3.97 15.20 0.91
N ASP A 5 -4.25 15.88 2.01
CA ASP A 5 -5.35 15.47 2.89
C ASP A 5 -6.61 15.09 2.09
N GLU A 6 -6.96 15.86 1.06
CA GLU A 6 -8.12 15.53 0.25
C GLU A 6 -8.03 14.07 -0.21
N GLN A 7 -6.94 13.76 -0.92
CA GLN A 7 -6.70 12.41 -1.38
C GLN A 7 -6.53 11.49 -0.18
N ARG A 8 -5.97 12.03 0.90
CA ARG A 8 -5.79 11.27 2.14
C ARG A 8 -7.12 10.72 2.61
N GLN A 9 -8.07 11.62 2.80
CA GLN A 9 -9.40 11.24 3.25
C GLN A 9 -10.14 10.50 2.15
N TYR A 10 -9.93 10.93 0.91
CA TYR A 10 -10.60 10.31 -0.22
C TYR A 10 -10.44 8.79 -0.15
N TYR A 11 -9.24 8.34 0.19
CA TYR A 11 -8.99 6.90 0.28
C TYR A 11 -9.71 6.30 1.50
N VAL A 12 -9.44 6.86 2.67
CA VAL A 12 -10.04 6.38 3.91
C VAL A 12 -11.56 6.30 3.81
N ASN A 13 -12.16 7.22 3.06
CA ASN A 13 -13.61 7.22 2.90
C ASN A 13 -14.15 5.79 2.69
N GLN A 14 -13.41 4.97 1.95
CA GLN A 14 -13.84 3.60 1.69
C GLN A 14 -13.11 2.60 2.60
N PHE A 15 -11.79 2.64 2.56
CA PHE A 15 -10.99 1.75 3.37
C PHE A 15 -11.35 1.89 4.85
N LYS A 16 -11.82 3.06 5.23
CA LYS A 16 -12.22 3.31 6.60
C LYS A 16 -12.99 2.12 7.18
N THR A 17 -13.67 1.38 6.31
CA THR A 17 -14.44 0.21 6.74
C THR A 17 -13.51 -0.77 7.44
N ILE A 18 -12.34 -0.93 6.87
CA ILE A 18 -11.32 -1.82 7.41
C ILE A 18 -10.24 -1.03 8.16
N GLN A 19 -9.84 0.10 7.60
CA GLN A 19 -8.81 0.93 8.20
C GLN A 19 -9.34 2.33 8.51
N PRO A 20 -10.15 2.48 9.55
CA PRO A 20 -10.70 3.79 9.92
C PRO A 20 -9.63 4.75 10.44
N ASP A 21 -8.91 4.32 11.47
CA ASP A 21 -7.86 5.12 12.08
C ASP A 21 -6.70 4.22 12.52
N LEU A 22 -5.70 4.81 13.15
CA LEU A 22 -4.52 4.08 13.63
C LEU A 22 -4.87 3.11 14.76
N ASN A 23 -5.75 2.18 14.45
CA ASN A 23 -6.18 1.17 15.40
C ASN A 23 -6.39 -0.15 14.68
N GLY A 24 -6.99 -0.08 13.50
CA GLY A 24 -7.21 -1.27 12.70
C GLY A 24 -6.13 -1.45 11.65
N PHE A 25 -5.66 -2.67 11.47
CA PHE A 25 -4.59 -2.96 10.50
C PHE A 25 -5.03 -4.01 9.47
N ILE A 26 -4.74 -3.74 8.21
CA ILE A 26 -5.11 -4.64 7.12
C ILE A 26 -4.02 -5.67 6.82
N PRO A 27 -4.32 -6.96 7.01
CA PRO A 27 -3.37 -8.01 6.72
C PRO A 27 -3.08 -8.08 5.21
N GLY A 28 -1.87 -8.45 4.83
CA GLY A 28 -1.55 -8.53 3.42
C GLY A 28 -2.65 -9.20 2.62
N SER A 29 -3.29 -10.17 3.24
CA SER A 29 -4.38 -10.88 2.62
C SER A 29 -5.46 -9.92 2.12
N ALA A 30 -5.83 -8.96 2.97
CA ALA A 30 -6.84 -7.97 2.61
C ALA A 30 -6.28 -6.94 1.64
N ALA A 31 -5.08 -6.44 1.92
CA ALA A 31 -4.46 -5.46 1.05
C ALA A 31 -4.37 -6.00 -0.38
N LYS A 32 -3.78 -7.17 -0.52
CA LYS A 32 -3.67 -7.80 -1.82
C LYS A 32 -5.04 -8.05 -2.43
N GLU A 33 -5.98 -8.55 -1.62
CA GLU A 33 -7.33 -8.78 -2.11
C GLU A 33 -7.94 -7.47 -2.64
N PHE A 34 -7.82 -6.42 -1.83
CA PHE A 34 -8.36 -5.12 -2.21
C PHE A 34 -7.63 -4.54 -3.42
N PHE A 35 -6.31 -4.45 -3.33
CA PHE A 35 -5.51 -3.92 -4.42
C PHE A 35 -5.65 -4.76 -5.69
N THR A 36 -5.46 -6.07 -5.55
CA THR A 36 -5.59 -6.95 -6.72
C THR A 36 -6.84 -6.61 -7.52
N LYS A 37 -7.96 -6.49 -6.81
CA LYS A 37 -9.22 -6.13 -7.45
C LYS A 37 -9.07 -4.88 -8.32
N SER A 38 -8.16 -4.00 -7.92
CA SER A 38 -7.91 -2.76 -8.67
C SER A 38 -7.66 -3.01 -10.15
N LYS A 39 -6.66 -3.84 -10.45
CA LYS A 39 -6.32 -4.16 -11.83
C LYS A 39 -4.90 -4.75 -11.94
N LEU A 40 -3.95 -4.12 -11.26
CA LEU A 40 -2.56 -4.59 -11.30
C LEU A 40 -2.40 -6.00 -10.72
N PRO A 41 -1.56 -6.82 -11.36
CA PRO A 41 -1.30 -8.19 -10.92
C PRO A 41 -0.59 -8.29 -9.57
N ILE A 42 -0.95 -9.30 -8.78
CA ILE A 42 -0.35 -9.51 -7.46
C ILE A 42 1.16 -9.29 -7.50
N LEU A 43 1.74 -9.53 -8.67
CA LEU A 43 3.18 -9.37 -8.86
C LEU A 43 3.68 -8.06 -8.27
N GLU A 44 3.44 -6.95 -8.97
CA GLU A 44 3.87 -5.64 -8.49
C GLU A 44 3.34 -5.42 -7.06
N LEU A 45 2.11 -5.84 -6.83
CA LEU A 45 1.51 -5.71 -5.51
C LEU A 45 2.50 -6.12 -4.43
N SER A 46 3.25 -7.19 -4.69
CA SER A 46 4.24 -7.67 -3.74
C SER A 46 5.23 -6.58 -3.37
N HIS A 47 5.76 -5.90 -4.38
CA HIS A 47 6.71 -4.82 -4.13
C HIS A 47 6.07 -3.71 -3.30
N ILE A 48 4.80 -3.47 -3.54
CA ILE A 48 4.06 -2.44 -2.81
C ILE A 48 4.00 -2.77 -1.32
N TRP A 49 3.60 -3.99 -0.99
CA TRP A 49 3.51 -4.38 0.41
C TRP A 49 4.87 -4.29 1.10
N GLU A 50 5.87 -4.94 0.53
CA GLU A 50 7.20 -4.93 1.11
C GLU A 50 7.66 -3.49 1.36
N LEU A 51 7.45 -2.61 0.39
CA LEU A 51 7.81 -1.22 0.55
C LEU A 51 6.93 -0.53 1.60
N SER A 52 5.63 -0.68 1.47
CA SER A 52 4.67 -0.07 2.39
C SER A 52 4.73 -0.70 3.78
N ASP A 53 5.22 -1.93 3.88
CA ASP A 53 5.29 -2.62 5.16
C ASP A 53 6.67 -2.48 5.79
N PHE A 54 7.13 -1.23 5.90
CA PHE A 54 8.44 -0.92 6.47
C PHE A 54 8.68 -1.61 7.82
N ASP A 55 7.62 -2.16 8.41
CA ASP A 55 7.73 -2.82 9.72
C ASP A 55 7.88 -4.33 9.61
N LYS A 56 7.15 -4.94 8.68
CA LYS A 56 7.18 -6.39 8.49
C LYS A 56 6.24 -7.06 9.50
N ASP A 57 5.08 -6.47 9.70
CA ASP A 57 4.09 -7.02 10.63
C ASP A 57 3.01 -7.82 9.89
N GLY A 58 3.12 -7.89 8.57
CA GLY A 58 2.12 -8.60 7.79
C GLY A 58 0.78 -7.90 7.84
N ALA A 59 0.80 -6.71 8.42
CA ALA A 59 -0.39 -5.89 8.54
C ALA A 59 -0.11 -4.45 8.08
N LEU A 60 -1.03 -3.90 7.33
CA LEU A 60 -0.88 -2.55 6.84
C LEU A 60 -1.65 -1.57 7.68
N THR A 61 -0.94 -0.60 8.22
CA THR A 61 -1.55 0.43 9.02
C THR A 61 -2.05 1.55 8.12
N LEU A 62 -3.03 2.31 8.60
CA LEU A 62 -3.58 3.39 7.79
C LEU A 62 -2.45 4.14 7.07
N ASP A 63 -1.30 4.25 7.71
CA ASP A 63 -0.14 4.92 7.12
C ASP A 63 0.38 4.15 5.91
N GLU A 64 0.69 2.87 6.12
CA GLU A 64 1.17 2.02 5.04
C GLU A 64 0.14 2.04 3.91
N PHE A 65 -1.12 2.09 4.33
CA PHE A 65 -2.26 2.16 3.42
C PHE A 65 -2.20 3.43 2.56
N CYS A 66 -2.12 4.57 3.22
CA CYS A 66 -2.03 5.85 2.52
C CYS A 66 -0.87 5.84 1.54
N ALA A 67 0.32 5.45 2.02
CA ALA A 67 1.50 5.41 1.18
C ALA A 67 1.33 4.41 0.04
N ALA A 68 0.80 3.24 0.37
CA ALA A 68 0.59 2.19 -0.62
C ALA A 68 -0.40 2.63 -1.71
N PHE A 69 -1.56 3.10 -1.29
CA PHE A 69 -2.57 3.54 -2.23
C PHE A 69 -2.02 4.64 -3.15
N HIS A 70 -1.48 5.68 -2.55
CA HIS A 70 -0.91 6.78 -3.32
C HIS A 70 0.17 6.25 -4.27
N LEU A 71 1.10 5.52 -3.68
CA LEU A 71 2.19 4.93 -4.44
C LEU A 71 1.63 4.13 -5.63
N VAL A 72 0.67 3.26 -5.34
CA VAL A 72 0.05 2.45 -6.37
C VAL A 72 -0.49 3.33 -7.50
N VAL A 73 -1.12 4.43 -7.11
CA VAL A 73 -1.66 5.38 -8.07
C VAL A 73 -0.60 5.80 -9.07
N ALA A 74 0.57 6.18 -8.55
CA ALA A 74 1.67 6.59 -9.40
C ALA A 74 2.04 5.45 -10.35
N ARG A 75 2.26 4.27 -9.78
CA ARG A 75 2.62 3.11 -10.59
C ARG A 75 1.75 3.04 -11.84
N LYS A 76 0.46 3.35 -11.69
CA LYS A 76 -0.47 3.30 -12.82
C LYS A 76 -0.08 4.27 -13.94
N ASN A 77 0.41 5.45 -13.56
CA ASN A 77 0.81 6.48 -14.54
C ASN A 77 1.90 7.40 -13.97
N GLY A 78 2.91 6.80 -13.38
CA GLY A 78 4.01 7.55 -12.81
C GLY A 78 5.36 7.00 -13.22
N TYR A 79 6.23 6.77 -12.25
CA TYR A 79 7.55 6.22 -12.53
C TYR A 79 7.94 5.13 -11.53
N ASP A 80 8.68 4.15 -12.02
CA ASP A 80 9.11 3.02 -11.20
C ASP A 80 9.73 3.49 -9.87
N LEU A 81 9.65 2.63 -8.86
CA LEU A 81 10.16 2.94 -7.52
C LEU A 81 11.67 2.66 -7.40
N PRO A 82 12.36 3.40 -6.52
CA PRO A 82 13.81 3.23 -6.29
C PRO A 82 14.15 2.06 -5.37
N GLU A 83 13.56 0.90 -5.66
CA GLU A 83 13.77 -0.34 -4.88
C GLU A 83 14.53 -0.13 -3.57
N LYS A 84 13.96 0.65 -2.65
CA LYS A 84 14.61 0.90 -1.36
C LYS A 84 14.91 -0.41 -0.63
N LEU A 85 13.90 -1.26 -0.50
CA LEU A 85 14.06 -2.54 0.17
C LEU A 85 14.83 -3.50 -0.74
N PRO A 86 16.03 -3.94 -0.32
CA PRO A 86 16.88 -4.83 -1.11
C PRO A 86 16.52 -6.32 -0.99
N GLU A 87 15.99 -6.88 -2.07
CA GLU A 87 15.62 -8.29 -2.09
C GLU A 87 16.82 -9.17 -1.72
N SER A 88 18.00 -8.76 -2.15
CA SER A 88 19.21 -9.52 -1.90
C SER A 88 19.96 -9.01 -0.67
N LEU A 89 19.23 -8.40 0.26
CA LEU A 89 19.83 -7.91 1.50
C LEU A 89 18.88 -8.13 2.68
N MET A 90 18.07 -9.18 2.57
CA MET A 90 17.11 -9.55 3.61
C MET A 90 16.41 -10.86 3.27
N PRO A 91 16.38 -11.80 4.23
CA PRO A 91 15.75 -13.12 4.04
C PRO A 91 14.22 -13.09 4.18
N LYS A 92 13.66 -14.25 4.50
CA LYS A 92 12.21 -14.38 4.66
C LYS A 92 11.85 -14.80 6.08
N TRP A 1 7.46 14.12 -1.26
CA TRP A 1 6.05 13.75 -1.56
C TRP A 1 5.06 14.50 -0.66
N LYS A 2 3.78 14.43 -1.01
CA LYS A 2 2.73 15.07 -0.25
C LYS A 2 1.39 14.38 -0.51
N ILE A 3 0.28 15.05 -0.25
CA ILE A 3 -1.03 14.45 -0.47
C ILE A 3 -2.13 15.49 -0.64
N THR A 4 -3.02 15.27 -1.60
CA THR A 4 -4.12 16.19 -1.84
C THR A 4 -5.32 15.84 -0.97
N ASP A 5 -5.90 16.86 -0.34
CA ASP A 5 -7.05 16.63 0.53
C ASP A 5 -8.08 15.69 -0.12
N GLU A 6 -8.22 15.77 -1.44
CA GLU A 6 -9.16 14.91 -2.16
C GLU A 6 -8.80 13.44 -2.00
N GLN A 7 -7.56 13.09 -2.33
CA GLN A 7 -7.12 11.72 -2.20
C GLN A 7 -7.20 11.26 -0.75
N ARG A 8 -6.95 12.17 0.17
CA ARG A 8 -7.04 11.84 1.58
C ARG A 8 -8.43 11.28 1.88
N GLN A 9 -9.47 12.04 1.54
CA GLN A 9 -10.84 11.57 1.75
C GLN A 9 -11.13 10.41 0.80
N TYR A 10 -10.51 10.46 -0.38
CA TYR A 10 -10.70 9.44 -1.40
C TYR A 10 -10.37 8.04 -0.86
N TYR A 11 -9.16 7.85 -0.36
CA TYR A 11 -8.76 6.55 0.16
C TYR A 11 -9.60 6.17 1.38
N VAL A 12 -9.88 7.15 2.22
CA VAL A 12 -10.68 6.94 3.42
C VAL A 12 -12.09 6.46 3.08
N ASN A 13 -12.65 7.01 2.02
CA ASN A 13 -13.99 6.66 1.59
C ASN A 13 -14.22 5.13 1.57
N GLN A 14 -13.34 4.40 0.89
CA GLN A 14 -13.49 2.94 0.80
C GLN A 14 -12.80 2.19 1.95
N PHE A 15 -11.49 2.42 2.11
CA PHE A 15 -10.72 1.75 3.13
C PHE A 15 -11.32 1.92 4.52
N LYS A 16 -12.08 2.98 4.73
CA LYS A 16 -12.70 3.20 6.03
C LYS A 16 -13.37 1.94 6.53
N THR A 17 -13.93 1.14 5.62
CA THR A 17 -14.58 -0.11 6.02
C THR A 17 -13.68 -0.90 6.96
N ILE A 18 -12.38 -0.70 6.82
CA ILE A 18 -11.40 -1.39 7.65
C ILE A 18 -10.56 -0.40 8.47
N GLN A 19 -9.74 0.37 7.78
CA GLN A 19 -8.86 1.34 8.44
C GLN A 19 -9.33 2.77 8.18
N PRO A 20 -10.38 3.21 8.88
CA PRO A 20 -10.95 4.55 8.72
C PRO A 20 -10.07 5.69 9.26
N ASP A 21 -9.66 5.62 10.52
CA ASP A 21 -8.87 6.69 11.12
C ASP A 21 -8.05 6.22 12.34
N LEU A 22 -8.64 5.32 13.13
CA LEU A 22 -8.00 4.79 14.34
C LEU A 22 -6.52 4.37 14.13
N ASN A 23 -6.09 3.33 14.85
CA ASN A 23 -4.72 2.84 14.75
C ASN A 23 -4.73 1.34 14.46
N GLY A 24 -5.46 0.97 13.43
CA GLY A 24 -5.58 -0.42 13.07
C GLY A 24 -4.64 -0.84 11.94
N PHE A 25 -4.22 -2.09 11.99
CA PHE A 25 -3.32 -2.64 10.99
C PHE A 25 -4.02 -3.69 10.13
N ILE A 26 -3.94 -3.52 8.82
CA ILE A 26 -4.56 -4.46 7.89
C ILE A 26 -3.58 -5.57 7.49
N PRO A 27 -3.88 -6.81 7.86
CA PRO A 27 -3.01 -7.94 7.50
C PRO A 27 -2.93 -8.10 5.99
N GLY A 28 -1.93 -8.81 5.50
CA GLY A 28 -1.78 -8.99 4.06
C GLY A 28 -2.90 -9.83 3.45
N SER A 29 -4.12 -9.65 3.94
CA SER A 29 -5.28 -10.39 3.46
C SER A 29 -6.10 -9.57 2.46
N ALA A 30 -6.99 -8.73 2.98
CA ALA A 30 -7.86 -7.91 2.14
C ALA A 30 -7.05 -7.02 1.17
N ALA A 31 -5.84 -6.69 1.55
CA ALA A 31 -4.99 -5.82 0.74
C ALA A 31 -4.93 -6.25 -0.73
N LYS A 32 -4.71 -7.53 -0.98
CA LYS A 32 -4.63 -8.06 -2.33
C LYS A 32 -5.90 -7.81 -3.13
N GLU A 33 -7.00 -8.28 -2.59
CA GLU A 33 -8.29 -8.13 -3.22
C GLU A 33 -8.65 -6.67 -3.38
N PHE A 34 -8.60 -5.95 -2.28
CA PHE A 34 -8.92 -4.54 -2.28
C PHE A 34 -8.21 -3.84 -3.44
N PHE A 35 -6.90 -4.01 -3.54
CA PHE A 35 -6.13 -3.39 -4.61
C PHE A 35 -6.39 -4.06 -5.96
N THR A 36 -6.18 -5.37 -6.02
CA THR A 36 -6.41 -6.12 -7.26
C THR A 36 -7.79 -5.81 -7.81
N LYS A 37 -8.81 -5.97 -7.00
CA LYS A 37 -10.16 -5.67 -7.41
C LYS A 37 -10.17 -4.36 -8.20
N SER A 38 -9.44 -3.40 -7.67
CA SER A 38 -9.33 -2.10 -8.30
C SER A 38 -8.77 -2.22 -9.72
N LYS A 39 -7.77 -3.09 -9.89
CA LYS A 39 -7.17 -3.31 -11.20
C LYS A 39 -5.74 -3.84 -11.10
N LEU A 40 -4.96 -3.29 -10.18
CA LEU A 40 -3.56 -3.70 -10.01
C LEU A 40 -3.40 -5.18 -9.66
N PRO A 41 -2.57 -5.88 -10.45
CA PRO A 41 -2.29 -7.30 -10.26
C PRO A 41 -1.35 -7.58 -9.08
N ILE A 42 -1.39 -8.82 -8.58
CA ILE A 42 -0.55 -9.25 -7.46
C ILE A 42 0.90 -8.78 -7.62
N LEU A 43 1.37 -8.70 -8.86
CA LEU A 43 2.74 -8.28 -9.16
C LEU A 43 3.12 -7.03 -8.37
N GLU A 44 2.75 -5.88 -8.89
CA GLU A 44 3.03 -4.63 -8.20
C GLU A 44 2.62 -4.74 -6.74
N LEU A 45 1.43 -5.26 -6.50
CA LEU A 45 0.94 -5.45 -5.13
C LEU A 45 2.05 -6.03 -4.25
N SER A 46 2.73 -7.06 -4.76
CA SER A 46 3.81 -7.71 -4.02
C SER A 46 5.01 -6.78 -3.83
N HIS A 47 5.47 -6.15 -4.90
CA HIS A 47 6.62 -5.25 -4.81
C HIS A 47 6.30 -4.06 -3.90
N ILE A 48 5.08 -3.55 -4.03
CA ILE A 48 4.63 -2.41 -3.23
C ILE A 48 4.50 -2.78 -1.74
N TRP A 49 3.75 -3.84 -1.44
CA TRP A 49 3.55 -4.25 -0.05
C TRP A 49 4.86 -4.21 0.71
N GLU A 50 5.86 -4.92 0.21
CA GLU A 50 7.16 -4.94 0.86
C GLU A 50 7.63 -3.51 1.14
N LEU A 51 7.68 -2.69 0.08
CA LEU A 51 8.08 -1.29 0.23
C LEU A 51 7.31 -0.62 1.37
N SER A 52 6.00 -0.86 1.41
CA SER A 52 5.14 -0.29 2.44
C SER A 52 5.33 -0.95 3.80
N ASP A 53 5.87 -2.18 3.83
CA ASP A 53 6.10 -2.88 5.09
C ASP A 53 7.52 -2.69 5.55
N PHE A 54 7.95 -1.44 5.65
CA PHE A 54 9.30 -1.11 6.09
C PHE A 54 9.66 -1.83 7.39
N ASP A 55 8.67 -2.41 8.04
CA ASP A 55 8.88 -3.10 9.30
C ASP A 55 9.03 -4.62 9.12
N LYS A 56 8.31 -5.21 8.17
CA LYS A 56 8.38 -6.65 7.94
C LYS A 56 7.64 -7.41 9.03
N ASP A 57 6.34 -7.18 9.12
CA ASP A 57 5.53 -7.85 10.13
C ASP A 57 4.45 -8.71 9.50
N GLY A 58 3.63 -8.10 8.66
CA GLY A 58 2.56 -8.84 8.02
C GLY A 58 1.31 -8.00 7.82
N ALA A 59 1.19 -6.93 8.60
CA ALA A 59 0.03 -6.07 8.50
C ALA A 59 0.42 -4.61 8.20
N LEU A 60 -0.46 -3.94 7.48
CA LEU A 60 -0.24 -2.55 7.10
C LEU A 60 -1.06 -1.61 7.98
N THR A 61 -0.38 -0.74 8.69
CA THR A 61 -1.03 0.25 9.54
C THR A 61 -1.62 1.36 8.68
N LEU A 62 -2.61 2.06 9.19
CA LEU A 62 -3.22 3.14 8.42
C LEU A 62 -2.14 3.95 7.70
N ASP A 63 -0.99 4.13 8.35
CA ASP A 63 0.14 4.84 7.76
C ASP A 63 0.65 4.09 6.54
N GLU A 64 0.99 2.82 6.75
CA GLU A 64 1.46 1.96 5.67
C GLU A 64 0.43 1.99 4.56
N PHE A 65 -0.84 1.99 4.96
CA PHE A 65 -1.95 2.05 4.04
C PHE A 65 -1.86 3.31 3.18
N CYS A 66 -1.76 4.45 3.85
CA CYS A 66 -1.64 5.72 3.15
C CYS A 66 -0.54 5.65 2.10
N ALA A 67 0.65 5.28 2.53
CA ALA A 67 1.78 5.18 1.61
C ALA A 67 1.48 4.20 0.48
N ALA A 68 0.98 3.02 0.84
CA ALA A 68 0.65 2.01 -0.15
C ALA A 68 -0.37 2.54 -1.16
N PHE A 69 -1.49 3.04 -0.66
CA PHE A 69 -2.53 3.57 -1.54
C PHE A 69 -1.98 4.65 -2.47
N HIS A 70 -1.38 5.69 -1.89
CA HIS A 70 -0.84 6.78 -2.68
C HIS A 70 0.20 6.25 -3.66
N LEU A 71 1.17 5.53 -3.13
CA LEU A 71 2.22 4.95 -3.95
C LEU A 71 1.64 4.11 -5.08
N VAL A 72 0.74 3.20 -4.72
CA VAL A 72 0.09 2.34 -5.71
C VAL A 72 -0.51 3.17 -6.82
N VAL A 73 -1.20 4.23 -6.45
CA VAL A 73 -1.79 5.12 -7.43
C VAL A 73 -0.74 5.63 -8.41
N ALA A 74 0.33 6.20 -7.86
CA ALA A 74 1.41 6.73 -8.68
C ALA A 74 1.89 5.72 -9.73
N ARG A 75 2.09 4.47 -9.30
CA ARG A 75 2.56 3.41 -10.19
C ARG A 75 1.81 3.45 -11.52
N LYS A 76 0.58 3.92 -11.48
CA LYS A 76 -0.24 4.02 -12.68
C LYS A 76 0.48 4.85 -13.75
N ASN A 77 0.99 6.00 -13.34
CA ASN A 77 1.70 6.91 -14.25
C ASN A 77 3.21 6.68 -14.24
N GLY A 78 3.62 5.42 -14.13
CA GLY A 78 5.05 5.11 -14.13
C GLY A 78 5.35 3.62 -14.27
N TYR A 79 6.13 3.26 -15.30
CA TYR A 79 6.47 1.86 -15.56
C TYR A 79 7.73 1.39 -14.82
N ASP A 80 8.76 2.22 -14.78
CA ASP A 80 10.01 1.83 -14.11
C ASP A 80 9.78 1.34 -12.68
N LEU A 81 10.68 0.48 -12.20
CA LEU A 81 10.58 -0.05 -10.84
C LEU A 81 11.94 -0.08 -10.16
N PRO A 82 12.02 0.50 -8.95
CA PRO A 82 13.27 0.56 -8.16
C PRO A 82 13.86 -0.83 -7.85
N GLU A 83 13.02 -1.86 -7.89
CA GLU A 83 13.47 -3.22 -7.63
C GLU A 83 14.29 -3.31 -6.33
N LYS A 84 13.84 -2.60 -5.30
CA LYS A 84 14.56 -2.60 -4.02
C LYS A 84 14.54 -3.97 -3.32
N LEU A 85 13.37 -4.60 -3.28
CA LEU A 85 13.24 -5.89 -2.64
C LEU A 85 13.91 -7.01 -3.46
N PRO A 86 14.81 -7.78 -2.82
CA PRO A 86 15.51 -8.89 -3.47
C PRO A 86 14.69 -10.19 -3.51
N GLU A 87 15.08 -11.11 -4.40
CA GLU A 87 14.36 -12.38 -4.54
C GLU A 87 14.22 -13.14 -3.22
N SER A 88 15.35 -13.52 -2.61
CA SER A 88 15.30 -14.28 -1.36
C SER A 88 16.44 -13.90 -0.40
N LEU A 89 16.73 -12.61 -0.29
CA LEU A 89 17.79 -12.17 0.62
C LEU A 89 17.19 -11.66 1.93
N MET A 90 16.21 -10.78 1.81
CA MET A 90 15.53 -10.23 2.99
C MET A 90 14.43 -11.18 3.46
N PRO A 91 14.52 -11.63 4.72
CA PRO A 91 13.50 -12.51 5.30
C PRO A 91 12.29 -11.73 5.76
N LYS A 92 11.43 -12.35 6.56
CA LYS A 92 10.23 -11.67 7.06
C LYS A 92 9.92 -12.08 8.51
N TRP A 1 5.45 14.91 -5.69
CA TRP A 1 5.58 13.74 -4.78
C TRP A 1 5.28 14.12 -3.33
N LYS A 2 4.00 14.29 -3.01
CA LYS A 2 3.59 14.64 -1.66
C LYS A 2 2.15 14.24 -1.41
N ILE A 3 1.90 13.59 -0.27
CA ILE A 3 0.56 13.16 0.07
C ILE A 3 -0.30 14.32 0.55
N THR A 4 -1.59 14.29 0.20
CA THR A 4 -2.50 15.35 0.62
C THR A 4 -3.71 14.76 1.34
N ASP A 5 -4.07 15.34 2.48
CA ASP A 5 -5.20 14.84 3.26
C ASP A 5 -6.41 14.57 2.34
N GLU A 6 -6.53 15.35 1.27
CA GLU A 6 -7.62 15.17 0.31
C GLU A 6 -7.65 13.71 -0.18
N GLN A 7 -6.58 13.30 -0.85
CA GLN A 7 -6.45 11.94 -1.34
C GLN A 7 -6.46 10.99 -0.15
N ARG A 8 -5.76 11.40 0.89
CA ARG A 8 -5.67 10.62 2.11
C ARG A 8 -7.06 10.18 2.56
N GLN A 9 -7.98 11.14 2.71
CA GLN A 9 -9.34 10.85 3.12
C GLN A 9 -10.08 10.16 1.97
N TYR A 10 -9.92 10.70 0.78
CA TYR A 10 -10.55 10.14 -0.41
C TYR A 10 -10.44 8.61 -0.40
N TYR A 11 -9.23 8.13 -0.09
CA TYR A 11 -8.97 6.69 -0.03
C TYR A 11 -9.64 6.06 1.19
N VAL A 12 -9.36 6.62 2.37
CA VAL A 12 -9.94 6.10 3.60
C VAL A 12 -11.44 5.90 3.44
N ASN A 13 -12.05 6.77 2.65
CA ASN A 13 -13.48 6.69 2.41
C ASN A 13 -13.90 5.29 1.98
N GLN A 14 -13.05 4.62 1.21
CA GLN A 14 -13.35 3.26 0.76
C GLN A 14 -12.80 2.24 1.75
N PHE A 15 -11.51 2.34 2.01
CA PHE A 15 -10.82 1.45 2.92
C PHE A 15 -11.43 1.49 4.32
N LYS A 16 -12.09 2.59 4.64
CA LYS A 16 -12.72 2.76 5.95
C LYS A 16 -13.41 1.46 6.38
N THR A 17 -13.95 0.75 5.41
CA THR A 17 -14.62 -0.52 5.67
C THR A 17 -13.79 -1.34 6.65
N ILE A 18 -12.48 -1.29 6.47
CA ILE A 18 -11.55 -2.00 7.33
C ILE A 18 -10.70 -1.02 8.15
N GLN A 19 -10.24 0.04 7.50
CA GLN A 19 -9.41 1.05 8.15
C GLN A 19 -10.22 2.31 8.51
N PRO A 20 -10.98 2.27 9.61
CA PRO A 20 -11.82 3.39 10.06
C PRO A 20 -11.03 4.62 10.55
N ASP A 21 -9.96 4.39 11.31
CA ASP A 21 -9.16 5.49 11.84
C ASP A 21 -7.66 5.15 11.76
N LEU A 22 -6.82 5.91 12.46
CA LEU A 22 -5.38 5.69 12.45
C LEU A 22 -4.99 4.38 13.13
N ASN A 23 -5.89 3.85 13.95
CA ASN A 23 -5.62 2.62 14.67
C ASN A 23 -6.18 1.43 13.89
N GLY A 24 -5.99 1.48 12.59
CA GLY A 24 -6.45 0.43 11.71
C GLY A 24 -5.29 -0.39 11.17
N PHE A 25 -5.51 -1.69 11.05
CA PHE A 25 -4.47 -2.58 10.53
C PHE A 25 -5.09 -3.56 9.53
N ILE A 26 -4.44 -3.73 8.40
CA ILE A 26 -4.96 -4.62 7.38
C ILE A 26 -3.93 -5.68 6.98
N PRO A 27 -4.33 -6.96 7.06
CA PRO A 27 -3.44 -8.06 6.70
C PRO A 27 -3.24 -8.15 5.19
N GLY A 28 -2.05 -8.57 4.77
CA GLY A 28 -1.80 -8.67 3.34
C GLY A 28 -2.96 -9.32 2.61
N SER A 29 -3.63 -10.22 3.31
CA SER A 29 -4.79 -10.90 2.73
C SER A 29 -5.86 -9.90 2.30
N ALA A 30 -6.20 -8.97 3.20
CA ALA A 30 -7.20 -7.96 2.87
C ALA A 30 -6.64 -6.99 1.84
N ALA A 31 -5.36 -6.66 2.00
CA ALA A 31 -4.69 -5.75 1.09
C ALA A 31 -4.72 -6.27 -0.35
N LYS A 32 -4.27 -7.50 -0.54
CA LYS A 32 -4.28 -8.10 -1.86
C LYS A 32 -5.70 -8.13 -2.42
N GLU A 33 -6.60 -8.74 -1.67
CA GLU A 33 -7.99 -8.84 -2.08
C GLU A 33 -8.59 -7.46 -2.38
N PHE A 34 -8.35 -6.50 -1.49
CA PHE A 34 -8.88 -5.16 -1.67
C PHE A 34 -8.31 -4.51 -2.93
N PHE A 35 -6.98 -4.45 -3.01
CA PHE A 35 -6.31 -3.85 -4.15
C PHE A 35 -6.68 -4.53 -5.47
N THR A 36 -6.90 -5.85 -5.43
CA THR A 36 -7.24 -6.61 -6.62
C THR A 36 -8.22 -5.86 -7.52
N LYS A 37 -9.23 -5.24 -6.92
CA LYS A 37 -10.22 -4.49 -7.69
C LYS A 37 -9.56 -3.66 -8.79
N SER A 38 -8.45 -3.03 -8.46
CA SER A 38 -7.72 -2.21 -9.43
C SER A 38 -7.14 -3.05 -10.58
N LYS A 39 -7.58 -4.30 -10.69
CA LYS A 39 -7.09 -5.18 -11.73
C LYS A 39 -5.58 -5.07 -11.89
N LEU A 40 -4.90 -4.86 -10.76
CA LEU A 40 -3.45 -4.73 -10.72
C LEU A 40 -2.79 -6.10 -10.54
N PRO A 41 -1.71 -6.36 -11.29
CA PRO A 41 -0.99 -7.65 -11.22
C PRO A 41 -0.24 -7.84 -9.89
N ILE A 42 -0.57 -8.93 -9.20
CA ILE A 42 0.07 -9.25 -7.92
C ILE A 42 1.57 -9.00 -7.97
N LEU A 43 2.17 -9.24 -9.13
CA LEU A 43 3.59 -9.04 -9.31
C LEU A 43 4.02 -7.69 -8.74
N GLU A 44 3.25 -6.65 -9.07
CA GLU A 44 3.54 -5.31 -8.58
C GLU A 44 3.00 -5.14 -7.16
N LEU A 45 1.78 -5.62 -6.95
CA LEU A 45 1.16 -5.52 -5.63
C LEU A 45 2.13 -5.97 -4.53
N SER A 46 2.81 -7.08 -4.76
CA SER A 46 3.74 -7.61 -3.75
C SER A 46 4.83 -6.59 -3.39
N HIS A 47 5.57 -6.10 -4.38
CA HIS A 47 6.62 -5.13 -4.09
C HIS A 47 6.02 -3.94 -3.33
N ILE A 48 4.80 -3.57 -3.71
CA ILE A 48 4.11 -2.47 -3.04
C ILE A 48 4.02 -2.73 -1.55
N TRP A 49 3.80 -3.98 -1.17
CA TRP A 49 3.72 -4.31 0.25
C TRP A 49 5.07 -4.12 0.93
N GLU A 50 6.09 -4.77 0.42
CA GLU A 50 7.43 -4.64 1.01
C GLU A 50 7.78 -3.17 1.21
N LEU A 51 7.56 -2.38 0.16
CA LEU A 51 7.84 -0.95 0.22
C LEU A 51 6.98 -0.26 1.28
N SER A 52 5.71 -0.63 1.32
CA SER A 52 4.76 -0.06 2.28
C SER A 52 4.84 -0.71 3.66
N ASP A 53 5.40 -1.90 3.72
CA ASP A 53 5.52 -2.66 4.97
C ASP A 53 6.91 -2.51 5.58
N PHE A 54 7.38 -1.28 5.67
CA PHE A 54 8.70 -0.99 6.23
C PHE A 54 8.91 -1.66 7.59
N ASP A 55 7.85 -2.19 8.18
CA ASP A 55 7.97 -2.83 9.48
C ASP A 55 8.14 -4.34 9.35
N LYS A 56 7.40 -4.93 8.41
CA LYS A 56 7.45 -6.38 8.19
C LYS A 56 6.68 -7.12 9.27
N ASP A 57 5.52 -6.59 9.60
CA ASP A 57 4.68 -7.18 10.63
C ASP A 57 3.59 -8.06 10.00
N GLY A 58 3.56 -8.10 8.67
CA GLY A 58 2.53 -8.88 7.99
C GLY A 58 1.17 -8.21 8.09
N ALA A 59 1.19 -6.96 8.54
CA ALA A 59 -0.02 -6.17 8.71
C ALA A 59 0.21 -4.73 8.25
N LEU A 60 -0.76 -4.18 7.54
CA LEU A 60 -0.65 -2.83 7.03
C LEU A 60 -1.37 -1.82 7.90
N THR A 61 -0.63 -0.85 8.42
CA THR A 61 -1.21 0.18 9.26
C THR A 61 -1.74 1.33 8.41
N LEU A 62 -2.65 2.10 8.96
CA LEU A 62 -3.23 3.21 8.23
C LEU A 62 -2.18 3.97 7.42
N ASP A 63 -1.02 4.21 8.02
CA ASP A 63 0.05 4.92 7.32
C ASP A 63 0.53 4.08 6.14
N GLU A 64 0.77 2.80 6.39
CA GLU A 64 1.18 1.90 5.32
C GLU A 64 0.12 1.96 4.22
N PHE A 65 -1.13 2.13 4.64
CA PHE A 65 -2.26 2.23 3.72
C PHE A 65 -2.18 3.51 2.89
N CYS A 66 -2.07 4.64 3.57
CA CYS A 66 -1.97 5.93 2.88
C CYS A 66 -0.82 5.95 1.89
N ALA A 67 0.37 5.57 2.38
CA ALA A 67 1.56 5.54 1.53
C ALA A 67 1.38 4.58 0.37
N ALA A 68 0.87 3.38 0.65
CA ALA A 68 0.67 2.38 -0.39
C ALA A 68 -0.28 2.89 -1.48
N PHE A 69 -1.48 3.30 -1.09
CA PHE A 69 -2.44 3.79 -2.07
C PHE A 69 -1.86 4.96 -2.86
N HIS A 70 -1.27 5.92 -2.16
CA HIS A 70 -0.66 7.07 -2.83
C HIS A 70 0.36 6.59 -3.85
N LEU A 71 1.30 5.79 -3.39
CA LEU A 71 2.33 5.27 -4.27
C LEU A 71 1.69 4.52 -5.45
N VAL A 72 0.85 3.54 -5.13
CA VAL A 72 0.18 2.77 -6.17
C VAL A 72 -0.38 3.69 -7.24
N VAL A 73 -1.01 4.77 -6.81
CA VAL A 73 -1.57 5.75 -7.73
C VAL A 73 -0.57 6.08 -8.83
N ALA A 74 0.66 6.35 -8.44
CA ALA A 74 1.71 6.69 -9.40
C ALA A 74 2.12 5.48 -10.23
N ARG A 75 2.13 4.31 -9.61
CA ARG A 75 2.52 3.07 -10.28
C ARG A 75 1.92 3.01 -11.69
N LYS A 76 0.65 3.33 -11.81
CA LYS A 76 -0.02 3.31 -13.12
C LYS A 76 0.75 4.11 -14.16
N ASN A 77 1.37 5.19 -13.72
CA ASN A 77 2.13 6.04 -14.62
C ASN A 77 3.57 6.23 -14.15
N GLY A 78 4.18 5.16 -13.64
CA GLY A 78 5.54 5.26 -13.17
C GLY A 78 6.13 3.96 -12.62
N TYR A 79 6.13 2.92 -13.44
CA TYR A 79 6.67 1.63 -13.01
C TYR A 79 8.20 1.69 -12.91
N ASP A 80 8.78 2.75 -13.44
CA ASP A 80 10.24 2.96 -13.40
C ASP A 80 10.72 3.29 -11.99
N LEU A 81 10.31 2.48 -11.04
CA LEU A 81 10.67 2.71 -9.63
C LEU A 81 12.13 2.30 -9.33
N PRO A 82 12.84 3.14 -8.56
CA PRO A 82 14.24 2.90 -8.17
C PRO A 82 14.46 1.58 -7.44
N GLU A 83 13.46 1.14 -6.69
CA GLU A 83 13.56 -0.11 -5.94
C GLU A 83 14.35 0.10 -4.63
N LYS A 84 13.89 1.07 -3.82
CA LYS A 84 14.54 1.38 -2.54
C LYS A 84 14.76 0.14 -1.70
N LEU A 85 13.81 -0.78 -1.76
CA LEU A 85 13.88 -2.00 -0.96
C LEU A 85 15.07 -2.88 -1.34
N PRO A 86 15.87 -3.28 -0.35
CA PRO A 86 17.01 -4.17 -0.56
C PRO A 86 16.60 -5.64 -0.45
N GLU A 87 17.07 -6.47 -1.38
CA GLU A 87 16.71 -7.89 -1.36
C GLU A 87 17.23 -8.61 -0.11
N SER A 88 17.42 -7.87 0.96
CA SER A 88 17.91 -8.43 2.22
C SER A 88 16.74 -8.63 3.20
N LEU A 89 15.61 -8.00 2.89
CA LEU A 89 14.43 -8.10 3.74
C LEU A 89 13.17 -8.45 2.94
N MET A 90 13.28 -9.44 2.07
CA MET A 90 12.15 -9.87 1.27
C MET A 90 11.84 -11.35 1.53
N PRO A 91 10.56 -11.73 1.44
CA PRO A 91 10.15 -13.12 1.67
C PRO A 91 10.72 -14.10 0.64
N LYS A 92 10.03 -15.22 0.44
CA LYS A 92 10.48 -16.22 -0.53
C LYS A 92 9.34 -16.61 -1.48
N TRP A 1 5.31 14.51 -4.77
CA TRP A 1 5.03 13.46 -3.76
C TRP A 1 4.47 14.04 -2.46
N LYS A 2 3.17 14.24 -2.42
CA LYS A 2 2.51 14.78 -1.23
C LYS A 2 1.01 14.46 -1.27
N ILE A 3 0.49 13.99 -0.15
CA ILE A 3 -0.92 13.60 -0.06
C ILE A 3 -1.86 14.81 0.02
N THR A 4 -2.83 14.86 -0.89
CA THR A 4 -3.82 15.94 -0.89
C THR A 4 -5.04 15.52 -0.08
N ASP A 5 -5.52 16.41 0.78
CA ASP A 5 -6.68 16.11 1.62
C ASP A 5 -7.80 15.44 0.82
N GLU A 6 -8.12 15.98 -0.34
CA GLU A 6 -9.17 15.42 -1.16
C GLU A 6 -8.93 13.92 -1.37
N GLN A 7 -7.70 13.59 -1.76
CA GLN A 7 -7.32 12.20 -1.96
C GLN A 7 -7.27 11.48 -0.61
N ARG A 8 -6.73 12.16 0.39
CA ARG A 8 -6.63 11.60 1.74
C ARG A 8 -8.00 11.12 2.21
N GLN A 9 -8.98 12.00 2.18
CA GLN A 9 -10.34 11.62 2.55
C GLN A 9 -10.90 10.67 1.50
N TYR A 10 -10.60 10.98 0.24
CA TYR A 10 -11.04 10.18 -0.89
C TYR A 10 -10.79 8.68 -0.67
N TYR A 11 -9.57 8.34 -0.27
CA TYR A 11 -9.23 6.94 -0.04
C TYR A 11 -9.92 6.41 1.21
N VAL A 12 -9.87 7.19 2.28
CA VAL A 12 -10.50 6.79 3.55
C VAL A 12 -11.93 6.34 3.33
N ASN A 13 -12.67 7.09 2.53
CA ASN A 13 -14.05 6.79 2.23
C ASN A 13 -14.26 5.29 1.98
N GLN A 14 -13.28 4.66 1.34
CA GLN A 14 -13.39 3.23 1.01
C GLN A 14 -12.70 2.33 2.03
N PHE A 15 -11.41 2.56 2.26
CA PHE A 15 -10.64 1.72 3.18
C PHE A 15 -11.17 1.78 4.60
N LYS A 16 -11.87 2.85 4.92
CA LYS A 16 -12.44 3.03 6.26
C LYS A 16 -13.07 1.73 6.76
N THR A 17 -13.70 0.98 5.87
CA THR A 17 -14.35 -0.28 6.23
C THR A 17 -13.39 -1.23 6.93
N ILE A 18 -12.11 -0.89 6.92
CA ILE A 18 -11.08 -1.71 7.55
C ILE A 18 -10.04 -0.85 8.25
N GLN A 19 -9.63 0.24 7.62
CA GLN A 19 -8.64 1.12 8.21
C GLN A 19 -9.20 2.54 8.41
N PRO A 20 -10.13 2.69 9.36
CA PRO A 20 -10.77 3.98 9.65
C PRO A 20 -9.84 5.01 10.28
N ASP A 21 -9.01 4.56 11.22
CA ASP A 21 -8.07 5.43 11.92
C ASP A 21 -6.71 4.73 12.05
N LEU A 22 -5.78 5.39 12.71
CA LEU A 22 -4.44 4.84 12.91
C LEU A 22 -4.50 3.55 13.74
N ASN A 23 -5.68 3.25 14.27
CA ASN A 23 -5.86 2.06 15.09
C ASN A 23 -6.40 0.90 14.26
N GLY A 24 -5.92 0.80 13.02
CA GLY A 24 -6.35 -0.26 12.15
C GLY A 24 -5.20 -0.83 11.33
N PHE A 25 -5.16 -2.14 11.18
CA PHE A 25 -4.10 -2.80 10.43
C PHE A 25 -4.67 -3.81 9.44
N ILE A 26 -4.22 -3.73 8.20
CA ILE A 26 -4.69 -4.63 7.15
C ILE A 26 -3.63 -5.65 6.76
N PRO A 27 -3.97 -6.93 6.87
CA PRO A 27 -3.06 -8.01 6.49
C PRO A 27 -2.92 -8.10 4.97
N GLY A 28 -1.79 -8.62 4.51
CA GLY A 28 -1.60 -8.73 3.07
C GLY A 28 -2.83 -9.31 2.37
N SER A 29 -3.50 -10.23 3.05
CA SER A 29 -4.70 -10.88 2.51
C SER A 29 -5.75 -9.86 2.04
N ALA A 30 -6.16 -8.96 2.92
CA ALA A 30 -7.16 -7.96 2.57
C ALA A 30 -6.63 -7.03 1.48
N ALA A 31 -5.42 -6.53 1.69
CA ALA A 31 -4.79 -5.65 0.72
C ALA A 31 -4.84 -6.25 -0.67
N LYS A 32 -4.49 -7.54 -0.77
CA LYS A 32 -4.51 -8.24 -2.03
C LYS A 32 -5.89 -8.20 -2.67
N GLU A 33 -6.90 -8.62 -1.92
CA GLU A 33 -8.27 -8.61 -2.43
C GLU A 33 -8.75 -7.20 -2.76
N PHE A 34 -8.57 -6.30 -1.80
CA PHE A 34 -8.97 -4.91 -1.97
C PHE A 34 -8.31 -4.32 -3.22
N PHE A 35 -7.00 -4.41 -3.26
CA PHE A 35 -6.23 -3.90 -4.39
C PHE A 35 -6.56 -4.65 -5.68
N THR A 36 -6.52 -5.97 -5.61
CA THR A 36 -6.83 -6.80 -6.78
C THR A 36 -8.12 -6.34 -7.45
N LYS A 37 -9.13 -6.02 -6.63
CA LYS A 37 -10.40 -5.55 -7.16
C LYS A 37 -10.17 -4.31 -8.05
N SER A 38 -9.16 -3.53 -7.68
CA SER A 38 -8.83 -2.32 -8.44
C SER A 38 -8.40 -2.67 -9.87
N LYS A 39 -7.48 -3.62 -10.00
CA LYS A 39 -6.98 -4.04 -11.31
C LYS A 39 -5.56 -4.58 -11.27
N LEU A 40 -4.67 -3.83 -10.64
CA LEU A 40 -3.27 -4.22 -10.54
C LEU A 40 -3.12 -5.69 -10.12
N PRO A 41 -2.34 -6.47 -10.88
CA PRO A 41 -2.11 -7.89 -10.57
C PRO A 41 -1.34 -8.11 -9.27
N ILE A 42 -1.81 -9.06 -8.48
CA ILE A 42 -1.17 -9.38 -7.20
C ILE A 42 0.35 -9.37 -7.31
N LEU A 43 0.85 -9.68 -8.50
CA LEU A 43 2.30 -9.72 -8.72
C LEU A 43 2.99 -8.50 -8.12
N GLU A 44 2.94 -7.38 -8.83
CA GLU A 44 3.57 -6.16 -8.34
C GLU A 44 3.01 -5.77 -6.97
N LEU A 45 1.74 -6.08 -6.75
CA LEU A 45 1.12 -5.80 -5.47
C LEU A 45 2.02 -6.30 -4.35
N SER A 46 2.85 -7.28 -4.68
CA SER A 46 3.80 -7.84 -3.72
C SER A 46 4.89 -6.82 -3.38
N HIS A 47 5.56 -6.31 -4.40
CA HIS A 47 6.62 -5.32 -4.20
C HIS A 47 6.14 -4.16 -3.34
N ILE A 48 4.94 -3.69 -3.64
CA ILE A 48 4.35 -2.57 -2.91
C ILE A 48 4.26 -2.85 -1.40
N TRP A 49 3.82 -4.05 -1.01
CA TRP A 49 3.69 -4.36 0.41
C TRP A 49 5.02 -4.21 1.15
N GLU A 50 6.06 -4.90 0.68
CA GLU A 50 7.36 -4.81 1.34
C GLU A 50 7.73 -3.35 1.56
N LEU A 51 7.73 -2.60 0.48
CA LEU A 51 8.04 -1.18 0.55
C LEU A 51 7.11 -0.48 1.54
N SER A 52 5.86 -0.95 1.61
CA SER A 52 4.87 -0.40 2.53
C SER A 52 5.04 -0.92 3.96
N ASP A 53 5.66 -2.10 4.08
CA ASP A 53 5.84 -2.72 5.39
C ASP A 53 7.22 -2.41 5.97
N PHE A 54 7.60 -1.13 5.94
CA PHE A 54 8.90 -0.72 6.49
C PHE A 54 9.20 -1.39 7.84
N ASP A 55 8.17 -1.96 8.45
CA ASP A 55 8.32 -2.62 9.74
C ASP A 55 8.48 -4.13 9.55
N LYS A 56 7.79 -4.67 8.56
CA LYS A 56 7.84 -6.10 8.25
C LYS A 56 7.11 -6.91 9.31
N ASP A 57 5.91 -6.47 9.65
CA ASP A 57 5.09 -7.15 10.65
C ASP A 57 4.07 -8.07 9.97
N GLY A 58 4.02 -7.96 8.64
CA GLY A 58 3.07 -8.75 7.87
C GLY A 58 1.70 -8.11 7.88
N ALA A 59 1.66 -6.86 8.29
CA ALA A 59 0.42 -6.10 8.34
C ALA A 59 0.64 -4.66 7.91
N LEU A 60 -0.34 -4.10 7.22
CA LEU A 60 -0.27 -2.73 6.76
C LEU A 60 -1.06 -1.83 7.69
N THR A 61 -0.36 -0.89 8.31
CA THR A 61 -1.00 0.06 9.21
C THR A 61 -1.58 1.23 8.43
N LEU A 62 -2.57 1.91 9.00
CA LEU A 62 -3.15 3.04 8.30
C LEU A 62 -2.04 3.87 7.65
N ASP A 63 -0.93 4.01 8.37
CA ASP A 63 0.23 4.73 7.86
C ASP A 63 0.74 4.05 6.59
N GLU A 64 0.95 2.74 6.67
CA GLU A 64 1.41 1.99 5.52
C GLU A 64 0.40 2.13 4.38
N PHE A 65 -0.87 2.12 4.75
CA PHE A 65 -1.97 2.25 3.80
C PHE A 65 -1.91 3.57 3.02
N CYS A 66 -1.88 4.67 3.75
CA CYS A 66 -1.83 5.99 3.13
C CYS A 66 -0.73 6.06 2.08
N ALA A 67 0.46 5.59 2.46
CA ALA A 67 1.60 5.58 1.56
C ALA A 67 1.41 4.57 0.42
N ALA A 68 0.93 3.38 0.78
CA ALA A 68 0.70 2.33 -0.20
C ALA A 68 -0.29 2.80 -1.28
N PHE A 69 -1.46 3.24 -0.84
CA PHE A 69 -2.47 3.71 -1.78
C PHE A 69 -1.91 4.80 -2.69
N HIS A 70 -1.33 5.83 -2.09
CA HIS A 70 -0.75 6.92 -2.85
C HIS A 70 0.30 6.41 -3.83
N LEU A 71 1.27 5.67 -3.30
CA LEU A 71 2.32 5.11 -4.13
C LEU A 71 1.72 4.36 -5.32
N VAL A 72 0.84 3.41 -5.03
CA VAL A 72 0.18 2.63 -6.07
C VAL A 72 -0.36 3.55 -7.17
N VAL A 73 -1.02 4.61 -6.76
CA VAL A 73 -1.58 5.57 -7.72
C VAL A 73 -0.58 5.86 -8.83
N ALA A 74 0.66 6.11 -8.45
CA ALA A 74 1.72 6.40 -9.42
C ALA A 74 1.86 5.27 -10.44
N ARG A 75 1.65 4.04 -9.97
CA ARG A 75 1.74 2.88 -10.83
C ARG A 75 0.81 3.03 -12.04
N LYS A 76 -0.10 4.00 -11.97
CA LYS A 76 -1.06 4.25 -13.05
C LYS A 76 -0.40 4.08 -14.41
N ASN A 77 0.73 4.73 -14.59
CA ASN A 77 1.47 4.66 -15.84
C ASN A 77 2.80 3.92 -15.64
N GLY A 78 3.51 4.27 -14.57
CA GLY A 78 4.77 3.64 -14.28
C GLY A 78 5.39 4.15 -12.99
N TYR A 79 6.63 4.65 -13.07
CA TYR A 79 7.32 5.18 -11.91
C TYR A 79 7.32 4.21 -10.72
N ASP A 80 7.56 2.93 -10.99
CA ASP A 80 7.60 1.92 -9.95
C ASP A 80 8.77 2.19 -8.98
N LEU A 81 9.36 1.13 -8.43
CA LEU A 81 10.49 1.31 -7.50
C LEU A 81 11.53 0.19 -7.60
N PRO A 82 12.82 0.56 -7.48
CA PRO A 82 13.96 -0.37 -7.57
C PRO A 82 14.12 -1.27 -6.32
N GLU A 83 14.47 -2.54 -6.56
CA GLU A 83 14.68 -3.52 -5.50
C GLU A 83 15.77 -3.09 -4.50
N LYS A 84 15.53 -2.00 -3.78
CA LYS A 84 16.51 -1.50 -2.81
C LYS A 84 16.41 -2.24 -1.48
N LEU A 85 15.19 -2.56 -1.08
CA LEU A 85 14.96 -3.26 0.18
C LEU A 85 15.70 -4.60 0.22
N PRO A 86 15.59 -5.42 -0.83
CA PRO A 86 16.26 -6.72 -0.88
C PRO A 86 17.76 -6.65 -1.20
N GLU A 87 18.58 -7.17 -0.31
CA GLU A 87 20.03 -7.18 -0.53
C GLU A 87 20.35 -7.74 -1.91
N SER A 88 19.47 -8.62 -2.39
CA SER A 88 19.64 -9.25 -3.70
C SER A 88 18.30 -9.33 -4.46
N LEU A 89 18.03 -10.45 -5.10
CA LEU A 89 16.78 -10.63 -5.87
C LEU A 89 15.74 -11.38 -5.04
N MET A 90 15.63 -11.00 -3.78
CA MET A 90 14.67 -11.61 -2.87
C MET A 90 13.31 -11.81 -3.54
N PRO A 91 12.89 -13.06 -3.76
CA PRO A 91 11.60 -13.37 -4.37
C PRO A 91 10.44 -13.33 -3.37
N LYS A 92 9.33 -12.74 -3.77
CA LYS A 92 8.15 -12.65 -2.91
C LYS A 92 6.89 -13.02 -3.67
N TRP A 1 6.17 12.97 -1.14
CA TRP A 1 4.89 12.38 -1.60
C TRP A 1 3.74 12.67 -0.62
N LYS A 2 3.52 13.95 -0.36
CA LYS A 2 2.46 14.37 0.55
C LYS A 2 1.07 14.17 -0.07
N ILE A 3 0.11 13.82 0.77
CA ILE A 3 -1.27 13.59 0.32
C ILE A 3 -2.12 14.86 0.38
N THR A 4 -2.74 15.21 -0.74
CA THR A 4 -3.61 16.38 -0.76
C THR A 4 -4.81 16.14 0.15
N ASP A 5 -5.21 17.15 0.90
CA ASP A 5 -6.33 17.00 1.82
C ASP A 5 -7.48 16.22 1.18
N GLU A 6 -7.85 16.58 -0.05
CA GLU A 6 -8.93 15.88 -0.77
C GLU A 6 -8.60 14.40 -0.91
N GLN A 7 -7.48 14.13 -1.58
CA GLN A 7 -7.03 12.77 -1.78
C GLN A 7 -7.00 11.99 -0.46
N ARG A 8 -6.54 12.67 0.59
CA ARG A 8 -6.47 12.04 1.90
C ARG A 8 -7.83 11.45 2.28
N GLN A 9 -8.86 12.29 2.26
CA GLN A 9 -10.20 11.86 2.58
C GLN A 9 -10.69 10.85 1.54
N TYR A 10 -10.30 11.07 0.30
CA TYR A 10 -10.69 10.21 -0.81
C TYR A 10 -10.51 8.73 -0.45
N TYR A 11 -9.31 8.38 -0.01
CA TYR A 11 -9.04 6.99 0.35
C TYR A 11 -9.73 6.60 1.65
N VAL A 12 -9.71 7.50 2.63
CA VAL A 12 -10.34 7.25 3.91
C VAL A 12 -11.80 6.83 3.73
N ASN A 13 -12.53 7.58 2.90
CA ASN A 13 -13.93 7.29 2.64
C ASN A 13 -14.16 5.83 2.26
N GLN A 14 -13.27 5.27 1.47
CA GLN A 14 -13.39 3.89 1.02
C GLN A 14 -12.74 2.89 1.98
N PHE A 15 -11.45 3.09 2.27
CA PHE A 15 -10.73 2.18 3.16
C PHE A 15 -11.27 2.16 4.58
N LYS A 16 -11.87 3.26 5.01
CA LYS A 16 -12.42 3.34 6.36
C LYS A 16 -13.14 2.05 6.73
N THR A 17 -13.70 1.38 5.72
CA THR A 17 -14.40 0.12 5.94
C THR A 17 -13.56 -0.83 6.78
N ILE A 18 -12.26 -0.86 6.50
CA ILE A 18 -11.34 -1.72 7.23
C ILE A 18 -10.32 -0.92 8.04
N GLN A 19 -9.85 0.20 7.47
CA GLN A 19 -8.86 1.02 8.15
C GLN A 19 -9.44 2.37 8.58
N PRO A 20 -10.31 2.35 9.61
CA PRO A 20 -10.97 3.57 10.13
C PRO A 20 -10.00 4.58 10.77
N ASP A 21 -9.15 4.10 11.69
CA ASP A 21 -8.20 4.96 12.37
C ASP A 21 -6.89 4.20 12.61
N LEU A 22 -5.95 4.86 13.27
CA LEU A 22 -4.64 4.27 13.57
C LEU A 22 -4.74 2.98 14.38
N ASN A 23 -5.95 2.55 14.69
CA ASN A 23 -6.15 1.32 15.46
C ASN A 23 -6.51 0.15 14.54
N GLY A 24 -6.63 0.43 13.25
CA GLY A 24 -6.97 -0.61 12.29
C GLY A 24 -5.78 -1.07 11.46
N PHE A 25 -5.68 -2.37 11.19
CA PHE A 25 -4.56 -2.92 10.42
C PHE A 25 -5.06 -3.90 9.36
N ILE A 26 -4.43 -3.88 8.20
CA ILE A 26 -4.81 -4.74 7.09
C ILE A 26 -3.70 -5.76 6.76
N PRO A 27 -4.02 -7.06 6.85
CA PRO A 27 -3.08 -8.12 6.54
C PRO A 27 -2.79 -8.19 5.04
N GLY A 28 -1.59 -8.61 4.66
CA GLY A 28 -1.25 -8.70 3.25
C GLY A 28 -2.34 -9.36 2.42
N SER A 29 -3.07 -10.27 3.06
CA SER A 29 -4.16 -10.97 2.38
C SER A 29 -5.25 -9.99 1.96
N ALA A 30 -5.61 -9.08 2.86
CA ALA A 30 -6.63 -8.09 2.56
C ALA A 30 -6.10 -7.03 1.60
N ALA A 31 -4.88 -6.54 1.86
CA ALA A 31 -4.29 -5.53 1.00
C ALA A 31 -4.21 -6.00 -0.45
N LYS A 32 -3.57 -7.15 -0.66
CA LYS A 32 -3.45 -7.70 -2.00
C LYS A 32 -4.83 -7.94 -2.60
N GLU A 33 -5.68 -8.67 -1.88
CA GLU A 33 -7.01 -8.98 -2.35
C GLU A 33 -7.79 -7.71 -2.70
N PHE A 34 -7.71 -6.73 -1.82
CA PHE A 34 -8.42 -5.48 -2.04
C PHE A 34 -7.99 -4.83 -3.35
N PHE A 35 -6.69 -4.61 -3.51
CA PHE A 35 -6.17 -3.99 -4.72
C PHE A 35 -6.46 -4.86 -5.95
N THR A 36 -6.22 -6.16 -5.81
CA THR A 36 -6.44 -7.09 -6.92
C THR A 36 -7.75 -6.78 -7.66
N LYS A 37 -8.78 -6.43 -6.90
CA LYS A 37 -10.09 -6.11 -7.48
C LYS A 37 -9.99 -4.92 -8.44
N SER A 38 -9.13 -3.97 -8.13
CA SER A 38 -8.95 -2.78 -8.94
C SER A 38 -8.65 -3.12 -10.40
N LYS A 39 -7.58 -3.86 -10.64
CA LYS A 39 -7.21 -4.25 -11.99
C LYS A 39 -5.80 -4.84 -12.04
N LEU A 40 -4.88 -4.20 -11.32
CA LEU A 40 -3.49 -4.65 -11.29
C LEU A 40 -3.36 -6.05 -10.68
N PRO A 41 -2.48 -6.88 -11.25
CA PRO A 41 -2.23 -8.24 -10.77
C PRO A 41 -1.45 -8.26 -9.46
N ILE A 42 -1.72 -9.27 -8.64
CA ILE A 42 -1.03 -9.40 -7.35
C ILE A 42 0.50 -9.37 -7.52
N LEU A 43 0.98 -9.75 -8.71
CA LEU A 43 2.41 -9.80 -9.00
C LEU A 43 3.15 -8.52 -8.53
N GLU A 44 3.12 -7.48 -9.35
CA GLU A 44 3.80 -6.23 -9.01
C GLU A 44 3.41 -5.79 -7.60
N LEU A 45 2.13 -5.90 -7.30
CA LEU A 45 1.60 -5.53 -5.99
C LEU A 45 2.55 -6.04 -4.90
N SER A 46 3.18 -7.17 -5.16
CA SER A 46 4.11 -7.78 -4.23
C SER A 46 5.16 -6.75 -3.77
N HIS A 47 5.71 -5.98 -4.70
CA HIS A 47 6.71 -4.97 -4.36
C HIS A 47 6.12 -3.93 -3.41
N ILE A 48 4.94 -3.43 -3.74
CA ILE A 48 4.26 -2.43 -2.92
C ILE A 48 4.21 -2.85 -1.46
N TRP A 49 3.73 -4.07 -1.21
CA TRP A 49 3.63 -4.55 0.16
C TRP A 49 4.95 -4.39 0.91
N GLU A 50 6.02 -4.94 0.35
CA GLU A 50 7.33 -4.84 0.96
C GLU A 50 7.59 -3.41 1.42
N LEU A 51 7.21 -2.46 0.57
CA LEU A 51 7.38 -1.05 0.89
C LEU A 51 6.49 -0.64 2.06
N SER A 52 5.27 -1.16 2.11
CA SER A 52 4.35 -0.82 3.19
C SER A 52 4.75 -1.45 4.52
N ASP A 53 5.45 -2.58 4.47
CA ASP A 53 5.85 -3.25 5.70
C ASP A 53 7.26 -2.87 6.12
N PHE A 54 7.46 -1.57 6.40
CA PHE A 54 8.77 -1.08 6.85
C PHE A 54 9.23 -1.90 8.04
N ASP A 55 8.29 -2.69 8.54
CA ASP A 55 8.55 -3.55 9.67
C ASP A 55 8.86 -4.97 9.20
N LYS A 56 7.85 -5.81 9.23
CA LYS A 56 7.95 -7.20 8.83
C LYS A 56 6.89 -7.99 9.57
N ASP A 57 5.70 -7.40 9.66
CA ASP A 57 4.58 -8.00 10.36
C ASP A 57 3.54 -8.57 9.40
N GLY A 58 3.70 -8.27 8.10
CA GLY A 58 2.73 -8.76 7.13
C GLY A 58 1.38 -8.13 7.41
N ALA A 59 1.43 -6.94 7.96
CA ALA A 59 0.24 -6.18 8.30
C ALA A 59 0.44 -4.69 8.02
N LEU A 60 -0.51 -4.10 7.32
CA LEU A 60 -0.46 -2.69 6.98
C LEU A 60 -1.33 -1.85 7.90
N THR A 61 -0.82 -0.70 8.27
CA THR A 61 -1.52 0.23 9.13
C THR A 61 -1.93 1.45 8.31
N LEU A 62 -2.88 2.24 8.81
CA LEU A 62 -3.32 3.42 8.08
C LEU A 62 -2.13 4.17 7.47
N ASP A 63 -0.99 4.13 8.16
CA ASP A 63 0.24 4.76 7.68
C ASP A 63 0.76 4.04 6.42
N GLU A 64 0.97 2.74 6.56
CA GLU A 64 1.42 1.92 5.45
C GLU A 64 0.40 1.98 4.32
N PHE A 65 -0.86 2.11 4.72
CA PHE A 65 -1.98 2.23 3.80
C PHE A 65 -1.92 3.54 3.03
N CYS A 66 -1.75 4.61 3.79
CA CYS A 66 -1.68 5.96 3.23
C CYS A 66 -0.71 6.03 2.06
N ALA A 67 0.53 5.60 2.28
CA ALA A 67 1.54 5.60 1.23
C ALA A 67 1.23 4.55 0.18
N ALA A 68 0.88 3.36 0.61
CA ALA A 68 0.56 2.28 -0.32
C ALA A 68 -0.49 2.72 -1.33
N PHE A 69 -1.60 3.23 -0.83
CA PHE A 69 -2.67 3.70 -1.70
C PHE A 69 -2.13 4.70 -2.71
N HIS A 70 -1.27 5.60 -2.25
CA HIS A 70 -0.67 6.58 -3.12
C HIS A 70 0.21 5.92 -4.17
N LEU A 71 1.17 5.11 -3.71
CA LEU A 71 2.06 4.41 -4.62
C LEU A 71 1.25 3.67 -5.68
N VAL A 72 0.25 2.93 -5.24
CA VAL A 72 -0.59 2.19 -6.17
C VAL A 72 -1.14 3.13 -7.23
N VAL A 73 -1.46 4.33 -6.82
CA VAL A 73 -1.99 5.33 -7.74
C VAL A 73 -0.93 5.74 -8.77
N ALA A 74 0.25 6.07 -8.28
CA ALA A 74 1.36 6.49 -9.14
C ALA A 74 1.88 5.35 -10.03
N ARG A 75 2.01 4.15 -9.47
CA ARG A 75 2.53 3.03 -10.26
C ARG A 75 1.87 2.99 -11.65
N LYS A 76 0.59 3.34 -11.69
CA LYS A 76 -0.15 3.33 -12.95
C LYS A 76 0.56 4.17 -14.02
N ASN A 77 1.25 5.23 -13.58
CA ASN A 77 1.98 6.09 -14.50
C ASN A 77 2.86 5.26 -15.44
N GLY A 78 3.21 4.05 -15.00
CA GLY A 78 4.03 3.18 -15.82
C GLY A 78 5.48 3.09 -15.35
N TYR A 79 6.22 4.18 -15.44
CA TYR A 79 7.61 4.19 -15.02
C TYR A 79 7.75 4.27 -13.50
N ASP A 80 6.92 3.50 -12.81
CA ASP A 80 6.97 3.48 -11.35
C ASP A 80 8.21 2.72 -10.85
N LEU A 81 8.51 2.84 -9.56
CA LEU A 81 9.67 2.15 -9.00
C LEU A 81 9.85 0.76 -9.60
N PRO A 82 11.06 0.48 -10.14
CA PRO A 82 11.36 -0.83 -10.76
C PRO A 82 11.51 -1.95 -9.72
N GLU A 83 10.56 -2.04 -8.81
CA GLU A 83 10.59 -3.05 -7.77
C GLU A 83 11.90 -3.02 -7.00
N LYS A 84 12.28 -4.15 -6.41
CA LYS A 84 13.51 -4.21 -5.62
C LYS A 84 13.50 -3.14 -4.53
N LEU A 85 13.19 -3.54 -3.31
CA LEU A 85 13.16 -2.60 -2.21
C LEU A 85 14.35 -1.64 -2.29
N PRO A 86 14.09 -0.32 -2.24
CA PRO A 86 15.14 0.69 -2.31
C PRO A 86 16.12 0.59 -1.14
N GLU A 87 15.57 0.50 0.06
CA GLU A 87 16.38 0.39 1.26
C GLU A 87 16.27 -1.01 1.85
N SER A 88 17.19 -1.36 2.73
CA SER A 88 17.18 -2.70 3.33
C SER A 88 16.50 -2.69 4.71
N LEU A 89 15.43 -3.48 4.81
CA LEU A 89 14.69 -3.60 6.07
C LEU A 89 14.23 -5.05 6.28
N MET A 90 13.52 -5.59 5.29
CA MET A 90 13.03 -6.97 5.37
C MET A 90 14.20 -7.97 5.39
N PRO A 91 15.18 -7.77 4.51
CA PRO A 91 16.35 -8.66 4.44
C PRO A 91 17.44 -8.26 5.43
N LYS A 92 18.67 -8.71 5.16
CA LYS A 92 19.79 -8.40 6.04
C LYS A 92 21.07 -8.14 5.23
N TRP A 1 7.42 14.26 -3.97
CA TRP A 1 6.49 13.25 -3.42
C TRP A 1 6.00 13.63 -2.01
N LYS A 2 4.68 13.58 -1.84
CA LYS A 2 4.04 13.88 -0.55
C LYS A 2 2.52 13.86 -0.71
N ILE A 3 1.88 12.96 0.02
CA ILE A 3 0.42 12.79 -0.05
C ILE A 3 -0.37 14.05 0.31
N THR A 4 -1.31 14.42 -0.55
CA THR A 4 -2.18 15.57 -0.29
C THR A 4 -3.37 15.12 0.56
N ASP A 5 -3.83 15.96 1.47
CA ASP A 5 -4.96 15.58 2.32
C ASP A 5 -6.15 15.13 1.50
N GLU A 6 -6.49 15.90 0.44
CA GLU A 6 -7.60 15.54 -0.41
C GLU A 6 -7.53 14.06 -0.77
N GLN A 7 -6.41 13.65 -1.34
CA GLN A 7 -6.19 12.26 -1.68
C GLN A 7 -6.30 11.41 -0.42
N ARG A 8 -5.74 11.91 0.67
CA ARG A 8 -5.79 11.18 1.93
C ARG A 8 -7.23 10.85 2.32
N GLN A 9 -8.10 11.86 2.30
CA GLN A 9 -9.49 11.64 2.66
C GLN A 9 -10.17 10.78 1.60
N TYR A 10 -9.88 11.05 0.33
CA TYR A 10 -10.47 10.28 -0.77
C TYR A 10 -10.36 8.78 -0.50
N TYR A 11 -9.17 8.35 -0.08
CA TYR A 11 -8.92 6.95 0.22
C TYR A 11 -9.81 6.47 1.36
N VAL A 12 -9.74 7.16 2.50
CA VAL A 12 -10.53 6.82 3.66
C VAL A 12 -12.01 6.71 3.31
N ASN A 13 -12.47 7.59 2.42
CA ASN A 13 -13.86 7.58 2.00
C ASN A 13 -14.34 6.15 1.76
N GLN A 14 -13.44 5.32 1.24
CA GLN A 14 -13.78 3.93 0.97
C GLN A 14 -13.10 2.99 1.97
N PHE A 15 -11.78 3.09 2.08
CA PHE A 15 -11.06 2.22 3.00
C PHE A 15 -11.67 2.26 4.39
N LYS A 16 -12.36 3.35 4.70
CA LYS A 16 -13.02 3.50 6.00
C LYS A 16 -13.71 2.21 6.41
N THR A 17 -14.27 1.51 5.44
CA THR A 17 -14.98 0.25 5.73
C THR A 17 -14.11 -0.67 6.58
N ILE A 18 -12.80 -0.62 6.36
CA ILE A 18 -11.88 -1.46 7.12
C ILE A 18 -10.97 -0.63 8.03
N GLN A 19 -10.27 0.35 7.46
CA GLN A 19 -9.35 1.17 8.23
C GLN A 19 -9.52 2.66 7.91
N PRO A 20 -10.51 3.33 8.52
CA PRO A 20 -10.76 4.76 8.28
C PRO A 20 -9.58 5.66 8.67
N ASP A 21 -9.28 5.74 9.96
CA ASP A 21 -8.19 6.58 10.45
C ASP A 21 -7.70 6.11 11.83
N LEU A 22 -7.95 4.83 12.14
CA LEU A 22 -7.51 4.28 13.43
C LEU A 22 -6.10 3.70 13.34
N ASN A 23 -5.80 2.77 14.23
CA ASN A 23 -4.50 2.12 14.28
C ASN A 23 -4.63 0.63 13.97
N GLY A 24 -5.38 0.34 12.92
CA GLY A 24 -5.60 -1.04 12.55
C GLY A 24 -4.67 -1.48 11.42
N PHE A 25 -4.10 -2.67 11.55
CA PHE A 25 -3.21 -3.20 10.54
C PHE A 25 -3.90 -4.28 9.71
N ILE A 26 -3.99 -4.03 8.42
CA ILE A 26 -4.63 -4.96 7.49
C ILE A 26 -3.66 -6.01 6.99
N PRO A 27 -3.98 -7.28 7.18
CA PRO A 27 -3.12 -8.37 6.71
C PRO A 27 -2.95 -8.35 5.19
N GLY A 28 -1.77 -8.73 4.72
CA GLY A 28 -1.54 -8.74 3.28
C GLY A 28 -2.69 -9.36 2.53
N SER A 29 -3.38 -10.27 3.19
CA SER A 29 -4.55 -10.95 2.61
C SER A 29 -5.59 -9.95 2.14
N ALA A 30 -5.93 -8.99 2.99
CA ALA A 30 -6.93 -7.98 2.62
C ALA A 30 -6.34 -6.93 1.69
N ALA A 31 -5.13 -6.48 2.00
CA ALA A 31 -4.47 -5.47 1.18
C ALA A 31 -4.26 -5.97 -0.25
N LYS A 32 -3.64 -7.14 -0.38
CA LYS A 32 -3.41 -7.73 -1.68
C LYS A 32 -4.70 -7.83 -2.47
N GLU A 33 -5.72 -8.43 -1.87
CA GLU A 33 -7.00 -8.58 -2.52
C GLU A 33 -7.63 -7.22 -2.85
N PHE A 34 -7.77 -6.38 -1.85
CA PHE A 34 -8.37 -5.06 -2.05
C PHE A 34 -7.70 -4.35 -3.22
N PHE A 35 -6.38 -4.22 -3.16
CA PHE A 35 -5.64 -3.58 -4.24
C PHE A 35 -5.95 -4.20 -5.59
N THR A 36 -6.20 -5.50 -5.60
CA THR A 36 -6.50 -6.23 -6.82
C THR A 36 -7.46 -5.43 -7.71
N LYS A 37 -8.34 -4.66 -7.09
CA LYS A 37 -9.30 -3.86 -7.83
C LYS A 37 -8.62 -3.08 -8.96
N SER A 38 -7.42 -2.57 -8.71
CA SER A 38 -6.68 -1.81 -9.72
C SER A 38 -6.26 -2.69 -10.89
N LYS A 39 -6.80 -3.89 -10.96
CA LYS A 39 -6.48 -4.85 -12.04
C LYS A 39 -4.98 -5.01 -12.21
N LEU A 40 -4.23 -4.81 -11.13
CA LEU A 40 -2.78 -4.97 -11.14
C LEU A 40 -2.38 -6.41 -10.84
N PRO A 41 -1.33 -6.92 -11.49
CA PRO A 41 -0.85 -8.28 -11.25
C PRO A 41 -0.19 -8.43 -9.89
N ILE A 42 -0.65 -9.41 -9.11
CA ILE A 42 -0.11 -9.66 -7.78
C ILE A 42 1.39 -9.34 -7.71
N LEU A 43 2.10 -9.58 -8.80
CA LEU A 43 3.53 -9.31 -8.85
C LEU A 43 3.83 -7.92 -8.28
N GLU A 44 3.28 -6.88 -8.91
CA GLU A 44 3.48 -5.52 -8.42
C GLU A 44 2.93 -5.38 -7.01
N LEU A 45 1.79 -6.04 -6.76
CA LEU A 45 1.19 -6.01 -5.43
C LEU A 45 2.24 -6.39 -4.38
N SER A 46 3.08 -7.36 -4.72
CA SER A 46 4.12 -7.79 -3.81
C SER A 46 5.14 -6.69 -3.56
N HIS A 47 5.73 -6.17 -4.63
CA HIS A 47 6.72 -5.10 -4.48
C HIS A 47 6.14 -3.97 -3.65
N ILE A 48 4.88 -3.64 -3.93
CA ILE A 48 4.21 -2.58 -3.20
C ILE A 48 4.14 -2.93 -1.72
N TRP A 49 3.73 -4.16 -1.40
CA TRP A 49 3.64 -4.57 0.00
C TRP A 49 4.97 -4.33 0.70
N GLU A 50 6.05 -4.83 0.13
CA GLU A 50 7.36 -4.66 0.73
C GLU A 50 7.63 -3.19 1.00
N LEU A 51 7.42 -2.34 -0.01
CA LEU A 51 7.63 -0.92 0.16
C LEU A 51 6.57 -0.32 1.08
N SER A 52 5.42 -0.98 1.16
CA SER A 52 4.32 -0.51 2.00
C SER A 52 4.50 -0.92 3.47
N ASP A 53 5.13 -2.06 3.70
CA ASP A 53 5.33 -2.57 5.06
C ASP A 53 6.76 -2.25 5.57
N PHE A 54 7.09 -0.97 5.64
CA PHE A 54 8.41 -0.54 6.10
C PHE A 54 8.78 -1.19 7.44
N ASP A 55 7.78 -1.78 8.09
CA ASP A 55 7.99 -2.42 9.38
C ASP A 55 8.20 -3.93 9.23
N LYS A 56 7.52 -4.52 8.27
CA LYS A 56 7.62 -5.95 8.01
C LYS A 56 6.87 -6.74 9.07
N ASP A 57 5.64 -6.33 9.34
CA ASP A 57 4.81 -7.00 10.32
C ASP A 57 3.82 -7.93 9.62
N GLY A 58 3.66 -7.75 8.31
CA GLY A 58 2.72 -8.56 7.56
C GLY A 58 1.32 -8.01 7.71
N ALA A 59 1.25 -6.79 8.22
CA ALA A 59 -0.01 -6.10 8.41
C ALA A 59 0.16 -4.63 8.06
N LEU A 60 -0.74 -4.08 7.27
CA LEU A 60 -0.61 -2.69 6.88
C LEU A 60 -1.47 -1.81 7.76
N THR A 61 -0.80 -0.93 8.48
CA THR A 61 -1.47 0.01 9.35
C THR A 61 -2.02 1.17 8.54
N LEU A 62 -3.08 1.79 9.00
CA LEU A 62 -3.63 2.91 8.28
C LEU A 62 -2.48 3.80 7.79
N ASP A 63 -1.40 3.84 8.57
CA ASP A 63 -0.21 4.59 8.20
C ASP A 63 0.31 4.09 6.84
N GLU A 64 0.55 2.78 6.79
CA GLU A 64 1.02 2.14 5.57
C GLU A 64 -0.05 2.24 4.49
N PHE A 65 -1.31 2.05 4.88
CA PHE A 65 -2.43 2.14 3.96
C PHE A 65 -2.42 3.50 3.24
N CYS A 66 -2.40 4.55 4.05
CA CYS A 66 -2.38 5.91 3.54
C CYS A 66 -1.36 6.07 2.42
N ALA A 67 -0.12 5.66 2.68
CA ALA A 67 0.94 5.76 1.67
C ALA A 67 0.79 4.71 0.57
N ALA A 68 0.31 3.54 0.94
CA ALA A 68 0.13 2.43 0.00
C ALA A 68 -0.73 2.81 -1.21
N PHE A 69 -1.92 3.34 -0.95
CA PHE A 69 -2.81 3.72 -2.04
C PHE A 69 -2.14 4.74 -2.96
N HIS A 70 -1.49 5.73 -2.36
CA HIS A 70 -0.80 6.75 -3.11
C HIS A 70 0.26 6.14 -4.03
N LEU A 71 1.16 5.36 -3.43
CA LEU A 71 2.21 4.71 -4.19
C LEU A 71 1.64 3.85 -5.30
N VAL A 72 0.66 3.01 -4.97
CA VAL A 72 0.01 2.15 -5.95
C VAL A 72 -0.54 2.98 -7.10
N VAL A 73 -1.26 4.04 -6.77
CA VAL A 73 -1.81 4.91 -7.80
C VAL A 73 -0.76 5.21 -8.86
N ALA A 74 0.44 5.58 -8.41
CA ALA A 74 1.53 5.90 -9.32
C ALA A 74 1.64 4.87 -10.45
N ARG A 75 1.36 3.61 -10.13
CA ARG A 75 1.42 2.54 -11.11
C ARG A 75 0.77 2.96 -12.43
N LYS A 76 -0.31 3.72 -12.31
CA LYS A 76 -1.03 4.21 -13.48
C LYS A 76 -0.10 4.95 -14.44
N ASN A 77 0.89 5.64 -13.89
CA ASN A 77 1.83 6.40 -14.70
C ASN A 77 3.24 6.26 -14.15
N GLY A 78 3.64 5.02 -13.89
CA GLY A 78 4.96 4.76 -13.36
C GLY A 78 5.37 3.29 -13.47
N TYR A 79 6.22 2.99 -14.44
CA TYR A 79 6.69 1.61 -14.64
C TYR A 79 7.75 1.25 -13.61
N ASP A 80 8.85 1.97 -13.62
CA ASP A 80 9.95 1.74 -12.69
C ASP A 80 9.58 2.21 -11.28
N LEU A 81 10.37 1.80 -10.30
CA LEU A 81 10.11 2.20 -8.91
C LEU A 81 11.40 2.23 -8.09
N PRO A 82 11.50 3.19 -7.16
CA PRO A 82 12.69 3.35 -6.31
C PRO A 82 12.94 2.15 -5.37
N GLU A 83 14.00 1.43 -5.64
CA GLU A 83 14.39 0.27 -4.84
C GLU A 83 15.00 0.72 -3.51
N LYS A 84 14.84 -0.11 -2.48
CA LYS A 84 15.38 0.20 -1.16
C LYS A 84 15.55 -1.04 -0.30
N LEU A 85 14.52 -1.88 -0.25
CA LEU A 85 14.59 -3.10 0.55
C LEU A 85 15.59 -4.11 -0.02
N PRO A 86 16.68 -4.37 0.71
CA PRO A 86 17.70 -5.34 0.27
C PRO A 86 17.20 -6.78 0.40
N GLU A 87 17.69 -7.66 -0.45
CA GLU A 87 17.25 -9.06 -0.41
C GLU A 87 17.25 -9.60 1.02
N SER A 88 18.35 -9.45 1.74
CA SER A 88 18.43 -9.94 3.11
C SER A 88 19.19 -8.99 4.03
N LEU A 89 19.36 -7.75 3.61
CA LEU A 89 20.09 -6.78 4.43
C LEU A 89 19.13 -5.85 5.18
N MET A 90 17.90 -6.31 5.38
CA MET A 90 16.92 -5.53 6.12
C MET A 90 16.99 -5.85 7.60
N PRO A 91 16.88 -7.13 7.97
CA PRO A 91 16.94 -7.55 9.36
C PRO A 91 18.38 -7.54 9.89
N LYS A 92 18.60 -8.21 11.01
CA LYS A 92 19.94 -8.27 11.59
C LYS A 92 20.21 -9.64 12.22
N TRP A 1 2.17 12.67 -7.20
CA TRP A 1 2.61 12.60 -5.78
C TRP A 1 1.99 13.74 -4.96
N LYS A 2 2.69 14.17 -3.91
CA LYS A 2 2.18 15.25 -3.06
C LYS A 2 0.77 14.95 -2.57
N ILE A 3 0.64 13.87 -1.80
CA ILE A 3 -0.65 13.46 -1.28
C ILE A 3 -1.48 14.65 -0.80
N THR A 4 -2.69 14.77 -1.32
CA THR A 4 -3.57 15.87 -0.90
C THR A 4 -4.56 15.38 0.15
N ASP A 5 -4.76 16.18 1.17
CA ASP A 5 -5.68 15.83 2.25
C ASP A 5 -6.98 15.27 1.68
N GLU A 6 -7.41 15.83 0.55
CA GLU A 6 -8.64 15.37 -0.11
C GLU A 6 -8.53 13.89 -0.43
N GLN A 7 -7.51 13.56 -1.23
CA GLN A 7 -7.27 12.17 -1.61
C GLN A 7 -6.96 11.36 -0.36
N ARG A 8 -6.25 11.99 0.56
CA ARG A 8 -5.86 11.37 1.82
C ARG A 8 -7.11 10.86 2.54
N GLN A 9 -8.07 11.76 2.73
CA GLN A 9 -9.32 11.41 3.38
C GLN A 9 -10.18 10.58 2.43
N TYR A 10 -10.13 10.91 1.15
CA TYR A 10 -10.91 10.21 0.14
C TYR A 10 -10.75 8.70 0.30
N TYR A 11 -9.50 8.23 0.27
CA TYR A 11 -9.23 6.80 0.43
C TYR A 11 -9.87 6.28 1.71
N VAL A 12 -9.64 7.00 2.80
CA VAL A 12 -10.18 6.62 4.10
C VAL A 12 -11.70 6.43 4.02
N ASN A 13 -12.38 7.31 3.31
CA ASN A 13 -13.82 7.21 3.17
C ASN A 13 -14.25 5.81 2.72
N GLN A 14 -13.58 5.28 1.72
CA GLN A 14 -13.89 3.95 1.21
C GLN A 14 -13.23 2.88 2.08
N PHE A 15 -11.93 3.03 2.31
CA PHE A 15 -11.18 2.08 3.14
C PHE A 15 -11.74 2.01 4.55
N LYS A 16 -12.40 3.07 4.99
CA LYS A 16 -12.97 3.11 6.33
C LYS A 16 -13.64 1.77 6.63
N THR A 17 -14.25 1.20 5.61
CA THR A 17 -14.92 -0.08 5.73
C THR A 17 -14.00 -1.08 6.43
N ILE A 18 -12.72 -1.03 6.08
CA ILE A 18 -11.72 -1.91 6.67
C ILE A 18 -10.81 -1.18 7.66
N GLN A 19 -10.28 -0.02 7.27
CA GLN A 19 -9.37 0.73 8.14
C GLN A 19 -10.03 1.96 8.77
N PRO A 20 -11.09 1.77 9.58
CA PRO A 20 -11.78 2.88 10.24
C PRO A 20 -10.94 3.50 11.37
N ASP A 21 -10.32 2.63 12.17
CA ASP A 21 -9.48 3.10 13.26
C ASP A 21 -8.09 3.47 12.76
N LEU A 22 -7.75 4.73 12.90
CA LEU A 22 -6.45 5.23 12.47
C LEU A 22 -5.29 4.32 12.89
N ASN A 23 -5.44 3.65 14.03
CA ASN A 23 -4.39 2.78 14.54
C ASN A 23 -4.68 1.31 14.21
N GLY A 24 -5.15 1.08 13.00
CA GLY A 24 -5.46 -0.27 12.57
C GLY A 24 -4.51 -0.81 11.51
N PHE A 25 -4.37 -2.13 11.47
CA PHE A 25 -3.48 -2.77 10.51
C PHE A 25 -4.25 -3.78 9.66
N ILE A 26 -4.28 -3.56 8.36
CA ILE A 26 -4.97 -4.44 7.42
C ILE A 26 -4.13 -5.65 7.05
N PRO A 27 -4.73 -6.82 7.02
CA PRO A 27 -4.04 -8.05 6.65
C PRO A 27 -3.62 -8.02 5.18
N GLY A 28 -2.39 -8.46 4.89
CA GLY A 28 -1.94 -8.46 3.52
C GLY A 28 -2.99 -9.01 2.57
N SER A 29 -3.70 -10.03 3.02
CA SER A 29 -4.75 -10.64 2.22
C SER A 29 -5.74 -9.58 1.72
N ALA A 30 -6.26 -8.78 2.65
CA ALA A 30 -7.20 -7.72 2.31
C ALA A 30 -6.57 -6.74 1.34
N ALA A 31 -5.40 -6.24 1.68
CA ALA A 31 -4.71 -5.28 0.83
C ALA A 31 -4.51 -5.86 -0.57
N LYS A 32 -3.87 -7.03 -0.64
CA LYS A 32 -3.65 -7.68 -1.92
C LYS A 32 -4.97 -7.91 -2.64
N GLU A 33 -5.95 -8.46 -1.93
CA GLU A 33 -7.25 -8.71 -2.53
C GLU A 33 -7.89 -7.42 -3.01
N PHE A 34 -7.81 -6.38 -2.19
CA PHE A 34 -8.37 -5.09 -2.53
C PHE A 34 -7.71 -4.55 -3.79
N PHE A 35 -6.39 -4.48 -3.76
CA PHE A 35 -5.63 -4.01 -4.91
C PHE A 35 -5.87 -4.88 -6.14
N THR A 36 -5.89 -6.19 -5.93
CA THR A 36 -6.11 -7.14 -7.04
C THR A 36 -7.21 -6.67 -7.95
N LYS A 37 -8.36 -6.35 -7.38
CA LYS A 37 -9.51 -5.90 -8.15
C LYS A 37 -9.17 -4.67 -8.99
N SER A 38 -8.16 -3.92 -8.55
CA SER A 38 -7.76 -2.70 -9.25
C SER A 38 -7.16 -3.01 -10.63
N LYS A 39 -6.23 -3.97 -10.68
CA LYS A 39 -5.60 -4.38 -11.94
C LYS A 39 -4.19 -4.93 -11.71
N LEU A 40 -3.40 -4.24 -10.89
CA LEU A 40 -2.03 -4.67 -10.60
C LEU A 40 -1.99 -6.11 -10.10
N PRO A 41 -1.07 -6.92 -10.65
CA PRO A 41 -0.94 -8.32 -10.25
C PRO A 41 -0.24 -8.50 -8.89
N ILE A 42 -0.48 -9.65 -8.28
CA ILE A 42 0.12 -9.97 -6.98
C ILE A 42 1.63 -9.75 -6.99
N LEU A 43 2.26 -10.11 -8.09
CA LEU A 43 3.71 -9.97 -8.24
C LEU A 43 4.15 -8.58 -7.78
N GLU A 44 3.81 -7.56 -8.55
CA GLU A 44 4.17 -6.19 -8.21
C GLU A 44 3.62 -5.79 -6.84
N LEU A 45 2.42 -6.27 -6.55
CA LEU A 45 1.78 -5.97 -5.27
C LEU A 45 2.73 -6.25 -4.12
N SER A 46 3.45 -7.36 -4.20
CA SER A 46 4.39 -7.73 -3.16
C SER A 46 5.34 -6.58 -2.88
N HIS A 47 6.01 -6.09 -3.92
CA HIS A 47 6.92 -4.96 -3.77
C HIS A 47 6.22 -3.81 -3.08
N ILE A 48 5.00 -3.52 -3.53
CA ILE A 48 4.19 -2.45 -2.92
C ILE A 48 4.02 -2.71 -1.43
N TRP A 49 3.51 -3.88 -1.09
CA TRP A 49 3.31 -4.24 0.31
C TRP A 49 4.62 -4.21 1.09
N GLU A 50 5.61 -4.94 0.58
CA GLU A 50 6.91 -5.01 1.21
C GLU A 50 7.45 -3.60 1.47
N LEU A 51 7.38 -2.76 0.46
CA LEU A 51 7.84 -1.38 0.60
C LEU A 51 6.96 -0.61 1.58
N SER A 52 5.67 -0.92 1.58
CA SER A 52 4.72 -0.27 2.45
C SER A 52 4.83 -0.77 3.89
N ASP A 53 5.22 -2.03 4.04
CA ASP A 53 5.32 -2.62 5.37
C ASP A 53 6.77 -2.56 5.88
N PHE A 54 7.27 -1.33 6.03
CA PHE A 54 8.63 -1.14 6.51
C PHE A 54 8.85 -1.86 7.84
N ASP A 55 7.77 -2.39 8.40
CA ASP A 55 7.84 -3.12 9.66
C ASP A 55 7.90 -4.62 9.40
N LYS A 56 7.07 -5.10 8.49
CA LYS A 56 7.01 -6.52 8.17
C LYS A 56 6.28 -7.30 9.25
N ASP A 57 5.13 -6.79 9.64
CA ASP A 57 4.32 -7.42 10.67
C ASP A 57 3.14 -8.17 10.03
N GLY A 58 3.24 -8.35 8.73
CA GLY A 58 2.18 -9.04 8.00
C GLY A 58 0.87 -8.26 8.02
N ALA A 59 0.94 -7.02 8.44
CA ALA A 59 -0.23 -6.15 8.52
C ALA A 59 0.10 -4.74 8.09
N LEU A 60 -0.78 -4.14 7.28
CA LEU A 60 -0.57 -2.79 6.79
C LEU A 60 -1.29 -1.76 7.64
N THR A 61 -0.53 -0.86 8.22
CA THR A 61 -1.08 0.20 9.05
C THR A 61 -1.77 1.24 8.18
N LEU A 62 -2.81 1.87 8.71
CA LEU A 62 -3.51 2.87 7.95
C LEU A 62 -2.51 3.77 7.21
N ASP A 63 -1.44 4.17 7.89
CA ASP A 63 -0.41 4.97 7.26
C ASP A 63 0.18 4.21 6.08
N GLU A 64 0.56 2.96 6.32
CA GLU A 64 1.08 2.11 5.25
C GLU A 64 0.05 2.08 4.13
N PHE A 65 -1.23 2.06 4.51
CA PHE A 65 -2.33 2.05 3.56
C PHE A 65 -2.34 3.33 2.72
N CYS A 66 -2.33 4.47 3.39
CA CYS A 66 -2.33 5.76 2.72
C CYS A 66 -1.20 5.86 1.70
N ALA A 67 0.00 5.50 2.13
CA ALA A 67 1.15 5.56 1.24
C ALA A 67 1.03 4.52 0.12
N ALA A 68 0.65 3.30 0.50
CA ALA A 68 0.51 2.21 -0.47
C ALA A 68 -0.48 2.55 -1.57
N PHE A 69 -1.70 2.90 -1.19
CA PHE A 69 -2.73 3.22 -2.17
C PHE A 69 -2.26 4.35 -3.10
N HIS A 70 -1.83 5.45 -2.50
CA HIS A 70 -1.35 6.60 -3.26
C HIS A 70 -0.21 6.18 -4.17
N LEU A 71 0.81 5.59 -3.58
CA LEU A 71 1.97 5.12 -4.31
C LEU A 71 1.53 4.30 -5.51
N VAL A 72 0.62 3.36 -5.28
CA VAL A 72 0.11 2.52 -6.35
C VAL A 72 -0.32 3.38 -7.54
N VAL A 73 -0.91 4.52 -7.23
CA VAL A 73 -1.36 5.46 -8.24
C VAL A 73 -0.27 5.73 -9.28
N ALA A 74 0.97 5.88 -8.82
CA ALA A 74 2.10 6.16 -9.70
C ALA A 74 2.38 5.02 -10.69
N ARG A 75 2.32 3.78 -10.21
CA ARG A 75 2.58 2.61 -11.06
C ARG A 75 1.81 2.69 -12.38
N LYS A 76 0.61 3.24 -12.34
CA LYS A 76 -0.22 3.35 -13.54
C LYS A 76 0.21 4.49 -14.45
N ASN A 77 1.09 5.35 -13.97
CA ASN A 77 1.56 6.48 -14.77
C ASN A 77 2.62 7.31 -14.04
N GLY A 78 3.68 6.65 -13.59
CA GLY A 78 4.75 7.34 -12.89
C GLY A 78 6.12 6.95 -13.40
N TYR A 79 6.97 6.49 -12.51
CA TYR A 79 8.31 6.07 -12.87
C TYR A 79 8.64 4.74 -12.20
N ASP A 80 9.26 3.83 -12.95
CA ASP A 80 9.57 2.51 -12.42
C ASP A 80 10.22 2.59 -11.03
N LEU A 81 9.92 1.60 -10.20
CA LEU A 81 10.44 1.54 -8.85
C LEU A 81 11.95 1.30 -8.80
N PRO A 82 12.65 2.02 -7.92
CA PRO A 82 14.11 1.91 -7.76
C PRO A 82 14.56 0.53 -7.26
N GLU A 83 13.65 -0.19 -6.61
CA GLU A 83 13.96 -1.51 -6.08
C GLU A 83 14.78 -1.39 -4.78
N LYS A 84 14.58 -2.32 -3.86
CA LYS A 84 15.28 -2.28 -2.58
C LYS A 84 15.18 -3.61 -1.81
N LEU A 85 14.00 -4.18 -1.75
CA LEU A 85 13.81 -5.44 -1.02
C LEU A 85 14.46 -6.61 -1.77
N PRO A 86 15.49 -7.26 -1.17
CA PRO A 86 16.17 -8.39 -1.80
C PRO A 86 15.45 -9.73 -1.57
N GLU A 87 16.09 -10.82 -1.96
CA GLU A 87 15.51 -12.16 -1.79
C GLU A 87 15.49 -12.54 -0.31
N SER A 88 16.66 -12.87 0.23
CA SER A 88 16.77 -13.25 1.64
C SER A 88 18.03 -12.66 2.28
N LEU A 89 18.33 -11.42 1.94
CA LEU A 89 19.50 -10.73 2.48
C LEU A 89 19.09 -9.82 3.63
N MET A 90 17.93 -9.21 3.51
CA MET A 90 17.41 -8.31 4.53
C MET A 90 16.13 -8.88 5.16
N PRO A 91 16.17 -10.15 5.59
CA PRO A 91 15.01 -10.81 6.22
C PRO A 91 14.79 -10.35 7.65
N LYS A 92 13.53 -10.28 8.07
CA LYS A 92 13.20 -9.85 9.42
C LYS A 92 12.06 -10.67 10.01
N TRP A 1 4.57 10.66 -2.42
CA TRP A 1 4.97 12.05 -2.72
C TRP A 1 4.05 13.02 -1.98
N LYS A 2 3.96 14.27 -2.43
CA LYS A 2 3.09 15.22 -1.75
C LYS A 2 1.66 14.70 -1.74
N ILE A 3 1.11 14.53 -0.55
CA ILE A 3 -0.24 14.01 -0.40
C ILE A 3 -1.24 15.13 -0.15
N THR A 4 -2.34 15.12 -0.90
CA THR A 4 -3.38 16.13 -0.71
C THR A 4 -4.50 15.58 0.15
N ASP A 5 -4.94 16.36 1.13
CA ASP A 5 -6.01 15.94 2.02
C ASP A 5 -7.17 15.36 1.20
N GLU A 6 -7.40 15.91 0.01
CA GLU A 6 -8.45 15.42 -0.88
C GLU A 6 -8.27 13.92 -1.14
N GLN A 7 -7.09 13.57 -1.65
CA GLN A 7 -6.75 12.20 -1.94
C GLN A 7 -6.65 11.40 -0.65
N ARG A 8 -6.15 12.05 0.39
CA ARG A 8 -6.01 11.42 1.69
C ARG A 8 -7.36 10.88 2.18
N GLN A 9 -8.38 11.73 2.16
CA GLN A 9 -9.71 11.31 2.58
C GLN A 9 -10.34 10.35 1.59
N TYR A 10 -10.15 10.63 0.31
CA TYR A 10 -10.71 9.80 -0.75
C TYR A 10 -10.53 8.31 -0.45
N TYR A 11 -9.30 7.91 -0.12
CA TYR A 11 -9.00 6.51 0.18
C TYR A 11 -9.73 6.03 1.42
N VAL A 12 -9.52 6.74 2.53
CA VAL A 12 -10.14 6.38 3.80
C VAL A 12 -11.65 6.23 3.67
N ASN A 13 -12.27 7.18 3.01
CA ASN A 13 -13.71 7.15 2.79
C ASN A 13 -14.15 5.76 2.35
N GLN A 14 -13.29 5.08 1.61
CA GLN A 14 -13.59 3.75 1.10
C GLN A 14 -12.90 2.66 1.94
N PHE A 15 -11.60 2.76 2.09
CA PHE A 15 -10.84 1.78 2.88
C PHE A 15 -11.37 1.70 4.32
N LYS A 16 -12.00 2.78 4.76
CA LYS A 16 -12.55 2.85 6.11
C LYS A 16 -13.22 1.54 6.50
N THR A 17 -13.84 0.89 5.53
CA THR A 17 -14.51 -0.39 5.78
C THR A 17 -13.65 -1.29 6.65
N ILE A 18 -12.34 -1.20 6.47
CA ILE A 18 -11.39 -2.01 7.23
C ILE A 18 -10.42 -1.14 8.04
N GLN A 19 -9.82 -0.13 7.40
CA GLN A 19 -8.88 0.73 8.09
C GLN A 19 -9.45 2.15 8.23
N PRO A 20 -10.29 2.35 9.26
CA PRO A 20 -10.95 3.65 9.52
C PRO A 20 -10.01 4.76 9.99
N ASP A 21 -9.12 4.46 10.93
CA ASP A 21 -8.20 5.48 11.44
C ASP A 21 -6.78 4.94 11.53
N LEU A 22 -5.93 5.60 12.30
CA LEU A 22 -4.55 5.16 12.47
C LEU A 22 -4.48 3.92 13.34
N ASN A 23 -5.57 3.64 14.04
CA ASN A 23 -5.62 2.46 14.90
C ASN A 23 -6.30 1.32 14.16
N GLY A 24 -5.89 1.16 12.92
CA GLY A 24 -6.42 0.10 12.07
C GLY A 24 -5.31 -0.56 11.28
N PHE A 25 -5.41 -1.87 11.07
CA PHE A 25 -4.37 -2.59 10.33
C PHE A 25 -4.97 -3.61 9.37
N ILE A 26 -4.42 -3.66 8.16
CA ILE A 26 -4.89 -4.58 7.14
C ILE A 26 -3.82 -5.58 6.74
N PRO A 27 -4.12 -6.88 6.88
CA PRO A 27 -3.18 -7.93 6.52
C PRO A 27 -3.05 -8.08 5.00
N GLY A 28 -1.90 -8.56 4.54
CA GLY A 28 -1.72 -8.72 3.10
C GLY A 28 -2.93 -9.38 2.46
N SER A 29 -3.60 -10.22 3.22
CA SER A 29 -4.80 -10.91 2.73
C SER A 29 -5.84 -9.92 2.24
N ALA A 30 -6.17 -8.94 3.07
CA ALA A 30 -7.16 -7.94 2.70
C ALA A 30 -6.55 -6.90 1.77
N ALA A 31 -5.35 -6.46 2.09
CA ALA A 31 -4.67 -5.47 1.26
C ALA A 31 -4.58 -5.94 -0.20
N LYS A 32 -4.12 -7.17 -0.38
CA LYS A 32 -4.00 -7.73 -1.72
C LYS A 32 -5.37 -7.81 -2.41
N GLU A 33 -6.36 -8.38 -1.70
CA GLU A 33 -7.70 -8.49 -2.27
C GLU A 33 -8.27 -7.12 -2.63
N PHE A 34 -8.12 -6.16 -1.72
CA PHE A 34 -8.63 -4.81 -1.94
C PHE A 34 -7.96 -4.13 -3.14
N PHE A 35 -6.64 -4.05 -3.11
CA PHE A 35 -5.89 -3.41 -4.18
C PHE A 35 -6.20 -4.03 -5.54
N THR A 36 -6.34 -5.35 -5.57
CA THR A 36 -6.64 -6.07 -6.81
C THR A 36 -7.75 -5.39 -7.61
N LYS A 37 -8.80 -4.92 -6.94
CA LYS A 37 -9.90 -4.27 -7.64
C LYS A 37 -9.40 -3.16 -8.56
N SER A 38 -8.27 -2.57 -8.23
CA SER A 38 -7.69 -1.51 -9.07
C SER A 38 -7.20 -2.09 -10.39
N LYS A 39 -7.45 -3.37 -10.60
CA LYS A 39 -7.04 -4.06 -11.81
C LYS A 39 -5.52 -4.22 -11.83
N LEU A 40 -4.93 -4.15 -10.65
CA LEU A 40 -3.48 -4.29 -10.50
C LEU A 40 -3.08 -5.76 -10.36
N PRO A 41 -1.95 -6.14 -10.96
CA PRO A 41 -1.45 -7.51 -10.89
C PRO A 41 -0.83 -7.82 -9.51
N ILE A 42 -1.33 -8.86 -8.86
CA ILE A 42 -0.83 -9.24 -7.55
C ILE A 42 0.70 -9.21 -7.51
N LEU A 43 1.31 -9.63 -8.61
CA LEU A 43 2.77 -9.64 -8.70
C LEU A 43 3.34 -8.27 -8.30
N GLU A 44 2.73 -7.20 -8.81
CA GLU A 44 3.16 -5.84 -8.47
C GLU A 44 2.79 -5.54 -7.03
N LEU A 45 1.60 -5.97 -6.64
CA LEU A 45 1.10 -5.79 -5.29
C LEU A 45 2.15 -6.15 -4.24
N SER A 46 3.10 -7.00 -4.61
CA SER A 46 4.16 -7.42 -3.66
C SER A 46 5.14 -6.28 -3.39
N HIS A 47 5.74 -5.72 -4.44
CA HIS A 47 6.68 -4.63 -4.28
C HIS A 47 6.09 -3.58 -3.35
N ILE A 48 4.87 -3.18 -3.66
CA ILE A 48 4.15 -2.22 -2.85
C ILE A 48 4.10 -2.67 -1.40
N TRP A 49 3.85 -3.96 -1.18
CA TRP A 49 3.79 -4.48 0.17
C TRP A 49 5.14 -4.30 0.87
N GLU A 50 6.19 -4.80 0.24
CA GLU A 50 7.53 -4.69 0.80
C GLU A 50 7.76 -3.26 1.29
N LEU A 51 7.34 -2.31 0.48
CA LEU A 51 7.46 -0.90 0.83
C LEU A 51 6.43 -0.50 1.91
N SER A 52 5.18 -0.90 1.72
CA SER A 52 4.11 -0.60 2.66
C SER A 52 4.43 -1.12 4.07
N ASP A 53 5.10 -2.26 4.11
CA ASP A 53 5.45 -2.90 5.38
C ASP A 53 6.88 -2.56 5.78
N PHE A 54 7.20 -1.26 5.88
CA PHE A 54 8.55 -0.84 6.25
C PHE A 54 9.00 -1.57 7.52
N ASP A 55 8.06 -2.19 8.19
CA ASP A 55 8.32 -2.93 9.41
C ASP A 55 8.49 -4.42 9.13
N LYS A 56 7.74 -4.93 8.16
CA LYS A 56 7.80 -6.34 7.79
C LYS A 56 7.07 -7.20 8.81
N ASP A 57 5.85 -6.79 9.16
CA ASP A 57 5.04 -7.51 10.14
C ASP A 57 4.01 -8.39 9.46
N GLY A 58 3.66 -8.03 8.23
CA GLY A 58 2.66 -8.78 7.50
C GLY A 58 1.31 -8.11 7.58
N ALA A 59 1.32 -6.88 8.09
CA ALA A 59 0.11 -6.10 8.22
C ALA A 59 0.37 -4.63 7.90
N LEU A 60 -0.56 -4.05 7.15
CA LEU A 60 -0.44 -2.66 6.76
C LEU A 60 -1.27 -1.76 7.66
N THR A 61 -0.59 -0.86 8.35
CA THR A 61 -1.25 0.09 9.21
C THR A 61 -1.80 1.22 8.35
N LEU A 62 -2.77 1.95 8.84
CA LEU A 62 -3.33 3.05 8.06
C LEU A 62 -2.17 3.81 7.38
N ASP A 63 -1.06 3.93 8.07
CA ASP A 63 0.12 4.59 7.53
C ASP A 63 0.63 3.86 6.30
N GLU A 64 0.85 2.56 6.46
CA GLU A 64 1.31 1.73 5.36
C GLU A 64 0.29 1.81 4.21
N PHE A 65 -0.98 1.87 4.59
CA PHE A 65 -2.09 1.97 3.64
C PHE A 65 -2.01 3.27 2.84
N CYS A 66 -1.97 4.39 3.55
CA CYS A 66 -1.90 5.71 2.92
C CYS A 66 -0.82 5.75 1.84
N ALA A 67 0.39 5.41 2.21
CA ALA A 67 1.51 5.41 1.28
C ALA A 67 1.37 4.30 0.24
N ALA A 68 0.92 3.13 0.68
CA ALA A 68 0.75 1.99 -0.22
C ALA A 68 -0.18 2.32 -1.38
N PHE A 69 -1.39 2.76 -1.06
CA PHE A 69 -2.36 3.11 -2.08
C PHE A 69 -1.87 4.30 -2.91
N HIS A 70 -1.46 5.36 -2.22
CA HIS A 70 -0.97 6.56 -2.90
C HIS A 70 0.12 6.19 -3.88
N LEU A 71 1.14 5.52 -3.37
CA LEU A 71 2.24 5.09 -4.21
C LEU A 71 1.70 4.29 -5.39
N VAL A 72 0.81 3.34 -5.10
CA VAL A 72 0.21 2.51 -6.14
C VAL A 72 -0.44 3.39 -7.20
N VAL A 73 -1.21 4.37 -6.76
CA VAL A 73 -1.88 5.29 -7.67
C VAL A 73 -0.94 5.77 -8.76
N ALA A 74 0.29 6.06 -8.38
CA ALA A 74 1.30 6.57 -9.31
C ALA A 74 1.58 5.59 -10.46
N ARG A 75 1.70 4.30 -10.17
CA ARG A 75 1.97 3.31 -11.22
C ARG A 75 0.95 3.44 -12.35
N LYS A 76 -0.32 3.58 -12.00
CA LYS A 76 -1.38 3.72 -12.99
C LYS A 76 -1.22 5.00 -13.80
N ASN A 77 -0.47 5.95 -13.25
CA ASN A 77 -0.23 7.22 -13.90
C ASN A 77 1.24 7.65 -13.77
N GLY A 78 2.15 6.74 -14.12
CA GLY A 78 3.57 7.06 -14.01
C GLY A 78 4.45 6.27 -14.98
N TYR A 79 5.41 5.54 -14.43
CA TYR A 79 6.34 4.76 -15.24
C TYR A 79 6.96 3.61 -14.45
N ASP A 80 8.11 3.12 -14.90
CA ASP A 80 8.78 2.02 -14.20
C ASP A 80 9.01 2.35 -12.72
N LEU A 81 8.80 1.34 -11.88
CA LEU A 81 8.98 1.50 -10.44
C LEU A 81 10.45 1.71 -10.07
N PRO A 82 10.70 2.55 -9.06
CA PRO A 82 12.07 2.85 -8.59
C PRO A 82 12.79 1.66 -7.96
N GLU A 83 12.04 0.68 -7.46
CA GLU A 83 12.65 -0.51 -6.83
C GLU A 83 13.58 -0.12 -5.68
N LYS A 84 13.10 0.77 -4.81
CA LYS A 84 13.91 1.22 -3.68
C LYS A 84 13.82 0.27 -2.49
N LEU A 85 13.23 -0.89 -2.73
CA LEU A 85 13.09 -1.92 -1.70
C LEU A 85 14.39 -2.05 -0.91
N PRO A 86 14.31 -2.04 0.43
CA PRO A 86 15.50 -2.12 1.27
C PRO A 86 15.97 -3.54 1.54
N GLU A 87 17.15 -3.89 1.02
CA GLU A 87 17.72 -5.23 1.23
C GLU A 87 18.15 -5.42 2.68
N SER A 88 17.50 -4.69 3.59
CA SER A 88 17.81 -4.77 5.02
C SER A 88 16.81 -5.67 5.73
N LEU A 89 15.55 -5.52 5.35
CA LEU A 89 14.48 -6.34 5.91
C LEU A 89 14.15 -7.48 4.98
N MET A 90 15.19 -8.04 4.37
CA MET A 90 15.04 -9.14 3.43
C MET A 90 16.40 -9.54 2.84
N PRO A 91 16.72 -10.83 2.83
CA PRO A 91 17.99 -11.33 2.29
C PRO A 91 18.05 -11.21 0.76
N LYS A 92 19.19 -11.56 0.18
CA LYS A 92 19.36 -11.49 -1.27
C LYS A 92 19.51 -12.88 -1.89
N TRP A 1 5.87 14.04 -6.75
CA TRP A 1 4.97 13.64 -5.64
C TRP A 1 4.38 14.86 -4.93
N LYS A 2 3.17 14.73 -4.41
CA LYS A 2 2.49 15.83 -3.72
C LYS A 2 1.10 15.41 -3.23
N ILE A 3 1.05 14.86 -2.03
CA ILE A 3 -0.20 14.38 -1.44
C ILE A 3 -0.99 15.47 -0.73
N THR A 4 -2.28 15.56 -1.02
CA THR A 4 -3.15 16.54 -0.37
C THR A 4 -4.17 15.82 0.53
N ASP A 5 -4.46 16.40 1.69
CA ASP A 5 -5.39 15.77 2.62
C ASP A 5 -6.71 15.40 1.94
N GLU A 6 -7.17 16.26 1.05
CA GLU A 6 -8.40 16.01 0.34
C GLU A 6 -8.38 14.63 -0.29
N GLN A 7 -7.30 14.35 -1.02
CA GLN A 7 -7.11 13.06 -1.63
C GLN A 7 -6.85 12.00 -0.55
N ARG A 8 -5.98 12.35 0.40
CA ARG A 8 -5.66 11.44 1.51
C ARG A 8 -6.94 10.87 2.12
N GLN A 9 -7.83 11.76 2.55
CA GLN A 9 -9.08 11.34 3.14
C GLN A 9 -9.94 10.59 2.13
N TYR A 10 -9.87 11.04 0.88
CA TYR A 10 -10.62 10.41 -0.19
C TYR A 10 -10.53 8.89 -0.13
N TYR A 11 -9.32 8.39 0.06
CA TYR A 11 -9.08 6.94 0.14
C TYR A 11 -9.75 6.34 1.38
N VAL A 12 -9.47 6.93 2.54
CA VAL A 12 -10.01 6.45 3.80
C VAL A 12 -11.53 6.34 3.76
N ASN A 13 -12.16 7.27 3.05
CA ASN A 13 -13.61 7.27 2.94
C ASN A 13 -14.17 5.86 2.76
N GLN A 14 -13.66 5.14 1.76
CA GLN A 14 -14.11 3.78 1.50
C GLN A 14 -13.35 2.76 2.35
N PHE A 15 -12.03 2.86 2.32
CA PHE A 15 -11.19 1.94 3.06
C PHE A 15 -11.60 1.88 4.54
N LYS A 16 -12.22 2.96 5.04
CA LYS A 16 -12.66 2.98 6.43
C LYS A 16 -13.34 1.66 6.78
N THR A 17 -14.03 1.08 5.82
CA THR A 17 -14.71 -0.20 6.03
C THR A 17 -13.80 -1.14 6.81
N ILE A 18 -12.52 -1.10 6.47
CA ILE A 18 -11.51 -1.92 7.12
C ILE A 18 -10.54 -1.05 7.93
N GLN A 19 -10.10 0.06 7.35
CA GLN A 19 -9.18 0.96 8.03
C GLN A 19 -9.84 2.29 8.41
N PRO A 20 -10.47 2.33 9.59
CA PRO A 20 -11.14 3.53 10.09
C PRO A 20 -10.20 4.67 10.44
N ASP A 21 -9.16 4.37 11.23
CA ASP A 21 -8.21 5.39 11.65
C ASP A 21 -6.85 4.76 11.95
N LEU A 22 -5.99 5.52 12.63
CA LEU A 22 -4.66 5.03 12.99
C LEU A 22 -4.75 3.75 13.80
N ASN A 23 -5.95 3.43 14.26
CA ASN A 23 -6.17 2.22 15.04
C ASN A 23 -6.71 1.11 14.13
N GLY A 24 -6.11 1.01 12.95
CA GLY A 24 -6.54 0.01 12.00
C GLY A 24 -5.36 -0.69 11.32
N PHE A 25 -5.52 -1.98 11.03
CA PHE A 25 -4.45 -2.76 10.40
C PHE A 25 -5.03 -3.72 9.37
N ILE A 26 -4.40 -3.79 8.22
CA ILE A 26 -4.86 -4.66 7.14
C ILE A 26 -3.82 -5.72 6.76
N PRO A 27 -4.17 -7.00 6.89
CA PRO A 27 -3.28 -8.09 6.52
C PRO A 27 -3.09 -8.17 5.01
N GLY A 28 -1.90 -8.54 4.57
CA GLY A 28 -1.66 -8.62 3.14
C GLY A 28 -2.80 -9.33 2.42
N SER A 29 -3.40 -10.29 3.11
CA SER A 29 -4.51 -11.06 2.54
C SER A 29 -5.65 -10.15 2.09
N ALA A 30 -6.08 -9.24 2.96
CA ALA A 30 -7.15 -8.32 2.61
C ALA A 30 -6.70 -7.34 1.53
N ALA A 31 -5.53 -6.76 1.73
CA ALA A 31 -4.98 -5.82 0.78
C ALA A 31 -4.89 -6.46 -0.61
N LYS A 32 -4.37 -7.67 -0.67
CA LYS A 32 -4.26 -8.39 -1.92
C LYS A 32 -5.61 -8.45 -2.64
N GLU A 33 -6.63 -8.94 -1.94
CA GLU A 33 -7.96 -9.04 -2.52
C GLU A 33 -8.47 -7.67 -2.98
N PHE A 34 -8.50 -6.72 -2.06
CA PHE A 34 -8.96 -5.38 -2.36
C PHE A 34 -8.24 -4.83 -3.58
N PHE A 35 -6.92 -4.89 -3.54
CA PHE A 35 -6.10 -4.39 -4.64
C PHE A 35 -6.32 -5.20 -5.92
N THR A 36 -6.54 -6.49 -5.80
CA THR A 36 -6.75 -7.33 -6.98
C THR A 36 -7.65 -6.65 -8.00
N LYS A 37 -8.74 -6.05 -7.51
CA LYS A 37 -9.69 -5.37 -8.39
C LYS A 37 -8.98 -4.40 -9.34
N SER A 38 -7.89 -3.83 -8.86
CA SER A 38 -7.10 -2.88 -9.66
C SER A 38 -6.68 -3.50 -10.98
N LYS A 39 -6.72 -4.82 -11.06
CA LYS A 39 -6.31 -5.53 -12.27
C LYS A 39 -4.79 -5.45 -12.42
N LEU A 40 -4.11 -5.24 -11.30
CA LEU A 40 -2.64 -5.16 -11.26
C LEU A 40 -1.99 -6.52 -11.02
N PRO A 41 -0.80 -6.75 -11.61
CA PRO A 41 -0.07 -8.01 -11.45
C PRO A 41 0.52 -8.17 -10.05
N ILE A 42 0.26 -9.32 -9.44
CA ILE A 42 0.76 -9.61 -8.09
C ILE A 42 2.22 -9.20 -7.93
N LEU A 43 3.02 -9.41 -8.97
CA LEU A 43 4.43 -9.05 -8.91
C LEU A 43 4.57 -7.63 -8.38
N GLU A 44 3.79 -6.70 -8.93
CA GLU A 44 3.80 -5.32 -8.48
C GLU A 44 3.26 -5.22 -7.06
N LEU A 45 2.12 -5.88 -6.83
CA LEU A 45 1.50 -5.89 -5.51
C LEU A 45 2.47 -6.33 -4.41
N SER A 46 3.26 -7.36 -4.68
CA SER A 46 4.21 -7.89 -3.70
C SER A 46 5.24 -6.85 -3.26
N HIS A 47 5.95 -6.27 -4.21
CA HIS A 47 6.99 -5.29 -3.91
C HIS A 47 6.41 -4.10 -3.15
N ILE A 48 5.33 -3.54 -3.66
CA ILE A 48 4.68 -2.40 -3.02
C ILE A 48 4.56 -2.63 -1.52
N TRP A 49 4.08 -3.80 -1.13
CA TRP A 49 3.94 -4.11 0.29
C TRP A 49 5.29 -3.99 0.98
N GLU A 50 6.30 -4.60 0.38
CA GLU A 50 7.64 -4.54 0.96
C GLU A 50 8.02 -3.10 1.27
N LEU A 51 7.85 -2.22 0.29
CA LEU A 51 8.16 -0.82 0.48
C LEU A 51 7.25 -0.15 1.51
N SER A 52 5.95 -0.39 1.41
CA SER A 52 4.98 0.21 2.34
C SER A 52 5.02 -0.46 3.72
N ASP A 53 5.52 -1.68 3.79
CA ASP A 53 5.60 -2.42 5.04
C ASP A 53 6.98 -2.26 5.68
N PHE A 54 7.38 -1.00 5.90
CA PHE A 54 8.67 -0.70 6.51
C PHE A 54 8.87 -1.44 7.83
N ASP A 55 7.78 -1.98 8.36
CA ASP A 55 7.84 -2.72 9.61
C ASP A 55 7.92 -4.23 9.36
N LYS A 56 7.47 -4.66 8.19
CA LYS A 56 7.46 -6.08 7.87
C LYS A 56 6.70 -6.86 8.92
N ASP A 57 5.53 -6.35 9.26
CA ASP A 57 4.69 -6.96 10.28
C ASP A 57 3.61 -7.83 9.63
N GLY A 58 3.56 -7.83 8.31
CA GLY A 58 2.56 -8.61 7.60
C GLY A 58 1.18 -7.96 7.69
N ALA A 59 1.16 -6.76 8.24
CA ALA A 59 -0.07 -6.00 8.40
C ALA A 59 0.16 -4.53 8.06
N LEU A 60 -0.75 -3.96 7.28
CA LEU A 60 -0.64 -2.57 6.87
C LEU A 60 -1.49 -1.65 7.73
N THR A 61 -0.82 -0.73 8.40
CA THR A 61 -1.49 0.25 9.23
C THR A 61 -2.01 1.39 8.37
N LEU A 62 -2.90 2.19 8.92
CA LEU A 62 -3.47 3.30 8.17
C LEU A 62 -2.38 4.05 7.40
N ASP A 63 -1.20 4.19 8.01
CA ASP A 63 -0.09 4.89 7.34
C ASP A 63 0.33 4.13 6.09
N GLU A 64 0.65 2.86 6.25
CA GLU A 64 1.04 2.03 5.14
C GLU A 64 -0.05 2.09 4.08
N PHE A 65 -1.30 2.09 4.53
CA PHE A 65 -2.44 2.20 3.64
C PHE A 65 -2.32 3.48 2.81
N CYS A 66 -2.16 4.60 3.52
CA CYS A 66 -2.01 5.90 2.88
C CYS A 66 -0.88 5.91 1.86
N ALA A 67 0.32 5.54 2.32
CA ALA A 67 1.49 5.53 1.45
C ALA A 67 1.35 4.53 0.31
N ALA A 68 1.06 3.27 0.66
CA ALA A 68 0.91 2.23 -0.35
C ALA A 68 -0.13 2.61 -1.39
N PHE A 69 -1.33 2.96 -0.94
CA PHE A 69 -2.40 3.34 -1.85
C PHE A 69 -1.97 4.48 -2.75
N HIS A 70 -1.48 5.57 -2.15
CA HIS A 70 -1.04 6.72 -2.93
C HIS A 70 0.02 6.30 -3.91
N LEU A 71 1.07 5.69 -3.40
CA LEU A 71 2.16 5.22 -4.22
C LEU A 71 1.63 4.38 -5.37
N VAL A 72 0.83 3.38 -5.04
CA VAL A 72 0.23 2.52 -6.05
C VAL A 72 -0.40 3.35 -7.15
N VAL A 73 -1.14 4.38 -6.74
CA VAL A 73 -1.78 5.27 -7.69
C VAL A 73 -0.78 5.76 -8.72
N ALA A 74 0.44 6.07 -8.27
CA ALA A 74 1.48 6.53 -9.17
C ALA A 74 1.78 5.49 -10.24
N ARG A 75 2.03 4.25 -9.81
CA ARG A 75 2.32 3.17 -10.73
C ARG A 75 1.19 3.03 -11.76
N LYS A 76 0.00 3.52 -11.40
CA LYS A 76 -1.15 3.49 -12.29
C LYS A 76 -0.81 4.14 -13.63
N ASN A 77 0.13 5.07 -13.59
CA ASN A 77 0.56 5.79 -14.79
C ASN A 77 1.12 4.82 -15.82
N GLY A 78 1.69 3.73 -15.35
CA GLY A 78 2.26 2.73 -16.23
C GLY A 78 3.77 2.86 -16.36
N TYR A 79 4.40 3.35 -15.30
CA TYR A 79 5.86 3.50 -15.29
C TYR A 79 6.53 2.36 -14.54
N ASP A 80 7.72 1.99 -14.98
CA ASP A 80 8.47 0.89 -14.35
C ASP A 80 8.79 1.20 -12.89
N LEU A 81 9.36 0.24 -12.18
CA LEU A 81 9.71 0.42 -10.76
C LEU A 81 11.04 -0.25 -10.40
N PRO A 82 11.86 0.41 -9.57
CA PRO A 82 13.16 -0.11 -9.14
C PRO A 82 13.04 -1.30 -8.18
N GLU A 83 13.94 -2.27 -8.36
CA GLU A 83 13.94 -3.45 -7.52
C GLU A 83 14.82 -3.26 -6.29
N LYS A 84 14.95 -4.32 -5.49
CA LYS A 84 15.78 -4.29 -4.29
C LYS A 84 15.17 -3.41 -3.18
N LEU A 85 15.11 -3.94 -1.98
CA LEU A 85 14.59 -3.20 -0.84
C LEU A 85 15.56 -2.11 -0.40
N PRO A 86 15.07 -1.02 0.20
CA PRO A 86 15.92 0.08 0.65
C PRO A 86 16.96 -0.38 1.67
N GLU A 87 16.49 -1.02 2.73
CA GLU A 87 17.39 -1.50 3.78
C GLU A 87 17.94 -2.89 3.45
N SER A 88 18.80 -3.40 4.31
CA SER A 88 19.41 -4.72 4.12
C SER A 88 18.70 -5.80 4.93
N LEU A 89 17.49 -6.16 4.51
CA LEU A 89 16.72 -7.18 5.22
C LEU A 89 16.23 -8.27 4.28
N MET A 90 15.82 -7.89 3.08
CA MET A 90 15.31 -8.85 2.10
C MET A 90 15.88 -8.56 0.71
N PRO A 91 17.19 -8.79 0.54
CA PRO A 91 17.87 -8.57 -0.74
C PRO A 91 17.57 -9.66 -1.78
N LYS A 92 18.56 -10.01 -2.62
CA LYS A 92 18.38 -11.02 -3.65
C LYS A 92 19.64 -11.88 -3.83
N TRP A 1 7.25 13.64 -0.51
CA TRP A 1 6.10 13.86 -1.43
C TRP A 1 5.27 15.06 -0.96
N LYS A 2 3.98 15.06 -1.26
CA LYS A 2 3.10 16.17 -0.84
C LYS A 2 1.62 15.84 -1.09
N ILE A 3 1.07 14.99 -0.23
CA ILE A 3 -0.33 14.57 -0.36
C ILE A 3 -1.30 15.73 -0.13
N THR A 4 -2.30 15.85 -1.00
CA THR A 4 -3.29 16.92 -0.82
C THR A 4 -4.43 16.43 0.04
N ASP A 5 -4.83 17.22 1.03
CA ASP A 5 -5.91 16.83 1.93
C ASP A 5 -7.07 16.19 1.14
N GLU A 6 -7.38 16.75 -0.03
CA GLU A 6 -8.45 16.24 -0.86
C GLU A 6 -8.32 14.73 -1.10
N GLN A 7 -7.11 14.32 -1.45
CA GLN A 7 -6.84 12.92 -1.72
C GLN A 7 -6.80 12.07 -0.45
N ARG A 8 -6.44 12.68 0.67
CA ARG A 8 -6.39 11.93 1.92
C ARG A 8 -7.73 11.28 2.22
N GLN A 9 -8.77 12.08 2.29
CA GLN A 9 -10.09 11.56 2.59
C GLN A 9 -10.57 10.59 1.52
N TYR A 10 -10.23 10.88 0.27
CA TYR A 10 -10.64 10.05 -0.85
C TYR A 10 -10.52 8.56 -0.53
N TYR A 11 -9.36 8.15 -0.04
CA TYR A 11 -9.16 6.74 0.28
C TYR A 11 -9.93 6.36 1.54
N VAL A 12 -9.87 7.21 2.57
CA VAL A 12 -10.56 6.95 3.82
C VAL A 12 -12.00 6.51 3.57
N ASN A 13 -12.72 7.27 2.78
CA ASN A 13 -14.10 6.95 2.48
C ASN A 13 -14.25 5.51 1.98
N GLN A 14 -13.23 5.02 1.29
CA GLN A 14 -13.26 3.65 0.76
C GLN A 14 -12.69 2.65 1.75
N PHE A 15 -11.45 2.89 2.17
CA PHE A 15 -10.78 2.00 3.10
C PHE A 15 -11.44 2.02 4.47
N LYS A 16 -12.13 3.11 4.78
CA LYS A 16 -12.82 3.23 6.06
C LYS A 16 -13.52 1.92 6.41
N THR A 17 -13.92 1.21 5.37
CA THR A 17 -14.59 -0.07 5.54
C THR A 17 -13.77 -0.98 6.44
N ILE A 18 -12.45 -0.97 6.23
CA ILE A 18 -11.54 -1.78 7.02
C ILE A 18 -10.57 -0.90 7.83
N GLN A 19 -10.04 0.13 7.19
CA GLN A 19 -9.09 1.03 7.84
C GLN A 19 -9.72 2.42 8.09
N PRO A 20 -10.38 2.60 9.24
CA PRO A 20 -11.03 3.87 9.58
C PRO A 20 -10.04 4.96 10.02
N ASP A 21 -9.15 4.61 10.93
CA ASP A 21 -8.16 5.56 11.43
C ASP A 21 -6.78 4.88 11.55
N LEU A 22 -5.88 5.46 12.34
CA LEU A 22 -4.56 4.87 12.53
C LEU A 22 -4.63 3.67 13.47
N ASN A 23 -5.80 3.47 14.07
CA ASN A 23 -6.01 2.35 14.98
C ASN A 23 -6.61 1.17 14.22
N GLY A 24 -6.10 0.98 13.01
CA GLY A 24 -6.56 -0.11 12.18
C GLY A 24 -5.41 -0.75 11.42
N PHE A 25 -5.47 -2.06 11.24
CA PHE A 25 -4.40 -2.78 10.56
C PHE A 25 -4.99 -3.79 9.57
N ILE A 26 -4.41 -3.84 8.38
CA ILE A 26 -4.89 -4.74 7.33
C ILE A 26 -3.87 -5.80 6.94
N PRO A 27 -4.22 -7.08 7.08
CA PRO A 27 -3.35 -8.19 6.71
C PRO A 27 -3.13 -8.23 5.20
N GLY A 28 -1.98 -8.73 4.77
CA GLY A 28 -1.69 -8.79 3.34
C GLY A 28 -2.87 -9.33 2.55
N SER A 29 -3.60 -10.28 3.13
CA SER A 29 -4.76 -10.86 2.47
C SER A 29 -5.76 -9.78 2.08
N ALA A 30 -6.12 -8.93 3.04
CA ALA A 30 -7.06 -7.85 2.78
C ALA A 30 -6.49 -6.89 1.74
N ALA A 31 -5.21 -6.55 1.89
CA ALA A 31 -4.56 -5.65 0.94
C ALA A 31 -4.61 -6.24 -0.47
N LYS A 32 -4.29 -7.53 -0.58
CA LYS A 32 -4.33 -8.20 -1.86
C LYS A 32 -5.75 -8.21 -2.40
N GLU A 33 -6.69 -8.72 -1.62
CA GLU A 33 -8.06 -8.76 -2.02
C GLU A 33 -8.58 -7.40 -2.44
N PHE A 34 -8.26 -6.39 -1.64
CA PHE A 34 -8.68 -5.02 -1.92
C PHE A 34 -8.02 -4.49 -3.20
N PHE A 35 -6.70 -4.53 -3.23
CA PHE A 35 -5.94 -4.05 -4.39
C PHE A 35 -6.26 -4.89 -5.63
N THR A 36 -6.09 -6.19 -5.52
CA THR A 36 -6.35 -7.11 -6.63
C THR A 36 -7.68 -6.75 -7.30
N LYS A 37 -8.73 -6.59 -6.51
CA LYS A 37 -10.04 -6.23 -7.04
C LYS A 37 -9.96 -4.92 -7.83
N SER A 38 -9.09 -4.03 -7.39
CA SER A 38 -8.92 -2.74 -8.05
C SER A 38 -8.59 -2.91 -9.52
N LYS A 39 -7.57 -3.73 -9.81
CA LYS A 39 -7.15 -3.99 -11.19
C LYS A 39 -5.73 -4.54 -11.23
N LEU A 40 -4.83 -3.86 -10.54
CA LEU A 40 -3.42 -4.25 -10.51
C LEU A 40 -3.23 -5.70 -10.07
N PRO A 41 -2.41 -6.46 -10.83
CA PRO A 41 -2.12 -7.87 -10.52
C PRO A 41 -1.28 -8.04 -9.25
N ILE A 42 -1.50 -9.15 -8.55
CA ILE A 42 -0.77 -9.43 -7.31
C ILE A 42 0.73 -9.21 -7.50
N LEU A 43 1.18 -9.29 -8.74
CA LEU A 43 2.59 -9.11 -9.07
C LEU A 43 3.19 -7.86 -8.40
N GLU A 44 3.00 -6.70 -9.03
CA GLU A 44 3.53 -5.45 -8.46
C GLU A 44 3.16 -5.33 -7.00
N LEU A 45 1.97 -5.79 -6.65
CA LEU A 45 1.50 -5.74 -5.27
C LEU A 45 2.57 -6.31 -4.33
N SER A 46 3.20 -7.40 -4.75
CA SER A 46 4.24 -8.01 -3.92
C SER A 46 5.35 -7.03 -3.59
N HIS A 47 5.90 -6.37 -4.60
CA HIS A 47 6.97 -5.41 -4.39
C HIS A 47 6.47 -4.25 -3.52
N ILE A 48 5.27 -3.78 -3.81
CA ILE A 48 4.66 -2.68 -3.07
C ILE A 48 4.60 -3.00 -1.58
N TRP A 49 4.24 -4.24 -1.24
CA TRP A 49 4.15 -4.60 0.17
C TRP A 49 5.50 -4.39 0.85
N GLU A 50 6.55 -5.00 0.32
CA GLU A 50 7.87 -4.85 0.91
C GLU A 50 8.12 -3.40 1.31
N LEU A 51 7.91 -2.50 0.36
CA LEU A 51 8.11 -1.08 0.60
C LEU A 51 7.11 -0.52 1.62
N SER A 52 5.88 -1.00 1.56
CA SER A 52 4.82 -0.55 2.46
C SER A 52 4.95 -1.15 3.87
N ASP A 53 5.52 -2.36 3.94
CA ASP A 53 5.68 -3.07 5.21
C ASP A 53 7.10 -2.91 5.75
N PHE A 54 7.53 -1.66 5.91
CA PHE A 54 8.86 -1.35 6.42
C PHE A 54 9.08 -1.98 7.79
N ASP A 55 8.02 -2.54 8.36
CA ASP A 55 8.11 -3.17 9.67
C ASP A 55 8.30 -4.69 9.53
N LYS A 56 7.65 -5.26 8.52
CA LYS A 56 7.72 -6.70 8.27
C LYS A 56 6.82 -7.47 9.24
N ASP A 57 5.63 -6.93 9.47
CA ASP A 57 4.68 -7.56 10.38
C ASP A 57 3.63 -8.37 9.62
N GLY A 58 3.48 -8.10 8.33
CA GLY A 58 2.47 -8.80 7.55
C GLY A 58 1.10 -8.17 7.73
N ALA A 59 1.13 -6.95 8.23
CA ALA A 59 -0.07 -6.16 8.47
C ALA A 59 0.19 -4.70 8.11
N LEU A 60 -0.73 -4.11 7.38
CA LEU A 60 -0.59 -2.73 6.95
C LEU A 60 -1.39 -1.77 7.82
N THR A 61 -0.67 -0.81 8.39
CA THR A 61 -1.27 0.21 9.22
C THR A 61 -1.77 1.36 8.37
N LEU A 62 -2.68 2.16 8.88
CA LEU A 62 -3.20 3.28 8.12
C LEU A 62 -2.05 3.99 7.39
N ASP A 63 -0.90 4.09 8.05
CA ASP A 63 0.27 4.72 7.44
C ASP A 63 0.72 3.96 6.20
N GLU A 64 0.96 2.66 6.36
CA GLU A 64 1.36 1.83 5.24
C GLU A 64 0.28 1.93 4.16
N PHE A 65 -0.96 1.94 4.60
CA PHE A 65 -2.10 2.05 3.71
C PHE A 65 -2.01 3.33 2.88
N CYS A 66 -1.89 4.45 3.57
CA CYS A 66 -1.78 5.75 2.90
C CYS A 66 -0.66 5.75 1.87
N ALA A 67 0.55 5.41 2.32
CA ALA A 67 1.71 5.39 1.44
C ALA A 67 1.50 4.44 0.27
N ALA A 68 1.10 3.22 0.57
CA ALA A 68 0.88 2.21 -0.46
C ALA A 68 -0.19 2.69 -1.45
N PHE A 69 -1.36 3.05 -0.93
CA PHE A 69 -2.45 3.51 -1.78
C PHE A 69 -1.98 4.68 -2.66
N HIS A 70 -1.40 5.70 -2.04
CA HIS A 70 -0.91 6.84 -2.78
C HIS A 70 0.09 6.38 -3.85
N LEU A 71 1.06 5.59 -3.43
CA LEU A 71 2.06 5.06 -4.34
C LEU A 71 1.40 4.32 -5.49
N VAL A 72 0.44 3.46 -5.16
CA VAL A 72 -0.28 2.71 -6.18
C VAL A 72 -0.90 3.66 -7.19
N VAL A 73 -1.50 4.73 -6.68
CA VAL A 73 -2.11 5.73 -7.54
C VAL A 73 -1.11 6.26 -8.55
N ALA A 74 0.06 6.65 -8.06
CA ALA A 74 1.11 7.18 -8.91
C ALA A 74 1.57 6.16 -9.95
N ARG A 75 1.73 4.90 -9.53
CA ARG A 75 2.18 3.86 -10.46
C ARG A 75 1.37 3.88 -11.75
N LYS A 76 0.06 4.03 -11.64
CA LYS A 76 -0.82 4.08 -12.82
C LYS A 76 -0.31 5.11 -13.83
N ASN A 77 0.35 6.16 -13.37
CA ASN A 77 0.90 7.17 -14.25
C ASN A 77 2.42 7.13 -14.25
N GLY A 78 2.96 5.92 -14.23
CA GLY A 78 4.40 5.74 -14.24
C GLY A 78 4.79 4.33 -14.60
N TYR A 79 6.03 3.95 -14.31
CA TYR A 79 6.50 2.60 -14.63
C TYR A 79 7.65 2.17 -13.73
N ASP A 80 8.76 2.90 -13.80
CA ASP A 80 9.94 2.59 -12.98
C ASP A 80 9.69 2.88 -11.50
N LEU A 81 10.42 2.19 -10.62
CA LEU A 81 10.25 2.40 -9.18
C LEU A 81 11.60 2.68 -8.50
N PRO A 82 11.57 3.40 -7.37
CA PRO A 82 12.77 3.72 -6.60
C PRO A 82 13.53 2.49 -6.12
N GLU A 83 12.86 1.34 -6.17
CA GLU A 83 13.47 0.08 -5.75
C GLU A 83 14.14 0.20 -4.38
N LYS A 84 13.56 1.00 -3.49
CA LYS A 84 14.13 1.19 -2.17
C LYS A 84 14.48 -0.14 -1.49
N LEU A 85 13.53 -1.05 -1.45
CA LEU A 85 13.77 -2.35 -0.82
C LEU A 85 14.64 -3.23 -1.70
N PRO A 86 15.74 -3.76 -1.14
CA PRO A 86 16.66 -4.62 -1.88
C PRO A 86 16.09 -6.00 -2.16
N GLU A 87 15.54 -6.18 -3.35
CA GLU A 87 14.94 -7.44 -3.76
C GLU A 87 16.02 -8.50 -4.02
N SER A 88 17.01 -8.57 -3.13
CA SER A 88 18.12 -9.53 -3.25
C SER A 88 17.96 -10.70 -2.29
N LEU A 89 17.58 -10.40 -1.05
CA LEU A 89 17.39 -11.44 -0.04
C LEU A 89 15.90 -11.79 0.09
N MET A 90 15.25 -11.91 -1.06
CA MET A 90 13.83 -12.21 -1.10
C MET A 90 13.40 -12.77 -2.46
N PRO A 91 13.71 -14.06 -2.70
CA PRO A 91 13.35 -14.73 -3.96
C PRO A 91 11.85 -14.76 -4.22
N LYS A 92 11.47 -14.98 -5.49
CA LYS A 92 10.06 -15.03 -5.87
C LYS A 92 9.57 -16.48 -5.97
N TRP A 1 6.79 13.87 -2.86
CA TRP A 1 5.53 13.26 -2.37
C TRP A 1 4.60 14.33 -1.79
N LYS A 2 3.30 14.09 -1.85
CA LYS A 2 2.33 15.06 -1.35
C LYS A 2 0.91 14.50 -1.36
N ILE A 3 0.24 14.56 -0.21
CA ILE A 3 -1.12 14.06 -0.10
C ILE A 3 -2.12 15.17 0.21
N THR A 4 -3.05 15.39 -0.72
CA THR A 4 -4.07 16.43 -0.53
C THR A 4 -5.17 15.94 0.41
N ASP A 5 -5.62 16.82 1.30
CA ASP A 5 -6.67 16.47 2.24
C ASP A 5 -7.87 15.83 1.54
N GLU A 6 -8.25 16.38 0.39
CA GLU A 6 -9.37 15.83 -0.38
C GLU A 6 -9.11 14.36 -0.67
N GLN A 7 -7.96 14.10 -1.24
CA GLN A 7 -7.54 12.75 -1.56
C GLN A 7 -7.44 11.90 -0.29
N ARG A 8 -6.90 12.49 0.76
CA ARG A 8 -6.76 11.78 2.02
C ARG A 8 -8.06 11.07 2.39
N GLN A 9 -9.15 11.83 2.44
CA GLN A 9 -10.45 11.27 2.76
C GLN A 9 -10.94 10.33 1.66
N TYR A 10 -10.54 10.60 0.43
CA TYR A 10 -10.95 9.78 -0.72
C TYR A 10 -10.70 8.29 -0.46
N TYR A 11 -9.45 7.94 -0.14
CA TYR A 11 -9.11 6.55 0.11
C TYR A 11 -9.80 6.04 1.38
N VAL A 12 -9.79 6.87 2.43
CA VAL A 12 -10.42 6.52 3.69
C VAL A 12 -11.86 6.06 3.45
N ASN A 13 -12.60 6.86 2.69
CA ASN A 13 -13.98 6.54 2.38
C ASN A 13 -14.18 5.08 2.00
N GLN A 14 -13.28 4.55 1.16
CA GLN A 14 -13.38 3.16 0.73
C GLN A 14 -12.71 2.20 1.73
N PHE A 15 -11.44 2.47 2.03
CA PHE A 15 -10.68 1.62 2.95
C PHE A 15 -11.29 1.59 4.35
N LYS A 16 -12.05 2.62 4.69
CA LYS A 16 -12.72 2.70 5.99
C LYS A 16 -13.32 1.35 6.34
N THR A 17 -13.76 0.64 5.31
CA THR A 17 -14.36 -0.68 5.48
C THR A 17 -13.49 -1.56 6.37
N ILE A 18 -12.18 -1.36 6.28
CA ILE A 18 -11.23 -2.13 7.06
C ILE A 18 -10.32 -1.23 7.90
N GLN A 19 -9.74 -0.21 7.26
CA GLN A 19 -8.84 0.71 7.95
C GLN A 19 -9.53 2.07 8.19
N PRO A 20 -10.32 2.18 9.26
CA PRO A 20 -11.04 3.42 9.60
C PRO A 20 -10.12 4.56 10.07
N ASP A 21 -9.23 4.26 11.01
CA ASP A 21 -8.32 5.27 11.52
C ASP A 21 -6.98 4.62 11.91
N LEU A 22 -6.20 5.29 12.75
CA LEU A 22 -4.91 4.75 13.17
C LEU A 22 -5.04 3.81 14.36
N ASN A 23 -6.04 2.93 14.30
CA ASN A 23 -6.26 1.95 15.35
C ASN A 23 -6.66 0.61 14.75
N GLY A 24 -6.27 0.43 13.50
CA GLY A 24 -6.56 -0.79 12.77
C GLY A 24 -5.38 -1.19 11.89
N PHE A 25 -5.35 -2.45 11.47
CA PHE A 25 -4.26 -2.93 10.64
C PHE A 25 -4.77 -3.88 9.57
N ILE A 26 -4.29 -3.69 8.35
CA ILE A 26 -4.68 -4.52 7.23
C ILE A 26 -3.63 -5.58 6.94
N PRO A 27 -3.95 -6.85 7.17
CA PRO A 27 -3.04 -7.95 6.90
C PRO A 27 -2.80 -8.09 5.40
N GLY A 28 -1.66 -8.65 5.01
CA GLY A 28 -1.39 -8.81 3.61
C GLY A 28 -2.58 -9.37 2.86
N SER A 29 -3.32 -10.23 3.54
CA SER A 29 -4.52 -10.83 2.94
C SER A 29 -5.50 -9.77 2.47
N ALA A 30 -5.78 -8.78 3.31
CA ALA A 30 -6.71 -7.71 2.95
C ALA A 30 -6.10 -6.79 1.90
N ALA A 31 -4.88 -6.36 2.15
CA ALA A 31 -4.21 -5.47 1.21
C ALA A 31 -4.23 -6.06 -0.20
N LYS A 32 -3.74 -7.29 -0.33
CA LYS A 32 -3.71 -7.96 -1.62
C LYS A 32 -5.08 -7.93 -2.30
N GLU A 33 -6.10 -8.43 -1.62
CA GLU A 33 -7.44 -8.46 -2.17
C GLU A 33 -7.96 -7.04 -2.44
N PHE A 34 -7.78 -6.15 -1.48
CA PHE A 34 -8.22 -4.77 -1.64
C PHE A 34 -7.59 -4.16 -2.88
N PHE A 35 -6.26 -4.23 -2.94
CA PHE A 35 -5.53 -3.71 -4.07
C PHE A 35 -5.92 -4.43 -5.35
N THR A 36 -6.08 -5.75 -5.29
CA THR A 36 -6.48 -6.51 -6.47
C THR A 36 -7.71 -5.88 -7.11
N LYS A 37 -8.67 -5.48 -6.28
CA LYS A 37 -9.88 -4.84 -6.78
C LYS A 37 -9.56 -3.53 -7.50
N SER A 38 -8.39 -2.96 -7.21
CA SER A 38 -7.97 -1.70 -7.82
C SER A 38 -7.73 -1.82 -9.32
N LYS A 39 -6.85 -2.73 -9.71
CA LYS A 39 -6.56 -2.93 -11.14
C LYS A 39 -5.29 -3.77 -11.33
N LEU A 40 -4.26 -3.43 -10.57
CA LEU A 40 -2.98 -4.14 -10.65
C LEU A 40 -3.15 -5.63 -10.34
N PRO A 41 -2.42 -6.49 -11.06
CA PRO A 41 -2.48 -7.94 -10.86
C PRO A 41 -1.80 -8.38 -9.56
N ILE A 42 -2.42 -9.33 -8.88
CA ILE A 42 -1.87 -9.84 -7.62
C ILE A 42 -0.36 -10.00 -7.74
N LEU A 43 0.11 -10.38 -8.92
CA LEU A 43 1.54 -10.56 -9.17
C LEU A 43 2.29 -9.28 -8.77
N GLU A 44 1.90 -8.15 -9.37
CA GLU A 44 2.51 -6.86 -9.05
C GLU A 44 2.23 -6.48 -7.61
N LEU A 45 1.01 -6.76 -7.19
CA LEU A 45 0.57 -6.44 -5.83
C LEU A 45 1.63 -6.78 -4.80
N SER A 46 2.34 -7.88 -5.00
CA SER A 46 3.39 -8.28 -4.05
C SER A 46 4.33 -7.11 -3.78
N HIS A 47 4.90 -6.55 -4.84
CA HIS A 47 5.81 -5.42 -4.70
C HIS A 47 5.23 -4.31 -3.81
N ILE A 48 3.95 -4.02 -4.02
CA ILE A 48 3.27 -3.00 -3.25
C ILE A 48 3.39 -3.24 -1.75
N TRP A 49 2.97 -4.42 -1.32
CA TRP A 49 3.03 -4.77 0.08
C TRP A 49 4.43 -4.55 0.64
N GLU A 50 5.41 -5.17 0.02
CA GLU A 50 6.80 -5.03 0.46
C GLU A 50 7.11 -3.56 0.74
N LEU A 51 6.70 -2.70 -0.18
CA LEU A 51 6.90 -1.27 -0.01
C LEU A 51 6.05 -0.74 1.15
N SER A 52 4.91 -1.38 1.36
CA SER A 52 3.99 -1.00 2.42
C SER A 52 4.50 -1.40 3.80
N ASP A 53 5.24 -2.50 3.88
CA ASP A 53 5.73 -2.96 5.17
C ASP A 53 7.14 -2.48 5.45
N PHE A 54 7.29 -1.16 5.50
CA PHE A 54 8.59 -0.55 5.81
C PHE A 54 9.16 -1.20 7.05
N ASP A 55 8.30 -1.91 7.75
CA ASP A 55 8.69 -2.61 8.95
C ASP A 55 8.99 -4.07 8.64
N LYS A 56 8.00 -4.90 8.86
CA LYS A 56 8.11 -6.34 8.64
C LYS A 56 7.12 -7.05 9.54
N ASP A 57 5.95 -6.45 9.68
CA ASP A 57 4.92 -6.99 10.55
C ASP A 57 3.88 -7.78 9.76
N GLY A 58 3.93 -7.68 8.44
CA GLY A 58 2.96 -8.37 7.63
C GLY A 58 1.58 -7.80 7.85
N ALA A 59 1.57 -6.53 8.23
CA ALA A 59 0.35 -5.80 8.48
C ALA A 59 0.49 -4.35 8.00
N LEU A 60 -0.53 -3.86 7.33
CA LEU A 60 -0.54 -2.51 6.83
C LEU A 60 -1.35 -1.59 7.75
N THR A 61 -0.68 -0.60 8.30
CA THR A 61 -1.33 0.37 9.18
C THR A 61 -1.86 1.53 8.36
N LEU A 62 -2.86 2.23 8.87
CA LEU A 62 -3.42 3.33 8.12
C LEU A 62 -2.30 4.15 7.46
N ASP A 63 -1.23 4.41 8.22
CA ASP A 63 -0.09 5.16 7.71
C ASP A 63 0.53 4.49 6.48
N GLU A 64 0.80 3.20 6.59
CA GLU A 64 1.34 2.46 5.46
C GLU A 64 0.34 2.54 4.31
N PHE A 65 -0.93 2.45 4.67
CA PHE A 65 -2.04 2.53 3.72
C PHE A 65 -1.96 3.85 2.93
N CYS A 66 -1.73 4.95 3.63
CA CYS A 66 -1.64 6.27 2.99
C CYS A 66 -0.53 6.30 1.95
N ALA A 67 0.65 5.87 2.36
CA ALA A 67 1.81 5.85 1.47
C ALA A 67 1.63 4.82 0.37
N ALA A 68 1.10 3.66 0.72
CA ALA A 68 0.90 2.59 -0.24
C ALA A 68 -0.08 3.02 -1.34
N PHE A 69 -1.26 3.46 -0.93
CA PHE A 69 -2.26 3.89 -1.88
C PHE A 69 -1.73 5.01 -2.77
N HIS A 70 -1.19 6.06 -2.15
CA HIS A 70 -0.65 7.19 -2.90
C HIS A 70 0.51 6.76 -3.79
N LEU A 71 1.47 6.06 -3.19
CA LEU A 71 2.63 5.58 -3.94
C LEU A 71 2.20 4.68 -5.09
N VAL A 72 1.37 3.68 -4.79
CA VAL A 72 0.88 2.77 -5.82
C VAL A 72 0.34 3.54 -7.00
N VAL A 73 -0.46 4.57 -6.72
CA VAL A 73 -1.03 5.41 -7.75
C VAL A 73 0.03 5.83 -8.79
N ALA A 74 1.24 6.10 -8.32
CA ALA A 74 2.32 6.53 -9.20
C ALA A 74 2.64 5.46 -10.24
N ARG A 75 2.67 4.21 -9.81
CA ARG A 75 2.95 3.11 -10.71
C ARG A 75 1.93 3.12 -11.85
N LYS A 76 0.82 3.83 -11.62
CA LYS A 76 -0.23 3.95 -12.61
C LYS A 76 0.09 4.99 -13.67
N ASN A 77 0.80 6.03 -13.28
CA ASN A 77 1.18 7.11 -14.20
C ASN A 77 2.10 6.60 -15.30
N GLY A 78 3.21 5.99 -14.91
CA GLY A 78 4.15 5.48 -15.90
C GLY A 78 5.58 5.92 -15.64
N TYR A 79 6.20 5.34 -14.60
CA TYR A 79 7.56 5.69 -14.24
C TYR A 79 8.18 4.64 -13.32
N ASP A 80 9.51 4.68 -13.21
CA ASP A 80 10.23 3.75 -12.35
C ASP A 80 9.84 3.96 -10.89
N LEU A 81 10.23 3.02 -10.04
CA LEU A 81 9.91 3.09 -8.62
C LEU A 81 11.07 2.57 -7.78
N PRO A 82 11.32 3.18 -6.61
CA PRO A 82 12.40 2.73 -5.73
C PRO A 82 12.15 1.33 -5.21
N GLU A 83 12.54 0.32 -5.99
CA GLU A 83 12.37 -1.08 -5.60
C GLU A 83 13.29 -1.42 -4.41
N LYS A 84 13.09 -0.70 -3.32
CA LYS A 84 13.89 -0.89 -2.11
C LYS A 84 13.90 -2.34 -1.63
N LEU A 85 12.79 -2.81 -1.12
CA LEU A 85 12.69 -4.17 -0.62
C LEU A 85 12.64 -5.18 -1.76
N PRO A 86 13.66 -6.05 -1.86
CA PRO A 86 13.73 -7.07 -2.90
C PRO A 86 12.85 -8.28 -2.56
N GLU A 87 13.43 -9.26 -1.87
CA GLU A 87 12.71 -10.46 -1.47
C GLU A 87 12.48 -10.48 0.05
N SER A 88 12.75 -11.62 0.66
CA SER A 88 12.59 -11.77 2.10
C SER A 88 13.92 -11.65 2.83
N LEU A 89 14.61 -10.54 2.64
CA LEU A 89 15.88 -10.34 3.31
C LEU A 89 15.70 -9.51 4.58
N MET A 90 14.82 -8.54 4.52
CA MET A 90 14.55 -7.70 5.69
C MET A 90 14.28 -8.53 6.95
N PRO A 91 13.35 -9.49 6.86
CA PRO A 91 13.00 -10.34 8.01
C PRO A 91 13.99 -11.49 8.25
N LYS A 92 14.32 -11.72 9.51
CA LYS A 92 15.25 -12.80 9.88
C LYS A 92 14.82 -13.49 11.17
N TRP A 1 5.70 10.09 1.65
CA TRP A 1 5.02 10.75 0.50
C TRP A 1 3.97 11.76 0.97
N LYS A 2 4.06 12.99 0.49
CA LYS A 2 3.09 14.02 0.88
C LYS A 2 1.77 13.80 0.14
N ILE A 3 0.68 13.70 0.88
CA ILE A 3 -0.64 13.46 0.27
C ILE A 3 -1.65 14.53 0.70
N THR A 4 -2.40 15.08 -0.25
CA THR A 4 -3.42 16.08 0.08
C THR A 4 -4.58 15.42 0.80
N ASP A 5 -4.97 15.94 1.95
CA ASP A 5 -6.06 15.34 2.68
C ASP A 5 -7.22 14.99 1.75
N GLU A 6 -7.59 15.90 0.86
CA GLU A 6 -8.66 15.60 -0.09
C GLU A 6 -8.40 14.21 -0.66
N GLN A 7 -7.14 13.97 -1.00
CA GLN A 7 -6.69 12.70 -1.53
C GLN A 7 -6.59 11.66 -0.41
N ARG A 8 -6.27 12.11 0.80
CA ARG A 8 -6.18 11.19 1.94
C ARG A 8 -7.55 10.60 2.24
N GLN A 9 -8.54 11.48 2.40
CA GLN A 9 -9.89 11.06 2.67
C GLN A 9 -10.43 10.22 1.51
N TYR A 10 -10.12 10.63 0.29
CA TYR A 10 -10.58 9.91 -0.88
C TYR A 10 -10.33 8.40 -0.74
N TYR A 11 -9.14 8.02 -0.31
CA TYR A 11 -8.81 6.61 -0.12
C TYR A 11 -9.52 6.03 1.11
N VAL A 12 -9.30 6.68 2.24
CA VAL A 12 -9.88 6.25 3.50
C VAL A 12 -11.39 6.06 3.36
N ASN A 13 -12.04 7.02 2.73
CA ASN A 13 -13.48 6.96 2.51
C ASN A 13 -13.92 5.55 2.13
N GLN A 14 -13.07 4.84 1.40
CA GLN A 14 -13.39 3.48 0.97
C GLN A 14 -12.89 2.44 1.98
N PHE A 15 -11.61 2.52 2.29
CA PHE A 15 -10.99 1.59 3.22
C PHE A 15 -11.55 1.67 4.64
N LYS A 16 -12.13 2.81 4.99
CA LYS A 16 -12.68 3.01 6.33
C LYS A 16 -13.47 1.78 6.80
N THR A 17 -14.15 1.10 5.89
CA THR A 17 -14.89 -0.11 6.28
C THR A 17 -13.94 -1.06 7.00
N ILE A 18 -12.71 -1.13 6.51
CA ILE A 18 -11.69 -2.01 7.09
C ILE A 18 -10.75 -1.24 8.02
N GLN A 19 -10.22 -0.11 7.54
CA GLN A 19 -9.29 0.69 8.34
C GLN A 19 -9.93 1.97 8.88
N PRO A 20 -11.05 1.87 9.61
CA PRO A 20 -11.72 3.03 10.18
C PRO A 20 -10.94 3.68 11.33
N ASP A 21 -10.11 2.89 12.01
CA ASP A 21 -9.31 3.39 13.12
C ASP A 21 -7.82 3.39 12.78
N LEU A 22 -7.20 4.57 12.95
CA LEU A 22 -5.77 4.74 12.66
C LEU A 22 -4.91 3.70 13.38
N ASN A 23 -5.47 3.10 14.42
CA ASN A 23 -4.75 2.11 15.19
C ASN A 23 -5.08 0.71 14.69
N GLY A 24 -5.55 0.65 13.45
CA GLY A 24 -5.88 -0.61 12.84
C GLY A 24 -4.81 -1.07 11.87
N PHE A 25 -4.77 -2.37 11.61
CA PHE A 25 -3.78 -2.92 10.69
C PHE A 25 -4.42 -3.94 9.75
N ILE A 26 -4.24 -3.70 8.46
CA ILE A 26 -4.79 -4.57 7.42
C ILE A 26 -3.81 -5.67 7.02
N PRO A 27 -4.27 -6.91 7.01
CA PRO A 27 -3.44 -8.05 6.60
C PRO A 27 -3.19 -8.02 5.10
N GLY A 28 -2.00 -8.45 4.69
CA GLY A 28 -1.68 -8.45 3.28
C GLY A 28 -2.81 -9.02 2.44
N SER A 29 -3.46 -10.06 2.95
CA SER A 29 -4.57 -10.70 2.24
C SER A 29 -5.62 -9.65 1.83
N ALA A 30 -6.09 -8.87 2.80
CA ALA A 30 -7.09 -7.85 2.52
C ALA A 30 -6.55 -6.79 1.57
N ALA A 31 -5.39 -6.24 1.89
CA ALA A 31 -4.79 -5.21 1.05
C ALA A 31 -4.60 -5.71 -0.38
N LYS A 32 -3.93 -6.84 -0.53
CA LYS A 32 -3.70 -7.41 -1.85
C LYS A 32 -5.03 -7.71 -2.55
N GLU A 33 -5.94 -8.41 -1.89
CA GLU A 33 -7.23 -8.70 -2.49
C GLU A 33 -7.97 -7.41 -2.85
N PHE A 34 -8.05 -6.49 -1.90
CA PHE A 34 -8.72 -5.22 -2.13
C PHE A 34 -8.10 -4.49 -3.31
N PHE A 35 -6.79 -4.28 -3.24
CA PHE A 35 -6.08 -3.61 -4.31
C PHE A 35 -6.29 -4.36 -5.62
N THR A 36 -6.07 -5.67 -5.60
CA THR A 36 -6.26 -6.48 -6.79
C THR A 36 -7.57 -6.10 -7.46
N LYS A 37 -8.63 -6.01 -6.66
CA LYS A 37 -9.94 -5.61 -7.16
C LYS A 37 -9.84 -4.26 -7.88
N SER A 38 -8.93 -3.41 -7.40
CA SER A 38 -8.72 -2.11 -8.03
C SER A 38 -8.32 -2.28 -9.49
N LYS A 39 -7.38 -3.20 -9.73
CA LYS A 39 -6.92 -3.49 -11.10
C LYS A 39 -5.55 -4.17 -11.09
N LEU A 40 -4.63 -3.67 -10.26
CA LEU A 40 -3.29 -4.24 -10.19
C LEU A 40 -3.32 -5.72 -9.79
N PRO A 41 -2.46 -6.54 -10.42
CA PRO A 41 -2.37 -7.98 -10.14
C PRO A 41 -1.69 -8.28 -8.80
N ILE A 42 -2.17 -9.32 -8.12
CA ILE A 42 -1.61 -9.72 -6.83
C ILE A 42 -0.08 -9.79 -6.85
N LEU A 43 0.47 -10.26 -7.97
CA LEU A 43 1.92 -10.38 -8.10
C LEU A 43 2.60 -9.03 -7.84
N GLU A 44 2.26 -8.04 -8.65
CA GLU A 44 2.81 -6.70 -8.51
C GLU A 44 2.43 -6.10 -7.17
N LEU A 45 1.19 -6.32 -6.74
CA LEU A 45 0.73 -5.80 -5.45
C LEU A 45 1.69 -6.23 -4.35
N SER A 46 2.08 -7.48 -4.38
CA SER A 46 2.99 -8.05 -3.39
C SER A 46 4.19 -7.12 -3.12
N HIS A 47 4.72 -6.51 -4.17
CA HIS A 47 5.87 -5.60 -4.01
C HIS A 47 5.44 -4.31 -3.33
N ILE A 48 4.39 -3.66 -3.88
CA ILE A 48 3.88 -2.42 -3.30
C ILE A 48 3.82 -2.55 -1.78
N TRP A 49 3.27 -3.67 -1.32
CA TRP A 49 3.17 -3.93 0.12
C TRP A 49 4.52 -3.75 0.79
N GLU A 50 5.58 -4.26 0.17
CA GLU A 50 6.93 -4.14 0.73
C GLU A 50 7.29 -2.69 0.94
N LEU A 51 7.20 -1.92 -0.14
CA LEU A 51 7.52 -0.51 -0.10
C LEU A 51 6.70 0.19 0.98
N SER A 52 5.47 -0.25 1.13
CA SER A 52 4.58 0.31 2.12
C SER A 52 4.74 -0.39 3.48
N ASP A 53 5.28 -1.60 3.46
CA ASP A 53 5.46 -2.39 4.69
C ASP A 53 6.90 -2.30 5.21
N PHE A 54 7.43 -1.08 5.28
CA PHE A 54 8.80 -0.87 5.76
C PHE A 54 9.10 -1.64 7.04
N ASP A 55 8.09 -2.22 7.65
CA ASP A 55 8.28 -2.99 8.88
C ASP A 55 8.37 -4.49 8.57
N LYS A 56 7.58 -4.95 7.61
CA LYS A 56 7.59 -6.37 7.24
C LYS A 56 7.05 -7.22 8.38
N ASP A 57 5.90 -6.82 8.87
CA ASP A 57 5.23 -7.51 9.97
C ASP A 57 4.17 -8.45 9.42
N GLY A 58 3.63 -8.08 8.26
CA GLY A 58 2.57 -8.87 7.65
C GLY A 58 1.27 -8.08 7.64
N ALA A 59 1.23 -7.06 8.49
CA ALA A 59 0.08 -6.19 8.63
C ALA A 59 0.41 -4.75 8.22
N LEU A 60 -0.51 -4.12 7.52
CA LEU A 60 -0.32 -2.75 7.08
C LEU A 60 -1.09 -1.77 7.95
N THR A 61 -0.36 -0.87 8.58
CA THR A 61 -0.99 0.15 9.41
C THR A 61 -1.62 1.21 8.53
N LEU A 62 -2.69 1.80 9.01
CA LEU A 62 -3.39 2.82 8.24
C LEU A 62 -2.39 3.75 7.55
N ASP A 63 -1.34 4.14 8.26
CA ASP A 63 -0.34 5.00 7.68
C ASP A 63 0.28 4.34 6.47
N GLU A 64 0.66 3.07 6.60
CA GLU A 64 1.21 2.33 5.47
C GLU A 64 0.17 2.31 4.35
N PHE A 65 -1.07 2.04 4.73
CA PHE A 65 -2.18 2.02 3.78
C PHE A 65 -2.20 3.33 2.97
N CYS A 66 -2.24 4.44 3.69
CA CYS A 66 -2.21 5.75 3.06
C CYS A 66 -1.11 5.80 2.00
N ALA A 67 0.09 5.43 2.41
CA ALA A 67 1.26 5.44 1.52
C ALA A 67 1.12 4.41 0.38
N ALA A 68 0.69 3.19 0.69
CA ALA A 68 0.54 2.15 -0.31
C ALA A 68 -0.39 2.59 -1.43
N PHE A 69 -1.60 2.99 -1.08
CA PHE A 69 -2.57 3.43 -2.07
C PHE A 69 -1.96 4.53 -2.95
N HIS A 70 -1.38 5.54 -2.31
CA HIS A 70 -0.76 6.65 -3.03
C HIS A 70 0.36 6.13 -3.93
N LEU A 71 1.25 5.35 -3.34
CA LEU A 71 2.35 4.77 -4.06
C LEU A 71 1.84 4.05 -5.30
N VAL A 72 0.82 3.22 -5.12
CA VAL A 72 0.22 2.48 -6.23
C VAL A 72 -0.10 3.43 -7.37
N VAL A 73 -0.73 4.54 -7.02
CA VAL A 73 -1.08 5.55 -7.99
C VAL A 73 0.14 6.00 -8.79
N ALA A 74 1.25 6.18 -8.09
CA ALA A 74 2.50 6.60 -8.73
C ALA A 74 2.87 5.65 -9.86
N ARG A 75 2.99 4.37 -9.54
CA ARG A 75 3.34 3.38 -10.56
C ARG A 75 2.28 3.35 -11.65
N LYS A 76 1.02 3.46 -11.25
CA LYS A 76 -0.09 3.45 -12.19
C LYS A 76 0.09 4.54 -13.25
N ASN A 77 0.38 5.74 -12.79
CA ASN A 77 0.56 6.89 -13.68
C ASN A 77 2.03 7.08 -14.04
N GLY A 78 2.71 5.97 -14.29
CA GLY A 78 4.12 6.03 -14.65
C GLY A 78 4.67 4.68 -15.08
N TYR A 79 5.37 4.02 -14.17
CA TYR A 79 5.95 2.72 -14.47
C TYR A 79 6.36 1.97 -13.20
N ASP A 80 7.01 0.83 -13.38
CA ASP A 80 7.45 0.02 -12.26
C ASP A 80 8.61 0.66 -11.50
N LEU A 81 8.70 0.32 -10.23
CA LEU A 81 9.75 0.85 -9.36
C LEU A 81 10.92 -0.13 -9.20
N PRO A 82 12.16 0.36 -9.27
CA PRO A 82 13.37 -0.47 -9.12
C PRO A 82 13.52 -1.03 -7.71
N GLU A 83 12.51 -1.75 -7.24
CA GLU A 83 12.50 -2.35 -5.90
C GLU A 83 13.33 -1.52 -4.90
N LYS A 84 12.84 -0.34 -4.59
CA LYS A 84 13.51 0.53 -3.62
C LYS A 84 13.97 -0.25 -2.40
N LEU A 85 13.23 -1.31 -2.08
CA LEU A 85 13.54 -2.15 -0.92
C LEU A 85 14.97 -2.67 -0.94
N PRO A 86 15.85 -2.06 -0.12
CA PRO A 86 17.26 -2.46 -0.03
C PRO A 86 17.43 -3.86 0.53
N GLU A 87 18.30 -4.64 -0.08
CA GLU A 87 18.56 -6.01 0.35
C GLU A 87 19.26 -6.04 1.71
N SER A 88 18.93 -5.09 2.57
CA SER A 88 19.52 -5.01 3.91
C SER A 88 18.59 -5.54 5.00
N LEU A 89 17.30 -5.25 4.86
CA LEU A 89 16.31 -5.70 5.84
C LEU A 89 15.61 -6.98 5.39
N MET A 90 15.44 -7.12 4.08
CA MET A 90 14.80 -8.31 3.53
C MET A 90 15.44 -8.73 2.21
N PRO A 91 16.25 -9.78 2.23
CA PRO A 91 16.93 -10.28 1.04
C PRO A 91 16.00 -11.14 0.17
N LYS A 92 16.39 -11.38 -1.07
CA LYS A 92 15.57 -12.17 -1.99
C LYS A 92 16.07 -13.62 -2.04
N TRP A 1 4.81 13.31 1.85
CA TRP A 1 5.18 12.69 0.54
C TRP A 1 4.26 13.16 -0.59
N LYS A 2 4.10 14.48 -0.73
CA LYS A 2 3.23 15.01 -1.78
C LYS A 2 1.82 14.42 -1.68
N ILE A 3 1.27 14.43 -0.47
CA ILE A 3 -0.07 13.90 -0.22
C ILE A 3 -1.07 15.04 0.03
N THR A 4 -2.17 15.05 -0.69
CA THR A 4 -3.20 16.08 -0.52
C THR A 4 -4.39 15.57 0.25
N ASP A 5 -4.93 16.40 1.12
CA ASP A 5 -6.09 16.03 1.91
C ASP A 5 -7.19 15.42 1.03
N GLU A 6 -7.44 16.03 -0.12
CA GLU A 6 -8.45 15.55 -1.04
C GLU A 6 -8.24 14.07 -1.38
N GLN A 7 -7.00 13.67 -1.63
CA GLN A 7 -6.71 12.29 -1.94
C GLN A 7 -6.91 11.40 -0.71
N ARG A 8 -6.50 11.91 0.44
CA ARG A 8 -6.63 11.18 1.69
C ARG A 8 -8.02 10.59 1.84
N GLN A 9 -9.03 11.45 1.75
CA GLN A 9 -10.42 11.04 1.88
C GLN A 9 -10.78 10.02 0.82
N TYR A 10 -10.32 10.25 -0.41
CA TYR A 10 -10.61 9.34 -1.51
C TYR A 10 -10.38 7.89 -1.11
N TYR A 11 -9.20 7.61 -0.58
CA TYR A 11 -8.85 6.26 -0.15
C TYR A 11 -9.74 5.84 1.02
N VAL A 12 -9.79 6.69 2.04
CA VAL A 12 -10.60 6.43 3.22
C VAL A 12 -12.04 6.13 2.85
N ASN A 13 -12.54 6.80 1.81
CA ASN A 13 -13.91 6.58 1.38
C ASN A 13 -14.25 5.09 1.35
N GLN A 14 -13.34 4.28 0.83
CA GLN A 14 -13.55 2.83 0.79
C GLN A 14 -12.93 2.15 1.99
N PHE A 15 -11.66 2.46 2.25
CA PHE A 15 -10.97 1.88 3.39
C PHE A 15 -11.74 2.11 4.68
N LYS A 16 -12.55 3.16 4.68
CA LYS A 16 -13.38 3.48 5.84
C LYS A 16 -13.97 2.21 6.42
N THR A 17 -14.31 1.29 5.54
CA THR A 17 -14.87 0.01 5.93
C THR A 17 -13.96 -0.74 6.90
N ILE A 18 -12.65 -0.68 6.65
CA ILE A 18 -11.69 -1.37 7.51
C ILE A 18 -10.81 -0.40 8.31
N GLN A 19 -10.28 0.62 7.66
CA GLN A 19 -9.40 1.57 8.33
C GLN A 19 -9.62 3.01 7.86
N PRO A 20 -10.64 3.70 8.39
CA PRO A 20 -10.94 5.09 7.99
C PRO A 20 -9.79 6.06 8.29
N ASP A 21 -9.50 6.23 9.57
CA ASP A 21 -8.45 7.16 10.00
C ASP A 21 -7.97 6.83 11.42
N LEU A 22 -8.11 5.57 11.81
CA LEU A 22 -7.68 5.13 13.13
C LEU A 22 -6.22 4.66 13.10
N ASN A 23 -5.92 3.58 13.80
CA ASN A 23 -4.56 3.03 13.83
C ASN A 23 -4.60 1.50 13.79
N GLY A 24 -5.40 0.98 12.88
CA GLY A 24 -5.54 -0.46 12.75
C GLY A 24 -4.67 -1.05 11.65
N PHE A 25 -4.24 -2.29 11.84
CA PHE A 25 -3.40 -2.98 10.88
C PHE A 25 -4.21 -3.97 10.03
N ILE A 26 -4.12 -3.81 8.72
CA ILE A 26 -4.81 -4.68 7.78
C ILE A 26 -3.93 -5.83 7.33
N PRO A 27 -4.41 -7.07 7.43
CA PRO A 27 -3.65 -8.24 7.00
C PRO A 27 -3.36 -8.20 5.49
N GLY A 28 -2.22 -8.73 5.08
CA GLY A 28 -1.88 -8.72 3.66
C GLY A 28 -3.04 -9.16 2.79
N SER A 29 -3.90 -10.02 3.33
CA SER A 29 -5.06 -10.50 2.60
C SER A 29 -6.01 -9.36 2.26
N ALA A 30 -6.43 -8.61 3.28
CA ALA A 30 -7.32 -7.48 3.04
C ALA A 30 -6.67 -6.47 2.11
N ALA A 31 -5.38 -6.26 2.29
CA ALA A 31 -4.66 -5.34 1.43
C ALA A 31 -4.67 -5.85 -0.01
N LYS A 32 -4.26 -7.10 -0.20
CA LYS A 32 -4.27 -7.70 -1.52
C LYS A 32 -5.70 -7.67 -2.08
N GLU A 33 -6.64 -8.17 -1.29
CA GLU A 33 -8.06 -8.18 -1.69
C GLU A 33 -8.51 -6.79 -2.14
N PHE A 34 -8.26 -5.79 -1.31
CA PHE A 34 -8.63 -4.41 -1.63
C PHE A 34 -7.95 -3.92 -2.91
N PHE A 35 -6.63 -3.98 -2.94
CA PHE A 35 -5.87 -3.53 -4.10
C PHE A 35 -6.20 -4.32 -5.36
N THR A 36 -6.24 -5.64 -5.25
CA THR A 36 -6.53 -6.51 -6.40
C THR A 36 -7.67 -5.96 -7.25
N LYS A 37 -8.75 -5.50 -6.60
CA LYS A 37 -9.89 -4.94 -7.33
C LYS A 37 -9.45 -3.81 -8.27
N SER A 38 -8.41 -3.09 -7.86
CA SER A 38 -7.90 -1.96 -8.63
C SER A 38 -7.44 -2.35 -10.05
N LYS A 39 -6.42 -3.19 -10.13
CA LYS A 39 -5.91 -3.61 -11.44
C LYS A 39 -4.62 -4.45 -11.31
N LEU A 40 -3.59 -3.85 -10.72
CA LEU A 40 -2.31 -4.53 -10.57
C LEU A 40 -2.50 -5.94 -10.02
N PRO A 41 -1.93 -6.94 -10.71
CA PRO A 41 -2.02 -8.34 -10.32
C PRO A 41 -1.15 -8.65 -9.11
N ILE A 42 -1.67 -9.44 -8.19
CA ILE A 42 -0.94 -9.82 -6.98
C ILE A 42 0.57 -9.78 -7.22
N LEU A 43 1.00 -10.24 -8.39
CA LEU A 43 2.41 -10.24 -8.74
C LEU A 43 3.03 -8.88 -8.39
N GLU A 44 2.46 -7.84 -8.96
CA GLU A 44 2.90 -6.47 -8.71
C GLU A 44 2.67 -6.09 -7.26
N LEU A 45 1.53 -6.50 -6.73
CA LEU A 45 1.18 -6.20 -5.34
C LEU A 45 2.30 -6.59 -4.38
N SER A 46 2.90 -7.77 -4.55
CA SER A 46 3.98 -8.18 -3.66
C SER A 46 5.03 -7.08 -3.53
N HIS A 47 5.57 -6.64 -4.66
CA HIS A 47 6.57 -5.59 -4.66
C HIS A 47 6.04 -4.38 -3.87
N ILE A 48 4.79 -4.03 -4.15
CA ILE A 48 4.13 -2.92 -3.48
C ILE A 48 4.04 -3.14 -1.97
N TRP A 49 3.61 -4.33 -1.56
CA TRP A 49 3.50 -4.63 -0.15
C TRP A 49 4.85 -4.48 0.52
N GLU A 50 5.84 -5.14 -0.07
CA GLU A 50 7.19 -5.09 0.46
C GLU A 50 7.65 -3.64 0.64
N LEU A 51 7.53 -2.84 -0.43
CA LEU A 51 7.91 -1.43 -0.38
C LEU A 51 7.03 -0.68 0.61
N SER A 52 5.78 -1.11 0.71
CA SER A 52 4.80 -0.49 1.60
C SER A 52 4.96 -0.96 3.06
N ASP A 53 5.50 -2.16 3.22
CA ASP A 53 5.68 -2.76 4.54
C ASP A 53 7.13 -2.66 5.02
N PHE A 54 7.64 -1.43 5.18
CA PHE A 54 9.02 -1.26 5.63
C PHE A 54 9.23 -1.78 7.05
N ASP A 55 8.17 -2.23 7.68
CA ASP A 55 8.26 -2.74 9.05
C ASP A 55 8.35 -4.27 9.06
N LYS A 56 7.60 -4.91 8.16
CA LYS A 56 7.60 -6.37 8.06
C LYS A 56 6.79 -7.01 9.17
N ASP A 57 5.57 -6.51 9.36
CA ASP A 57 4.67 -7.03 10.38
C ASP A 57 3.66 -7.98 9.75
N GLY A 58 3.69 -8.05 8.42
CA GLY A 58 2.77 -8.89 7.70
C GLY A 58 1.40 -8.26 7.62
N ALA A 59 1.32 -7.01 8.05
CA ALA A 59 0.07 -6.27 8.03
C ALA A 59 0.31 -4.82 7.65
N LEU A 60 -0.67 -4.20 7.01
CA LEU A 60 -0.54 -2.82 6.62
C LEU A 60 -1.22 -1.91 7.61
N THR A 61 -0.44 -1.02 8.21
CA THR A 61 -0.97 -0.06 9.16
C THR A 61 -1.61 1.09 8.41
N LEU A 62 -2.64 1.71 8.98
CA LEU A 62 -3.29 2.81 8.29
C LEU A 62 -2.22 3.70 7.65
N ASP A 63 -1.11 3.87 8.38
CA ASP A 63 0.01 4.65 7.88
C ASP A 63 0.50 4.05 6.56
N GLU A 64 0.79 2.76 6.59
CA GLU A 64 1.25 2.06 5.40
C GLU A 64 0.17 2.16 4.32
N PHE A 65 -1.09 2.08 4.74
CA PHE A 65 -2.24 2.20 3.84
C PHE A 65 -2.22 3.55 3.09
N CYS A 66 -2.16 4.63 3.86
CA CYS A 66 -2.15 5.97 3.29
C CYS A 66 -0.95 6.17 2.36
N ALA A 67 0.24 5.87 2.84
CA ALA A 67 1.45 6.03 2.05
C ALA A 67 1.45 5.09 0.84
N ALA A 68 1.17 3.82 1.08
CA ALA A 68 1.16 2.83 0.02
C ALA A 68 0.15 3.19 -1.08
N PHE A 69 -1.10 3.40 -0.69
CA PHE A 69 -2.13 3.76 -1.67
C PHE A 69 -1.63 4.91 -2.52
N HIS A 70 -1.08 5.92 -1.86
CA HIS A 70 -0.54 7.08 -2.56
C HIS A 70 0.51 6.63 -3.57
N LEU A 71 1.48 5.88 -3.08
CA LEU A 71 2.55 5.38 -3.93
C LEU A 71 1.96 4.61 -5.11
N VAL A 72 1.05 3.69 -4.82
CA VAL A 72 0.40 2.90 -5.86
C VAL A 72 -0.25 3.81 -6.88
N VAL A 73 -0.93 4.84 -6.39
CA VAL A 73 -1.58 5.80 -7.26
C VAL A 73 -0.57 6.33 -8.26
N ALA A 74 0.63 6.61 -7.78
CA ALA A 74 1.69 7.12 -8.63
C ALA A 74 2.05 6.13 -9.76
N ARG A 75 2.27 4.86 -9.40
CA ARG A 75 2.62 3.86 -10.41
C ARG A 75 1.65 3.92 -11.60
N LYS A 76 0.36 3.93 -11.30
CA LYS A 76 -0.66 4.00 -12.33
C LYS A 76 -0.33 5.08 -13.35
N ASN A 77 0.27 6.18 -12.89
CA ASN A 77 0.68 7.26 -13.77
C ASN A 77 2.13 7.63 -13.54
N GLY A 78 2.99 6.62 -13.68
CA GLY A 78 4.40 6.84 -13.48
C GLY A 78 5.26 6.00 -14.40
N TYR A 79 6.26 5.35 -13.84
CA TYR A 79 7.16 4.50 -14.62
C TYR A 79 7.45 3.20 -13.89
N ASP A 80 7.61 2.12 -14.63
CA ASP A 80 7.87 0.81 -14.03
C ASP A 80 8.94 0.92 -12.96
N LEU A 81 8.71 0.24 -11.85
CA LEU A 81 9.65 0.25 -10.72
C LEU A 81 10.91 -0.56 -11.01
N PRO A 82 12.02 0.13 -11.32
CA PRO A 82 13.30 -0.50 -11.63
C PRO A 82 13.99 -1.15 -10.41
N GLU A 83 13.27 -2.01 -9.70
CA GLU A 83 13.84 -2.70 -8.54
C GLU A 83 14.03 -1.78 -7.33
N LYS A 84 12.97 -1.15 -6.84
CA LYS A 84 13.09 -0.27 -5.67
C LYS A 84 13.37 -1.08 -4.40
N LEU A 85 12.75 -2.25 -4.32
CA LEU A 85 12.91 -3.12 -3.16
C LEU A 85 14.39 -3.27 -2.81
N PRO A 86 14.79 -2.83 -1.61
CA PRO A 86 16.18 -2.90 -1.16
C PRO A 86 16.59 -4.28 -0.66
N GLU A 87 17.72 -4.76 -1.15
CA GLU A 87 18.28 -6.06 -0.76
C GLU A 87 18.76 -6.04 0.69
N SER A 88 17.96 -5.47 1.59
CA SER A 88 18.34 -5.42 2.99
C SER A 88 17.43 -6.29 3.86
N LEU A 89 16.15 -6.25 3.57
CA LEU A 89 15.18 -7.03 4.34
C LEU A 89 14.61 -8.18 3.49
N MET A 90 15.48 -8.81 2.70
CA MET A 90 15.07 -9.90 1.82
C MET A 90 16.26 -10.79 1.43
N PRO A 91 16.96 -11.36 2.43
CA PRO A 91 18.12 -12.23 2.19
C PRO A 91 17.79 -13.55 1.49
N LYS A 92 18.05 -13.61 0.19
CA LYS A 92 17.81 -14.82 -0.60
C LYS A 92 18.92 -15.02 -1.63
N TRP A 1 8.11 10.87 -0.65
CA TRP A 1 6.66 10.69 -0.85
C TRP A 1 5.86 11.58 0.10
N LYS A 2 4.62 11.89 -0.26
CA LYS A 2 3.78 12.76 0.57
C LYS A 2 2.30 12.67 0.15
N ILE A 3 1.40 13.09 1.03
CA ILE A 3 -0.04 13.03 0.72
C ILE A 3 -0.77 14.32 1.13
N THR A 4 -1.51 14.89 0.18
CA THR A 4 -2.26 16.12 0.41
C THR A 4 -3.51 15.87 1.25
N ASP A 5 -3.83 16.83 2.11
CA ASP A 5 -5.01 16.72 2.96
C ASP A 5 -6.23 16.22 2.18
N GLU A 6 -6.45 16.80 1.00
CA GLU A 6 -7.58 16.40 0.16
C GLU A 6 -7.56 14.90 -0.10
N GLN A 7 -6.53 14.43 -0.80
CA GLN A 7 -6.40 13.01 -1.07
C GLN A 7 -6.55 12.22 0.23
N ARG A 8 -5.97 12.77 1.31
CA ARG A 8 -6.03 12.16 2.63
C ARG A 8 -7.45 11.69 2.94
N GLN A 9 -8.39 12.62 2.86
CA GLN A 9 -9.78 12.34 3.13
C GLN A 9 -10.39 11.49 2.01
N TYR A 10 -10.03 11.80 0.78
CA TYR A 10 -10.54 11.07 -0.37
C TYR A 10 -10.44 9.56 -0.14
N TYR A 11 -9.25 9.11 0.25
CA TYR A 11 -9.02 7.69 0.51
C TYR A 11 -9.78 7.22 1.74
N VAL A 12 -9.55 7.91 2.85
CA VAL A 12 -10.18 7.56 4.12
C VAL A 12 -11.68 7.33 3.97
N ASN A 13 -12.35 8.23 3.25
CA ASN A 13 -13.79 8.11 3.06
C ASN A 13 -14.21 6.67 2.74
N GLN A 14 -13.49 6.01 1.85
CA GLN A 14 -13.80 4.64 1.49
C GLN A 14 -12.86 3.65 2.17
N PHE A 15 -11.57 3.93 2.11
CA PHE A 15 -10.58 3.06 2.72
C PHE A 15 -10.99 2.65 4.12
N LYS A 16 -11.63 3.56 4.85
CA LYS A 16 -12.07 3.25 6.20
C LYS A 16 -12.82 1.92 6.23
N THR A 17 -13.49 1.58 5.13
CA THR A 17 -14.22 0.33 5.05
C THR A 17 -13.34 -0.83 5.50
N ILE A 18 -12.04 -0.71 5.27
CA ILE A 18 -11.11 -1.76 5.69
C ILE A 18 -10.44 -1.41 7.02
N GLN A 19 -9.88 -0.20 7.11
CA GLN A 19 -9.20 0.23 8.33
C GLN A 19 -9.99 1.31 9.08
N PRO A 20 -11.18 0.96 9.61
CA PRO A 20 -12.02 1.92 10.34
C PRO A 20 -11.34 2.47 11.60
N ASP A 21 -10.68 1.59 12.34
CA ASP A 21 -9.99 1.97 13.57
C ASP A 21 -8.57 2.44 13.27
N LEU A 22 -8.28 3.64 13.74
CA LEU A 22 -6.96 4.25 13.56
C LEU A 22 -5.84 3.27 13.95
N ASN A 23 -6.12 2.41 14.92
CA ASN A 23 -5.15 1.44 15.39
C ASN A 23 -5.37 0.09 14.72
N GLY A 24 -5.94 0.13 13.53
CA GLY A 24 -6.18 -1.10 12.81
C GLY A 24 -5.12 -1.33 11.76
N PHE A 25 -4.61 -2.56 11.70
CA PHE A 25 -3.58 -2.90 10.73
C PHE A 25 -4.13 -3.89 9.71
N ILE A 26 -3.98 -3.59 8.43
CA ILE A 26 -4.48 -4.47 7.39
C ILE A 26 -3.48 -5.57 7.04
N PRO A 27 -3.90 -6.83 7.14
CA PRO A 27 -3.05 -7.97 6.81
C PRO A 27 -2.79 -8.04 5.31
N GLY A 28 -1.61 -8.53 4.93
CA GLY A 28 -1.29 -8.62 3.52
C GLY A 28 -2.41 -9.21 2.69
N SER A 29 -3.18 -10.12 3.28
CA SER A 29 -4.29 -10.75 2.59
C SER A 29 -5.26 -9.70 2.04
N ALA A 30 -5.64 -8.75 2.88
CA ALA A 30 -6.55 -7.69 2.46
C ALA A 30 -5.95 -6.90 1.30
N ALA A 31 -4.73 -6.41 1.48
CA ALA A 31 -4.06 -5.65 0.43
C ALA A 31 -4.02 -6.46 -0.86
N LYS A 32 -3.54 -7.69 -0.76
CA LYS A 32 -3.48 -8.57 -1.91
C LYS A 32 -4.85 -8.71 -2.56
N GLU A 33 -5.85 -9.03 -1.75
CA GLU A 33 -7.21 -9.19 -2.23
C GLU A 33 -7.72 -7.91 -2.89
N PHE A 34 -7.57 -6.79 -2.18
CA PHE A 34 -7.99 -5.50 -2.68
C PHE A 34 -7.26 -5.12 -3.97
N PHE A 35 -5.93 -5.14 -3.90
CA PHE A 35 -5.11 -4.80 -5.05
C PHE A 35 -5.27 -5.81 -6.19
N THR A 36 -5.06 -7.08 -5.88
CA THR A 36 -5.17 -8.13 -6.89
C THR A 36 -6.43 -7.95 -7.73
N LYS A 37 -7.58 -7.80 -7.08
CA LYS A 37 -8.83 -7.60 -7.81
C LYS A 37 -8.68 -6.48 -8.83
N SER A 38 -7.83 -5.51 -8.53
CA SER A 38 -7.60 -4.41 -9.47
C SER A 38 -7.23 -4.96 -10.84
N LYS A 39 -6.31 -5.93 -10.84
CA LYS A 39 -5.85 -6.59 -12.06
C LYS A 39 -4.36 -6.91 -11.97
N LEU A 40 -3.60 -5.96 -11.45
CA LEU A 40 -2.17 -6.11 -11.33
C LEU A 40 -1.80 -7.47 -10.72
N PRO A 41 -0.84 -8.18 -11.34
CA PRO A 41 -0.38 -9.50 -10.88
C PRO A 41 0.18 -9.45 -9.46
N ILE A 42 -0.18 -10.44 -8.65
CA ILE A 42 0.30 -10.51 -7.28
C ILE A 42 1.82 -10.26 -7.22
N LEU A 43 2.53 -10.78 -8.22
CA LEU A 43 3.99 -10.62 -8.28
C LEU A 43 4.39 -9.17 -8.01
N GLU A 44 3.90 -8.26 -8.84
CA GLU A 44 4.19 -6.84 -8.67
C GLU A 44 3.62 -6.34 -7.35
N LEU A 45 2.42 -6.80 -7.04
CA LEU A 45 1.71 -6.42 -5.82
C LEU A 45 2.60 -6.56 -4.58
N SER A 46 3.25 -7.70 -4.43
CA SER A 46 4.11 -7.91 -3.27
C SER A 46 5.04 -6.72 -3.07
N HIS A 47 5.80 -6.39 -4.11
CA HIS A 47 6.72 -5.26 -4.05
C HIS A 47 6.04 -4.04 -3.43
N ILE A 48 4.86 -3.72 -3.93
CA ILE A 48 4.10 -2.58 -3.40
C ILE A 48 3.97 -2.72 -1.90
N TRP A 49 3.59 -3.90 -1.44
CA TRP A 49 3.48 -4.13 -0.01
C TRP A 49 4.84 -3.96 0.65
N GLU A 50 5.85 -4.64 0.12
CA GLU A 50 7.19 -4.52 0.68
C GLU A 50 7.60 -3.05 0.81
N LEU A 51 7.42 -2.27 -0.26
CA LEU A 51 7.75 -0.86 -0.22
C LEU A 51 6.86 -0.12 0.78
N SER A 52 5.57 -0.44 0.74
CA SER A 52 4.58 0.18 1.63
C SER A 52 4.71 -0.31 3.08
N ASP A 53 5.31 -1.47 3.25
CA ASP A 53 5.48 -2.07 4.58
C ASP A 53 6.88 -1.80 5.12
N PHE A 54 7.22 -0.51 5.23
CA PHE A 54 8.53 -0.08 5.73
C PHE A 54 9.01 -0.90 6.95
N ASP A 55 8.09 -1.57 7.62
CA ASP A 55 8.45 -2.35 8.79
C ASP A 55 8.67 -3.83 8.46
N LYS A 56 7.93 -4.35 7.49
CA LYS A 56 8.06 -5.75 7.10
C LYS A 56 7.48 -6.67 8.18
N ASP A 57 6.29 -6.31 8.66
CA ASP A 57 5.60 -7.07 9.70
C ASP A 57 4.56 -8.04 9.11
N GLY A 58 3.95 -7.62 8.01
CA GLY A 58 2.92 -8.44 7.37
C GLY A 58 1.55 -7.83 7.55
N ALA A 59 1.53 -6.66 8.15
CA ALA A 59 0.31 -5.90 8.39
C ALA A 59 0.54 -4.41 8.14
N LEU A 60 -0.36 -3.80 7.41
CA LEU A 60 -0.24 -2.39 7.10
C LEU A 60 -1.08 -1.54 8.04
N THR A 61 -0.41 -0.71 8.81
CA THR A 61 -1.09 0.19 9.73
C THR A 61 -1.96 1.15 8.93
N LEU A 62 -2.99 1.69 9.54
CA LEU A 62 -3.86 2.60 8.80
C LEU A 62 -3.01 3.52 7.93
N ASP A 63 -1.89 4.00 8.48
CA ASP A 63 -1.00 4.84 7.70
C ASP A 63 -0.52 4.09 6.47
N GLU A 64 -0.03 2.87 6.67
CA GLU A 64 0.41 2.05 5.56
C GLU A 64 -0.78 1.88 4.61
N PHE A 65 -1.88 1.39 5.17
CA PHE A 65 -3.12 1.20 4.44
C PHE A 65 -3.43 2.39 3.53
N CYS A 66 -3.32 3.59 4.09
CA CYS A 66 -3.57 4.80 3.32
C CYS A 66 -2.51 5.02 2.24
N ALA A 67 -1.25 4.98 2.65
CA ALA A 67 -0.12 5.20 1.73
C ALA A 67 -0.09 4.19 0.58
N ALA A 68 -0.46 2.95 0.86
CA ALA A 68 -0.43 1.88 -0.14
C ALA A 68 -1.03 2.32 -1.48
N PHE A 69 -2.24 2.88 -1.45
CA PHE A 69 -2.90 3.30 -2.68
C PHE A 69 -2.12 4.40 -3.41
N HIS A 70 -1.80 5.47 -2.68
CA HIS A 70 -1.06 6.58 -3.24
C HIS A 70 0.12 6.07 -4.06
N LEU A 71 0.86 5.15 -3.47
CA LEU A 71 2.01 4.56 -4.12
C LEU A 71 1.61 3.83 -5.40
N VAL A 72 0.69 2.89 -5.28
CA VAL A 72 0.24 2.14 -6.44
C VAL A 72 -0.07 3.06 -7.60
N VAL A 73 -0.74 4.16 -7.29
CA VAL A 73 -1.09 5.15 -8.29
C VAL A 73 0.08 5.39 -9.23
N ALA A 74 1.24 5.67 -8.65
CA ALA A 74 2.44 5.92 -9.42
C ALA A 74 2.58 4.89 -10.56
N ARG A 75 2.49 3.63 -10.21
CA ARG A 75 2.60 2.57 -11.19
C ARG A 75 1.51 2.71 -12.25
N LYS A 76 0.30 3.01 -11.81
CA LYS A 76 -0.81 3.19 -12.73
C LYS A 76 -0.53 4.39 -13.64
N ASN A 77 0.03 5.43 -13.04
CA ASN A 77 0.37 6.65 -13.77
C ASN A 77 1.40 6.37 -14.85
N GLY A 78 2.41 5.59 -14.50
CA GLY A 78 3.45 5.25 -15.45
C GLY A 78 4.86 5.41 -14.89
N TYR A 79 4.97 6.17 -13.80
CA TYR A 79 6.28 6.38 -13.17
C TYR A 79 7.02 5.08 -12.98
N ASP A 80 8.31 5.09 -13.30
CA ASP A 80 9.13 3.89 -13.16
C ASP A 80 9.18 3.42 -11.71
N LEU A 81 9.35 2.12 -11.51
CA LEU A 81 9.42 1.55 -10.17
C LEU A 81 10.79 0.96 -9.87
N PRO A 82 11.53 1.58 -8.94
CA PRO A 82 12.84 1.08 -8.52
C PRO A 82 12.67 -0.07 -7.54
N GLU A 83 13.56 -0.20 -6.57
CA GLU A 83 13.43 -1.25 -5.56
C GLU A 83 13.42 -2.65 -6.19
N LYS A 84 14.16 -3.57 -5.59
CA LYS A 84 14.23 -4.93 -6.11
C LYS A 84 14.08 -5.98 -5.00
N LEU A 85 12.91 -6.02 -4.39
CA LEU A 85 12.66 -6.98 -3.32
C LEU A 85 12.80 -8.42 -3.84
N PRO A 86 12.06 -8.77 -4.91
CA PRO A 86 12.11 -10.12 -5.52
C PRO A 86 13.40 -10.37 -6.29
N GLU A 87 13.90 -9.31 -6.91
CA GLU A 87 15.13 -9.37 -7.71
C GLU A 87 16.32 -9.82 -6.83
N SER A 88 17.47 -9.18 -7.00
CA SER A 88 18.65 -9.51 -6.20
C SER A 88 19.37 -8.25 -5.77
N LEU A 89 18.61 -7.32 -5.20
CA LEU A 89 19.17 -6.05 -4.74
C LEU A 89 18.87 -5.82 -3.25
N MET A 90 17.59 -5.93 -2.88
CA MET A 90 17.20 -5.74 -1.49
C MET A 90 17.54 -6.97 -0.63
N PRO A 91 18.24 -6.77 0.48
CA PRO A 91 18.61 -7.86 1.39
C PRO A 91 17.41 -8.41 2.15
N LYS A 92 17.66 -9.31 3.08
CA LYS A 92 16.60 -9.88 3.91
C LYS A 92 17.07 -10.02 5.35
N TRP A 1 7.88 12.63 -4.09
CA TRP A 1 6.41 12.35 -4.08
C TRP A 1 5.64 13.44 -3.34
N LYS A 2 4.36 13.17 -3.07
CA LYS A 2 3.50 14.12 -2.36
C LYS A 2 2.09 13.56 -2.25
N ILE A 3 1.38 13.94 -1.19
CA ILE A 3 0.02 13.45 -0.97
C ILE A 3 -0.94 14.57 -0.56
N THR A 4 -2.03 14.74 -1.30
CA THR A 4 -3.01 15.77 -0.98
C THR A 4 -4.06 15.24 -0.02
N ASP A 5 -4.31 15.97 1.04
CA ASP A 5 -5.29 15.56 2.03
C ASP A 5 -6.56 15.03 1.36
N GLU A 6 -6.97 15.65 0.25
CA GLU A 6 -8.16 15.18 -0.47
C GLU A 6 -8.04 13.70 -0.78
N GLN A 7 -6.93 13.35 -1.41
CA GLN A 7 -6.65 11.98 -1.77
C GLN A 7 -6.49 11.13 -0.53
N ARG A 8 -5.91 11.71 0.52
CA ARG A 8 -5.73 10.99 1.78
C ARG A 8 -7.10 10.61 2.34
N GLN A 9 -7.94 11.62 2.52
CA GLN A 9 -9.29 11.42 3.05
C GLN A 9 -10.13 10.61 2.08
N TYR A 10 -10.03 10.96 0.80
CA TYR A 10 -10.79 10.28 -0.24
C TYR A 10 -10.68 8.77 -0.07
N TYR A 11 -9.46 8.30 0.12
CA TYR A 11 -9.23 6.86 0.31
C TYR A 11 -9.91 6.38 1.58
N VAL A 12 -9.59 7.03 2.70
CA VAL A 12 -10.15 6.67 3.98
C VAL A 12 -11.67 6.46 3.86
N ASN A 13 -12.33 7.34 3.14
CA ASN A 13 -13.77 7.23 2.97
C ASN A 13 -14.19 5.81 2.61
N GLN A 14 -13.48 5.18 1.68
CA GLN A 14 -13.82 3.83 1.27
C GLN A 14 -13.15 2.79 2.16
N PHE A 15 -11.85 2.93 2.36
CA PHE A 15 -11.09 2.00 3.18
C PHE A 15 -11.55 1.99 4.64
N LYS A 16 -12.16 3.08 5.08
CA LYS A 16 -12.62 3.18 6.47
C LYS A 16 -13.32 1.91 6.91
N THR A 17 -13.99 1.23 5.99
CA THR A 17 -14.68 -0.01 6.34
C THR A 17 -13.72 -0.94 7.08
N ILE A 18 -12.45 -0.86 6.72
CA ILE A 18 -11.42 -1.67 7.35
C ILE A 18 -10.47 -0.79 8.18
N GLN A 19 -10.17 0.39 7.68
CA GLN A 19 -9.27 1.32 8.38
C GLN A 19 -9.99 2.61 8.75
N PRO A 20 -10.94 2.53 9.69
CA PRO A 20 -11.72 3.68 10.15
C PRO A 20 -10.88 4.82 10.75
N ASP A 21 -9.89 4.48 11.57
CA ASP A 21 -9.05 5.49 12.21
C ASP A 21 -7.56 5.11 12.10
N LEU A 22 -6.74 5.68 12.97
CA LEU A 22 -5.31 5.39 12.98
C LEU A 22 -5.00 4.05 13.62
N ASN A 23 -5.96 3.54 14.37
CA ASN A 23 -5.79 2.26 15.05
C ASN A 23 -6.38 1.12 14.20
N GLY A 24 -6.18 1.23 12.89
CA GLY A 24 -6.67 0.22 11.97
C GLY A 24 -5.54 -0.49 11.24
N PHE A 25 -5.67 -1.80 11.08
CA PHE A 25 -4.64 -2.58 10.41
C PHE A 25 -5.23 -3.52 9.36
N ILE A 26 -4.47 -3.74 8.29
CA ILE A 26 -4.92 -4.59 7.19
C ILE A 26 -3.89 -5.65 6.82
N PRO A 27 -4.29 -6.92 6.88
CA PRO A 27 -3.41 -8.03 6.52
C PRO A 27 -3.16 -8.08 5.01
N GLY A 28 -1.96 -8.48 4.61
CA GLY A 28 -1.66 -8.56 3.19
C GLY A 28 -2.78 -9.22 2.41
N SER A 29 -3.47 -10.15 3.06
CA SER A 29 -4.59 -10.85 2.42
C SER A 29 -5.61 -9.85 1.87
N ALA A 30 -6.08 -8.94 2.73
CA ALA A 30 -7.05 -7.93 2.32
C ALA A 30 -6.43 -6.98 1.31
N ALA A 31 -5.26 -6.44 1.65
CA ALA A 31 -4.56 -5.51 0.77
C ALA A 31 -4.40 -6.10 -0.63
N LYS A 32 -3.96 -7.34 -0.69
CA LYS A 32 -3.75 -8.03 -1.97
C LYS A 32 -5.06 -8.14 -2.74
N GLU A 33 -6.08 -8.71 -2.11
CA GLU A 33 -7.37 -8.87 -2.75
C GLU A 33 -7.98 -7.51 -3.10
N PHE A 34 -7.92 -6.59 -2.15
CA PHE A 34 -8.43 -5.25 -2.34
C PHE A 34 -7.68 -4.53 -3.46
N PHE A 35 -6.37 -4.47 -3.32
CA PHE A 35 -5.52 -3.83 -4.31
C PHE A 35 -5.74 -4.44 -5.69
N THR A 36 -5.68 -5.76 -5.78
CA THR A 36 -5.89 -6.44 -7.06
C THR A 36 -7.08 -5.84 -7.79
N LYS A 37 -8.21 -5.72 -7.09
CA LYS A 37 -9.40 -5.12 -7.66
C LYS A 37 -9.07 -3.83 -8.41
N SER A 38 -8.08 -3.11 -7.91
CA SER A 38 -7.65 -1.86 -8.50
C SER A 38 -7.40 -2.01 -10.00
N LYS A 39 -6.60 -3.03 -10.37
CA LYS A 39 -6.26 -3.29 -11.77
C LYS A 39 -4.89 -3.98 -11.89
N LEU A 40 -3.92 -3.45 -11.15
CA LEU A 40 -2.55 -3.97 -11.18
C LEU A 40 -2.49 -5.44 -10.74
N PRO A 41 -1.76 -6.26 -11.51
CA PRO A 41 -1.59 -7.70 -11.21
C PRO A 41 -0.80 -7.94 -9.92
N ILE A 42 -1.26 -8.92 -9.14
CA ILE A 42 -0.61 -9.27 -7.87
C ILE A 42 0.92 -9.15 -7.94
N LEU A 43 1.46 -9.33 -9.14
CA LEU A 43 2.90 -9.26 -9.34
C LEU A 43 3.51 -8.05 -8.62
N GLU A 44 3.44 -6.87 -9.23
CA GLU A 44 3.98 -5.67 -8.61
C GLU A 44 3.46 -5.50 -7.19
N LEU A 45 2.19 -5.88 -6.98
CA LEU A 45 1.60 -5.78 -5.66
C LEU A 45 2.53 -6.38 -4.60
N SER A 46 3.23 -7.45 -4.97
CA SER A 46 4.16 -8.10 -4.06
C SER A 46 5.27 -7.14 -3.61
N HIS A 47 5.88 -6.47 -4.58
CA HIS A 47 6.95 -5.52 -4.28
C HIS A 47 6.41 -4.31 -3.50
N ILE A 48 5.24 -3.83 -3.93
CA ILE A 48 4.62 -2.69 -3.27
C ILE A 48 4.51 -2.95 -1.76
N TRP A 49 4.05 -4.14 -1.39
CA TRP A 49 3.90 -4.49 0.02
C TRP A 49 5.21 -4.27 0.79
N GLU A 50 6.29 -4.89 0.34
CA GLU A 50 7.57 -4.74 1.03
C GLU A 50 7.86 -3.27 1.30
N LEU A 51 7.80 -2.47 0.24
CA LEU A 51 8.04 -1.03 0.35
C LEU A 51 6.96 -0.36 1.21
N SER A 52 5.75 -0.90 1.15
CA SER A 52 4.63 -0.36 1.91
C SER A 52 4.73 -0.66 3.41
N ASP A 53 5.28 -1.82 3.75
CA ASP A 53 5.38 -2.23 5.15
C ASP A 53 6.80 -2.00 5.72
N PHE A 54 7.26 -0.76 5.69
CA PHE A 54 8.60 -0.43 6.22
C PHE A 54 8.80 -0.99 7.64
N ASP A 55 7.76 -1.55 8.24
CA ASP A 55 7.90 -2.09 9.59
C ASP A 55 8.13 -3.60 9.58
N LYS A 56 7.64 -4.27 8.54
CA LYS A 56 7.80 -5.73 8.43
C LYS A 56 7.00 -6.45 9.51
N ASP A 57 5.77 -6.03 9.72
CA ASP A 57 4.92 -6.65 10.73
C ASP A 57 3.97 -7.67 10.10
N GLY A 58 3.70 -7.49 8.81
CA GLY A 58 2.78 -8.38 8.12
C GLY A 58 1.38 -7.81 8.09
N ALA A 59 1.27 -6.57 8.54
CA ALA A 59 -0.01 -5.88 8.57
C ALA A 59 0.16 -4.41 8.16
N LEU A 60 -0.77 -3.91 7.38
CA LEU A 60 -0.72 -2.54 6.91
C LEU A 60 -1.59 -1.63 7.77
N THR A 61 -0.94 -0.65 8.37
CA THR A 61 -1.62 0.33 9.20
C THR A 61 -2.07 1.51 8.37
N LEU A 62 -2.97 2.30 8.91
CA LEU A 62 -3.48 3.45 8.19
C LEU A 62 -2.34 4.19 7.48
N ASP A 63 -1.19 4.28 8.15
CA ASP A 63 -0.02 4.92 7.56
C ASP A 63 0.35 4.25 6.25
N GLU A 64 0.57 2.95 6.33
CA GLU A 64 0.91 2.18 5.16
C GLU A 64 -0.22 2.27 4.14
N PHE A 65 -1.44 2.16 4.61
CA PHE A 65 -2.59 2.30 3.73
C PHE A 65 -2.45 3.59 2.92
N CYS A 66 -2.25 4.68 3.64
CA CYS A 66 -2.07 5.99 3.06
C CYS A 66 -0.93 6.01 2.03
N ALA A 67 0.26 5.58 2.45
CA ALA A 67 1.41 5.58 1.57
C ALA A 67 1.29 4.56 0.44
N ALA A 68 1.06 3.30 0.80
CA ALA A 68 0.96 2.22 -0.17
C ALA A 68 -0.11 2.49 -1.23
N PHE A 69 -1.33 2.75 -0.79
CA PHE A 69 -2.42 3.01 -1.72
C PHE A 69 -2.03 4.11 -2.70
N HIS A 70 -1.53 5.22 -2.15
CA HIS A 70 -1.10 6.34 -2.97
C HIS A 70 0.00 5.92 -3.92
N LEU A 71 1.06 5.36 -3.36
CA LEU A 71 2.19 4.89 -4.13
C LEU A 71 1.71 4.00 -5.28
N VAL A 72 0.81 3.08 -4.96
CA VAL A 72 0.26 2.20 -5.98
C VAL A 72 -0.44 3.00 -7.07
N VAL A 73 -1.36 3.85 -6.67
CA VAL A 73 -2.08 4.69 -7.61
C VAL A 73 -1.12 5.34 -8.59
N ALA A 74 -0.10 5.99 -8.05
CA ALA A 74 0.91 6.65 -8.87
C ALA A 74 1.48 5.70 -9.91
N ARG A 75 1.53 4.43 -9.56
CA ARG A 75 2.05 3.41 -10.45
C ARG A 75 1.48 3.58 -11.86
N LYS A 76 0.24 4.05 -11.96
CA LYS A 76 -0.38 4.25 -13.26
C LYS A 76 0.59 4.95 -14.20
N ASN A 77 1.29 5.94 -13.68
CA ASN A 77 2.27 6.68 -14.46
C ASN A 77 3.64 6.59 -13.80
N GLY A 78 3.95 5.40 -13.29
CA GLY A 78 5.22 5.15 -12.64
C GLY A 78 6.04 4.10 -13.36
N TYR A 79 6.42 4.40 -14.60
CA TYR A 79 7.21 3.45 -15.40
C TYR A 79 8.29 2.77 -14.55
N ASP A 80 9.24 3.57 -14.06
CA ASP A 80 10.32 3.04 -13.23
C ASP A 80 9.83 2.75 -11.81
N LEU A 81 10.62 2.00 -11.03
CA LEU A 81 10.25 1.67 -9.66
C LEU A 81 11.46 1.65 -8.73
N PRO A 82 11.54 2.62 -7.80
CA PRO A 82 12.66 2.71 -6.85
C PRO A 82 12.70 1.56 -5.84
N GLU A 83 12.93 0.34 -6.31
CA GLU A 83 12.98 -0.82 -5.42
C GLU A 83 13.62 -0.47 -4.07
N LYS A 84 14.88 -0.02 -4.11
CA LYS A 84 15.59 0.33 -2.88
C LYS A 84 15.34 -0.68 -1.75
N LEU A 85 14.91 -1.88 -2.12
CA LEU A 85 14.63 -2.93 -1.14
C LEU A 85 15.92 -3.43 -0.48
N PRO A 86 16.90 -3.87 -1.28
CA PRO A 86 18.18 -4.38 -0.77
C PRO A 86 19.11 -3.25 -0.29
N GLU A 87 18.53 -2.18 0.23
CA GLU A 87 19.32 -1.06 0.74
C GLU A 87 19.65 -1.24 2.22
N SER A 88 18.63 -1.15 3.05
CA SER A 88 18.82 -1.30 4.50
C SER A 88 17.65 -2.04 5.15
N LEU A 89 16.83 -2.71 4.34
CA LEU A 89 15.68 -3.45 4.87
C LEU A 89 15.92 -4.96 4.90
N MET A 90 16.32 -5.53 3.76
CA MET A 90 16.58 -6.96 3.67
C MET A 90 18.06 -7.30 3.85
N PRO A 91 18.56 -7.27 5.09
CA PRO A 91 19.96 -7.59 5.38
C PRO A 91 20.33 -8.99 4.90
N LYS A 92 21.46 -9.09 4.20
CA LYS A 92 21.92 -10.36 3.67
C LYS A 92 23.35 -10.67 4.15
N TRP A 1 3.34 15.77 -7.00
CA TRP A 1 2.17 14.92 -6.66
C TRP A 1 2.17 14.51 -5.18
N LYS A 2 2.50 15.47 -4.30
CA LYS A 2 2.51 15.19 -2.87
C LYS A 2 1.14 14.70 -2.39
N ILE A 3 1.04 14.41 -1.10
CA ILE A 3 -0.21 13.95 -0.52
C ILE A 3 -1.19 15.11 -0.31
N THR A 4 -2.44 14.93 -0.71
CA THR A 4 -3.45 15.97 -0.54
C THR A 4 -4.68 15.42 0.14
N ASP A 5 -5.27 16.21 1.02
CA ASP A 5 -6.47 15.79 1.72
C ASP A 5 -7.45 15.13 0.76
N GLU A 6 -7.70 15.76 -0.39
CA GLU A 6 -8.62 15.19 -1.38
C GLU A 6 -8.28 13.73 -1.67
N GLN A 7 -7.04 13.47 -2.08
CA GLN A 7 -6.59 12.11 -2.36
C GLN A 7 -6.63 11.27 -1.09
N ARG A 8 -6.02 11.82 -0.04
CA ARG A 8 -5.96 11.15 1.24
C ARG A 8 -7.36 10.63 1.64
N GLN A 9 -8.34 11.53 1.65
CA GLN A 9 -9.71 11.14 1.98
C GLN A 9 -10.28 10.25 0.88
N TYR A 10 -9.89 10.52 -0.35
CA TYR A 10 -10.37 9.72 -1.46
C TYR A 10 -10.09 8.24 -1.19
N TYR A 11 -8.91 7.97 -0.66
CA TYR A 11 -8.49 6.60 -0.34
C TYR A 11 -9.25 6.05 0.87
N VAL A 12 -9.24 6.79 1.96
CA VAL A 12 -9.93 6.36 3.18
C VAL A 12 -11.42 6.20 2.95
N ASN A 13 -11.97 7.01 2.05
CA ASN A 13 -13.39 6.98 1.73
C ASN A 13 -13.91 5.55 1.67
N GLN A 14 -13.25 4.72 0.88
CA GLN A 14 -13.66 3.32 0.75
C GLN A 14 -13.00 2.46 1.82
N PHE A 15 -11.72 2.71 2.05
CA PHE A 15 -10.97 1.95 3.04
C PHE A 15 -11.56 2.03 4.44
N LYS A 16 -12.31 3.09 4.73
CA LYS A 16 -12.91 3.22 6.06
C LYS A 16 -13.56 1.90 6.45
N THR A 17 -13.99 1.14 5.46
CA THR A 17 -14.62 -0.15 5.68
C THR A 17 -13.77 -1.02 6.61
N ILE A 18 -12.50 -0.65 6.76
CA ILE A 18 -11.58 -1.39 7.61
C ILE A 18 -10.67 -0.46 8.40
N GLN A 19 -9.85 0.31 7.69
CA GLN A 19 -8.93 1.24 8.33
C GLN A 19 -9.45 2.69 8.23
N PRO A 20 -10.50 3.02 8.97
CA PRO A 20 -11.08 4.38 8.93
C PRO A 20 -10.13 5.47 9.44
N ASP A 21 -9.68 5.37 10.69
CA ASP A 21 -8.81 6.40 11.24
C ASP A 21 -8.01 5.92 12.47
N LEU A 22 -8.60 5.00 13.23
CA LEU A 22 -7.94 4.48 14.44
C LEU A 22 -6.54 3.91 14.16
N ASN A 23 -6.18 2.85 14.87
CA ASN A 23 -4.87 2.23 14.69
C ASN A 23 -5.05 0.76 14.31
N GLY A 24 -5.81 0.55 13.25
CA GLY A 24 -6.07 -0.80 12.79
C GLY A 24 -5.14 -1.21 11.68
N PHE A 25 -4.72 -2.47 11.70
CA PHE A 25 -3.80 -2.97 10.69
C PHE A 25 -4.46 -4.04 9.81
N ILE A 26 -4.36 -3.86 8.51
CA ILE A 26 -4.91 -4.78 7.54
C ILE A 26 -3.90 -5.86 7.15
N PRO A 27 -4.31 -7.13 7.20
CA PRO A 27 -3.45 -8.24 6.82
C PRO A 27 -3.22 -8.28 5.31
N GLY A 28 -2.14 -8.91 4.88
CA GLY A 28 -1.86 -8.99 3.46
C GLY A 28 -3.08 -9.42 2.66
N SER A 29 -3.87 -10.32 3.22
CA SER A 29 -5.07 -10.83 2.54
C SER A 29 -6.06 -9.70 2.25
N ALA A 30 -6.43 -8.95 3.29
CA ALA A 30 -7.37 -7.85 3.12
C ALA A 30 -6.79 -6.81 2.17
N ALA A 31 -5.53 -6.45 2.39
CA ALA A 31 -4.88 -5.49 1.52
C ALA A 31 -4.86 -6.00 0.09
N LYS A 32 -4.44 -7.25 -0.08
CA LYS A 32 -4.39 -7.88 -1.38
C LYS A 32 -5.76 -7.92 -2.03
N GLU A 33 -6.77 -8.34 -1.28
CA GLU A 33 -8.12 -8.39 -1.82
C GLU A 33 -8.58 -7.01 -2.25
N PHE A 34 -8.42 -6.04 -1.34
CA PHE A 34 -8.79 -4.67 -1.63
C PHE A 34 -8.07 -4.19 -2.90
N PHE A 35 -6.75 -4.30 -2.88
CA PHE A 35 -5.94 -3.89 -4.02
C PHE A 35 -6.29 -4.63 -5.30
N THR A 36 -6.61 -5.92 -5.19
CA THR A 36 -6.97 -6.70 -6.37
C THR A 36 -7.95 -5.94 -7.26
N LYS A 37 -8.86 -5.21 -6.61
CA LYS A 37 -9.86 -4.41 -7.33
C LYS A 37 -9.21 -3.55 -8.41
N SER A 38 -7.98 -3.11 -8.14
CA SER A 38 -7.26 -2.26 -9.08
C SER A 38 -6.93 -2.98 -10.39
N LYS A 39 -7.10 -4.30 -10.40
CA LYS A 39 -6.82 -5.10 -11.59
C LYS A 39 -5.32 -5.11 -11.92
N LEU A 40 -4.50 -4.96 -10.89
CA LEU A 40 -3.05 -4.96 -11.05
C LEU A 40 -2.45 -6.37 -10.96
N PRO A 41 -1.28 -6.59 -11.57
CA PRO A 41 -0.63 -7.90 -11.55
C PRO A 41 -0.02 -8.24 -10.18
N ILE A 42 -0.42 -9.36 -9.62
CA ILE A 42 0.09 -9.80 -8.32
C ILE A 42 1.60 -9.63 -8.28
N LEU A 43 2.27 -9.92 -9.38
CA LEU A 43 3.72 -9.80 -9.45
C LEU A 43 4.19 -8.48 -8.84
N GLU A 44 3.56 -7.38 -9.24
CA GLU A 44 3.94 -6.09 -8.70
C GLU A 44 3.35 -5.87 -7.31
N LEU A 45 2.15 -6.40 -7.09
CA LEU A 45 1.51 -6.29 -5.79
C LEU A 45 2.54 -6.56 -4.69
N SER A 46 3.35 -7.59 -4.92
CA SER A 46 4.39 -7.97 -3.96
C SER A 46 5.32 -6.79 -3.67
N HIS A 47 5.90 -6.23 -4.73
CA HIS A 47 6.80 -5.09 -4.60
C HIS A 47 6.18 -4.01 -3.71
N ILE A 48 4.92 -3.72 -3.97
CA ILE A 48 4.20 -2.73 -3.19
C ILE A 48 4.19 -3.09 -1.70
N TRP A 49 3.80 -4.31 -1.36
CA TRP A 49 3.77 -4.71 0.03
C TRP A 49 5.12 -4.49 0.70
N GLU A 50 6.17 -5.08 0.13
CA GLU A 50 7.50 -4.92 0.70
C GLU A 50 7.81 -3.44 0.99
N LEU A 51 7.68 -2.62 -0.04
CA LEU A 51 7.92 -1.19 0.08
C LEU A 51 6.91 -0.54 1.04
N SER A 52 5.70 -1.08 1.09
CA SER A 52 4.65 -0.54 1.95
C SER A 52 4.82 -0.99 3.41
N ASP A 53 5.43 -2.16 3.60
CA ASP A 53 5.62 -2.71 4.93
C ASP A 53 7.02 -2.40 5.47
N PHE A 54 7.32 -1.11 5.53
CA PHE A 54 8.62 -0.64 6.02
C PHE A 54 8.94 -1.16 7.42
N ASP A 55 7.96 -1.75 8.08
CA ASP A 55 8.14 -2.27 9.43
C ASP A 55 8.43 -3.78 9.40
N LYS A 56 7.81 -4.47 8.45
CA LYS A 56 7.98 -5.92 8.32
C LYS A 56 7.18 -6.66 9.38
N ASP A 57 5.96 -6.21 9.62
CA ASP A 57 5.09 -6.84 10.61
C ASP A 57 4.11 -7.77 9.93
N GLY A 58 4.23 -7.89 8.61
CA GLY A 58 3.33 -8.74 7.86
C GLY A 58 1.90 -8.21 7.88
N ALA A 59 1.76 -6.96 8.28
CA ALA A 59 0.46 -6.29 8.34
C ALA A 59 0.56 -4.84 7.88
N LEU A 60 -0.57 -4.25 7.51
CA LEU A 60 -0.57 -2.89 7.04
C LEU A 60 -1.34 -1.96 7.98
N THR A 61 -0.63 -0.98 8.49
CA THR A 61 -1.24 0.01 9.37
C THR A 61 -1.83 1.14 8.52
N LEU A 62 -2.88 1.79 9.03
CA LEU A 62 -3.48 2.87 8.26
C LEU A 62 -2.38 3.71 7.61
N ASP A 63 -1.29 3.89 8.35
CA ASP A 63 -0.14 4.63 7.84
C ASP A 63 0.35 4.00 6.53
N GLU A 64 0.63 2.71 6.58
CA GLU A 64 1.07 1.98 5.40
C GLU A 64 0.01 2.10 4.30
N PHE A 65 -1.24 1.98 4.71
CA PHE A 65 -2.36 2.07 3.79
C PHE A 65 -2.32 3.39 3.00
N CYS A 66 -2.27 4.49 3.72
CA CYS A 66 -2.22 5.81 3.09
C CYS A 66 -0.99 5.93 2.20
N ALA A 67 0.18 5.69 2.78
CA ALA A 67 1.41 5.77 2.02
C ALA A 67 1.35 4.90 0.77
N ALA A 68 1.02 3.62 0.97
CA ALA A 68 0.92 2.67 -0.12
C ALA A 68 -0.12 3.07 -1.15
N PHE A 69 -1.36 3.29 -0.71
CA PHE A 69 -2.42 3.66 -1.61
C PHE A 69 -2.01 4.87 -2.45
N HIS A 70 -1.48 5.90 -1.78
CA HIS A 70 -1.05 7.10 -2.48
C HIS A 70 0.01 6.75 -3.52
N LEU A 71 1.07 6.09 -3.07
CA LEU A 71 2.13 5.70 -3.97
C LEU A 71 1.59 4.92 -5.16
N VAL A 72 0.75 3.93 -4.88
CA VAL A 72 0.16 3.12 -5.93
C VAL A 72 -0.54 3.99 -6.96
N VAL A 73 -1.23 5.01 -6.48
CA VAL A 73 -1.93 5.92 -7.36
C VAL A 73 -1.03 6.42 -8.49
N ALA A 74 0.29 6.47 -8.25
CA ALA A 74 1.24 6.93 -9.26
C ALA A 74 1.37 5.95 -10.41
N ARG A 75 1.67 4.70 -10.09
CA ARG A 75 1.83 3.67 -11.10
C ARG A 75 0.70 3.70 -12.13
N LYS A 76 -0.51 3.98 -11.65
CA LYS A 76 -1.69 4.04 -12.50
C LYS A 76 -1.61 5.18 -13.54
N ASN A 77 -0.82 6.19 -13.25
CA ASN A 77 -0.68 7.33 -14.17
C ASN A 77 0.42 8.31 -13.73
N GLY A 78 1.65 7.84 -13.68
CA GLY A 78 2.76 8.68 -13.29
C GLY A 78 4.09 7.99 -13.45
N TYR A 79 5.00 8.19 -12.51
CA TYR A 79 6.32 7.55 -12.57
C TYR A 79 6.29 6.15 -11.95
N ASP A 80 6.93 5.21 -12.63
CA ASP A 80 6.97 3.83 -12.13
C ASP A 80 7.66 3.76 -10.76
N LEU A 81 7.33 2.73 -10.00
CA LEU A 81 7.91 2.55 -8.68
C LEU A 81 9.39 2.21 -8.76
N PRO A 82 10.23 2.87 -7.93
CA PRO A 82 11.68 2.64 -7.91
C PRO A 82 12.07 1.20 -7.58
N GLU A 83 13.38 0.93 -7.59
CA GLU A 83 13.89 -0.41 -7.29
C GLU A 83 14.82 -0.38 -6.07
N LYS A 84 14.36 0.22 -4.99
CA LYS A 84 15.16 0.33 -3.76
C LYS A 84 15.13 -0.93 -2.90
N LEU A 85 13.94 -1.33 -2.46
CA LEU A 85 13.82 -2.51 -1.61
C LEU A 85 14.07 -3.79 -2.41
N PRO A 86 15.09 -4.56 -2.02
CA PRO A 86 15.44 -5.81 -2.68
C PRO A 86 14.58 -7.00 -2.23
N GLU A 87 14.26 -7.87 -3.16
CA GLU A 87 13.43 -9.05 -2.88
C GLU A 87 13.91 -9.80 -1.63
N SER A 88 15.17 -10.22 -1.65
CA SER A 88 15.73 -10.96 -0.53
C SER A 88 17.18 -10.57 -0.22
N LEU A 89 17.41 -9.28 -0.02
CA LEU A 89 18.74 -8.77 0.30
C LEU A 89 18.75 -8.04 1.64
N MET A 90 17.82 -7.09 1.78
CA MET A 90 17.71 -6.32 3.02
C MET A 90 17.27 -7.21 4.18
N PRO A 91 16.14 -7.92 4.03
CA PRO A 91 15.61 -8.81 5.06
C PRO A 91 16.45 -10.08 5.22
N LYS A 92 17.75 -9.90 5.45
CA LYS A 92 18.66 -11.03 5.62
C LYS A 92 19.27 -11.04 7.03
N TRP A 1 6.18 14.23 -5.11
CA TRP A 1 5.60 13.35 -4.06
C TRP A 1 5.16 14.14 -2.83
N LYS A 2 3.86 14.29 -2.66
CA LYS A 2 3.30 14.99 -1.51
C LYS A 2 1.82 14.62 -1.36
N ILE A 3 1.46 14.01 -0.23
CA ILE A 3 0.08 13.58 -0.02
C ILE A 3 -0.86 14.74 0.31
N THR A 4 -1.93 14.87 -0.48
CA THR A 4 -2.92 15.91 -0.24
C THR A 4 -4.08 15.35 0.57
N ASP A 5 -4.49 16.07 1.58
CA ASP A 5 -5.61 15.64 2.42
C ASP A 5 -6.77 15.13 1.58
N GLU A 6 -7.03 15.77 0.45
CA GLU A 6 -8.12 15.36 -0.44
C GLU A 6 -7.98 13.88 -0.79
N GLN A 7 -6.79 13.51 -1.27
CA GLN A 7 -6.51 12.14 -1.64
C GLN A 7 -6.55 11.23 -0.42
N ARG A 8 -6.08 11.74 0.72
CA ARG A 8 -6.09 10.97 1.95
C ARG A 8 -7.51 10.55 2.30
N GLN A 9 -8.38 11.55 2.41
CA GLN A 9 -9.77 11.31 2.73
C GLN A 9 -10.42 10.50 1.62
N TYR A 10 -10.10 10.82 0.36
CA TYR A 10 -10.67 10.08 -0.76
C TYR A 10 -10.58 8.58 -0.49
N TYR A 11 -9.39 8.13 -0.12
CA TYR A 11 -9.16 6.71 0.16
C TYR A 11 -9.83 6.27 1.45
N VAL A 12 -9.51 6.96 2.54
CA VAL A 12 -10.08 6.62 3.84
C VAL A 12 -11.59 6.41 3.72
N ASN A 13 -12.25 7.29 2.99
CA ASN A 13 -13.69 7.20 2.79
C ASN A 13 -14.11 5.78 2.42
N GLN A 14 -13.27 5.13 1.61
CA GLN A 14 -13.53 3.75 1.18
C GLN A 14 -12.90 2.73 2.11
N PHE A 15 -11.59 2.90 2.35
CA PHE A 15 -10.85 1.99 3.20
C PHE A 15 -11.39 1.98 4.64
N LYS A 16 -12.05 3.07 5.03
CA LYS A 16 -12.61 3.19 6.38
C LYS A 16 -13.25 1.87 6.84
N THR A 17 -13.84 1.13 5.92
CA THR A 17 -14.48 -0.14 6.27
C THR A 17 -13.54 -1.02 7.08
N ILE A 18 -12.25 -0.94 6.78
CA ILE A 18 -11.24 -1.72 7.48
C ILE A 18 -10.23 -0.82 8.20
N GLN A 19 -9.85 0.26 7.55
CA GLN A 19 -8.88 1.18 8.13
C GLN A 19 -9.48 2.56 8.41
N PRO A 20 -10.29 2.68 9.46
CA PRO A 20 -10.94 3.95 9.83
C PRO A 20 -9.94 5.02 10.26
N ASP A 21 -9.04 4.66 11.18
CA ASP A 21 -8.04 5.60 11.68
C ASP A 21 -6.69 4.90 11.93
N LEU A 22 -5.85 5.48 12.78
CA LEU A 22 -4.54 4.92 13.10
C LEU A 22 -4.64 3.72 14.04
N ASN A 23 -5.86 3.35 14.39
CA ASN A 23 -6.08 2.23 15.29
C ASN A 23 -6.39 0.95 14.50
N GLY A 24 -6.58 1.10 13.20
CA GLY A 24 -6.86 -0.04 12.35
C GLY A 24 -5.63 -0.54 11.62
N PHE A 25 -5.52 -1.86 11.45
CA PHE A 25 -4.38 -2.46 10.77
C PHE A 25 -4.86 -3.60 9.86
N ILE A 26 -4.41 -3.59 8.61
CA ILE A 26 -4.78 -4.63 7.65
C ILE A 26 -3.67 -5.65 7.46
N PRO A 27 -3.87 -6.87 7.95
CA PRO A 27 -2.88 -7.94 7.78
C PRO A 27 -2.71 -8.29 6.31
N GLY A 28 -1.72 -9.11 5.97
CA GLY A 28 -1.53 -9.47 4.57
C GLY A 28 -2.65 -10.34 4.03
N SER A 29 -3.86 -10.07 4.50
CA SER A 29 -5.05 -10.82 4.09
C SER A 29 -5.72 -10.20 2.86
N ALA A 30 -6.90 -9.61 3.07
CA ALA A 30 -7.65 -8.98 1.98
C ALA A 30 -6.85 -7.89 1.28
N ALA A 31 -5.79 -7.42 1.91
CA ALA A 31 -4.96 -6.38 1.33
C ALA A 31 -4.70 -6.62 -0.17
N LYS A 32 -4.32 -7.85 -0.51
CA LYS A 32 -4.04 -8.19 -1.90
C LYS A 32 -5.31 -8.16 -2.76
N GLU A 33 -6.35 -8.82 -2.28
CA GLU A 33 -7.61 -8.87 -3.00
C GLU A 33 -8.17 -7.46 -3.22
N PHE A 34 -8.19 -6.67 -2.15
CA PHE A 34 -8.68 -5.30 -2.21
C PHE A 34 -8.01 -4.54 -3.35
N PHE A 35 -6.69 -4.53 -3.34
CA PHE A 35 -5.93 -3.84 -4.37
C PHE A 35 -6.24 -4.44 -5.75
N THR A 36 -6.29 -5.76 -5.81
CA THR A 36 -6.57 -6.46 -7.07
C THR A 36 -7.68 -5.75 -7.84
N LYS A 37 -8.76 -5.43 -7.15
CA LYS A 37 -9.90 -4.75 -7.75
C LYS A 37 -9.47 -3.56 -8.61
N SER A 38 -8.44 -2.85 -8.16
CA SER A 38 -7.94 -1.68 -8.87
C SER A 38 -7.66 -2.02 -10.33
N LYS A 39 -6.73 -2.95 -10.54
CA LYS A 39 -6.35 -3.36 -11.88
C LYS A 39 -4.99 -4.06 -11.88
N LEU A 40 -4.06 -3.53 -11.11
CA LEU A 40 -2.72 -4.11 -11.04
C LEU A 40 -2.73 -5.52 -10.43
N PRO A 41 -2.09 -6.48 -11.10
CA PRO A 41 -2.01 -7.87 -10.64
C PRO A 41 -1.15 -8.01 -9.37
N ILE A 42 -1.56 -8.92 -8.49
CA ILE A 42 -0.83 -9.17 -7.23
C ILE A 42 0.69 -9.18 -7.44
N LEU A 43 1.12 -9.71 -8.58
CA LEU A 43 2.54 -9.82 -8.90
C LEU A 43 3.28 -8.52 -8.59
N GLU A 44 2.83 -7.43 -9.20
CA GLU A 44 3.45 -6.13 -8.99
C GLU A 44 3.11 -5.59 -7.60
N LEU A 45 1.95 -5.98 -7.08
CA LEU A 45 1.50 -5.55 -5.76
C LEU A 45 2.52 -5.90 -4.67
N SER A 46 3.07 -7.10 -4.74
CA SER A 46 4.05 -7.54 -3.75
C SER A 46 5.03 -6.42 -3.43
N HIS A 47 5.68 -5.92 -4.48
CA HIS A 47 6.63 -4.83 -4.32
C HIS A 47 6.03 -3.73 -3.46
N ILE A 48 4.75 -3.46 -3.66
CA ILE A 48 4.07 -2.45 -2.89
C ILE A 48 4.04 -2.85 -1.42
N TRP A 49 3.85 -4.14 -1.18
CA TRP A 49 3.82 -4.65 0.17
C TRP A 49 5.22 -4.63 0.77
N GLU A 50 6.17 -5.28 0.10
CA GLU A 50 7.53 -5.29 0.60
C GLU A 50 7.93 -3.88 1.05
N LEU A 51 7.73 -2.91 0.17
CA LEU A 51 8.05 -1.52 0.50
C LEU A 51 7.18 -0.97 1.64
N SER A 52 5.86 -1.05 1.47
CA SER A 52 4.93 -0.54 2.47
C SER A 52 5.15 -1.12 3.87
N ASP A 53 5.63 -2.35 3.93
CA ASP A 53 5.85 -3.00 5.21
C ASP A 53 7.31 -2.88 5.65
N PHE A 54 7.75 -1.65 5.91
CA PHE A 54 9.12 -1.42 6.34
C PHE A 54 9.42 -2.08 7.69
N ASP A 55 8.39 -2.65 8.30
CA ASP A 55 8.56 -3.32 9.57
C ASP A 55 8.68 -4.83 9.38
N LYS A 56 7.91 -5.37 8.43
CA LYS A 56 7.94 -6.81 8.16
C LYS A 56 7.20 -7.57 9.25
N ASP A 57 6.00 -7.09 9.56
CA ASP A 57 5.16 -7.70 10.57
C ASP A 57 4.06 -8.52 9.91
N GLY A 58 3.64 -8.07 8.73
CA GLY A 58 2.59 -8.76 8.01
C GLY A 58 1.27 -8.03 8.12
N ALA A 59 1.34 -6.81 8.64
CA ALA A 59 0.15 -5.99 8.81
C ALA A 59 0.40 -4.55 8.37
N LEU A 60 -0.58 -3.99 7.68
CA LEU A 60 -0.51 -2.63 7.19
C LEU A 60 -1.29 -1.67 8.08
N THR A 61 -0.71 -0.53 8.38
CA THR A 61 -1.37 0.48 9.18
C THR A 61 -1.96 1.54 8.28
N LEU A 62 -2.93 2.30 8.76
CA LEU A 62 -3.54 3.33 7.95
C LEU A 62 -2.46 4.10 7.17
N ASP A 63 -1.30 4.28 7.80
CA ASP A 63 -0.20 4.96 7.14
C ASP A 63 0.34 4.11 5.99
N GLU A 64 0.72 2.85 6.30
CA GLU A 64 1.19 1.94 5.26
C GLU A 64 0.15 1.93 4.13
N PHE A 65 -1.11 2.06 4.53
CA PHE A 65 -2.24 2.11 3.61
C PHE A 65 -2.18 3.39 2.75
N CYS A 66 -2.12 4.52 3.43
CA CYS A 66 -2.05 5.82 2.75
C CYS A 66 -0.91 5.82 1.74
N ALA A 67 0.27 5.42 2.21
CA ALA A 67 1.45 5.39 1.35
C ALA A 67 1.24 4.45 0.17
N ALA A 68 0.80 3.23 0.45
CA ALA A 68 0.58 2.24 -0.59
C ALA A 68 -0.42 2.72 -1.65
N PHE A 69 -1.60 3.13 -1.21
CA PHE A 69 -2.62 3.59 -2.16
C PHE A 69 -2.10 4.77 -2.98
N HIS A 70 -1.46 5.72 -2.31
CA HIS A 70 -0.90 6.89 -2.98
C HIS A 70 0.14 6.45 -4.00
N LEU A 71 1.11 5.69 -3.54
CA LEU A 71 2.16 5.18 -4.40
C LEU A 71 1.55 4.43 -5.59
N VAL A 72 0.63 3.52 -5.30
CA VAL A 72 -0.03 2.75 -6.35
C VAL A 72 -0.50 3.70 -7.45
N VAL A 73 -1.19 4.74 -7.03
CA VAL A 73 -1.67 5.75 -7.94
C VAL A 73 -0.52 6.30 -8.79
N ALA A 74 0.62 6.50 -8.13
CA ALA A 74 1.81 6.99 -8.81
C ALA A 74 2.26 6.01 -9.90
N ARG A 75 2.34 4.74 -9.53
CA ARG A 75 2.74 3.69 -10.48
C ARG A 75 1.70 3.57 -11.59
N LYS A 76 0.44 3.66 -11.20
CA LYS A 76 -0.66 3.55 -12.15
C LYS A 76 -0.53 4.60 -13.25
N ASN A 77 -0.16 5.82 -12.86
CA ASN A 77 0.00 6.90 -13.83
C ASN A 77 1.35 6.83 -14.54
N GLY A 78 2.45 6.81 -13.78
CA GLY A 78 3.76 6.73 -14.39
C GLY A 78 4.90 7.15 -13.47
N TYR A 79 4.82 6.80 -12.19
CA TYR A 79 5.88 7.13 -11.25
C TYR A 79 6.75 5.93 -10.92
N ASP A 80 8.06 6.08 -11.07
CA ASP A 80 9.00 5.02 -10.79
C ASP A 80 8.96 4.65 -9.29
N LEU A 81 9.77 3.69 -8.86
CA LEU A 81 9.74 3.28 -7.45
C LEU A 81 11.13 3.21 -6.81
N PRO A 82 11.26 3.72 -5.58
CA PRO A 82 12.52 3.72 -4.83
C PRO A 82 12.97 2.32 -4.41
N GLU A 83 13.45 1.53 -5.37
CA GLU A 83 13.91 0.17 -5.09
C GLU A 83 14.91 0.14 -3.91
N LYS A 84 14.40 0.32 -2.71
CA LYS A 84 15.23 0.34 -1.50
C LYS A 84 15.45 -1.05 -0.89
N LEU A 85 14.50 -1.95 -1.09
CA LEU A 85 14.59 -3.30 -0.53
C LEU A 85 15.62 -4.15 -1.26
N PRO A 86 16.45 -4.91 -0.54
CA PRO A 86 17.46 -5.76 -1.16
C PRO A 86 16.86 -7.01 -1.80
N GLU A 87 16.72 -6.98 -3.12
CA GLU A 87 16.15 -8.10 -3.88
C GLU A 87 17.04 -9.34 -3.85
N SER A 88 18.22 -9.22 -3.24
CA SER A 88 19.15 -10.35 -3.19
C SER A 88 19.09 -11.10 -1.86
N LEU A 89 19.13 -10.37 -0.76
CA LEU A 89 19.08 -11.00 0.56
C LEU A 89 17.68 -10.95 1.17
N MET A 90 16.68 -11.21 0.34
CA MET A 90 15.29 -11.22 0.77
C MET A 90 14.39 -11.97 -0.22
N PRO A 91 14.04 -13.23 0.11
CA PRO A 91 13.19 -14.07 -0.74
C PRO A 91 11.79 -13.48 -1.00
N LYS A 92 11.47 -13.27 -2.27
CA LYS A 92 10.17 -12.72 -2.63
C LYS A 92 9.63 -13.33 -3.93
N TRP A 1 7.46 12.85 -0.17
CA TRP A 1 6.22 12.60 -0.96
C TRP A 1 4.97 12.75 -0.09
N LYS A 2 4.81 13.91 0.52
CA LYS A 2 3.65 14.17 1.38
C LYS A 2 2.33 14.00 0.63
N ILE A 3 1.28 13.69 1.37
CA ILE A 3 -0.05 13.49 0.80
C ILE A 3 -1.06 14.46 1.44
N THR A 4 -1.97 15.00 0.64
CA THR A 4 -2.95 15.96 1.15
C THR A 4 -4.05 15.27 1.95
N ASP A 5 -4.43 15.86 3.08
CA ASP A 5 -5.49 15.31 3.91
C ASP A 5 -6.67 14.90 3.04
N GLU A 6 -6.94 15.69 2.00
CA GLU A 6 -8.03 15.40 1.08
C GLU A 6 -7.86 14.00 0.50
N GLN A 7 -6.71 13.76 -0.11
CA GLN A 7 -6.44 12.45 -0.67
C GLN A 7 -6.46 11.42 0.45
N ARG A 8 -5.93 11.82 1.60
CA ARG A 8 -5.93 10.96 2.78
C ARG A 8 -7.34 10.49 3.08
N GLN A 9 -8.27 11.43 3.15
CA GLN A 9 -9.67 11.12 3.41
C GLN A 9 -10.34 10.44 2.20
N TYR A 10 -10.09 10.96 1.00
CA TYR A 10 -10.67 10.39 -0.23
C TYR A 10 -10.55 8.87 -0.24
N TYR A 11 -9.37 8.37 0.10
CA TYR A 11 -9.14 6.93 0.13
C TYR A 11 -9.85 6.30 1.33
N VAL A 12 -9.59 6.86 2.50
CA VAL A 12 -10.16 6.36 3.75
C VAL A 12 -11.68 6.26 3.70
N ASN A 13 -12.33 7.19 3.02
CA ASN A 13 -13.78 7.17 2.91
C ASN A 13 -14.30 5.76 2.61
N GLN A 14 -13.60 5.06 1.72
CA GLN A 14 -14.00 3.71 1.36
C GLN A 14 -13.27 2.66 2.20
N PHE A 15 -11.95 2.83 2.33
CA PHE A 15 -11.16 1.91 3.12
C PHE A 15 -11.61 1.89 4.58
N LYS A 16 -12.23 2.98 5.00
CA LYS A 16 -12.74 3.10 6.37
C LYS A 16 -13.38 1.80 6.81
N THR A 17 -14.02 1.13 5.88
CA THR A 17 -14.70 -0.13 6.15
C THR A 17 -13.79 -1.04 6.97
N ILE A 18 -12.51 -1.03 6.64
CA ILE A 18 -11.52 -1.84 7.33
C ILE A 18 -10.49 -0.97 8.07
N GLN A 19 -10.10 0.14 7.45
CA GLN A 19 -9.11 1.02 8.06
C GLN A 19 -9.69 2.37 8.44
N PRO A 20 -10.58 2.40 9.44
CA PRO A 20 -11.22 3.63 9.91
C PRO A 20 -10.22 4.64 10.49
N ASP A 21 -9.35 4.19 11.39
CA ASP A 21 -8.37 5.05 12.02
C ASP A 21 -7.09 4.26 12.30
N LEU A 22 -6.10 4.92 12.88
CA LEU A 22 -4.81 4.29 13.19
C LEU A 22 -4.95 3.07 14.10
N ASN A 23 -6.16 2.63 14.36
CA ASN A 23 -6.38 1.46 15.22
C ASN A 23 -6.62 0.22 14.38
N GLY A 24 -6.87 0.42 13.09
CA GLY A 24 -7.11 -0.71 12.20
C GLY A 24 -5.89 -1.10 11.40
N PHE A 25 -5.70 -2.41 11.21
CA PHE A 25 -4.56 -2.91 10.46
C PHE A 25 -5.04 -3.95 9.42
N ILE A 26 -4.63 -3.78 8.17
CA ILE A 26 -5.02 -4.68 7.10
C ILE A 26 -3.92 -5.70 6.76
N PRO A 27 -4.15 -6.97 7.05
CA PRO A 27 -3.18 -8.02 6.74
C PRO A 27 -2.93 -8.11 5.23
N GLY A 28 -1.74 -8.55 4.84
CA GLY A 28 -1.43 -8.64 3.43
C GLY A 28 -2.55 -9.27 2.63
N SER A 29 -3.27 -10.18 3.25
CA SER A 29 -4.39 -10.85 2.58
C SER A 29 -5.47 -9.85 2.21
N ALA A 30 -6.00 -9.16 3.20
CA ALA A 30 -7.03 -8.16 2.97
C ALA A 30 -6.51 -7.03 2.08
N ALA A 31 -5.31 -6.55 2.38
CA ALA A 31 -4.72 -5.49 1.59
C ALA A 31 -4.54 -5.90 0.13
N LYS A 32 -3.85 -7.02 -0.08
CA LYS A 32 -3.62 -7.51 -1.43
C LYS A 32 -4.93 -7.85 -2.13
N GLU A 33 -5.81 -8.57 -1.44
CA GLU A 33 -7.09 -8.93 -2.02
C GLU A 33 -7.89 -7.68 -2.38
N PHE A 34 -7.98 -6.74 -1.44
CA PHE A 34 -8.72 -5.51 -1.68
C PHE A 34 -8.20 -4.82 -2.94
N PHE A 35 -6.90 -4.57 -2.97
CA PHE A 35 -6.28 -3.92 -4.12
C PHE A 35 -6.62 -4.63 -5.43
N THR A 36 -6.84 -5.92 -5.37
CA THR A 36 -7.17 -6.70 -6.58
C THR A 36 -8.13 -5.93 -7.49
N LYS A 37 -9.07 -5.22 -6.89
CA LYS A 37 -10.05 -4.46 -7.67
C LYS A 37 -9.37 -3.59 -8.74
N SER A 38 -8.18 -3.08 -8.42
CA SER A 38 -7.43 -2.24 -9.35
C SER A 38 -7.09 -2.99 -10.64
N LYS A 39 -7.23 -4.30 -10.61
CA LYS A 39 -6.94 -5.12 -11.78
C LYS A 39 -5.43 -5.16 -12.06
N LEU A 40 -4.65 -4.90 -11.02
CA LEU A 40 -3.17 -4.92 -11.12
C LEU A 40 -2.62 -6.32 -10.83
N PRO A 41 -1.50 -6.67 -11.48
CA PRO A 41 -0.86 -7.98 -11.29
C PRO A 41 -0.28 -8.14 -9.87
N ILE A 42 -0.67 -9.21 -9.20
CA ILE A 42 -0.18 -9.48 -7.84
C ILE A 42 1.33 -9.31 -7.77
N LEU A 43 2.00 -9.54 -8.90
CA LEU A 43 3.45 -9.38 -8.96
C LEU A 43 3.82 -7.96 -8.57
N GLU A 44 3.06 -7.01 -9.10
CA GLU A 44 3.25 -5.60 -8.80
C GLU A 44 2.81 -5.32 -7.36
N LEU A 45 1.67 -5.88 -6.97
CA LEU A 45 1.16 -5.71 -5.62
C LEU A 45 2.18 -6.18 -4.59
N SER A 46 2.71 -7.37 -4.79
CA SER A 46 3.69 -7.95 -3.89
C SER A 46 4.83 -6.97 -3.64
N HIS A 47 5.48 -6.51 -4.72
CA HIS A 47 6.58 -5.57 -4.56
C HIS A 47 6.15 -4.38 -3.71
N ILE A 48 5.01 -3.81 -4.03
CA ILE A 48 4.50 -2.66 -3.29
C ILE A 48 4.45 -2.95 -1.78
N TRP A 49 4.10 -4.17 -1.40
CA TRP A 49 4.04 -4.51 0.01
C TRP A 49 5.39 -4.28 0.69
N GLU A 50 6.45 -4.80 0.10
CA GLU A 50 7.79 -4.63 0.68
C GLU A 50 8.06 -3.16 0.98
N LEU A 51 7.74 -2.32 0.02
CA LEU A 51 7.94 -0.88 0.14
C LEU A 51 6.98 -0.26 1.17
N SER A 52 5.69 -0.52 1.00
CA SER A 52 4.67 0.02 1.89
C SER A 52 4.70 -0.64 3.28
N ASP A 53 5.24 -1.86 3.36
CA ASP A 53 5.31 -2.58 4.63
C ASP A 53 6.71 -2.48 5.23
N PHE A 54 7.11 -1.25 5.55
CA PHE A 54 8.43 -0.98 6.14
C PHE A 54 8.82 -1.98 7.22
N ASP A 55 7.82 -2.53 7.88
CA ASP A 55 8.08 -3.46 8.97
C ASP A 55 8.01 -4.91 8.46
N LYS A 56 7.39 -5.11 7.32
CA LYS A 56 7.27 -6.45 6.78
C LYS A 56 6.56 -7.35 7.77
N ASP A 57 5.51 -6.82 8.38
CA ASP A 57 4.73 -7.54 9.39
C ASP A 57 3.47 -8.18 8.80
N GLY A 58 3.35 -8.16 7.48
CA GLY A 58 2.17 -8.72 6.85
C GLY A 58 0.89 -8.02 7.28
N ALA A 59 1.06 -6.87 7.90
CA ALA A 59 -0.07 -6.07 8.36
C ALA A 59 0.11 -4.60 7.96
N LEU A 60 -0.89 -4.07 7.27
CA LEU A 60 -0.85 -2.70 6.81
C LEU A 60 -1.61 -1.77 7.74
N THR A 61 -1.00 -0.65 8.05
CA THR A 61 -1.63 0.34 8.92
C THR A 61 -2.19 1.48 8.09
N LEU A 62 -3.20 2.17 8.59
CA LEU A 62 -3.79 3.27 7.83
C LEU A 62 -2.66 4.09 7.19
N ASP A 63 -1.55 4.21 7.91
CA ASP A 63 -0.37 4.91 7.41
C ASP A 63 0.18 4.21 6.17
N GLU A 64 0.43 2.91 6.31
CA GLU A 64 0.92 2.12 5.19
C GLU A 64 -0.08 2.18 4.05
N PHE A 65 -1.36 2.15 4.41
CA PHE A 65 -2.46 2.22 3.47
C PHE A 65 -2.42 3.53 2.67
N CYS A 66 -2.42 4.62 3.41
CA CYS A 66 -2.38 5.96 2.81
C CYS A 66 -1.17 6.10 1.88
N ALA A 67 0.00 5.85 2.42
CA ALA A 67 1.23 5.94 1.64
C ALA A 67 1.22 4.95 0.46
N ALA A 68 0.84 3.72 0.74
CA ALA A 68 0.80 2.68 -0.29
C ALA A 68 -0.11 3.05 -1.44
N PHE A 69 -1.36 3.36 -1.15
CA PHE A 69 -2.32 3.70 -2.19
C PHE A 69 -1.74 4.78 -3.10
N HIS A 70 -1.24 5.85 -2.51
CA HIS A 70 -0.65 6.94 -3.28
C HIS A 70 0.47 6.41 -4.16
N LEU A 71 1.40 5.72 -3.53
CA LEU A 71 2.54 5.15 -4.24
C LEU A 71 2.07 4.24 -5.39
N VAL A 72 1.13 3.35 -5.11
CA VAL A 72 0.60 2.45 -6.14
C VAL A 72 0.14 3.25 -7.34
N VAL A 73 -0.55 4.34 -7.07
CA VAL A 73 -1.04 5.23 -8.12
C VAL A 73 0.06 5.56 -9.11
N ALA A 74 1.25 5.80 -8.58
CA ALA A 74 2.40 6.14 -9.41
C ALA A 74 2.54 5.14 -10.57
N ARG A 75 2.29 3.88 -10.27
CA ARG A 75 2.39 2.87 -11.31
C ARG A 75 1.33 3.04 -12.38
N LYS A 76 0.13 3.40 -11.96
CA LYS A 76 -0.97 3.57 -12.90
C LYS A 76 -0.74 4.76 -13.81
N ASN A 77 -0.26 5.85 -13.23
CA ASN A 77 -0.01 7.08 -14.00
C ASN A 77 0.97 7.99 -13.27
N GLY A 78 2.09 7.44 -12.84
CA GLY A 78 3.08 8.21 -12.14
C GLY A 78 4.48 7.99 -12.68
N TYR A 79 5.39 7.55 -11.82
CA TYR A 79 6.76 7.30 -12.25
C TYR A 79 7.17 5.86 -11.92
N ASP A 80 7.77 5.19 -12.89
CA ASP A 80 8.18 3.80 -12.73
C ASP A 80 9.07 3.60 -11.51
N LEU A 81 8.96 2.43 -10.88
CA LEU A 81 9.74 2.11 -9.70
C LEU A 81 11.05 1.37 -10.06
N PRO A 82 12.16 1.74 -9.41
CA PRO A 82 13.47 1.11 -9.67
C PRO A 82 13.44 -0.41 -9.49
N GLU A 83 12.60 -0.87 -8.57
CA GLU A 83 12.46 -2.31 -8.30
C GLU A 83 13.64 -2.87 -7.50
N LYS A 84 13.53 -4.15 -7.17
CA LYS A 84 14.55 -4.86 -6.41
C LYS A 84 14.73 -4.23 -5.02
N LEU A 85 14.43 -5.01 -4.00
CA LEU A 85 14.56 -4.54 -2.63
C LEU A 85 16.02 -4.28 -2.29
N PRO A 86 16.27 -3.26 -1.46
CA PRO A 86 17.63 -2.92 -1.04
C PRO A 86 18.36 -4.11 -0.42
N GLU A 87 19.38 -4.59 -1.11
CA GLU A 87 20.17 -5.73 -0.65
C GLU A 87 20.59 -5.61 0.81
N SER A 88 21.06 -4.43 1.18
CA SER A 88 21.53 -4.17 2.54
C SER A 88 20.47 -3.49 3.39
N LEU A 89 19.53 -2.81 2.74
CA LEU A 89 18.49 -2.11 3.47
C LEU A 89 17.18 -2.91 3.50
N MET A 90 17.30 -4.23 3.61
CA MET A 90 16.12 -5.07 3.68
C MET A 90 15.41 -4.82 5.00
N PRO A 91 14.07 -4.76 4.98
CA PRO A 91 13.26 -4.52 6.18
C PRO A 91 13.57 -5.49 7.33
N LYS A 92 14.77 -5.38 7.90
CA LYS A 92 15.17 -6.25 9.00
C LYS A 92 15.04 -5.55 10.36
#